data_2VCV
#
_entry.id   2VCV
#
_cell.length_a   90.177
_cell.length_b   92.064
_cell.length_c   113.540
_cell.angle_alpha   89.76
_cell.angle_beta   89.72
_cell.angle_gamma   89.73
#
_symmetry.space_group_name_H-M   'P 1'
#
loop_
_entity.id
_entity.type
_entity.pdbx_description
1 polymer 'GLUTATHIONE S-TRANSFERASE A3'
2 non-polymer GLUTATHIONE
3 non-polymer 4-ANDROSTENE-3-17-DIONE
4 water water
#
_entity_poly.entity_id   1
_entity_poly.type   'polypeptide(L)'
_entity_poly.pdbx_seq_one_letter_code
;MAGKPKLHYFNGRGRMEPIRWLLAAAGVEFEEKFIGSAEDLGKLRNDGSLMFQQVPMVEIDGMKLVQTRAILNYIASKYN
LYGKDIKERALIDMYTEGMADLNEMILLLPLCRPEEKDAKIALIKEKTKSRYFPAFEKVLQSHGQDYLVGNKLSRADISL
VELLYYVEELDSSLISNFPLLKALKTRISNLPTVKKFLQPGSPRKPPADAKALEEARKIFRF
;
_entity_poly.pdbx_strand_id   A,B,C,D,E,F,G,H,I,J,K,L,M,N,O,P
#
# COMPACT_ATOMS: atom_id res chain seq x y z
N LYS A 4 28.35 0.94 3.72
CA LYS A 4 28.43 -0.13 4.77
C LYS A 4 27.04 -0.67 5.10
N PRO A 5 26.84 -2.01 4.99
CA PRO A 5 25.61 -2.58 5.50
C PRO A 5 25.44 -2.21 6.98
N LYS A 6 24.21 -1.89 7.39
CA LYS A 6 23.95 -1.57 8.79
C LYS A 6 23.01 -2.61 9.40
N LEU A 7 23.45 -3.25 10.48
CA LEU A 7 22.65 -4.30 11.13
C LEU A 7 21.91 -3.79 12.35
N HIS A 8 20.58 -3.92 12.33
CA HIS A 8 19.74 -3.56 13.48
C HIS A 8 19.39 -4.77 14.31
N TYR A 9 19.86 -4.78 15.54
CA TYR A 9 19.56 -5.84 16.50
C TYR A 9 19.93 -5.37 17.90
N PHE A 10 19.61 -6.19 18.90
CA PHE A 10 20.14 -5.97 20.23
C PHE A 10 21.63 -6.38 20.27
N ASN A 11 22.35 -5.90 21.28
CA ASN A 11 23.76 -6.26 21.49
C ASN A 11 23.93 -7.69 22.02
N GLY A 12 23.80 -8.67 21.14
CA GLY A 12 23.85 -10.08 21.51
C GLY A 12 23.68 -10.94 20.28
N ARG A 13 23.90 -12.24 20.44
CA ARG A 13 23.88 -13.17 19.30
C ARG A 13 22.52 -13.28 18.63
N GLY A 14 21.55 -13.81 19.36
CA GLY A 14 20.23 -14.13 18.85
C GLY A 14 20.25 -14.72 17.46
N ARG A 15 19.42 -14.16 16.59
CA ARG A 15 19.31 -14.59 15.20
C ARG A 15 20.24 -13.82 14.26
N MET A 16 20.80 -12.71 14.74
CA MET A 16 21.69 -11.87 13.91
C MET A 16 23.10 -12.45 13.70
N GLU A 17 23.54 -13.30 14.63
CA GLU A 17 24.93 -13.77 14.66
C GLU A 17 25.45 -14.43 13.37
N PRO A 18 24.65 -15.31 12.72
CA PRO A 18 25.09 -15.86 11.43
C PRO A 18 25.41 -14.82 10.34
N ILE A 19 24.70 -13.69 10.38
CA ILE A 19 24.88 -12.53 9.48
C ILE A 19 26.21 -11.84 9.72
N ARG A 20 26.54 -11.60 11.00
CA ARG A 20 27.85 -11.09 11.41
C ARG A 20 29.00 -11.98 10.91
N TRP A 21 28.88 -13.27 11.18
CA TRP A 21 29.85 -14.26 10.72
C TRP A 21 30.09 -14.20 9.21
N LEU A 22 28.99 -14.21 8.44
CA LEU A 22 29.08 -14.24 6.99
C LEU A 22 29.66 -12.95 6.42
N LEU A 23 29.20 -11.80 6.90
CA LEU A 23 29.81 -10.53 6.48
C LEU A 23 31.31 -10.49 6.83
N ALA A 24 31.63 -10.76 8.09
CA ALA A 24 33.01 -10.74 8.57
C ALA A 24 33.91 -11.71 7.78
N ALA A 25 33.35 -12.88 7.46
CA ALA A 25 34.08 -13.89 6.69
C ALA A 25 34.35 -13.46 5.25
N ALA A 26 33.43 -12.69 4.67
CA ALA A 26 33.54 -12.19 3.30
C ALA A 26 34.33 -10.88 3.22
N GLY A 27 34.91 -10.47 4.35
CA GLY A 27 35.74 -9.25 4.42
C GLY A 27 34.95 -7.96 4.29
N VAL A 28 33.68 -8.00 4.66
CA VAL A 28 32.78 -6.85 4.49
C VAL A 28 32.63 -6.02 5.76
N GLU A 29 32.99 -4.74 5.66
CA GLU A 29 32.85 -3.82 6.78
C GLU A 29 31.40 -3.44 7.00
N PHE A 30 30.93 -3.54 8.24
CA PHE A 30 29.55 -3.19 8.55
C PHE A 30 29.39 -2.38 9.84
N GLU A 31 28.27 -1.69 9.95
CA GLU A 31 27.92 -0.93 11.14
C GLU A 31 26.79 -1.65 11.87
N GLU A 32 26.72 -1.45 13.18
CA GLU A 32 25.64 -2.02 13.97
C GLU A 32 24.90 -0.94 14.72
N LYS A 33 23.58 -0.95 14.62
CA LYS A 33 22.75 -0.03 15.39
C LYS A 33 22.04 -0.84 16.47
N PHE A 34 22.51 -0.69 17.72
CA PHE A 34 22.03 -1.52 18.79
C PHE A 34 20.71 -1.06 19.38
N ILE A 35 19.73 -1.94 19.30
CA ILE A 35 18.44 -1.77 19.96
C ILE A 35 18.62 -2.02 21.45
N GLY A 36 18.38 -1.00 22.27
CA GLY A 36 18.61 -1.09 23.71
C GLY A 36 17.37 -1.18 24.57
N SER A 37 16.21 -0.89 23.99
CA SER A 37 14.96 -0.83 24.73
C SER A 37 13.76 -1.15 23.84
N ALA A 38 12.60 -1.29 24.47
CA ALA A 38 11.33 -1.45 23.78
C ALA A 38 11.01 -0.20 22.95
N GLU A 39 11.56 0.94 23.38
CA GLU A 39 11.37 2.19 22.68
C GLU A 39 12.19 2.25 21.38
N ASP A 40 13.42 1.72 21.42
CA ASP A 40 14.31 1.68 20.25
C ASP A 40 13.67 0.86 19.15
N LEU A 41 13.28 -0.36 19.51
CA LEU A 41 12.52 -1.24 18.61
C LEU A 41 11.23 -0.56 18.17
N GLY A 42 10.51 0.04 19.13
CA GLY A 42 9.28 0.79 18.87
C GLY A 42 9.40 1.84 17.78
N LYS A 43 10.53 2.57 17.78
CA LYS A 43 10.76 3.60 16.78
C LYS A 43 10.93 2.97 15.40
N LEU A 44 11.74 1.91 15.33
CA LEU A 44 11.94 1.16 14.08
C LEU A 44 10.61 0.63 13.53
N ARG A 45 9.71 0.22 14.42
CA ARG A 45 8.38 -0.23 14.04
C ARG A 45 7.55 0.90 13.43
N ASN A 46 7.59 2.06 14.08
CA ASN A 46 6.76 3.19 13.68
C ASN A 46 7.27 3.94 12.47
N ASP A 47 8.55 3.74 12.13
CA ASP A 47 9.18 4.38 10.98
C ASP A 47 8.87 3.64 9.67
N GLY A 48 8.31 2.44 9.79
CA GLY A 48 8.05 1.59 8.64
C GLY A 48 9.25 0.76 8.20
N SER A 49 10.32 0.81 8.99
CA SER A 49 11.59 0.15 8.66
C SER A 49 11.54 -1.39 8.70
N LEU A 50 10.53 -1.94 9.36
CA LEU A 50 10.45 -3.38 9.59
C LEU A 50 9.21 -3.96 8.94
N MET A 51 9.38 -4.75 7.88
CA MET A 51 8.24 -5.25 7.11
C MET A 51 7.21 -6.00 7.96
N PHE A 52 7.71 -6.90 8.80
CA PHE A 52 6.88 -7.72 9.68
C PHE A 52 7.05 -7.28 11.13
N GLN A 53 7.49 -6.03 11.31
CA GLN A 53 7.70 -5.36 12.61
C GLN A 53 8.64 -6.08 13.58
N GLN A 54 9.50 -6.94 13.02
CA GLN A 54 10.52 -7.69 13.73
C GLN A 54 11.91 -7.37 13.23
N VAL A 55 12.92 -7.72 14.04
CA VAL A 55 14.32 -7.77 13.60
C VAL A 55 14.77 -9.24 13.69
N PRO A 56 15.91 -9.59 13.08
CA PRO A 56 16.95 -8.85 12.36
C PRO A 56 16.42 -8.02 11.18
N MET A 57 16.91 -6.79 11.08
CA MET A 57 16.80 -5.96 9.87
C MET A 57 18.19 -5.48 9.46
N VAL A 58 18.45 -5.48 8.15
CA VAL A 58 19.73 -5.01 7.65
C VAL A 58 19.49 -4.06 6.48
N GLU A 59 20.03 -2.85 6.62
CA GLU A 59 20.02 -1.88 5.54
C GLU A 59 21.20 -2.19 4.65
N ILE A 60 20.91 -2.72 3.48
CA ILE A 60 21.95 -3.03 2.51
C ILE A 60 21.46 -2.66 1.10
N ASP A 61 22.32 -2.02 0.31
CA ASP A 61 22.03 -1.75 -1.10
C ASP A 61 20.63 -1.19 -1.34
N GLY A 62 20.23 -0.22 -0.53
CA GLY A 62 18.95 0.44 -0.70
C GLY A 62 17.77 -0.30 -0.11
N MET A 63 18.01 -1.53 0.34
CA MET A 63 16.96 -2.34 0.93
C MET A 63 16.95 -2.26 2.45
N LYS A 64 15.76 -2.33 3.03
CA LYS A 64 15.61 -2.61 4.46
C LYS A 64 15.17 -4.06 4.63
N LEU A 65 16.15 -4.96 4.58
CA LEU A 65 15.92 -6.39 4.51
C LEU A 65 15.67 -7.02 5.88
N VAL A 66 14.52 -7.68 6.02
CA VAL A 66 14.20 -8.47 7.21
C VAL A 66 14.15 -9.96 6.89
N GLN A 67 14.03 -10.78 7.94
CA GLN A 67 14.09 -12.25 7.83
C GLN A 67 15.52 -12.77 7.66
N THR A 68 16.00 -13.54 8.63
CA THR A 68 17.38 -14.00 8.65
C THR A 68 17.82 -14.71 7.34
N ARG A 69 16.98 -15.63 6.87
CA ARG A 69 17.28 -16.37 5.64
C ARG A 69 17.33 -15.49 4.38
N ALA A 70 16.49 -14.46 4.32
CA ALA A 70 16.52 -13.50 3.21
C ALA A 70 17.82 -12.72 3.19
N ILE A 71 18.28 -12.33 4.37
CA ILE A 71 19.50 -11.54 4.48
C ILE A 71 20.72 -12.40 4.15
N LEU A 72 20.76 -13.62 4.71
CA LEU A 72 21.87 -14.52 4.47
C LEU A 72 22.00 -14.95 3.01
N ASN A 73 20.85 -15.18 2.35
CA ASN A 73 20.82 -15.57 0.95
C ASN A 73 21.39 -14.46 0.05
N TYR A 74 20.98 -13.23 0.34
CA TYR A 74 21.45 -12.07 -0.40
C TYR A 74 22.95 -11.87 -0.26
N ILE A 75 23.43 -11.91 0.98
CA ILE A 75 24.85 -11.71 1.28
C ILE A 75 25.72 -12.79 0.63
N ALA A 76 25.30 -14.04 0.79
CA ALA A 76 25.96 -15.17 0.12
C ALA A 76 26.05 -14.99 -1.41
N SER A 77 24.92 -14.67 -2.05
CA SER A 77 24.92 -14.34 -3.49
C SER A 77 25.77 -13.13 -3.86
N LYS A 78 25.65 -12.05 -3.09
CA LYS A 78 26.36 -10.81 -3.45
C LYS A 78 27.87 -11.05 -3.45
N TYR A 79 28.36 -11.72 -2.41
CA TYR A 79 29.81 -11.86 -2.17
C TYR A 79 30.40 -13.19 -2.59
N ASN A 80 29.69 -13.90 -3.45
CA ASN A 80 30.16 -15.12 -4.11
C ASN A 80 30.45 -16.34 -3.22
N LEU A 81 29.53 -16.60 -2.29
CA LEU A 81 29.65 -17.70 -1.34
C LEU A 81 28.42 -18.60 -1.39
N TYR A 82 27.84 -18.74 -2.57
CA TYR A 82 26.60 -19.51 -2.71
C TYR A 82 26.70 -20.52 -3.88
N GLY A 83 27.91 -21.05 -4.09
CA GLY A 83 28.13 -22.01 -5.16
C GLY A 83 28.06 -21.39 -6.54
N LYS A 84 28.06 -22.23 -7.57
CA LYS A 84 28.16 -21.75 -8.96
C LYS A 84 26.93 -22.03 -9.83
N ASP A 85 26.05 -22.91 -9.36
CA ASP A 85 24.89 -23.35 -10.13
C ASP A 85 23.74 -23.79 -9.23
N ILE A 86 22.66 -24.23 -9.86
CA ILE A 86 21.46 -24.68 -9.16
C ILE A 86 21.68 -25.94 -8.31
N LYS A 87 22.52 -26.86 -8.78
CA LYS A 87 22.80 -28.08 -8.01
C LYS A 87 23.68 -27.79 -6.78
N GLU A 88 24.62 -26.87 -6.91
CA GLU A 88 25.43 -26.49 -5.75
C GLU A 88 24.59 -25.75 -4.71
N ARG A 89 23.69 -24.88 -5.17
CA ARG A 89 22.77 -24.16 -4.28
C ARG A 89 21.83 -25.09 -3.51
N ALA A 90 21.41 -26.17 -4.15
CA ALA A 90 20.60 -27.24 -3.54
C ALA A 90 21.35 -27.94 -2.38
N LEU A 91 22.60 -28.30 -2.65
CA LEU A 91 23.49 -28.86 -1.64
C LEU A 91 23.71 -27.88 -0.49
N ILE A 92 24.07 -26.64 -0.83
CA ILE A 92 24.30 -25.61 0.18
C ILE A 92 23.03 -25.32 1.02
N ASP A 93 21.86 -25.26 0.37
CA ASP A 93 20.59 -25.03 1.08
C ASP A 93 20.27 -26.15 2.07
N MET A 94 20.34 -27.39 1.57
CA MET A 94 20.13 -28.60 2.38
C MET A 94 21.06 -28.62 3.60
N TYR A 95 22.36 -28.42 3.36
CA TYR A 95 23.34 -28.35 4.46
C TYR A 95 23.00 -27.27 5.47
N THR A 96 22.82 -26.04 5.02
CA THR A 96 22.59 -24.91 5.92
C THR A 96 21.25 -25.00 6.66
N GLU A 97 20.25 -25.61 6.04
CA GLU A 97 18.96 -25.80 6.71
C GLU A 97 19.11 -26.78 7.89
N GLY A 98 19.84 -27.87 7.65
CA GLY A 98 20.21 -28.82 8.71
C GLY A 98 20.91 -28.15 9.89
N MET A 99 21.93 -27.34 9.59
CA MET A 99 22.68 -26.57 10.60
C MET A 99 21.78 -25.61 11.37
N ALA A 100 20.86 -24.95 10.67
CA ALA A 100 19.85 -24.09 11.30
C ALA A 100 18.93 -24.84 12.27
N ASP A 101 18.55 -26.08 11.94
CA ASP A 101 17.75 -26.94 12.83
C ASP A 101 18.47 -27.20 14.15
N LEU A 102 19.76 -27.55 14.09
CA LEU A 102 20.57 -27.68 15.31
C LEU A 102 20.79 -26.34 16.04
N ASN A 103 21.11 -25.29 15.27
CA ASN A 103 21.20 -23.92 15.80
C ASN A 103 19.97 -23.49 16.59
N GLU A 104 18.78 -23.80 16.08
CA GLU A 104 17.52 -23.40 16.72
C GLU A 104 17.40 -24.04 18.10
N MET A 105 17.70 -25.33 18.20
CA MET A 105 17.71 -26.01 19.50
C MET A 105 18.63 -25.31 20.50
N ILE A 106 19.87 -25.07 20.10
CA ILE A 106 20.87 -24.43 20.96
C ILE A 106 20.41 -23.00 21.32
N LEU A 107 19.93 -22.27 20.31
CA LEU A 107 19.45 -20.91 20.47
C LEU A 107 18.40 -20.76 21.58
N LEU A 108 17.45 -21.68 21.63
CA LEU A 108 16.26 -21.54 22.48
C LEU A 108 16.43 -22.16 23.86
N LEU A 109 17.56 -22.84 24.08
CA LEU A 109 17.88 -23.46 25.38
C LEU A 109 17.62 -22.55 26.62
N PRO A 110 18.04 -21.26 26.59
CA PRO A 110 17.71 -20.37 27.74
C PRO A 110 16.22 -20.27 28.09
N LEU A 111 15.34 -20.58 27.12
CA LEU A 111 13.89 -20.49 27.36
C LEU A 111 13.30 -21.73 28.06
N CYS A 112 14.09 -22.80 28.15
CA CYS A 112 13.61 -24.02 28.78
C CYS A 112 13.64 -23.84 30.31
N ARG A 113 12.54 -24.24 30.97
CA ARG A 113 12.45 -24.23 32.43
C ARG A 113 13.50 -25.17 33.04
N PRO A 114 13.95 -24.91 34.31
CA PRO A 114 14.96 -25.76 34.94
C PRO A 114 14.70 -27.26 34.89
N GLU A 115 13.43 -27.68 34.96
CA GLU A 115 13.03 -29.10 34.97
C GLU A 115 13.13 -29.74 33.58
N GLU A 116 12.99 -28.92 32.54
CA GLU A 116 13.04 -29.41 31.16
C GLU A 116 14.44 -29.27 30.51
N LYS A 117 15.29 -28.44 31.13
CA LYS A 117 16.59 -28.10 30.55
C LYS A 117 17.52 -29.30 30.29
N ASP A 118 17.63 -30.18 31.29
CA ASP A 118 18.51 -31.36 31.19
C ASP A 118 18.13 -32.30 30.06
N ALA A 119 16.82 -32.48 29.86
CA ALA A 119 16.32 -33.30 28.76
C ALA A 119 16.67 -32.66 27.42
N LYS A 120 16.55 -31.32 27.33
CA LYS A 120 16.89 -30.59 26.10
C LYS A 120 18.37 -30.69 25.76
N ILE A 121 19.22 -30.48 26.77
CA ILE A 121 20.67 -30.61 26.61
C ILE A 121 21.08 -32.00 26.12
N ALA A 122 20.44 -33.03 26.69
CA ALA A 122 20.70 -34.42 26.32
C ALA A 122 20.25 -34.69 24.88
N LEU A 123 19.10 -34.12 24.51
CA LEU A 123 18.60 -34.22 23.14
C LEU A 123 19.52 -33.50 22.13
N ILE A 124 20.00 -32.31 22.49
CA ILE A 124 20.98 -31.58 21.65
C ILE A 124 22.23 -32.45 21.44
N LYS A 125 22.80 -32.96 22.54
CA LYS A 125 23.99 -33.82 22.48
C LYS A 125 23.79 -35.05 21.60
N GLU A 126 22.66 -35.72 21.80
CA GLU A 126 22.35 -36.95 21.06
C GLU A 126 22.10 -36.69 19.57
N LYS A 127 21.37 -35.62 19.25
CA LYS A 127 21.17 -35.23 17.85
C LYS A 127 22.46 -34.77 17.18
N THR A 128 23.28 -34.00 17.90
CA THR A 128 24.58 -33.59 17.39
C THR A 128 25.37 -34.84 16.96
N LYS A 129 25.40 -35.85 17.84
CA LYS A 129 26.21 -37.05 17.66
C LYS A 129 25.67 -38.06 16.65
N SER A 130 24.35 -38.15 16.51
CA SER A 130 23.72 -39.18 15.69
C SER A 130 23.07 -38.66 14.41
N ARG A 131 22.87 -37.35 14.33
CA ARG A 131 22.13 -36.73 13.22
C ARG A 131 22.99 -35.78 12.40
N TYR A 132 23.55 -34.76 13.05
CA TYR A 132 24.18 -33.65 12.35
C TYR A 132 25.65 -33.89 12.04
N PHE A 133 26.44 -34.13 13.07
CA PHE A 133 27.87 -34.34 12.87
C PHE A 133 28.15 -35.52 11.90
N PRO A 134 27.43 -36.66 12.05
CA PRO A 134 27.56 -37.73 11.04
C PRO A 134 27.29 -37.27 9.60
N ALA A 135 26.22 -36.50 9.40
CA ALA A 135 25.85 -35.99 8.07
C ALA A 135 26.94 -35.14 7.39
N PHE A 136 27.53 -34.19 8.11
CA PHE A 136 28.53 -33.32 7.51
C PHE A 136 29.92 -33.96 7.42
N GLU A 137 30.17 -34.95 8.27
CA GLU A 137 31.40 -35.73 8.21
C GLU A 137 31.34 -36.67 7.00
N LYS A 138 30.16 -37.23 6.74
CA LYS A 138 29.91 -38.08 5.58
C LYS A 138 30.13 -37.36 4.24
N VAL A 139 29.66 -36.12 4.12
CA VAL A 139 29.93 -35.32 2.91
C VAL A 139 31.42 -35.04 2.70
N LEU A 140 32.14 -34.66 3.75
CA LEU A 140 33.60 -34.48 3.66
C LEU A 140 34.35 -35.79 3.34
N GLN A 141 33.92 -36.88 3.97
CA GLN A 141 34.49 -38.21 3.74
C GLN A 141 34.25 -38.69 2.31
N SER A 142 33.04 -38.50 1.81
CA SER A 142 32.66 -38.97 0.47
C SER A 142 33.53 -38.39 -0.65
N HIS A 143 33.76 -37.07 -0.62
CA HIS A 143 34.53 -36.39 -1.66
C HIS A 143 35.97 -36.02 -1.30
N GLY A 144 36.30 -36.03 0.00
CA GLY A 144 37.68 -35.77 0.45
C GLY A 144 38.22 -34.37 0.22
N GLN A 145 37.34 -33.41 -0.03
CA GLN A 145 37.76 -32.02 -0.29
C GLN A 145 37.73 -31.14 0.96
N ASP A 146 38.39 -29.99 0.88
CA ASP A 146 38.58 -29.07 2.01
C ASP A 146 37.33 -28.31 2.42
N TYR A 147 36.36 -28.23 1.51
CA TYR A 147 35.12 -27.48 1.71
C TYR A 147 33.92 -28.35 1.41
N LEU A 148 32.78 -28.05 2.03
CA LEU A 148 31.58 -28.86 1.86
C LEU A 148 31.13 -29.01 0.40
N VAL A 149 31.17 -27.92 -0.37
CA VAL A 149 30.60 -27.86 -1.71
C VAL A 149 31.50 -27.17 -2.74
N GLY A 150 31.73 -27.87 -3.87
CA GLY A 150 32.44 -27.32 -5.02
C GLY A 150 33.93 -27.06 -4.85
N ASN A 151 34.52 -27.70 -3.83
CA ASN A 151 35.93 -27.53 -3.46
C ASN A 151 36.34 -26.07 -3.21
N LYS A 152 35.43 -25.32 -2.59
CA LYS A 152 35.49 -23.87 -2.56
C LYS A 152 34.72 -23.35 -1.35
N LEU A 153 35.17 -22.24 -0.77
CA LEU A 153 34.50 -21.66 0.40
C LEU A 153 33.10 -21.14 0.10
N SER A 154 32.12 -21.65 0.83
CA SER A 154 30.74 -21.17 0.75
C SER A 154 30.15 -20.83 2.12
N ARG A 155 28.98 -20.19 2.10
CA ARG A 155 28.19 -19.95 3.30
C ARG A 155 27.97 -21.20 4.15
N ALA A 156 27.94 -22.38 3.52
CA ALA A 156 27.81 -23.67 4.22
C ALA A 156 28.97 -23.95 5.19
N ASP A 157 30.21 -23.77 4.72
CA ASP A 157 31.38 -23.92 5.60
C ASP A 157 31.37 -22.91 6.75
N ILE A 158 30.99 -21.66 6.44
CA ILE A 158 30.92 -20.58 7.43
C ILE A 158 29.81 -20.83 8.47
N SER A 159 28.61 -21.20 8.04
CA SER A 159 27.56 -21.64 8.95
C SER A 159 27.98 -22.83 9.84
N LEU A 160 28.69 -23.79 9.28
CA LEU A 160 29.05 -25.01 10.02
C LEU A 160 30.07 -24.73 11.11
N VAL A 161 31.05 -23.87 10.81
CA VAL A 161 32.12 -23.58 11.76
C VAL A 161 31.60 -22.77 12.97
N GLU A 162 30.76 -21.77 12.72
CA GLU A 162 30.08 -21.05 13.79
C GLU A 162 29.39 -22.07 14.69
N LEU A 163 28.70 -23.03 14.08
CA LEU A 163 27.98 -24.07 14.80
C LEU A 163 28.94 -24.92 15.61
N LEU A 164 30.06 -25.31 15.00
CA LEU A 164 31.08 -26.09 15.70
C LEU A 164 31.59 -25.39 16.97
N TYR A 165 31.69 -24.06 16.92
CA TYR A 165 32.05 -23.28 18.12
C TYR A 165 30.96 -23.28 19.20
N TYR A 166 29.68 -23.27 18.81
CA TYR A 166 28.60 -23.31 19.79
C TYR A 166 28.47 -24.67 20.46
N VAL A 167 28.73 -25.72 19.69
CA VAL A 167 28.75 -27.08 20.20
C VAL A 167 29.90 -27.23 21.20
N GLU A 168 31.08 -26.70 20.84
CA GLU A 168 32.23 -26.73 21.74
C GLU A 168 31.92 -26.02 23.08
N GLU A 169 31.24 -24.88 23.02
CA GLU A 169 30.78 -24.17 24.22
C GLU A 169 29.91 -25.06 25.12
N LEU A 170 29.02 -25.84 24.50
CA LEU A 170 28.19 -26.79 25.24
C LEU A 170 28.98 -27.97 25.82
N ASP A 171 29.69 -28.69 24.96
CA ASP A 171 30.38 -29.91 25.33
C ASP A 171 31.45 -30.13 24.25
N SER A 172 32.71 -30.04 24.66
CA SER A 172 33.84 -30.03 23.72
C SER A 172 34.18 -31.42 23.19
N SER A 173 33.57 -32.45 23.76
CA SER A 173 33.85 -33.83 23.37
C SER A 173 32.93 -34.34 22.27
N LEU A 174 31.89 -33.55 21.96
CA LEU A 174 30.91 -33.93 20.94
C LEU A 174 31.52 -34.13 19.55
N ILE A 175 32.50 -33.29 19.23
CA ILE A 175 33.25 -33.37 17.98
C ILE A 175 34.33 -34.48 17.95
N SER A 176 34.52 -35.17 19.08
CA SER A 176 35.66 -36.09 19.27
C SER A 176 35.80 -37.20 18.23
N ASN A 177 34.68 -37.79 17.79
CA ASN A 177 34.72 -38.87 16.81
C ASN A 177 34.45 -38.43 15.38
N PHE A 178 34.76 -37.16 15.11
CA PHE A 178 34.59 -36.54 13.79
C PHE A 178 35.86 -35.79 13.39
N PRO A 179 36.89 -36.55 12.94
CA PRO A 179 38.17 -35.96 12.57
C PRO A 179 38.07 -34.92 11.47
N LEU A 180 37.24 -35.17 10.45
CA LEU A 180 37.15 -34.25 9.32
C LEU A 180 36.48 -32.93 9.71
N LEU A 181 35.52 -32.98 10.64
CA LEU A 181 34.90 -31.75 11.16
C LEU A 181 35.91 -30.91 11.97
N LYS A 182 36.73 -31.59 12.78
CA LYS A 182 37.81 -30.94 13.52
C LYS A 182 38.74 -30.20 12.55
N ALA A 183 39.12 -30.87 11.46
CA ALA A 183 40.05 -30.31 10.48
C ALA A 183 39.44 -29.13 9.76
N LEU A 184 38.14 -29.21 9.47
CA LEU A 184 37.45 -28.09 8.83
C LEU A 184 37.42 -26.85 9.73
N LYS A 185 37.10 -27.04 11.01
CA LYS A 185 37.04 -25.92 11.95
C LYS A 185 38.36 -25.14 11.98
N THR A 186 39.46 -25.88 12.00
CA THR A 186 40.81 -25.31 12.00
C THR A 186 41.10 -24.54 10.72
N ARG A 187 40.84 -25.18 9.57
CA ARG A 187 41.04 -24.60 8.25
C ARG A 187 40.36 -23.23 8.13
N ILE A 188 39.06 -23.21 8.43
CA ILE A 188 38.23 -22.02 8.33
C ILE A 188 38.69 -20.92 9.30
N SER A 189 39.01 -21.33 10.52
CA SER A 189 39.43 -20.41 11.58
C SER A 189 40.72 -19.67 11.27
N ASN A 190 41.57 -20.24 10.43
CA ASN A 190 42.83 -19.61 10.04
C ASN A 190 42.72 -18.63 8.86
N LEU A 191 41.62 -18.71 8.13
CA LEU A 191 41.37 -17.76 7.05
C LEU A 191 41.41 -16.37 7.67
N PRO A 192 42.19 -15.45 7.08
CA PRO A 192 42.46 -14.15 7.67
C PRO A 192 41.22 -13.43 8.22
N THR A 193 40.12 -13.44 7.45
CA THR A 193 38.87 -12.79 7.85
C THR A 193 38.18 -13.49 9.03
N VAL A 194 38.21 -14.82 9.05
CA VAL A 194 37.62 -15.59 10.13
C VAL A 194 38.47 -15.48 11.40
N LYS A 195 39.78 -15.63 11.25
CA LYS A 195 40.76 -15.42 12.31
C LYS A 195 40.55 -14.10 13.02
N LYS A 196 40.42 -13.02 12.23
CA LYS A 196 40.15 -11.67 12.75
C LYS A 196 38.83 -11.54 13.49
N PHE A 197 37.80 -12.22 12.96
CA PHE A 197 36.47 -12.20 13.59
C PHE A 197 36.50 -12.87 14.96
N LEU A 198 37.35 -13.88 15.09
CA LEU A 198 37.47 -14.67 16.32
C LEU A 198 38.40 -14.02 17.33
N GLN A 199 39.11 -12.97 16.91
CA GLN A 199 39.99 -12.24 17.81
C GLN A 199 39.16 -11.28 18.68
N PRO A 200 39.70 -10.88 19.86
CA PRO A 200 39.00 -9.94 20.72
C PRO A 200 38.64 -8.66 19.99
N GLY A 201 37.58 -8.00 20.48
CA GLY A 201 37.17 -6.71 19.95
C GLY A 201 36.45 -6.68 18.62
N SER A 202 36.20 -7.84 18.02
CA SER A 202 35.42 -7.92 16.77
C SER A 202 33.93 -7.83 17.10
N PRO A 203 33.07 -7.65 16.07
CA PRO A 203 31.61 -7.72 16.28
C PRO A 203 31.07 -9.09 16.76
N ARG A 204 31.94 -10.10 16.89
CA ARG A 204 31.47 -11.37 17.45
C ARG A 204 30.87 -11.15 18.83
N LYS A 205 29.73 -11.79 19.07
CA LYS A 205 28.99 -11.66 20.32
C LYS A 205 29.12 -12.87 21.24
N PRO A 206 29.05 -12.64 22.57
CA PRO A 206 29.22 -13.71 23.53
C PRO A 206 27.96 -14.57 23.71
N PRO A 207 28.11 -15.75 24.34
CA PRO A 207 26.97 -16.59 24.66
C PRO A 207 26.01 -15.84 25.57
N ALA A 208 24.71 -16.06 25.37
CA ALA A 208 23.69 -15.45 26.20
C ALA A 208 23.83 -15.95 27.64
N ASP A 209 23.69 -15.05 28.59
CA ASP A 209 23.66 -15.41 30.00
C ASP A 209 22.37 -14.92 30.63
N ALA A 210 22.30 -14.97 31.96
CA ALA A 210 21.09 -14.66 32.68
C ALA A 210 20.53 -13.26 32.42
N LYS A 211 21.41 -12.25 32.48
CA LYS A 211 20.99 -10.87 32.30
C LYS A 211 20.66 -10.55 30.85
N ALA A 212 21.34 -11.24 29.93
CA ALA A 212 21.04 -11.11 28.50
C ALA A 212 19.61 -11.53 28.18
N LEU A 213 19.14 -12.59 28.84
CA LEU A 213 17.75 -13.05 28.71
C LEU A 213 16.76 -12.04 29.32
N GLU A 214 17.10 -11.50 30.48
CA GLU A 214 16.28 -10.48 31.14
C GLU A 214 16.11 -9.24 30.25
N GLU A 215 17.22 -8.78 29.69
CA GLU A 215 17.25 -7.58 28.84
C GLU A 215 16.49 -7.75 27.53
N ALA A 216 16.65 -8.92 26.89
CA ALA A 216 15.94 -9.22 25.65
C ALA A 216 14.43 -9.32 25.85
N ARG A 217 14.02 -9.87 27.00
CA ARG A 217 12.60 -9.97 27.37
C ARG A 217 11.90 -8.62 27.46
N LYS A 218 12.63 -7.61 27.93
CA LYS A 218 12.07 -6.26 28.09
C LYS A 218 12.13 -5.43 26.79
N ILE A 219 12.90 -5.92 25.82
CA ILE A 219 12.97 -5.33 24.48
C ILE A 219 11.91 -5.95 23.54
N PHE A 220 11.81 -7.28 23.56
CA PHE A 220 11.01 -8.04 22.58
C PHE A 220 9.64 -8.53 23.06
N ARG A 221 9.43 -8.52 24.38
CA ARG A 221 8.17 -8.90 25.03
C ARG A 221 7.73 -10.36 24.87
N PHE A 222 8.69 -11.27 25.02
CA PHE A 222 8.40 -12.72 24.95
C PHE A 222 8.37 -13.35 26.35
N LYS B 4 9.06 -37.90 -13.65
CA LYS B 4 8.23 -37.19 -12.63
C LYS B 4 8.94 -37.17 -11.27
N PRO B 5 8.99 -35.99 -10.64
CA PRO B 5 9.39 -35.93 -9.23
C PRO B 5 8.53 -36.85 -8.35
N LYS B 6 9.15 -37.41 -7.31
CA LYS B 6 8.42 -38.25 -6.37
C LYS B 6 8.55 -37.67 -4.96
N LEU B 7 7.41 -37.39 -4.34
CA LEU B 7 7.38 -36.77 -3.01
C LEU B 7 7.12 -37.80 -1.92
N HIS B 8 8.09 -37.93 -1.03
CA HIS B 8 8.03 -38.84 0.10
C HIS B 8 7.55 -38.11 1.35
N TYR B 9 6.34 -38.46 1.78
CA TYR B 9 5.71 -37.85 2.97
C TYR B 9 4.54 -38.73 3.39
N PHE B 10 3.98 -38.51 4.58
CA PHE B 10 2.71 -39.14 4.92
C PHE B 10 1.58 -38.51 4.09
N ASN B 11 0.43 -39.15 4.06
CA ASN B 11 -0.70 -38.61 3.31
C ASN B 11 -1.39 -37.50 4.08
N GLY B 12 -0.83 -36.29 3.97
CA GLY B 12 -1.36 -35.11 4.65
C GLY B 12 -0.56 -33.88 4.23
N ARG B 13 -0.96 -32.70 4.71
CA ARG B 13 -0.31 -31.46 4.31
C ARG B 13 1.09 -31.40 4.93
N GLY B 14 1.14 -31.34 6.26
CA GLY B 14 2.38 -31.15 7.01
C GLY B 14 3.29 -30.12 6.38
N ARG B 15 4.57 -30.48 6.25
CA ARG B 15 5.56 -29.59 5.65
C ARG B 15 5.68 -29.71 4.13
N MET B 16 5.16 -30.81 3.59
CA MET B 16 5.22 -31.08 2.15
C MET B 16 4.31 -30.26 1.26
N GLU B 17 3.24 -29.68 1.83
CA GLU B 17 2.16 -29.09 1.03
C GLU B 17 2.59 -27.93 0.11
N PRO B 18 3.45 -26.99 0.60
CA PRO B 18 3.88 -25.93 -0.34
C PRO B 18 4.68 -26.43 -1.55
N ILE B 19 5.37 -27.56 -1.42
CA ILE B 19 6.06 -28.22 -2.54
C ILE B 19 5.06 -28.79 -3.56
N ARG B 20 3.97 -29.38 -3.04
CA ARG B 20 2.82 -29.77 -3.89
C ARG B 20 2.28 -28.55 -4.66
N TRP B 21 1.93 -27.49 -3.94
CA TRP B 21 1.49 -26.23 -4.56
C TRP B 21 2.43 -25.67 -5.62
N LEU B 22 3.74 -25.67 -5.37
CA LEU B 22 4.70 -25.04 -6.25
C LEU B 22 4.92 -25.85 -7.52
N LEU B 23 5.08 -27.15 -7.35
CA LEU B 23 5.24 -28.06 -8.48
C LEU B 23 4.02 -28.02 -9.40
N ALA B 24 2.83 -28.08 -8.79
CA ALA B 24 1.57 -27.95 -9.51
C ALA B 24 1.47 -26.62 -10.27
N ALA B 25 1.74 -25.52 -9.59
CA ALA B 25 1.70 -24.18 -10.20
C ALA B 25 2.67 -23.99 -11.38
N ALA B 26 3.80 -24.70 -11.33
CA ALA B 26 4.78 -24.73 -12.42
C ALA B 26 4.37 -25.65 -13.58
N GLY B 27 3.29 -26.40 -13.40
CA GLY B 27 2.73 -27.29 -14.44
C GLY B 27 3.40 -28.65 -14.49
N VAL B 28 3.92 -29.07 -13.34
CA VAL B 28 4.77 -30.27 -13.24
C VAL B 28 4.01 -31.41 -12.58
N GLU B 29 3.81 -32.49 -13.32
CA GLU B 29 3.20 -33.69 -12.78
C GLU B 29 4.18 -34.42 -11.86
N PHE B 30 3.69 -34.82 -10.69
CA PHE B 30 4.51 -35.56 -9.74
C PHE B 30 3.79 -36.78 -9.20
N GLU B 31 4.58 -37.74 -8.68
CA GLU B 31 4.04 -38.89 -7.96
C GLU B 31 4.31 -38.73 -6.48
N GLU B 32 3.57 -39.48 -5.67
CA GLU B 32 3.77 -39.48 -4.24
C GLU B 32 3.90 -40.91 -3.70
N LYS B 33 4.84 -41.10 -2.78
CA LYS B 33 4.98 -42.37 -2.10
C LYS B 33 4.66 -42.16 -0.61
N PHE B 34 3.49 -42.63 -0.19
CA PHE B 34 2.98 -42.29 1.13
C PHE B 34 3.51 -43.18 2.24
N ILE B 35 4.11 -42.53 3.23
CA ILE B 35 4.54 -43.14 4.47
C ILE B 35 3.31 -43.39 5.35
N GLY B 36 2.99 -44.67 5.59
CA GLY B 36 1.82 -45.03 6.39
C GLY B 36 2.15 -45.59 7.78
N SER B 37 3.41 -45.94 8.00
CA SER B 37 3.86 -46.52 9.25
C SER B 37 5.27 -46.06 9.62
N ALA B 38 5.71 -46.38 10.83
CA ALA B 38 7.03 -46.03 11.32
C ALA B 38 8.10 -46.90 10.67
N GLU B 39 7.68 -48.08 10.21
CA GLU B 39 8.53 -49.00 9.47
C GLU B 39 8.82 -48.49 8.06
N ASP B 40 7.80 -47.90 7.43
CA ASP B 40 7.99 -47.17 6.17
C ASP B 40 9.05 -46.09 6.30
N LEU B 41 8.86 -45.21 7.29
CA LEU B 41 9.81 -44.14 7.59
C LEU B 41 11.20 -44.71 7.89
N GLY B 42 11.24 -45.74 8.75
CA GLY B 42 12.47 -46.47 9.07
C GLY B 42 13.26 -46.96 7.87
N LYS B 43 12.58 -47.53 6.89
CA LYS B 43 13.20 -47.97 5.64
C LYS B 43 13.88 -46.84 4.87
N LEU B 44 13.21 -45.68 4.76
CA LEU B 44 13.82 -44.50 4.13
C LEU B 44 15.10 -44.09 4.85
N ARG B 45 15.06 -44.07 6.18
CA ARG B 45 16.20 -43.72 7.03
C ARG B 45 17.33 -44.74 6.85
N ASN B 46 17.02 -46.02 7.01
CA ASN B 46 18.01 -47.11 6.90
C ASN B 46 18.65 -47.25 5.51
N ASP B 47 17.89 -46.92 4.47
CA ASP B 47 18.39 -47.02 3.09
C ASP B 47 19.32 -45.88 2.67
N GLY B 48 19.58 -44.95 3.58
CA GLY B 48 20.49 -43.82 3.32
C GLY B 48 19.87 -42.69 2.53
N SER B 49 18.54 -42.63 2.54
CA SER B 49 17.79 -41.71 1.67
C SER B 49 17.52 -40.31 2.27
N LEU B 50 17.63 -40.22 3.59
CA LEU B 50 17.31 -38.98 4.29
C LEU B 50 18.55 -38.39 4.95
N MET B 51 19.07 -37.29 4.38
CA MET B 51 20.32 -36.72 4.84
C MET B 51 20.28 -36.44 6.35
N PHE B 52 19.17 -35.91 6.84
CA PHE B 52 19.05 -35.62 8.27
C PHE B 52 18.01 -36.49 8.97
N GLN B 53 17.71 -37.66 8.37
CA GLN B 53 16.85 -38.70 8.95
C GLN B 53 15.37 -38.31 8.92
N GLN B 54 15.06 -37.25 8.17
CA GLN B 54 13.72 -36.64 8.15
C GLN B 54 13.13 -36.52 6.75
N VAL B 55 11.79 -36.44 6.70
CA VAL B 55 11.06 -35.95 5.51
C VAL B 55 10.50 -34.55 5.82
N PRO B 56 10.09 -33.78 4.79
CA PRO B 56 10.03 -34.02 3.34
C PRO B 56 11.33 -34.47 2.73
N MET B 57 11.21 -35.45 1.84
CA MET B 57 12.24 -35.80 0.87
C MET B 57 11.56 -35.81 -0.50
N VAL B 58 12.27 -35.32 -1.51
CA VAL B 58 11.78 -35.24 -2.88
C VAL B 58 12.89 -35.73 -3.82
N GLU B 59 12.57 -36.77 -4.58
CA GLU B 59 13.39 -37.20 -5.72
C GLU B 59 13.03 -36.33 -6.90
N ILE B 60 13.99 -35.52 -7.35
CA ILE B 60 13.83 -34.64 -8.51
C ILE B 60 15.11 -34.60 -9.33
N ASP B 61 14.98 -34.76 -10.65
CA ASP B 61 16.13 -34.84 -11.55
C ASP B 61 17.27 -35.68 -10.97
N GLY B 62 16.93 -36.86 -10.46
CA GLY B 62 17.90 -37.82 -9.92
C GLY B 62 18.32 -37.65 -8.46
N MET B 63 18.19 -36.44 -7.94
CA MET B 63 18.69 -36.15 -6.59
C MET B 63 17.64 -36.42 -5.51
N LYS B 64 18.10 -36.69 -4.28
CA LYS B 64 17.21 -36.94 -3.16
C LYS B 64 17.30 -35.80 -2.16
N LEU B 65 16.55 -34.75 -2.47
CA LEU B 65 16.59 -33.52 -1.68
C LEU B 65 15.72 -33.61 -0.42
N VAL B 66 16.32 -33.31 0.71
CA VAL B 66 15.54 -33.07 1.93
C VAL B 66 15.53 -31.57 2.23
N GLN B 67 14.85 -31.21 3.32
CA GLN B 67 14.77 -29.83 3.82
C GLN B 67 13.88 -28.97 2.94
N THR B 68 12.66 -28.75 3.41
CA THR B 68 11.62 -28.01 2.69
C THR B 68 12.17 -26.81 1.88
N ARG B 69 12.89 -25.92 2.56
CA ARG B 69 13.36 -24.66 1.94
C ARG B 69 14.34 -24.93 0.80
N ALA B 70 15.21 -25.93 0.97
CA ALA B 70 16.08 -26.41 -0.08
C ALA B 70 15.31 -26.93 -1.32
N ILE B 71 14.24 -27.69 -1.09
CA ILE B 71 13.45 -28.26 -2.20
C ILE B 71 12.70 -27.15 -2.94
N LEU B 72 12.15 -26.20 -2.20
CA LEU B 72 11.39 -25.07 -2.75
C LEU B 72 12.27 -24.15 -3.58
N ASN B 73 13.45 -23.85 -3.04
CA ASN B 73 14.43 -23.03 -3.73
C ASN B 73 14.84 -23.63 -5.06
N TYR B 74 15.10 -24.94 -5.07
CA TYR B 74 15.48 -25.64 -6.27
C TYR B 74 14.40 -25.54 -7.34
N ILE B 75 13.18 -25.93 -6.97
CA ILE B 75 12.03 -25.95 -7.89
C ILE B 75 11.78 -24.55 -8.44
N ALA B 76 11.86 -23.57 -7.56
CA ALA B 76 11.65 -22.16 -7.93
C ALA B 76 12.71 -21.63 -8.92
N SER B 77 13.98 -21.92 -8.66
CA SER B 77 15.03 -21.56 -9.59
C SER B 77 14.79 -22.23 -10.94
N LYS B 78 14.56 -23.55 -10.91
CA LYS B 78 14.41 -24.37 -12.13
C LYS B 78 13.32 -23.87 -13.06
N TYR B 79 12.19 -23.48 -12.49
CA TYR B 79 11.00 -23.12 -13.26
C TYR B 79 10.80 -21.62 -13.35
N ASN B 80 11.87 -20.89 -13.06
CA ASN B 80 11.89 -19.42 -13.17
C ASN B 80 10.80 -18.71 -12.38
N LEU B 81 10.58 -19.17 -11.15
CA LEU B 81 9.65 -18.55 -10.23
C LEU B 81 10.40 -17.91 -9.06
N TYR B 82 11.64 -17.50 -9.30
CA TYR B 82 12.49 -16.95 -8.23
C TYR B 82 13.02 -15.55 -8.62
N GLY B 83 12.23 -14.82 -9.39
CA GLY B 83 12.62 -13.46 -9.80
C GLY B 83 13.72 -13.47 -10.85
N LYS B 84 14.13 -12.30 -11.29
CA LYS B 84 15.09 -12.22 -12.39
C LYS B 84 16.52 -11.98 -11.94
N ASP B 85 16.69 -11.58 -10.69
CA ASP B 85 18.01 -11.23 -10.17
C ASP B 85 18.12 -11.36 -8.65
N ILE B 86 19.26 -10.92 -8.14
CA ILE B 86 19.63 -11.06 -6.73
C ILE B 86 18.67 -10.27 -5.83
N LYS B 87 18.33 -9.04 -6.24
CA LYS B 87 17.43 -8.18 -5.46
C LYS B 87 15.98 -8.65 -5.45
N GLU B 88 15.48 -9.16 -6.57
CA GLU B 88 14.15 -9.77 -6.59
C GLU B 88 14.08 -11.04 -5.75
N ARG B 89 15.16 -11.84 -5.77
CA ARG B 89 15.28 -13.00 -4.87
C ARG B 89 15.26 -12.57 -3.42
N ALA B 90 15.83 -11.40 -3.13
CA ALA B 90 15.79 -10.85 -1.78
C ALA B 90 14.36 -10.53 -1.34
N LEU B 91 13.58 -9.93 -2.23
CA LEU B 91 12.18 -9.62 -1.92
C LEU B 91 11.36 -10.91 -1.74
N ILE B 92 11.51 -11.82 -2.71
CA ILE B 92 10.84 -13.12 -2.65
C ILE B 92 11.19 -13.91 -1.37
N ASP B 93 12.48 -13.92 -1.00
CA ASP B 93 12.90 -14.62 0.21
C ASP B 93 12.26 -14.02 1.44
N MET B 94 12.34 -12.69 1.55
CA MET B 94 11.76 -11.94 2.67
C MET B 94 10.24 -12.15 2.77
N TYR B 95 9.55 -12.05 1.63
CA TYR B 95 8.10 -12.23 1.64
C TYR B 95 7.72 -13.65 2.06
N THR B 96 8.33 -14.66 1.43
CA THR B 96 7.98 -16.05 1.75
C THR B 96 8.38 -16.50 3.16
N GLU B 97 9.43 -15.91 3.73
CA GLU B 97 9.83 -16.21 5.09
C GLU B 97 8.81 -15.69 6.10
N GLY B 98 8.26 -14.51 5.83
CA GLY B 98 7.17 -13.95 6.61
C GLY B 98 5.92 -14.81 6.56
N MET B 99 5.55 -15.28 5.36
CA MET B 99 4.42 -16.21 5.18
C MET B 99 4.66 -17.56 5.86
N ALA B 100 5.92 -17.99 5.86
CA ALA B 100 6.30 -19.24 6.53
C ALA B 100 6.12 -19.10 8.03
N ASP B 101 6.32 -17.90 8.56
CA ASP B 101 6.15 -17.67 10.00
C ASP B 101 4.69 -17.83 10.40
N LEU B 102 3.79 -17.18 9.65
CA LEU B 102 2.37 -17.36 9.90
C LEU B 102 1.95 -18.81 9.66
N ASN B 103 2.43 -19.41 8.57
CA ASN B 103 2.16 -20.82 8.25
C ASN B 103 2.53 -21.77 9.41
N GLU B 104 3.66 -21.50 10.04
CA GLU B 104 4.19 -22.30 11.13
C GLU B 104 3.23 -22.33 12.32
N MET B 105 2.66 -21.17 12.62
CA MET B 105 1.70 -21.00 13.72
C MET B 105 0.46 -21.85 13.50
N ILE B 106 -0.13 -21.73 12.31
CA ILE B 106 -1.25 -22.53 11.86
C ILE B 106 -0.91 -24.03 11.85
N LEU B 107 0.26 -24.37 11.30
CA LEU B 107 0.67 -25.78 11.17
C LEU B 107 0.79 -26.50 12.51
N LEU B 108 1.33 -25.82 13.51
CA LEU B 108 1.59 -26.47 14.80
C LEU B 108 0.44 -26.35 15.80
N LEU B 109 -0.64 -25.69 15.39
CA LEU B 109 -1.82 -25.47 16.23
C LEU B 109 -2.39 -26.75 16.87
N PRO B 110 -2.52 -27.85 16.11
CA PRO B 110 -2.97 -29.11 16.73
C PRO B 110 -2.09 -29.66 17.85
N LEU B 111 -0.82 -29.23 17.92
CA LEU B 111 0.09 -29.67 18.98
C LEU B 111 -0.11 -28.96 20.31
N CYS B 112 -0.80 -27.82 20.27
CA CYS B 112 -0.99 -26.98 21.45
C CYS B 112 -1.80 -27.71 22.53
N ARG B 113 -1.31 -27.66 23.76
CA ARG B 113 -2.05 -28.17 24.93
C ARG B 113 -3.38 -27.41 25.07
N PRO B 114 -4.48 -28.13 25.40
CA PRO B 114 -5.84 -27.56 25.45
C PRO B 114 -6.00 -26.23 26.17
N GLU B 115 -5.16 -25.98 27.18
CA GLU B 115 -5.23 -24.76 28.01
C GLU B 115 -4.67 -23.53 27.30
N GLU B 116 -3.87 -23.76 26.27
CA GLU B 116 -3.09 -22.72 25.57
C GLU B 116 -3.54 -22.50 24.11
N LYS B 117 -4.43 -23.36 23.63
CA LYS B 117 -4.89 -23.35 22.24
C LYS B 117 -5.73 -22.12 21.86
N ASP B 118 -6.62 -21.69 22.76
CA ASP B 118 -7.46 -20.51 22.53
C ASP B 118 -6.64 -19.23 22.43
N ALA B 119 -5.61 -19.13 23.27
CA ALA B 119 -4.68 -18.00 23.24
C ALA B 119 -3.92 -17.97 21.92
N LYS B 120 -3.56 -19.14 21.41
CA LYS B 120 -2.84 -19.22 20.14
C LYS B 120 -3.71 -18.84 18.94
N ILE B 121 -4.97 -19.25 18.94
CA ILE B 121 -5.91 -18.90 17.86
C ILE B 121 -6.10 -17.39 17.76
N ALA B 122 -6.42 -16.75 18.89
CA ALA B 122 -6.57 -15.29 18.91
C ALA B 122 -5.28 -14.58 18.49
N LEU B 123 -4.13 -15.18 18.82
CA LEU B 123 -2.84 -14.60 18.43
C LEU B 123 -2.64 -14.68 16.92
N ILE B 124 -2.90 -15.85 16.33
CA ILE B 124 -2.86 -16.03 14.88
C ILE B 124 -3.77 -15.03 14.17
N LYS B 125 -5.00 -14.86 14.67
CA LYS B 125 -5.95 -13.90 14.09
C LYS B 125 -5.46 -12.45 14.18
N GLU B 126 -4.96 -12.08 15.35
CA GLU B 126 -4.47 -10.72 15.61
C GLU B 126 -3.27 -10.38 14.72
N LYS B 127 -2.30 -11.30 14.67
CA LYS B 127 -1.10 -11.16 13.81
C LYS B 127 -1.43 -11.13 12.31
N THR B 128 -2.33 -12.00 11.87
CA THR B 128 -2.82 -11.98 10.50
C THR B 128 -3.28 -10.57 10.10
N LYS B 129 -4.05 -9.92 10.97
CA LYS B 129 -4.69 -8.64 10.65
C LYS B 129 -3.81 -7.41 10.85
N SER B 130 -2.84 -7.50 11.77
CA SER B 130 -1.99 -6.35 12.08
C SER B 130 -0.52 -6.51 11.64
N ARG B 131 -0.11 -7.75 11.38
CA ARG B 131 1.28 -8.05 11.04
C ARG B 131 1.44 -8.51 9.58
N TYR B 132 0.72 -9.56 9.20
CA TYR B 132 0.98 -10.24 7.94
C TYR B 132 0.18 -9.76 6.75
N PHE B 133 -1.15 -9.69 6.88
CA PHE B 133 -1.98 -9.20 5.79
C PHE B 133 -1.66 -7.74 5.42
N PRO B 134 -1.50 -6.84 6.42
CA PRO B 134 -1.14 -5.47 6.06
C PRO B 134 0.19 -5.36 5.33
N ALA B 135 1.17 -6.19 5.70
CA ALA B 135 2.46 -6.22 5.00
C ALA B 135 2.25 -6.51 3.50
N PHE B 136 1.49 -7.56 3.21
CA PHE B 136 1.30 -7.98 1.82
C PHE B 136 0.32 -7.11 1.02
N GLU B 137 -0.71 -6.59 1.69
CA GLU B 137 -1.57 -5.56 1.09
C GLU B 137 -0.71 -4.36 0.67
N LYS B 138 0.27 -4.03 1.50
CA LYS B 138 1.18 -2.91 1.26
C LYS B 138 2.09 -3.14 0.05
N VAL B 139 2.61 -4.36 -0.10
CA VAL B 139 3.44 -4.64 -1.29
C VAL B 139 2.64 -4.42 -2.60
N LEU B 140 1.45 -5.01 -2.68
CA LEU B 140 0.58 -4.82 -3.83
C LEU B 140 0.24 -3.33 -4.04
N GLN B 141 0.09 -2.58 -2.95
CA GLN B 141 -0.11 -1.14 -2.99
C GLN B 141 1.12 -0.40 -3.56
N SER B 142 2.31 -0.91 -3.24
CA SER B 142 3.56 -0.22 -3.59
C SER B 142 3.78 -0.08 -5.09
N HIS B 143 3.29 -1.04 -5.87
CA HIS B 143 3.52 -1.04 -7.31
C HIS B 143 2.24 -1.14 -8.15
N GLY B 144 1.13 -1.47 -7.51
CA GLY B 144 -0.16 -1.62 -8.19
C GLY B 144 -0.23 -2.74 -9.23
N GLN B 145 0.70 -3.68 -9.17
CA GLN B 145 0.76 -4.74 -10.17
C GLN B 145 0.10 -6.04 -9.67
N ASP B 146 -0.10 -6.99 -10.58
CA ASP B 146 -0.92 -8.17 -10.28
C ASP B 146 -0.14 -9.29 -9.59
N TYR B 147 1.17 -9.10 -9.49
CA TYR B 147 2.06 -10.06 -8.84
C TYR B 147 2.85 -9.33 -7.79
N LEU B 148 3.20 -10.05 -6.73
CA LEU B 148 3.96 -9.48 -5.62
C LEU B 148 5.34 -8.92 -6.03
N VAL B 149 6.09 -9.64 -6.86
CA VAL B 149 7.46 -9.28 -7.25
C VAL B 149 7.70 -9.34 -8.77
N GLY B 150 8.34 -8.29 -9.27
CA GLY B 150 8.87 -8.27 -10.62
C GLY B 150 7.85 -8.32 -11.73
N ASN B 151 6.60 -8.02 -11.39
CA ASN B 151 5.47 -8.07 -12.33
C ASN B 151 5.36 -9.38 -13.12
N LYS B 152 5.65 -10.49 -12.43
CA LYS B 152 5.74 -11.81 -13.04
C LYS B 152 5.40 -12.82 -11.94
N LEU B 153 4.68 -13.88 -12.29
CA LEU B 153 4.42 -14.98 -11.34
C LEU B 153 5.71 -15.40 -10.66
N SER B 154 5.68 -15.51 -9.34
CA SER B 154 6.79 -16.10 -8.61
C SER B 154 6.28 -17.01 -7.51
N ARG B 155 7.24 -17.62 -6.83
CA ARG B 155 6.93 -18.50 -5.74
C ARG B 155 6.30 -17.72 -4.58
N ALA B 156 6.50 -16.41 -4.52
CA ALA B 156 5.83 -15.56 -3.52
C ALA B 156 4.31 -15.53 -3.71
N ASP B 157 3.85 -15.38 -4.96
CA ASP B 157 2.41 -15.36 -5.23
C ASP B 157 1.75 -16.68 -4.84
N ILE B 158 2.43 -17.78 -5.15
CA ILE B 158 1.94 -19.14 -4.90
C ILE B 158 1.94 -19.48 -3.41
N SER B 159 2.99 -19.08 -2.69
CA SER B 159 3.04 -19.28 -1.24
C SER B 159 1.95 -18.47 -0.53
N LEU B 160 1.76 -17.21 -0.95
CA LEU B 160 0.77 -16.33 -0.33
C LEU B 160 -0.67 -16.81 -0.55
N VAL B 161 -0.96 -17.28 -1.76
CA VAL B 161 -2.32 -17.72 -2.10
C VAL B 161 -2.67 -19.00 -1.34
N GLU B 162 -1.72 -19.93 -1.25
CA GLU B 162 -1.89 -21.07 -0.34
C GLU B 162 -2.18 -20.62 1.09
N LEU B 163 -1.45 -19.61 1.56
CA LEU B 163 -1.63 -19.09 2.93
C LEU B 163 -3.00 -18.44 3.13
N LEU B 164 -3.47 -17.67 2.15
CA LEU B 164 -4.82 -17.08 2.21
C LEU B 164 -5.93 -18.13 2.31
N TYR B 165 -5.73 -19.29 1.68
CA TYR B 165 -6.67 -20.40 1.74
C TYR B 165 -6.75 -21.04 3.15
N TYR B 166 -5.64 -21.08 3.85
CA TYR B 166 -5.59 -21.61 5.23
C TYR B 166 -6.18 -20.66 6.24
N VAL B 167 -5.83 -19.39 6.10
CA VAL B 167 -6.39 -18.32 6.91
C VAL B 167 -7.90 -18.37 6.77
N GLU B 168 -8.38 -18.54 5.53
CA GLU B 168 -9.81 -18.70 5.23
C GLU B 168 -10.43 -19.91 5.93
N GLU B 169 -9.69 -21.03 5.99
CA GLU B 169 -10.13 -22.22 6.71
C GLU B 169 -10.26 -21.98 8.21
N LEU B 170 -9.49 -21.03 8.74
CA LEU B 170 -9.52 -20.65 10.15
C LEU B 170 -10.66 -19.68 10.42
N ASP B 171 -10.66 -18.56 9.69
CA ASP B 171 -11.62 -17.48 9.87
C ASP B 171 -11.73 -16.68 8.58
N SER B 172 -12.90 -16.75 7.95
CA SER B 172 -13.11 -16.22 6.60
C SER B 172 -13.22 -14.69 6.55
N SER B 173 -13.37 -14.08 7.73
CA SER B 173 -13.44 -12.63 7.86
C SER B 173 -12.07 -11.94 7.99
N LEU B 174 -11.00 -12.72 8.18
CA LEU B 174 -9.68 -12.12 8.42
C LEU B 174 -9.16 -11.29 7.23
N ILE B 175 -9.50 -11.72 6.02
CA ILE B 175 -9.08 -11.04 4.79
C ILE B 175 -10.00 -9.89 4.37
N SER B 176 -11.11 -9.71 5.09
CA SER B 176 -12.18 -8.81 4.62
C SER B 176 -11.74 -7.35 4.43
N ASN B 177 -10.78 -6.90 5.23
CA ASN B 177 -10.27 -5.53 5.07
C ASN B 177 -9.08 -5.43 4.12
N PHE B 178 -8.85 -6.47 3.32
CA PHE B 178 -7.73 -6.46 2.38
C PHE B 178 -8.17 -6.74 0.94
N PRO B 179 -8.69 -5.70 0.26
CA PRO B 179 -9.15 -5.75 -1.14
C PRO B 179 -8.15 -6.42 -2.08
N LEU B 180 -6.91 -5.94 -2.09
CA LEU B 180 -5.91 -6.41 -3.07
C LEU B 180 -5.52 -7.88 -2.89
N LEU B 181 -5.55 -8.36 -1.65
CA LEU B 181 -5.29 -9.76 -1.35
C LEU B 181 -6.44 -10.63 -1.83
N LYS B 182 -7.67 -10.16 -1.65
CA LYS B 182 -8.83 -10.85 -2.18
C LYS B 182 -8.68 -11.02 -3.69
N ALA B 183 -8.25 -9.95 -4.36
CA ALA B 183 -8.12 -9.93 -5.81
C ALA B 183 -6.98 -10.84 -6.29
N LEU B 184 -5.87 -10.85 -5.56
CA LEU B 184 -4.75 -11.73 -5.90
C LEU B 184 -5.15 -13.19 -5.74
N LYS B 185 -5.90 -13.52 -4.69
CA LYS B 185 -6.40 -14.89 -4.48
C LYS B 185 -7.24 -15.38 -5.67
N THR B 186 -8.11 -14.52 -6.20
CA THR B 186 -8.96 -14.90 -7.35
C THR B 186 -8.16 -15.09 -8.63
N ARG B 187 -7.31 -14.11 -8.94
CA ARG B 187 -6.46 -14.09 -10.12
C ARG B 187 -5.59 -15.34 -10.18
N ILE B 188 -4.77 -15.53 -9.14
CA ILE B 188 -3.90 -16.71 -9.03
C ILE B 188 -4.69 -18.04 -9.12
N SER B 189 -5.80 -18.12 -8.38
CA SER B 189 -6.69 -19.30 -8.41
C SER B 189 -7.26 -19.63 -9.80
N ASN B 190 -7.29 -18.64 -10.70
CA ASN B 190 -7.79 -18.81 -12.06
C ASN B 190 -6.69 -19.06 -13.09
N LEU B 191 -5.42 -19.04 -12.65
CA LEU B 191 -4.33 -19.47 -13.51
C LEU B 191 -4.57 -20.93 -13.82
N PRO B 192 -4.44 -21.32 -15.10
CA PRO B 192 -4.76 -22.70 -15.49
C PRO B 192 -4.09 -23.79 -14.67
N THR B 193 -2.81 -23.64 -14.34
CA THR B 193 -2.13 -24.63 -13.51
C THR B 193 -2.66 -24.66 -12.08
N VAL B 194 -2.93 -23.50 -11.50
CA VAL B 194 -3.37 -23.46 -10.12
C VAL B 194 -4.85 -23.87 -10.04
N LYS B 195 -5.63 -23.47 -11.04
CA LYS B 195 -7.03 -23.89 -11.12
C LYS B 195 -7.17 -25.40 -11.12
N LYS B 196 -6.32 -26.09 -11.89
CA LYS B 196 -6.29 -27.55 -11.91
C LYS B 196 -5.94 -28.15 -10.55
N PHE B 197 -4.96 -27.55 -9.88
CA PHE B 197 -4.51 -28.04 -8.56
C PHE B 197 -5.58 -27.87 -7.49
N LEU B 198 -6.41 -26.85 -7.68
CA LEU B 198 -7.46 -26.53 -6.74
C LEU B 198 -8.72 -27.39 -6.97
N GLN B 199 -8.78 -28.07 -8.12
CA GLN B 199 -9.88 -28.97 -8.46
C GLN B 199 -9.95 -30.18 -7.53
N PRO B 200 -11.17 -30.71 -7.29
CA PRO B 200 -11.30 -31.92 -6.47
C PRO B 200 -10.48 -33.06 -7.07
N GLY B 201 -10.02 -33.98 -6.22
CA GLY B 201 -9.23 -35.12 -6.69
C GLY B 201 -7.78 -34.86 -7.06
N SER B 202 -7.31 -33.62 -6.92
CA SER B 202 -5.90 -33.27 -7.17
C SER B 202 -5.06 -33.72 -5.97
N PRO B 203 -3.70 -33.65 -6.08
CA PRO B 203 -2.79 -33.90 -4.95
C PRO B 203 -2.91 -32.93 -3.75
N ARG B 204 -3.65 -31.83 -3.90
CA ARG B 204 -3.88 -30.94 -2.76
C ARG B 204 -4.47 -31.77 -1.59
N LYS B 205 -3.97 -31.50 -0.39
CA LYS B 205 -4.28 -32.27 0.81
C LYS B 205 -5.31 -31.62 1.70
N PRO B 206 -6.08 -32.43 2.48
CA PRO B 206 -7.07 -31.88 3.42
C PRO B 206 -6.42 -31.23 4.64
N PRO B 207 -7.16 -30.35 5.33
CA PRO B 207 -6.69 -29.89 6.61
C PRO B 207 -6.58 -31.06 7.59
N ALA B 208 -5.56 -31.04 8.44
CA ALA B 208 -5.38 -32.10 9.42
C ALA B 208 -6.55 -32.14 10.38
N ASP B 209 -6.99 -33.34 10.72
CA ASP B 209 -7.98 -33.54 11.78
C ASP B 209 -7.38 -34.42 12.88
N ALA B 210 -8.18 -34.73 13.91
CA ALA B 210 -7.70 -35.53 15.03
C ALA B 210 -7.16 -36.90 14.59
N LYS B 211 -7.89 -37.58 13.70
CA LYS B 211 -7.45 -38.90 13.20
C LYS B 211 -6.03 -38.84 12.62
N ALA B 212 -5.81 -37.94 11.67
CA ALA B 212 -4.48 -37.73 11.06
C ALA B 212 -3.38 -37.40 12.07
N LEU B 213 -3.73 -36.64 13.11
CA LEU B 213 -2.78 -36.33 14.18
C LEU B 213 -2.39 -37.59 14.94
N GLU B 214 -3.37 -38.46 15.22
CA GLU B 214 -3.11 -39.77 15.82
C GLU B 214 -2.23 -40.62 14.90
N GLU B 215 -2.59 -40.68 13.62
CA GLU B 215 -1.84 -41.44 12.61
C GLU B 215 -0.42 -40.92 12.46
N ALA B 216 -0.25 -39.60 12.51
CA ALA B 216 1.08 -38.99 12.38
C ALA B 216 1.98 -39.31 13.57
N ARG B 217 1.39 -39.33 14.77
CA ARG B 217 2.10 -39.68 16.02
C ARG B 217 2.68 -41.09 16.02
N LYS B 218 1.94 -42.04 15.46
CA LYS B 218 2.40 -43.42 15.33
C LYS B 218 3.62 -43.49 14.42
N ILE B 219 3.58 -42.70 13.34
CA ILE B 219 4.63 -42.67 12.32
C ILE B 219 5.88 -41.91 12.78
N PHE B 220 5.70 -40.66 13.21
CA PHE B 220 6.84 -39.79 13.52
C PHE B 220 7.25 -39.77 15.00
N ARG B 221 6.41 -40.34 15.86
CA ARG B 221 6.73 -40.53 17.30
C ARG B 221 7.11 -39.26 18.07
N PHE B 222 6.41 -38.17 17.76
CA PHE B 222 6.55 -36.91 18.50
C PHE B 222 5.55 -36.86 19.65
N LYS C 4 19.10 37.24 76.67
CA LYS C 4 19.65 36.63 75.43
C LYS C 4 20.91 37.35 74.97
N PRO C 5 22.02 36.60 74.76
CA PRO C 5 23.22 37.18 74.15
C PRO C 5 22.94 37.73 72.74
N LYS C 6 23.57 38.85 72.41
CA LYS C 6 23.43 39.42 71.07
C LYS C 6 24.78 39.40 70.34
N LEU C 7 24.81 38.72 69.21
CA LEU C 7 26.03 38.56 68.43
C LEU C 7 26.08 39.61 67.31
N HIS C 8 27.10 40.46 67.34
CA HIS C 8 27.32 41.49 66.33
C HIS C 8 28.42 41.08 65.35
N TYR C 9 28.03 40.89 64.10
CA TYR C 9 28.94 40.42 63.07
C TYR C 9 28.21 40.56 61.75
N PHE C 10 28.90 40.30 60.64
CA PHE C 10 28.22 40.25 59.35
C PHE C 10 27.45 38.94 59.25
N ASN C 11 26.59 38.82 58.24
CA ASN C 11 25.87 37.57 58.00
C ASN C 11 26.80 36.55 57.35
N GLY C 12 27.53 35.82 58.19
CA GLY C 12 28.53 34.88 57.72
C GLY C 12 29.32 34.28 58.85
N ARG C 13 30.06 33.21 58.55
CA ARG C 13 30.85 32.50 59.54
C ARG C 13 31.90 33.41 60.19
N GLY C 14 32.98 33.67 59.45
CA GLY C 14 34.08 34.49 59.92
C GLY C 14 34.64 33.98 61.24
N ARG C 15 34.86 34.90 62.18
CA ARG C 15 35.40 34.50 63.48
C ARG C 15 34.29 34.24 64.49
N MET C 16 33.07 34.59 64.12
CA MET C 16 31.92 34.50 65.03
C MET C 16 31.33 33.09 65.13
N GLU C 17 31.66 32.23 64.18
CA GLU C 17 31.06 30.91 64.11
C GLU C 17 31.32 29.98 65.32
N PRO C 18 32.57 29.92 65.84
CA PRO C 18 32.84 29.08 67.01
C PRO C 18 31.96 29.44 68.21
N ILE C 19 31.60 30.71 68.29
CA ILE C 19 30.75 31.27 69.34
C ILE C 19 29.29 30.86 69.12
N ARG C 20 28.86 30.84 67.85
CA ARG C 20 27.53 30.30 67.50
C ARG C 20 27.42 28.85 67.95
N TRP C 21 28.39 28.03 67.54
CA TRP C 21 28.50 26.63 67.93
C TRP C 21 28.47 26.42 69.43
N LEU C 22 29.27 27.19 70.17
CA LEU C 22 29.36 26.99 71.62
C LEU C 22 28.05 27.34 72.34
N LEU C 23 27.53 28.55 72.12
CA LEU C 23 26.26 28.95 72.72
C LEU C 23 25.15 27.92 72.47
N ALA C 24 25.02 27.50 71.21
CA ALA C 24 24.01 26.52 70.81
C ALA C 24 24.22 25.15 71.45
N ALA C 25 25.44 24.66 71.47
CA ALA C 25 25.75 23.40 72.13
C ALA C 25 25.43 23.43 73.63
N ALA C 26 25.57 24.61 74.23
CA ALA C 26 25.31 24.84 75.63
C ALA C 26 23.81 25.03 75.90
N GLY C 27 23.02 25.06 74.82
CA GLY C 27 21.57 25.24 74.88
C GLY C 27 21.10 26.68 75.06
N VAL C 28 21.94 27.65 74.69
CA VAL C 28 21.65 29.06 74.97
C VAL C 28 21.10 29.76 73.73
N GLU C 29 19.85 30.20 73.84
CA GLU C 29 19.19 30.97 72.79
C GLU C 29 19.85 32.34 72.66
N PHE C 30 20.18 32.74 71.44
CA PHE C 30 20.84 34.02 71.20
C PHE C 30 20.22 34.82 70.06
N GLU C 31 20.36 36.14 70.14
CA GLU C 31 19.96 37.04 69.05
C GLU C 31 21.20 37.47 68.27
N GLU C 32 21.04 37.67 66.96
CA GLU C 32 22.11 38.24 66.17
C GLU C 32 21.68 39.57 65.57
N LYS C 33 22.61 40.52 65.52
CA LYS C 33 22.41 41.74 64.74
C LYS C 33 23.47 41.76 63.66
N PHE C 34 23.03 41.67 62.41
CA PHE C 34 23.96 41.60 61.30
C PHE C 34 24.45 42.97 60.85
N ILE C 35 25.74 43.04 60.59
CA ILE C 35 26.36 44.24 60.04
C ILE C 35 26.14 44.20 58.53
N GLY C 36 25.17 44.99 58.07
CA GLY C 36 24.80 45.03 56.65
C GLY C 36 25.47 46.11 55.82
N SER C 37 25.93 47.17 56.48
CA SER C 37 26.53 48.31 55.78
C SER C 37 27.69 48.89 56.56
N ALA C 38 28.57 49.59 55.86
CA ALA C 38 29.67 50.32 56.50
C ALA C 38 29.08 51.28 57.54
N GLU C 39 27.90 51.83 57.24
CA GLU C 39 27.14 52.66 58.18
C GLU C 39 26.91 51.93 59.52
N ASP C 40 26.57 50.65 59.43
CA ASP C 40 26.34 49.79 60.62
C ASP C 40 27.59 49.69 61.50
N LEU C 41 28.68 49.24 60.89
CA LEU C 41 29.97 49.13 61.57
C LEU C 41 30.45 50.47 62.14
N GLY C 42 30.24 51.55 61.38
CA GLY C 42 30.60 52.89 61.82
C GLY C 42 29.84 53.30 63.07
N LYS C 43 28.54 52.99 63.08
CA LYS C 43 27.65 53.26 64.22
C LYS C 43 28.09 52.50 65.47
N LEU C 44 28.58 51.28 65.29
CA LEU C 44 29.09 50.49 66.41
C LEU C 44 30.39 51.06 66.98
N ARG C 45 31.24 51.60 66.11
CA ARG C 45 32.50 52.21 66.53
C ARG C 45 32.28 53.52 67.30
N ASN C 46 31.25 54.26 66.90
CA ASN C 46 30.92 55.53 67.53
C ASN C 46 30.03 55.35 68.76
N ASP C 47 29.61 54.12 69.00
CA ASP C 47 28.82 53.75 70.19
C ASP C 47 29.70 53.72 71.42
N GLY C 48 30.98 53.40 71.22
CA GLY C 48 31.87 53.01 72.31
C GLY C 48 31.74 51.54 72.68
N SER C 49 31.14 50.74 71.78
CA SER C 49 30.84 49.34 72.02
C SER C 49 31.98 48.40 71.64
N LEU C 50 32.86 48.87 70.76
CA LEU C 50 33.99 48.09 70.28
C LEU C 50 35.32 48.59 70.85
N MET C 51 35.82 47.91 71.86
CA MET C 51 37.05 48.31 72.56
C MET C 51 38.25 48.52 71.61
N PHE C 52 38.35 47.67 70.59
CA PHE C 52 39.42 47.78 69.61
C PHE C 52 38.84 48.07 68.22
N GLN C 53 37.64 48.65 68.24
CA GLN C 53 36.79 48.92 67.05
C GLN C 53 36.69 47.81 66.03
N GLN C 54 36.78 46.58 66.51
CA GLN C 54 36.60 45.39 65.70
C GLN C 54 35.45 44.57 66.23
N VAL C 55 34.93 43.70 65.36
CA VAL C 55 34.02 42.64 65.75
C VAL C 55 34.81 41.34 65.54
N PRO C 56 34.35 40.19 66.09
CA PRO C 56 33.15 39.90 66.88
C PRO C 56 33.00 40.73 68.14
N MET C 57 31.76 41.09 68.43
CA MET C 57 31.37 41.69 69.70
C MET C 57 30.10 41.01 70.14
N VAL C 58 30.04 40.70 71.43
CA VAL C 58 28.88 40.03 71.99
C VAL C 58 28.39 40.80 73.22
N GLU C 59 27.11 41.12 73.21
CA GLU C 59 26.43 41.66 74.38
C GLU C 59 25.94 40.45 75.18
N ILE C 60 26.54 40.28 76.35
CA ILE C 60 26.26 39.16 77.22
C ILE C 60 26.41 39.59 78.67
N ASP C 61 25.33 39.44 79.42
CA ASP C 61 25.31 39.72 80.87
C ASP C 61 25.84 41.11 81.23
N GLY C 62 25.43 42.12 80.46
CA GLY C 62 25.83 43.51 80.69
C GLY C 62 27.26 43.87 80.27
N MET C 63 27.91 42.95 79.56
CA MET C 63 29.23 43.19 79.03
C MET C 63 29.15 43.39 77.50
N LYS C 64 29.93 44.33 77.01
CA LYS C 64 30.16 44.46 75.58
C LYS C 64 31.50 43.80 75.28
N LEU C 65 31.43 42.48 75.14
CA LEU C 65 32.62 41.66 74.99
C LEU C 65 33.12 41.62 73.57
N VAL C 66 34.41 41.90 73.44
CA VAL C 66 35.11 41.87 72.18
C VAL C 66 36.27 40.88 72.28
N GLN C 67 36.78 40.42 71.12
CA GLN C 67 37.82 39.39 71.00
C GLN C 67 37.29 37.95 71.13
N THR C 68 37.30 37.21 70.03
CA THR C 68 36.72 35.87 69.97
C THR C 68 37.11 34.99 71.16
N ARG C 69 38.40 34.87 71.44
CA ARG C 69 38.88 34.03 72.55
C ARG C 69 38.33 34.44 73.94
N ALA C 70 38.14 35.73 74.16
CA ALA C 70 37.59 36.24 75.44
C ALA C 70 36.10 35.90 75.61
N ILE C 71 35.39 35.96 74.50
CA ILE C 71 33.97 35.65 74.45
C ILE C 71 33.79 34.15 74.66
N LEU C 72 34.63 33.35 74.01
CA LEU C 72 34.56 31.89 74.06
C LEU C 72 34.89 31.37 75.45
N ASN C 73 36.00 31.85 76.03
CA ASN C 73 36.34 31.60 77.42
C ASN C 73 35.22 31.92 78.41
N TYR C 74 34.56 33.07 78.22
CA TYR C 74 33.52 33.49 79.17
C TYR C 74 32.31 32.53 79.15
N ILE C 75 31.86 32.18 77.95
CA ILE C 75 30.76 31.24 77.74
C ILE C 75 31.09 29.83 78.24
N ALA C 76 32.28 29.35 77.89
CA ALA C 76 32.75 28.03 78.33
C ALA C 76 32.83 27.91 79.86
N SER C 77 33.35 28.94 80.52
CA SER C 77 33.36 29.00 81.98
C SER C 77 31.94 29.02 82.56
N LYS C 78 31.12 29.95 82.07
CA LYS C 78 29.76 30.13 82.57
C LYS C 78 28.90 28.86 82.47
N TYR C 79 29.12 28.06 81.43
CA TYR C 79 28.29 26.88 81.20
C TYR C 79 29.00 25.55 81.46
N ASN C 80 30.09 25.59 82.22
CA ASN C 80 30.81 24.37 82.66
C ASN C 80 31.29 23.47 81.51
N LEU C 81 31.77 24.13 80.45
CA LEU C 81 32.40 23.45 79.33
C LEU C 81 33.92 23.69 79.30
N TYR C 82 34.51 24.01 80.45
CA TYR C 82 35.92 24.40 80.51
C TYR C 82 36.69 23.54 81.51
N GLY C 83 36.17 22.36 81.80
CA GLY C 83 36.86 21.43 82.69
C GLY C 83 36.56 21.77 84.13
N LYS C 84 37.02 20.89 85.02
CA LYS C 84 36.67 20.99 86.43
C LYS C 84 37.76 21.61 87.28
N ASP C 85 38.95 21.77 86.67
CA ASP C 85 40.13 22.34 87.36
C ASP C 85 41.19 22.92 86.41
N ILE C 86 42.25 23.46 87.02
CA ILE C 86 43.34 24.14 86.31
C ILE C 86 44.00 23.27 85.24
N LYS C 87 44.28 22.01 85.60
CA LYS C 87 44.94 21.07 84.70
C LYS C 87 44.05 20.67 83.51
N GLU C 88 42.72 20.62 83.73
CA GLU C 88 41.81 20.31 82.62
C GLU C 88 41.69 21.48 81.66
N ARG C 89 41.62 22.70 82.18
CA ARG C 89 41.69 23.89 81.34
C ARG C 89 42.96 23.95 80.47
N ALA C 90 44.10 23.55 81.04
CA ALA C 90 45.37 23.49 80.29
C ALA C 90 45.26 22.57 79.07
N LEU C 91 44.70 21.38 79.28
CA LEU C 91 44.48 20.44 78.21
C LEU C 91 43.50 21.00 77.20
N ILE C 92 42.41 21.58 77.68
CA ILE C 92 41.39 22.14 76.81
C ILE C 92 41.99 23.32 76.02
N ASP C 93 42.66 24.25 76.72
CA ASP C 93 43.35 25.39 76.10
C ASP C 93 44.33 24.97 75.00
N MET C 94 45.16 23.98 75.29
CA MET C 94 46.12 23.43 74.32
C MET C 94 45.43 22.78 73.12
N TYR C 95 44.40 21.97 73.38
CA TYR C 95 43.66 21.27 72.32
C TYR C 95 42.98 22.30 71.40
N THR C 96 42.30 23.29 71.99
CA THR C 96 41.54 24.26 71.20
C THR C 96 42.40 25.24 70.43
N GLU C 97 43.57 25.57 70.97
CA GLU C 97 44.51 26.45 70.27
C GLU C 97 45.02 25.78 69.00
N GLY C 98 45.33 24.48 69.10
CA GLY C 98 45.74 23.67 67.96
C GLY C 98 44.67 23.54 66.89
N MET C 99 43.40 23.48 67.30
CA MET C 99 42.28 23.53 66.38
C MET C 99 42.17 24.91 65.72
N ALA C 100 42.39 25.95 66.52
CA ALA C 100 42.23 27.34 66.08
C ALA C 100 43.27 27.75 65.03
N ASP C 101 44.45 27.16 65.13
CA ASP C 101 45.53 27.31 64.15
C ASP C 101 45.11 26.75 62.78
N LEU C 102 44.53 25.54 62.78
CA LEU C 102 44.09 24.91 61.54
C LEU C 102 42.81 25.56 60.99
N ASN C 103 41.96 26.07 61.88
CA ASN C 103 40.77 26.81 61.45
C ASN C 103 41.13 28.16 60.81
N GLU C 104 42.22 28.78 61.30
CA GLU C 104 42.70 30.05 60.78
C GLU C 104 43.23 29.89 59.36
N MET C 105 43.87 28.76 59.07
CA MET C 105 44.33 28.45 57.71
C MET C 105 43.17 28.35 56.72
N ILE C 106 42.10 27.67 57.14
CA ILE C 106 40.86 27.54 56.37
C ILE C 106 40.17 28.91 56.23
N LEU C 107 40.13 29.65 57.34
CA LEU C 107 39.40 30.92 57.42
C LEU C 107 40.02 32.01 56.53
N LEU C 108 41.32 31.96 56.32
CA LEU C 108 42.03 33.01 55.57
C LEU C 108 42.21 32.68 54.08
N LEU C 109 41.66 31.55 53.67
CA LEU C 109 41.79 31.05 52.29
C LEU C 109 41.25 31.98 51.19
N PRO C 110 40.11 32.68 51.43
CA PRO C 110 39.65 33.65 50.43
C PRO C 110 40.57 34.87 50.24
N LEU C 111 41.34 35.22 51.27
CA LEU C 111 42.26 36.35 51.21
C LEU C 111 43.49 36.07 50.34
N CYS C 112 43.77 34.79 50.13
CA CYS C 112 44.87 34.37 49.28
C CYS C 112 44.63 34.77 47.82
N ARG C 113 45.67 35.31 47.19
CA ARG C 113 45.65 35.62 45.76
C ARG C 113 45.53 34.34 44.93
N PRO C 114 44.79 34.39 43.80
CA PRO C 114 44.57 33.22 42.95
C PRO C 114 45.84 32.40 42.65
N GLU C 115 46.99 33.06 42.65
CA GLU C 115 48.28 32.40 42.35
C GLU C 115 48.76 31.55 43.53
N GLU C 116 48.58 32.05 44.75
CA GLU C 116 49.03 31.37 45.98
C GLU C 116 47.94 30.57 46.69
N LYS C 117 46.70 30.70 46.23
CA LYS C 117 45.54 30.03 46.84
C LYS C 117 45.71 28.51 46.91
N ASP C 118 45.97 27.88 45.77
CA ASP C 118 46.10 26.41 45.68
C ASP C 118 47.21 25.85 46.56
N ALA C 119 48.20 26.69 46.87
CA ALA C 119 49.32 26.29 47.74
C ALA C 119 48.86 26.06 49.18
N LYS C 120 48.02 26.96 49.69
CA LYS C 120 47.49 26.85 51.05
C LYS C 120 46.52 25.68 51.18
N ILE C 121 45.62 25.53 50.20
CA ILE C 121 44.70 24.39 50.12
C ILE C 121 45.44 23.05 50.28
N ALA C 122 46.58 22.91 49.61
CA ALA C 122 47.39 21.69 49.70
C ALA C 122 48.01 21.48 51.09
N LEU C 123 48.44 22.58 51.71
CA LEU C 123 49.11 22.52 53.01
C LEU C 123 48.11 22.35 54.15
N ILE C 124 46.93 22.94 54.01
CA ILE C 124 45.82 22.70 54.94
C ILE C 124 45.49 21.21 54.94
N LYS C 125 45.31 20.62 53.75
CA LYS C 125 44.99 19.20 53.61
C LYS C 125 46.06 18.29 54.21
N GLU C 126 47.28 18.79 54.29
CA GLU C 126 48.38 17.97 54.76
C GLU C 126 48.66 18.14 56.24
N LYS C 127 48.52 19.38 56.75
CA LYS C 127 48.59 19.63 58.19
C LYS C 127 47.42 18.91 58.92
N THR C 128 46.27 18.86 58.26
CA THR C 128 45.12 18.12 58.77
C THR C 128 45.48 16.64 58.99
N LYS C 129 46.04 16.02 57.95
CA LYS C 129 46.30 14.59 57.92
C LYS C 129 47.47 14.11 58.78
N SER C 130 48.52 14.91 58.90
CA SER C 130 49.75 14.43 59.55
C SER C 130 50.10 15.15 60.85
N ARG C 131 49.37 16.23 61.14
CA ARG C 131 49.64 17.08 62.28
C ARG C 131 48.46 17.08 63.26
N TYR C 132 47.32 17.58 62.81
CA TYR C 132 46.18 17.85 63.69
C TYR C 132 45.33 16.63 63.99
N PHE C 133 44.88 15.93 62.95
CA PHE C 133 44.07 14.73 63.14
C PHE C 133 44.77 13.61 63.92
N PRO C 134 46.04 13.29 63.58
CA PRO C 134 46.73 12.32 64.43
C PRO C 134 46.85 12.73 65.90
N ALA C 135 47.08 14.01 66.18
CA ALA C 135 47.16 14.53 67.55
C ALA C 135 45.89 14.23 68.37
N PHE C 136 44.74 14.51 67.78
CA PHE C 136 43.47 14.28 68.46
C PHE C 136 43.01 12.82 68.53
N GLU C 137 43.27 12.06 67.47
CA GLU C 137 42.99 10.63 67.50
C GLU C 137 43.78 9.95 68.64
N LYS C 138 45.02 10.38 68.82
CA LYS C 138 45.89 9.92 69.88
C LYS C 138 45.33 10.19 71.28
N VAL C 139 44.74 11.36 71.49
CA VAL C 139 44.15 11.67 72.80
C VAL C 139 42.96 10.74 73.09
N LEU C 140 42.09 10.56 72.09
CA LEU C 140 40.97 9.63 72.23
C LEU C 140 41.44 8.19 72.47
N GLN C 141 42.45 7.73 71.71
CA GLN C 141 43.01 6.37 71.85
C GLN C 141 43.61 6.11 73.24
N SER C 142 44.30 7.11 73.78
CA SER C 142 45.04 6.94 75.03
C SER C 142 44.13 6.62 76.21
N HIS C 143 43.13 7.46 76.45
CA HIS C 143 42.20 7.25 77.56
C HIS C 143 40.94 6.45 77.20
N GLY C 144 40.70 6.27 75.90
CA GLY C 144 39.59 5.46 75.41
C GLY C 144 38.20 5.92 75.81
N GLN C 145 38.06 7.21 76.14
CA GLN C 145 36.77 7.80 76.54
C GLN C 145 36.12 8.60 75.42
N ASP C 146 34.82 8.89 75.59
CA ASP C 146 34.02 9.50 74.52
C ASP C 146 34.15 11.01 74.41
N TYR C 147 34.93 11.60 75.31
CA TYR C 147 35.19 13.03 75.25
C TYR C 147 36.69 13.28 75.32
N LEU C 148 37.12 14.41 74.76
CA LEU C 148 38.53 14.78 74.75
C LEU C 148 39.13 14.92 76.15
N VAL C 149 38.45 15.63 77.04
CA VAL C 149 39.00 15.96 78.36
C VAL C 149 38.02 15.64 79.50
N GLY C 150 38.54 14.99 80.54
CA GLY C 150 37.83 14.78 81.80
C GLY C 150 36.56 13.94 81.74
N ASN C 151 36.46 13.06 80.74
CA ASN C 151 35.29 12.20 80.55
C ASN C 151 33.94 12.98 80.65
N LYS C 152 33.92 14.20 80.17
CA LYS C 152 32.67 14.95 80.05
C LYS C 152 32.79 16.00 78.96
N LEU C 153 31.64 16.46 78.50
CA LEU C 153 31.56 17.43 77.42
C LEU C 153 32.30 18.72 77.73
N SER C 154 33.14 19.17 76.79
CA SER C 154 33.82 20.44 76.94
C SER C 154 33.84 21.19 75.61
N ARG C 155 34.41 22.39 75.64
CA ARG C 155 34.54 23.20 74.43
C ARG C 155 35.52 22.59 73.43
N ALA C 156 36.45 21.76 73.90
CA ALA C 156 37.35 21.04 73.01
C ALA C 156 36.57 20.13 72.05
N ASP C 157 35.63 19.36 72.61
CA ASP C 157 34.75 18.48 71.82
C ASP C 157 33.96 19.26 70.79
N ILE C 158 33.36 20.37 71.23
CA ILE C 158 32.54 21.22 70.37
C ILE C 158 33.39 21.89 69.26
N SER C 159 34.54 22.47 69.64
CA SER C 159 35.45 23.06 68.66
C SER C 159 35.92 22.03 67.64
N LEU C 160 36.25 20.83 68.11
CA LEU C 160 36.82 19.82 67.20
C LEU C 160 35.80 19.32 66.19
N VAL C 161 34.56 19.14 66.64
CA VAL C 161 33.51 18.67 65.75
C VAL C 161 33.16 19.73 64.69
N GLU C 162 33.01 20.99 65.10
CA GLU C 162 32.98 22.11 64.13
C GLU C 162 34.08 22.01 63.08
N LEU C 163 35.32 21.76 63.53
CA LEU C 163 36.47 21.70 62.64
C LEU C 163 36.37 20.50 61.71
N LEU C 164 35.89 19.39 62.24
CA LEU C 164 35.64 18.20 61.42
C LEU C 164 34.67 18.49 60.27
N TYR C 165 33.63 19.28 60.56
CA TYR C 165 32.68 19.73 59.53
C TYR C 165 33.32 20.65 58.46
N TYR C 166 34.22 21.55 58.88
CA TYR C 166 34.92 22.45 57.94
C TYR C 166 35.90 21.72 57.04
N VAL C 167 36.54 20.71 57.61
CA VAL C 167 37.48 19.86 56.90
C VAL C 167 36.71 19.00 55.88
N GLU C 168 35.56 18.48 56.32
CA GLU C 168 34.64 17.73 55.45
C GLU C 168 34.21 18.54 54.23
N GLU C 169 33.99 19.85 54.43
CA GLU C 169 33.63 20.76 53.35
C GLU C 169 34.76 20.91 52.31
N LEU C 170 35.99 21.01 52.81
CA LEU C 170 37.18 21.13 51.97
C LEU C 170 37.46 19.80 51.26
N ASP C 171 37.46 18.71 52.03
CA ASP C 171 37.78 17.38 51.53
C ASP C 171 37.29 16.30 52.50
N SER C 172 36.37 15.46 52.01
CA SER C 172 35.67 14.47 52.84
C SER C 172 36.50 13.20 53.10
N SER C 173 37.63 13.11 52.41
CA SER C 173 38.52 11.97 52.51
C SER C 173 39.42 12.02 53.74
N LEU C 174 39.72 13.24 54.20
CA LEU C 174 40.78 13.48 55.18
C LEU C 174 40.63 12.72 56.51
N ILE C 175 39.39 12.55 56.96
CA ILE C 175 39.07 11.83 58.20
C ILE C 175 39.02 10.29 58.06
N SER C 176 39.16 9.78 56.84
CA SER C 176 38.92 8.35 56.57
C SER C 176 39.80 7.43 57.42
N ASN C 177 41.02 7.87 57.69
CA ASN C 177 41.98 7.08 58.48
C ASN C 177 41.91 7.33 59.99
N PHE C 178 40.88 8.05 60.43
CA PHE C 178 40.74 8.37 61.85
C PHE C 178 39.38 7.93 62.40
N PRO C 179 39.26 6.64 62.76
CA PRO C 179 38.00 6.07 63.25
C PRO C 179 37.44 6.71 64.53
N LEU C 180 38.31 7.06 65.47
CA LEU C 180 37.85 7.63 66.74
C LEU C 180 37.30 9.04 66.52
N LEU C 181 37.90 9.76 65.57
CA LEU C 181 37.42 11.10 65.21
C LEU C 181 36.09 11.02 64.48
N LYS C 182 35.93 10.00 63.64
CA LYS C 182 34.63 9.74 62.98
C LYS C 182 33.55 9.47 64.01
N ALA C 183 33.86 8.60 64.98
CA ALA C 183 32.93 8.22 66.03
C ALA C 183 32.57 9.40 66.93
N LEU C 184 33.55 10.27 67.22
CA LEU C 184 33.31 11.53 67.96
C LEU C 184 32.33 12.45 67.22
N LYS C 185 32.54 12.63 65.92
CA LYS C 185 31.67 13.50 65.13
C LYS C 185 30.22 13.03 65.16
N THR C 186 30.00 11.72 65.05
CA THR C 186 28.65 11.15 65.12
C THR C 186 28.04 11.35 66.50
N ARG C 187 28.79 11.00 67.54
CA ARG C 187 28.36 11.15 68.93
C ARG C 187 27.96 12.57 69.29
N ILE C 188 28.84 13.54 69.03
CA ILE C 188 28.53 14.95 69.31
C ILE C 188 27.40 15.49 68.43
N SER C 189 27.40 15.11 67.16
CA SER C 189 26.36 15.57 66.22
C SER C 189 24.96 15.08 66.57
N ASN C 190 24.88 14.09 67.45
CA ASN C 190 23.60 13.51 67.89
C ASN C 190 23.16 13.89 69.32
N LEU C 191 23.95 14.71 69.99
CA LEU C 191 23.50 15.42 71.20
C LEU C 191 22.37 16.36 70.79
N PRO C 192 21.25 16.35 71.55
CA PRO C 192 20.08 17.16 71.22
C PRO C 192 20.36 18.61 70.85
N THR C 193 21.16 19.32 71.65
CA THR C 193 21.47 20.73 71.36
C THR C 193 22.25 20.91 70.06
N VAL C 194 23.18 20.01 69.79
CA VAL C 194 24.00 20.15 68.60
C VAL C 194 23.21 19.71 67.36
N LYS C 195 22.44 18.62 67.51
CA LYS C 195 21.55 18.20 66.45
C LYS C 195 20.62 19.33 65.98
N LYS C 196 20.10 20.11 66.92
CA LYS C 196 19.23 21.26 66.59
C LYS C 196 19.99 22.33 65.80
N PHE C 197 21.25 22.55 66.18
CA PHE C 197 22.10 23.54 65.52
C PHE C 197 22.56 23.09 64.13
N LEU C 198 22.67 21.78 63.93
CA LEU C 198 23.03 21.21 62.64
C LEU C 198 21.85 21.19 61.65
N GLN C 199 20.65 21.37 62.17
CA GLN C 199 19.41 21.32 61.37
C GLN C 199 19.37 22.48 60.36
N PRO C 200 18.78 22.27 59.17
CA PRO C 200 18.62 23.39 58.23
C PRO C 200 17.86 24.57 58.83
N GLY C 201 18.21 25.78 58.39
CA GLY C 201 17.57 26.99 58.89
C GLY C 201 18.02 27.49 60.26
N SER C 202 19.00 26.80 60.86
CA SER C 202 19.57 27.23 62.15
C SER C 202 20.46 28.46 61.96
N PRO C 203 20.96 29.07 63.07
CA PRO C 203 21.94 30.18 62.94
C PRO C 203 23.31 29.75 62.39
N ARG C 204 23.54 28.45 62.20
CA ARG C 204 24.75 27.96 61.56
C ARG C 204 24.87 28.61 60.18
N LYS C 205 26.07 29.06 59.85
CA LYS C 205 26.29 29.90 58.68
C LYS C 205 26.97 29.16 57.54
N PRO C 206 26.75 29.59 56.28
CA PRO C 206 27.38 28.93 55.17
C PRO C 206 28.87 29.24 55.05
N PRO C 207 29.61 28.40 54.29
CA PRO C 207 30.97 28.74 53.95
C PRO C 207 30.95 29.97 53.07
N ALA C 208 31.95 30.83 53.19
CA ALA C 208 32.04 32.03 52.37
C ALA C 208 32.32 31.67 50.90
N ASP C 209 31.52 32.25 50.01
CA ASP C 209 31.74 32.13 48.57
C ASP C 209 32.33 33.45 48.03
N ALA C 210 32.66 33.47 46.74
CA ALA C 210 33.20 34.68 46.11
C ALA C 210 32.29 35.90 46.31
N LYS C 211 30.98 35.69 46.19
CA LYS C 211 29.98 36.75 46.36
C LYS C 211 30.00 37.37 47.77
N ALA C 212 30.15 36.52 48.78
CA ALA C 212 30.15 36.96 50.17
C ALA C 212 31.43 37.71 50.54
N LEU C 213 32.54 37.33 49.90
CA LEU C 213 33.81 38.04 50.05
C LEU C 213 33.70 39.48 49.53
N GLU C 214 33.05 39.64 48.38
CA GLU C 214 32.82 40.95 47.77
C GLU C 214 32.02 41.86 48.68
N GLU C 215 30.87 41.37 49.15
CA GLU C 215 29.94 42.14 49.98
C GLU C 215 30.56 42.55 51.32
N ALA C 216 31.51 41.76 51.81
CA ALA C 216 32.17 42.01 53.09
C ALA C 216 33.28 43.06 52.98
N ARG C 217 33.75 43.30 51.75
CA ARG C 217 34.78 44.31 51.47
C ARG C 217 34.22 45.72 51.50
N LYS C 218 32.98 45.88 51.02
CA LYS C 218 32.26 47.15 51.09
C LYS C 218 32.01 47.58 52.54
N ILE C 219 32.28 46.70 53.50
CA ILE C 219 31.97 46.93 54.90
C ILE C 219 33.20 47.15 55.80
N PHE C 220 34.11 46.16 55.82
CA PHE C 220 35.24 46.16 56.77
C PHE C 220 36.56 46.68 56.18
N ARG C 221 36.77 46.46 54.88
CA ARG C 221 37.99 46.81 54.14
C ARG C 221 39.19 45.91 54.42
N PHE C 222 39.49 45.05 53.45
CA PHE C 222 40.62 44.12 53.52
C PHE C 222 41.07 43.68 52.12
N LYS D 4 60.92 23.08 89.08
CA LYS D 4 61.18 24.16 88.07
C LYS D 4 60.48 23.88 86.76
N PRO D 5 59.69 24.87 86.26
CA PRO D 5 59.24 24.82 84.87
C PRO D 5 60.42 24.85 83.88
N LYS D 6 60.33 24.05 82.83
CA LYS D 6 61.36 24.02 81.78
C LYS D 6 60.83 24.47 80.41
N LEU D 7 61.42 25.55 79.89
CA LEU D 7 60.97 26.16 78.63
C LEU D 7 61.79 25.74 77.41
N HIS D 8 61.12 25.15 76.42
CA HIS D 8 61.75 24.65 75.19
C HIS D 8 61.51 25.62 74.03
N TYR D 9 62.60 26.19 73.53
CA TYR D 9 62.51 27.21 72.49
C TYR D 9 63.92 27.48 72.01
N PHE D 10 64.03 28.19 70.88
CA PHE D 10 65.33 28.72 70.47
C PHE D 10 65.73 29.83 71.44
N ASN D 11 67.00 30.21 71.44
CA ASN D 11 67.49 31.28 72.31
C ASN D 11 67.13 32.62 71.68
N GLY D 12 65.96 33.12 72.05
CA GLY D 12 65.44 34.36 71.48
C GLY D 12 64.04 34.63 71.98
N ARG D 13 63.51 35.79 71.61
CA ARG D 13 62.18 36.21 72.04
C ARG D 13 61.12 35.30 71.45
N GLY D 14 60.91 35.40 70.13
CA GLY D 14 59.81 34.73 69.45
C GLY D 14 58.52 34.79 70.24
N ARG D 15 57.85 33.64 70.29
CA ARG D 15 56.59 33.49 71.00
C ARG D 15 56.73 33.11 72.47
N MET D 16 57.94 32.73 72.88
CA MET D 16 58.20 32.31 74.26
C MET D 16 58.35 33.50 75.22
N GLU D 17 58.71 34.67 74.69
CA GLU D 17 59.04 35.82 75.55
C GLU D 17 57.96 36.25 76.58
N PRO D 18 56.66 36.30 76.20
CA PRO D 18 55.68 36.59 77.25
C PRO D 18 55.61 35.51 78.34
N ILE D 19 55.99 34.29 78.02
CA ILE D 19 56.03 33.22 79.05
C ILE D 19 57.15 33.50 80.06
N ARG D 20 58.29 33.97 79.55
CA ARG D 20 59.40 34.37 80.40
C ARG D 20 59.04 35.55 81.30
N TRP D 21 58.40 36.58 80.73
CA TRP D 21 57.94 37.76 81.48
C TRP D 21 56.98 37.37 82.62
N LEU D 22 56.00 36.52 82.30
CA LEU D 22 54.98 36.12 83.28
C LEU D 22 55.59 35.34 84.43
N LEU D 23 56.33 34.27 84.11
CA LEU D 23 57.02 33.50 85.14
C LEU D 23 57.91 34.40 86.02
N ALA D 24 58.70 35.26 85.37
CA ALA D 24 59.59 36.17 86.09
C ALA D 24 58.84 37.11 87.02
N ALA D 25 57.82 37.80 86.50
CA ALA D 25 57.02 38.73 87.30
C ALA D 25 56.34 38.03 88.49
N ALA D 26 56.01 36.75 88.33
CA ALA D 26 55.41 35.97 89.41
C ALA D 26 56.41 35.62 90.52
N GLY D 27 57.70 35.69 90.21
CA GLY D 27 58.75 35.31 91.18
C GLY D 27 59.11 33.85 91.05
N VAL D 28 58.95 33.30 89.87
CA VAL D 28 59.10 31.86 89.63
C VAL D 28 60.37 31.50 88.84
N GLU D 29 61.27 30.79 89.51
CA GLU D 29 62.49 30.26 88.90
C GLU D 29 62.17 29.25 87.81
N PHE D 30 62.90 29.32 86.70
CA PHE D 30 62.70 28.39 85.59
C PHE D 30 64.00 28.04 84.84
N GLU D 31 63.95 26.94 84.09
CA GLU D 31 65.06 26.53 83.23
C GLU D 31 64.67 26.72 81.79
N GLU D 32 65.68 26.83 80.93
CA GLU D 32 65.48 26.84 79.49
C GLU D 32 66.36 25.80 78.82
N LYS D 33 65.77 25.06 77.89
CA LYS D 33 66.55 24.17 77.03
C LYS D 33 66.47 24.75 75.62
N PHE D 34 67.59 25.31 75.17
CA PHE D 34 67.59 26.05 73.89
C PHE D 34 67.71 25.14 72.67
N ILE D 35 66.84 25.36 71.71
CA ILE D 35 66.88 24.63 70.46
C ILE D 35 67.88 25.31 69.54
N GLY D 36 68.96 24.59 69.19
CA GLY D 36 70.06 25.16 68.43
C GLY D 36 70.16 24.75 66.97
N SER D 37 69.36 23.75 66.57
CA SER D 37 69.36 23.26 65.19
C SER D 37 68.04 22.58 64.81
N ALA D 38 67.86 22.34 63.51
CA ALA D 38 66.70 21.61 63.00
C ALA D 38 66.68 20.16 63.49
N GLU D 39 67.86 19.66 63.89
CA GLU D 39 68.00 18.34 64.48
C GLU D 39 67.57 18.30 65.95
N ASP D 40 67.74 19.42 66.66
CA ASP D 40 67.25 19.55 68.04
C ASP D 40 65.72 19.61 68.06
N LEU D 41 65.15 20.22 67.03
CA LEU D 41 63.70 20.28 66.86
C LEU D 41 63.14 18.91 66.49
N GLY D 42 63.86 18.21 65.60
CA GLY D 42 63.52 16.85 65.19
C GLY D 42 63.37 15.89 66.35
N LYS D 43 64.25 16.01 67.35
CA LYS D 43 64.24 15.15 68.52
C LYS D 43 63.03 15.36 69.42
N LEU D 44 62.59 16.62 69.55
CA LEU D 44 61.44 16.96 70.36
C LEU D 44 60.16 16.50 69.66
N ARG D 45 60.24 16.41 68.34
CA ARG D 45 59.18 15.86 67.52
C ARG D 45 59.16 14.33 67.57
N ASN D 46 60.30 13.72 67.86
CA ASN D 46 60.43 12.27 67.78
C ASN D 46 60.27 11.54 69.11
N ASP D 47 60.51 12.26 70.22
CA ASP D 47 60.30 11.71 71.55
C ASP D 47 58.85 11.94 72.05
N GLY D 48 58.01 12.48 71.17
CA GLY D 48 56.59 12.65 71.44
C GLY D 48 56.20 13.87 72.27
N SER D 49 57.16 14.76 72.53
CA SER D 49 57.01 15.85 73.50
C SER D 49 56.20 17.07 73.02
N LEU D 50 55.95 17.16 71.71
CA LEU D 50 55.23 18.30 71.16
C LEU D 50 53.93 17.85 70.52
N MET D 51 52.82 18.14 71.18
CA MET D 51 51.52 17.66 70.71
C MET D 51 51.29 17.96 69.24
N PHE D 52 51.52 19.21 68.83
CA PHE D 52 51.31 19.65 67.45
C PHE D 52 52.61 19.92 66.71
N GLN D 53 53.66 19.20 67.09
CA GLN D 53 54.97 19.27 66.44
C GLN D 53 55.66 20.65 66.53
N GLN D 54 55.17 21.51 67.43
CA GLN D 54 55.69 22.87 67.55
C GLN D 54 56.09 23.25 68.98
N VAL D 55 56.97 24.23 69.07
CA VAL D 55 57.26 24.96 70.30
C VAL D 55 56.69 26.38 70.13
N PRO D 56 56.57 27.17 71.22
CA PRO D 56 56.81 26.97 72.64
C PRO D 56 56.29 25.65 73.23
N MET D 57 57.13 25.01 74.02
CA MET D 57 56.70 23.94 74.90
C MET D 57 57.27 24.16 76.28
N VAL D 58 56.42 24.06 77.28
CA VAL D 58 56.85 24.19 78.66
C VAL D 58 56.50 22.89 79.40
N GLU D 59 57.53 22.30 80.02
CA GLU D 59 57.31 21.22 80.99
C GLU D 59 57.04 21.82 82.37
N ILE D 60 55.79 21.71 82.83
CA ILE D 60 55.39 22.27 84.11
C ILE D 60 54.40 21.35 84.80
N ASP D 61 54.68 21.02 86.06
CA ASP D 61 53.78 20.22 86.90
C ASP D 61 53.32 18.93 86.24
N GLY D 62 54.27 18.21 85.64
CA GLY D 62 54.03 16.90 85.07
C GLY D 62 53.43 16.91 83.68
N MET D 63 53.14 18.12 83.18
CA MET D 63 52.55 18.31 81.85
C MET D 63 53.62 18.77 80.86
N LYS D 64 53.43 18.38 79.60
CA LYS D 64 54.20 18.91 78.48
C LYS D 64 53.28 19.79 77.64
N LEU D 65 53.26 21.06 78.00
CA LEU D 65 52.27 22.00 77.52
C LEU D 65 52.77 22.76 76.30
N VAL D 66 52.04 22.65 75.19
CA VAL D 66 52.29 23.50 74.01
C VAL D 66 51.14 24.50 73.82
N GLN D 67 51.36 25.46 72.90
CA GLN D 67 50.46 26.59 72.62
C GLN D 67 50.62 27.70 73.64
N THR D 68 51.18 28.82 73.19
CA THR D 68 51.51 29.98 74.03
C THR D 68 50.37 30.39 74.97
N ARG D 69 49.15 30.51 74.44
CA ARG D 69 48.00 30.91 75.26
C ARG D 69 47.61 29.91 76.36
N ALA D 70 47.74 28.62 76.07
CA ALA D 70 47.48 27.56 77.03
C ALA D 70 48.52 27.54 78.16
N ILE D 71 49.76 27.90 77.83
CA ILE D 71 50.83 27.97 78.82
C ILE D 71 50.63 29.20 79.70
N LEU D 72 50.31 30.32 79.06
CA LEU D 72 50.11 31.57 79.79
C LEU D 72 48.90 31.54 80.72
N ASN D 73 47.80 30.93 80.24
CA ASN D 73 46.59 30.74 81.05
C ASN D 73 46.88 29.88 82.28
N TYR D 74 47.62 28.80 82.10
CA TYR D 74 48.00 27.95 83.21
C TYR D 74 48.82 28.70 84.28
N ILE D 75 49.89 29.35 83.85
CA ILE D 75 50.74 30.15 84.75
C ILE D 75 49.93 31.25 85.45
N ALA D 76 49.08 31.95 84.70
CA ALA D 76 48.30 33.03 85.28
C ALA D 76 47.37 32.56 86.40
N SER D 77 46.57 31.53 86.11
CA SER D 77 45.69 30.90 87.12
C SER D 77 46.48 30.46 88.34
N LYS D 78 47.51 29.64 88.11
CA LYS D 78 48.32 29.04 89.18
C LYS D 78 48.90 30.08 90.16
N TYR D 79 49.41 31.19 89.62
CA TYR D 79 50.09 32.19 90.45
C TYR D 79 49.26 33.44 90.78
N ASN D 80 47.94 33.31 90.60
CA ASN D 80 46.94 34.33 90.98
C ASN D 80 47.06 35.62 90.21
N LEU D 81 47.34 35.48 88.91
CA LEU D 81 47.47 36.61 88.02
C LEU D 81 46.37 36.60 86.97
N TYR D 82 45.24 35.97 87.30
CA TYR D 82 44.12 35.85 86.37
C TYR D 82 42.82 36.42 86.96
N GLY D 83 42.95 37.38 87.87
CA GLY D 83 41.78 38.00 88.48
C GLY D 83 41.07 37.05 89.43
N LYS D 84 39.89 37.44 89.91
CA LYS D 84 39.23 36.68 90.96
C LYS D 84 37.95 35.94 90.58
N ASP D 85 37.44 36.21 89.39
CA ASP D 85 36.18 35.62 88.94
C ASP D 85 36.08 35.64 87.42
N ILE D 86 34.94 35.18 86.93
CA ILE D 86 34.66 35.03 85.50
C ILE D 86 34.62 36.40 84.78
N LYS D 87 34.05 37.42 85.44
CA LYS D 87 33.96 38.74 84.82
C LYS D 87 35.32 39.43 84.70
N GLU D 88 36.17 39.25 85.71
CA GLU D 88 37.52 39.80 85.65
C GLU D 88 38.35 39.09 84.60
N ARG D 89 38.13 37.78 84.44
CA ARG D 89 38.82 37.00 83.42
C ARG D 89 38.42 37.40 82.03
N ALA D 90 37.17 37.83 81.86
CA ALA D 90 36.70 38.34 80.57
C ALA D 90 37.37 39.67 80.22
N LEU D 91 37.54 40.54 81.22
CA LEU D 91 38.28 41.79 81.07
C LEU D 91 39.74 41.51 80.74
N ILE D 92 40.39 40.69 81.56
CA ILE D 92 41.79 40.32 81.34
C ILE D 92 41.94 39.71 79.95
N ASP D 93 41.08 38.73 79.61
CA ASP D 93 41.11 38.07 78.28
C ASP D 93 40.95 39.07 77.13
N MET D 94 39.99 39.97 77.23
CA MET D 94 39.77 41.00 76.21
C MET D 94 40.94 42.00 76.06
N TYR D 95 41.51 42.41 77.19
CA TYR D 95 42.65 43.31 77.17
C TYR D 95 43.88 42.62 76.57
N THR D 96 44.14 41.39 77.00
CA THR D 96 45.36 40.70 76.59
C THR D 96 45.32 40.28 75.13
N GLU D 97 44.13 39.95 74.63
CA GLU D 97 43.95 39.57 73.23
C GLU D 97 44.21 40.76 72.30
N GLY D 98 43.71 41.95 72.67
CA GLY D 98 44.04 43.16 71.94
C GLY D 98 45.54 43.43 71.92
N MET D 99 46.20 43.21 73.06
CA MET D 99 47.67 43.30 73.16
C MET D 99 48.37 42.29 72.25
N ALA D 100 47.83 41.08 72.22
CA ALA D 100 48.39 40.00 71.40
C ALA D 100 48.31 40.29 69.89
N ASP D 101 47.34 41.09 69.47
CA ASP D 101 47.19 41.50 68.07
C ASP D 101 48.23 42.56 67.64
N LEU D 102 48.53 43.50 68.54
CA LEU D 102 49.59 44.47 68.27
C LEU D 102 50.96 43.79 68.35
N ASN D 103 51.16 43.00 69.42
CA ASN D 103 52.38 42.20 69.56
C ASN D 103 52.70 41.32 68.33
N GLU D 104 51.65 40.76 67.71
CA GLU D 104 51.81 39.93 66.51
C GLU D 104 52.35 40.74 65.33
N MET D 105 51.82 41.95 65.16
CA MET D 105 52.31 42.86 64.12
C MET D 105 53.82 43.09 64.26
N ILE D 106 54.25 43.43 65.47
CA ILE D 106 55.68 43.67 65.79
C ILE D 106 56.56 42.43 65.66
N LEU D 107 56.05 41.28 66.10
CA LEU D 107 56.78 40.00 66.05
C LEU D 107 57.17 39.63 64.62
N LEU D 108 56.25 39.85 63.68
CA LEU D 108 56.39 39.37 62.32
C LEU D 108 57.05 40.38 61.39
N LEU D 109 57.38 41.54 61.92
CA LEU D 109 58.06 42.62 61.19
C LEU D 109 59.36 42.19 60.46
N PRO D 110 60.25 41.43 61.14
CA PRO D 110 61.43 40.85 60.45
C PRO D 110 61.18 39.97 59.22
N LEU D 111 59.94 39.51 59.03
CA LEU D 111 59.60 38.69 57.85
C LEU D 111 59.22 39.55 56.66
N CYS D 112 58.91 40.82 56.90
CA CYS D 112 58.53 41.74 55.85
C CYS D 112 59.76 42.05 54.95
N ARG D 113 59.55 41.97 53.65
CA ARG D 113 60.61 42.26 52.67
C ARG D 113 60.98 43.74 52.75
N PRO D 114 62.21 44.11 52.33
CA PRO D 114 62.63 45.51 52.51
C PRO D 114 61.65 46.49 51.89
N GLU D 115 61.08 46.10 50.75
CA GLU D 115 60.07 46.84 49.99
C GLU D 115 58.74 47.08 50.70
N GLU D 116 58.40 46.20 51.64
CA GLU D 116 57.11 46.26 52.31
C GLU D 116 57.18 46.73 53.77
N LYS D 117 58.38 46.68 54.35
CA LYS D 117 58.63 46.97 55.77
C LYS D 117 58.16 48.34 56.25
N ASP D 118 58.48 49.40 55.50
CA ASP D 118 58.09 50.77 55.86
C ASP D 118 56.57 50.95 55.99
N ALA D 119 55.82 50.32 55.09
CA ALA D 119 54.35 50.33 55.13
C ALA D 119 53.82 49.62 56.38
N LYS D 120 54.42 48.50 56.74
CA LYS D 120 54.05 47.79 57.96
C LYS D 120 54.35 48.62 59.19
N ILE D 121 55.54 49.24 59.21
CA ILE D 121 55.94 50.10 60.33
C ILE D 121 54.94 51.25 60.54
N ALA D 122 54.57 51.92 59.44
CA ALA D 122 53.59 53.01 59.46
C ALA D 122 52.24 52.54 59.99
N LEU D 123 51.83 51.33 59.61
CA LEU D 123 50.57 50.75 60.06
C LEU D 123 50.57 50.46 61.56
N ILE D 124 51.67 49.87 62.05
CA ILE D 124 51.91 49.64 63.47
C ILE D 124 51.85 50.95 64.28
N LYS D 125 52.61 51.95 63.85
CA LYS D 125 52.63 53.26 64.51
C LYS D 125 51.24 53.89 64.58
N GLU D 126 50.56 53.89 63.44
CA GLU D 126 49.20 54.39 63.31
C GLU D 126 48.23 53.65 64.24
N LYS D 127 48.30 52.33 64.23
CA LYS D 127 47.40 51.50 65.06
C LYS D 127 47.69 51.67 66.56
N THR D 128 48.96 51.65 66.93
CA THR D 128 49.38 51.96 68.29
C THR D 128 48.68 53.23 68.78
N LYS D 129 48.80 54.30 68.00
CA LYS D 129 48.33 55.61 68.41
C LYS D 129 46.83 55.83 68.31
N SER D 130 46.18 55.17 67.37
CA SER D 130 44.75 55.40 67.11
C SER D 130 43.84 54.31 67.67
N ARG D 131 44.39 53.11 67.82
CA ARG D 131 43.62 51.94 68.25
C ARG D 131 43.99 51.45 69.65
N TYR D 132 45.25 51.06 69.82
CA TYR D 132 45.63 50.29 71.00
C TYR D 132 45.91 51.14 72.24
N PHE D 133 46.78 52.14 72.10
CA PHE D 133 47.12 52.96 73.25
C PHE D 133 45.93 53.76 73.81
N PRO D 134 45.07 54.34 72.94
CA PRO D 134 43.79 54.92 73.42
C PRO D 134 42.90 53.95 74.21
N ALA D 135 42.80 52.70 73.76
CA ALA D 135 41.96 51.71 74.46
C ALA D 135 42.44 51.43 75.88
N PHE D 136 43.75 51.26 76.06
CA PHE D 136 44.29 51.02 77.40
C PHE D 136 44.39 52.27 78.27
N GLU D 137 44.73 53.42 77.68
CA GLU D 137 44.65 54.71 78.40
C GLU D 137 43.23 54.95 78.94
N LYS D 138 42.23 54.64 78.12
CA LYS D 138 40.82 54.75 78.50
C LYS D 138 40.44 53.88 79.71
N VAL D 139 40.89 52.62 79.73
CA VAL D 139 40.59 51.75 80.88
C VAL D 139 41.24 52.23 82.17
N LEU D 140 42.48 52.74 82.06
CA LEU D 140 43.17 53.30 83.21
C LEU D 140 42.46 54.58 83.63
N GLN D 141 42.03 55.36 82.65
CA GLN D 141 41.28 56.60 82.88
C GLN D 141 39.92 56.35 83.51
N SER D 142 39.29 55.24 83.13
CA SER D 142 37.93 54.90 83.59
C SER D 142 37.82 54.69 85.09
N HIS D 143 38.85 54.10 85.70
CA HIS D 143 38.79 53.75 87.12
C HIS D 143 39.87 54.42 87.99
N GLY D 144 40.88 54.99 87.35
CA GLY D 144 41.94 55.72 88.05
C GLY D 144 42.90 54.88 88.87
N GLN D 145 42.78 53.55 88.78
CA GLN D 145 43.56 52.63 89.61
C GLN D 145 44.92 52.28 88.98
N ASP D 146 45.79 51.70 89.80
CA ASP D 146 47.18 51.39 89.43
C ASP D 146 47.29 50.22 88.48
N TYR D 147 46.32 49.31 88.55
CA TYR D 147 46.29 48.11 87.73
C TYR D 147 45.09 48.12 86.79
N LEU D 148 45.22 47.42 85.66
CA LEU D 148 44.15 47.39 84.67
C LEU D 148 42.83 46.82 85.20
N VAL D 149 42.93 45.72 85.95
CA VAL D 149 41.75 44.95 86.41
C VAL D 149 41.83 44.62 87.91
N GLY D 150 40.73 44.87 88.61
CA GLY D 150 40.54 44.44 89.99
C GLY D 150 41.47 45.02 91.05
N ASN D 151 42.08 46.17 90.75
CA ASN D 151 43.00 46.85 91.68
C ASN D 151 44.10 45.91 92.19
N LYS D 152 44.65 45.11 91.28
CA LYS D 152 45.54 44.00 91.62
C LYS D 152 46.37 43.64 90.39
N LEU D 153 47.66 43.37 90.57
CA LEU D 153 48.52 42.93 89.46
C LEU D 153 47.93 41.68 88.80
N SER D 154 47.83 41.71 87.47
CA SER D 154 47.38 40.57 86.68
C SER D 154 48.25 40.42 85.46
N ARG D 155 48.07 39.32 84.74
CA ARG D 155 48.79 39.12 83.48
C ARG D 155 48.58 40.27 82.49
N ALA D 156 47.44 40.96 82.60
CA ALA D 156 47.13 42.10 81.70
C ALA D 156 48.15 43.24 81.84
N ASP D 157 48.49 43.59 83.08
CA ASP D 157 49.53 44.58 83.38
C ASP D 157 50.89 44.14 82.87
N ILE D 158 51.22 42.87 83.09
CA ILE D 158 52.53 42.32 82.70
C ILE D 158 52.66 42.32 81.17
N SER D 159 51.64 41.80 80.48
CA SER D 159 51.62 41.80 79.01
C SER D 159 51.72 43.21 78.44
N LEU D 160 50.98 44.17 79.01
CA LEU D 160 50.96 45.54 78.46
C LEU D 160 52.31 46.22 78.60
N VAL D 161 52.92 46.11 79.77
CA VAL D 161 54.22 46.71 80.01
C VAL D 161 55.31 46.09 79.12
N GLU D 162 55.27 44.77 78.92
CA GLU D 162 56.14 44.15 77.91
C GLU D 162 55.98 44.86 76.56
N LEU D 163 54.73 45.00 76.13
CA LEU D 163 54.39 45.66 74.89
C LEU D 163 54.93 47.11 74.82
N LEU D 164 54.71 47.89 75.88
CA LEU D 164 55.21 49.27 75.93
C LEU D 164 56.73 49.33 75.74
N TYR D 165 57.45 48.32 76.26
CA TYR D 165 58.88 48.20 75.99
C TYR D 165 59.19 47.99 74.51
N TYR D 166 58.45 47.10 73.85
CA TYR D 166 58.64 46.86 72.41
C TYR D 166 58.27 48.05 71.55
N VAL D 167 57.23 48.77 71.96
CA VAL D 167 56.79 49.97 71.23
C VAL D 167 57.84 51.07 71.39
N GLU D 168 58.49 51.11 72.56
CA GLU D 168 59.60 52.02 72.82
C GLU D 168 60.82 51.71 71.93
N GLU D 169 61.07 50.43 71.69
CA GLU D 169 62.18 50.00 70.84
C GLU D 169 61.98 50.37 69.38
N LEU D 170 60.72 50.47 68.95
CA LEU D 170 60.42 50.86 67.58
C LEU D 170 60.46 52.38 67.44
N ASP D 171 59.70 53.06 68.30
CA ASP D 171 59.62 54.51 68.31
C ASP D 171 59.23 54.96 69.70
N SER D 172 60.16 55.66 70.37
CA SER D 172 59.98 56.09 71.75
C SER D 172 58.99 57.25 71.93
N SER D 173 58.52 57.82 70.83
CA SER D 173 57.54 58.93 70.88
C SER D 173 56.07 58.50 70.89
N LEU D 174 55.79 57.27 70.48
CA LEU D 174 54.40 56.79 70.35
C LEU D 174 53.60 56.88 71.66
N ILE D 175 54.28 56.70 72.80
CA ILE D 175 53.66 56.75 74.12
C ILE D 175 53.49 58.18 74.68
N SER D 176 54.03 59.19 73.98
CA SER D 176 54.07 60.56 74.54
C SER D 176 52.74 61.15 75.03
N ASN D 177 51.64 60.89 74.32
CA ASN D 177 50.32 61.44 74.71
C ASN D 177 49.52 60.55 75.65
N PHE D 178 50.18 59.55 76.22
CA PHE D 178 49.53 58.57 77.08
C PHE D 178 50.23 58.47 78.43
N PRO D 179 50.05 59.50 79.28
CA PRO D 179 50.75 59.54 80.56
C PRO D 179 50.36 58.45 81.58
N LEU D 180 49.13 57.94 81.52
CA LEU D 180 48.74 56.84 82.41
C LEU D 180 49.49 55.56 82.03
N LEU D 181 49.71 55.35 80.72
CA LEU D 181 50.52 54.23 80.24
C LEU D 181 51.99 54.37 80.68
N LYS D 182 52.53 55.58 80.51
CA LYS D 182 53.86 55.90 81.01
C LYS D 182 53.96 55.62 82.52
N ALA D 183 52.91 55.97 83.27
CA ALA D 183 52.91 55.77 84.73
C ALA D 183 52.76 54.29 85.10
N LEU D 184 51.94 53.57 84.34
CA LEU D 184 51.86 52.12 84.45
C LEU D 184 53.22 51.45 84.18
N LYS D 185 53.87 51.86 83.09
CA LYS D 185 55.18 51.30 82.74
C LYS D 185 56.16 51.41 83.90
N THR D 186 56.22 52.60 84.52
CA THR D 186 57.13 52.90 85.63
C THR D 186 56.81 52.02 86.86
N ARG D 187 55.56 52.10 87.31
CA ARG D 187 55.03 51.33 88.45
C ARG D 187 55.39 49.84 88.38
N ILE D 188 55.05 49.22 87.24
CA ILE D 188 55.26 47.79 87.00
C ILE D 188 56.76 47.48 86.91
N SER D 189 57.51 48.37 86.26
CA SER D 189 58.96 48.23 86.13
C SER D 189 59.70 48.30 87.45
N ASN D 190 59.11 49.01 88.42
CA ASN D 190 59.72 49.14 89.76
C ASN D 190 59.38 48.00 90.73
N LEU D 191 58.59 47.02 90.28
CA LEU D 191 58.25 45.87 91.12
C LEU D 191 59.45 44.94 91.12
N PRO D 192 59.92 44.52 92.33
CA PRO D 192 61.16 43.76 92.50
C PRO D 192 61.38 42.64 91.49
N THR D 193 60.35 41.85 91.21
CA THR D 193 60.44 40.76 90.23
C THR D 193 60.67 41.27 88.80
N VAL D 194 59.97 42.34 88.43
CA VAL D 194 60.07 42.94 87.09
C VAL D 194 61.37 43.75 86.98
N LYS D 195 61.71 44.49 88.03
CA LYS D 195 62.98 45.21 88.11
C LYS D 195 64.16 44.26 87.84
N LYS D 196 64.12 43.08 88.45
CA LYS D 196 65.16 42.08 88.29
C LYS D 196 65.22 41.54 86.86
N PHE D 197 64.05 41.23 86.29
CA PHE D 197 63.95 40.72 84.93
C PHE D 197 64.50 41.75 83.94
N LEU D 198 64.25 43.03 84.25
CA LEU D 198 64.72 44.14 83.42
C LEU D 198 66.23 44.41 83.52
N GLN D 199 66.85 43.96 84.62
CA GLN D 199 68.30 44.13 84.82
C GLN D 199 69.08 43.13 83.95
N PRO D 200 70.38 43.39 83.70
CA PRO D 200 71.14 42.47 82.83
C PRO D 200 71.34 41.08 83.40
N GLY D 201 71.60 40.11 82.52
CA GLY D 201 71.91 38.76 82.94
C GLY D 201 70.68 37.90 83.20
N SER D 202 69.49 38.52 83.13
CA SER D 202 68.22 37.78 83.28
C SER D 202 67.90 36.93 82.03
N PRO D 203 66.86 36.07 82.11
CA PRO D 203 66.40 35.33 80.93
C PRO D 203 65.73 36.18 79.85
N ARG D 204 65.54 37.47 80.09
CA ARG D 204 64.97 38.35 79.08
C ARG D 204 65.81 38.29 77.81
N LYS D 205 65.15 38.21 76.67
CA LYS D 205 65.84 38.06 75.40
C LYS D 205 65.87 39.37 74.61
N PRO D 206 66.91 39.57 73.79
CA PRO D 206 67.04 40.83 73.05
C PRO D 206 66.18 40.84 71.79
N PRO D 207 65.98 42.04 71.19
CA PRO D 207 65.28 42.10 69.91
C PRO D 207 65.90 41.20 68.84
N ALA D 208 65.03 40.64 68.00
CA ALA D 208 65.47 39.88 66.86
C ALA D 208 66.18 40.81 65.88
N ASP D 209 67.41 40.47 65.53
CA ASP D 209 68.14 41.20 64.50
C ASP D 209 68.32 40.28 63.31
N ALA D 210 68.98 40.79 62.26
CA ALA D 210 69.17 40.06 61.02
C ALA D 210 69.76 38.65 61.22
N LYS D 211 70.77 38.56 62.07
CA LYS D 211 71.49 37.32 62.34
C LYS D 211 70.62 36.27 63.04
N ALA D 212 69.78 36.73 63.97
CA ALA D 212 68.86 35.86 64.72
C ALA D 212 67.76 35.29 63.82
N LEU D 213 67.29 36.10 62.88
CA LEU D 213 66.27 35.65 61.92
C LEU D 213 66.84 34.57 60.99
N GLU D 214 68.07 34.79 60.53
CA GLU D 214 68.79 33.85 59.69
C GLU D 214 68.97 32.49 60.40
N GLU D 215 69.32 32.53 61.68
CA GLU D 215 69.49 31.32 62.48
C GLU D 215 68.16 30.63 62.77
N ALA D 216 67.13 31.43 63.09
CA ALA D 216 65.79 30.89 63.35
C ALA D 216 65.22 30.16 62.14
N ARG D 217 65.54 30.67 60.95
CA ARG D 217 65.10 30.05 59.70
C ARG D 217 65.80 28.72 59.42
N LYS D 218 67.04 28.60 59.88
CA LYS D 218 67.83 27.36 59.75
C LYS D 218 67.27 26.25 60.64
N ILE D 219 66.67 26.64 61.76
CA ILE D 219 66.07 25.69 62.70
C ILE D 219 64.65 25.32 62.30
N PHE D 220 63.77 26.33 62.23
CA PHE D 220 62.34 26.12 62.05
C PHE D 220 61.88 25.88 60.61
N ARG D 221 62.67 26.36 59.65
CA ARG D 221 62.35 26.23 58.21
C ARG D 221 61.02 26.88 57.83
N PHE D 222 61.03 28.20 57.74
CA PHE D 222 59.84 28.96 57.35
C PHE D 222 60.13 29.88 56.16
N LYS E 4 33.88 2.33 40.93
CA LYS E 4 34.49 1.51 39.83
C LYS E 4 35.81 2.11 39.38
N PRO E 5 36.85 1.27 39.21
CA PRO E 5 38.10 1.75 38.64
C PRO E 5 37.88 2.28 37.22
N LYS E 6 38.38 3.48 36.96
CA LYS E 6 38.27 4.10 35.64
C LYS E 6 39.63 4.13 34.96
N LEU E 7 39.72 3.49 33.80
CA LEU E 7 40.97 3.35 33.07
C LEU E 7 41.04 4.30 31.91
N HIS E 8 42.02 5.20 31.95
CA HIS E 8 42.23 6.19 30.91
C HIS E 8 43.33 5.72 29.95
N TYR E 9 42.92 5.44 28.71
CA TYR E 9 43.84 4.98 27.67
C TYR E 9 43.17 5.09 26.31
N PHE E 10 43.95 4.88 25.25
CA PHE E 10 43.39 4.82 23.91
C PHE E 10 42.66 3.48 23.72
N ASN E 11 41.78 3.41 22.73
CA ASN E 11 40.96 2.21 22.51
C ASN E 11 41.77 1.10 21.88
N GLY E 12 42.65 0.49 22.68
CA GLY E 12 43.53 -0.59 22.21
C GLY E 12 44.35 -1.20 23.34
N ARG E 13 45.14 -2.21 23.00
CA ARG E 13 45.96 -2.95 23.97
C ARG E 13 47.01 -2.04 24.62
N GLY E 14 48.03 -1.65 23.86
CA GLY E 14 49.17 -0.87 24.37
C GLY E 14 49.65 -1.39 25.72
N ARG E 15 49.92 -0.45 26.63
CA ARG E 15 50.39 -0.77 27.99
C ARG E 15 49.25 -1.04 28.99
N MET E 16 48.03 -0.72 28.60
CA MET E 16 46.86 -0.90 29.47
C MET E 16 46.37 -2.36 29.58
N GLU E 17 46.59 -3.16 28.55
CA GLU E 17 46.01 -4.51 28.48
C GLU E 17 46.19 -5.38 29.72
N PRO E 18 47.43 -5.47 30.28
CA PRO E 18 47.64 -6.27 31.51
C PRO E 18 46.75 -5.88 32.70
N ILE E 19 46.36 -4.60 32.78
CA ILE E 19 45.54 -4.06 33.86
C ILE E 19 44.08 -4.54 33.70
N ARG E 20 43.57 -4.46 32.47
CA ARG E 20 42.28 -5.06 32.12
C ARG E 20 42.23 -6.56 32.49
N TRP E 21 43.27 -7.31 32.09
CA TRP E 21 43.38 -8.72 32.44
C TRP E 21 43.34 -8.96 33.94
N LEU E 22 44.10 -8.19 34.70
CA LEU E 22 44.21 -8.43 36.14
C LEU E 22 42.91 -8.06 36.88
N LEU E 23 42.36 -6.88 36.60
CA LEU E 23 41.06 -6.51 37.15
C LEU E 23 39.97 -7.56 36.83
N ALA E 24 39.94 -8.02 35.58
CA ALA E 24 38.99 -9.05 35.15
C ALA E 24 39.16 -10.38 35.89
N ALA E 25 40.39 -10.86 35.95
CA ALA E 25 40.73 -12.12 36.61
C ALA E 25 40.45 -12.05 38.11
N ALA E 26 40.56 -10.86 38.69
CA ALA E 26 40.24 -10.65 40.11
C ALA E 26 38.72 -10.47 40.34
N GLY E 27 37.95 -10.44 39.25
CA GLY E 27 36.49 -10.32 39.30
C GLY E 27 35.97 -8.90 39.48
N VAL E 28 36.77 -7.91 39.07
CA VAL E 28 36.46 -6.50 39.32
C VAL E 28 35.82 -5.84 38.09
N GLU E 29 34.62 -5.29 38.25
CA GLU E 29 34.02 -4.43 37.21
C GLU E 29 34.74 -3.11 37.10
N PHE E 30 35.01 -2.67 35.88
CA PHE E 30 35.71 -1.39 35.67
C PHE E 30 35.18 -0.61 34.48
N GLU E 31 35.36 0.70 34.50
CA GLU E 31 35.04 1.55 33.37
C GLU E 31 36.28 1.88 32.54
N GLU E 32 36.05 2.22 31.27
CA GLU E 32 37.10 2.75 30.41
C GLU E 32 36.62 4.03 29.74
N LYS E 33 37.40 5.10 29.90
CA LYS E 33 37.19 6.31 29.13
C LYS E 33 38.27 6.40 28.06
N PHE E 34 37.86 6.13 26.82
CA PHE E 34 38.81 6.00 25.71
C PHE E 34 39.30 7.35 25.20
N ILE E 35 40.62 7.47 25.09
CA ILE E 35 41.29 8.63 24.52
C ILE E 35 41.25 8.48 23.00
N GLY E 36 40.53 9.38 22.33
CA GLY E 36 40.29 9.29 20.90
C GLY E 36 41.16 10.19 20.04
N SER E 37 41.52 11.35 20.59
CA SER E 37 42.33 12.34 19.89
C SER E 37 43.37 12.97 20.81
N ALA E 38 44.27 13.77 20.22
CA ALA E 38 45.29 14.51 20.99
C ALA E 38 44.68 15.55 21.95
N GLU E 39 43.44 15.96 21.68
CA GLU E 39 42.71 16.91 22.53
C GLU E 39 42.19 16.24 23.81
N ASP E 40 41.79 14.97 23.69
CA ASP E 40 41.44 14.16 24.85
C ASP E 40 42.63 13.99 25.80
N LEU E 41 43.82 13.77 25.23
CA LEU E 41 45.05 13.61 26.00
C LEU E 41 45.53 14.93 26.61
N GLY E 42 45.35 16.02 25.85
CA GLY E 42 45.66 17.37 26.33
C GLY E 42 44.79 17.77 27.52
N LYS E 43 43.51 17.39 27.49
CA LYS E 43 42.60 17.68 28.59
C LYS E 43 43.07 16.99 29.86
N LEU E 44 43.46 15.72 29.75
CA LEU E 44 44.00 14.98 30.89
C LEU E 44 45.29 15.59 31.44
N ARG E 45 46.17 16.03 30.53
CA ARG E 45 47.44 16.68 30.93
C ARG E 45 47.21 17.97 31.71
N ASN E 46 46.25 18.77 31.25
CA ASN E 46 45.97 20.10 31.80
C ASN E 46 45.11 20.11 33.08
N ASP E 47 44.48 18.97 33.39
CA ASP E 47 43.71 18.81 34.62
C ASP E 47 44.58 18.41 35.82
N GLY E 48 45.83 18.05 35.55
CA GLY E 48 46.75 17.61 36.59
C GLY E 48 46.50 16.16 36.96
N SER E 49 45.89 15.44 36.04
CA SER E 49 45.44 14.07 36.27
C SER E 49 46.53 13.04 35.96
N LEU E 50 47.64 13.50 35.37
CA LEU E 50 48.73 12.61 34.95
C LEU E 50 50.05 13.12 35.51
N MET E 51 50.58 12.44 36.52
CA MET E 51 51.82 12.88 37.18
C MET E 51 52.96 13.20 36.22
N PHE E 52 53.14 12.34 35.22
CA PHE E 52 54.24 12.42 34.28
C PHE E 52 53.74 12.72 32.88
N GLN E 53 52.53 13.27 32.82
CA GLN E 53 51.88 13.72 31.58
C GLN E 53 51.51 12.57 30.65
N GLN E 54 51.50 11.35 31.20
CA GLN E 54 51.37 10.13 30.40
C GLN E 54 50.21 9.25 30.87
N VAL E 55 49.70 8.42 29.95
CA VAL E 55 48.85 7.28 30.29
C VAL E 55 49.67 6.00 30.04
N PRO E 56 49.25 4.84 30.59
CA PRO E 56 48.05 4.51 31.38
C PRO E 56 47.85 5.37 32.62
N MET E 57 46.60 5.72 32.87
CA MET E 57 46.19 6.27 34.15
C MET E 57 44.93 5.54 34.56
N VAL E 58 44.82 5.28 35.86
CA VAL E 58 43.70 4.54 36.42
C VAL E 58 43.21 5.26 37.68
N GLU E 59 41.96 5.73 37.63
CA GLU E 59 41.31 6.26 38.82
C GLU E 59 40.76 5.10 39.66
N ILE E 60 41.35 4.90 40.83
CA ILE E 60 40.97 3.81 41.72
C ILE E 60 41.18 4.26 43.16
N ASP E 61 40.15 4.06 43.99
CA ASP E 61 40.22 4.35 45.43
C ASP E 61 40.85 5.71 45.75
N GLY E 62 40.35 6.77 45.12
CA GLY E 62 40.80 8.14 45.40
C GLY E 62 42.10 8.55 44.74
N MET E 63 42.76 7.60 44.08
CA MET E 63 44.03 7.88 43.43
C MET E 63 43.87 8.04 41.93
N LYS E 64 44.66 8.94 41.36
CA LYS E 64 44.87 8.97 39.93
C LYS E 64 46.25 8.35 39.73
N LEU E 65 46.25 7.03 39.64
CA LEU E 65 47.51 6.27 39.57
C LEU E 65 48.04 6.16 38.15
N VAL E 66 49.34 6.44 38.02
CA VAL E 66 50.01 6.47 36.75
C VAL E 66 51.17 5.47 36.83
N GLN E 67 51.68 5.05 35.67
CA GLN E 67 52.75 4.02 35.60
C GLN E 67 52.20 2.60 35.77
N THR E 68 52.20 1.84 34.68
CA THR E 68 51.70 0.47 34.61
C THR E 68 52.06 -0.40 35.83
N ARG E 69 53.34 -0.44 36.19
CA ARG E 69 53.77 -1.30 37.28
C ARG E 69 53.20 -0.85 38.62
N ALA E 70 53.05 0.45 38.82
CA ALA E 70 52.43 1.00 40.03
C ALA E 70 50.99 0.50 40.16
N ILE E 71 50.29 0.52 39.03
CA ILE E 71 48.87 0.17 38.92
C ILE E 71 48.68 -1.32 39.15
N LEU E 72 49.53 -2.13 38.51
CA LEU E 72 49.43 -3.57 38.63
C LEU E 72 49.78 -4.07 40.02
N ASN E 73 50.82 -3.48 40.62
CA ASN E 73 51.23 -3.76 41.99
C ASN E 73 50.11 -3.48 42.99
N TYR E 74 49.50 -2.30 42.88
CA TYR E 74 48.36 -1.91 43.74
C TYR E 74 47.20 -2.91 43.66
N ILE E 75 46.78 -3.23 42.44
CA ILE E 75 45.66 -4.14 42.20
C ILE E 75 45.93 -5.56 42.70
N ALA E 76 47.15 -6.04 42.49
CA ALA E 76 47.52 -7.38 42.95
C ALA E 76 47.54 -7.51 44.47
N SER E 77 48.11 -6.52 45.15
CA SER E 77 48.09 -6.48 46.61
C SER E 77 46.65 -6.45 47.15
N LYS E 78 45.83 -5.55 46.61
CA LYS E 78 44.44 -5.39 47.06
C LYS E 78 43.65 -6.70 46.99
N TYR E 79 43.84 -7.46 45.91
CA TYR E 79 43.05 -8.65 45.62
C TYR E 79 43.78 -9.96 45.94
N ASN E 80 44.86 -9.85 46.72
CA ASN E 80 45.59 -11.01 47.18
C ASN E 80 46.10 -11.90 46.04
N LEU E 81 46.60 -11.24 45.00
CA LEU E 81 47.22 -11.92 43.86
C LEU E 81 48.73 -11.67 43.84
N TYR E 82 49.27 -11.30 45.00
CA TYR E 82 50.67 -10.91 45.10
C TYR E 82 51.37 -11.75 46.17
N GLY E 83 51.01 -13.03 46.29
CA GLY E 83 51.67 -13.95 47.25
C GLY E 83 51.36 -13.69 48.72
N LYS E 84 51.91 -14.51 49.63
CA LYS E 84 51.58 -14.45 51.06
C LYS E 84 52.63 -13.76 51.94
N ASP E 85 53.84 -13.66 51.39
CA ASP E 85 54.94 -13.00 52.09
C ASP E 85 55.90 -12.28 51.12
N ILE E 86 56.98 -11.76 51.70
CA ILE E 86 58.08 -11.08 50.99
C ILE E 86 58.79 -11.94 49.93
N LYS E 87 59.04 -13.22 50.25
CA LYS E 87 59.77 -14.11 49.35
C LYS E 87 58.92 -14.57 48.18
N GLU E 88 57.61 -14.72 48.40
CA GLU E 88 56.68 -15.06 47.31
C GLU E 88 56.56 -13.89 46.34
N ARG E 89 56.52 -12.67 46.90
CA ARG E 89 56.49 -11.46 46.10
C ARG E 89 57.72 -11.34 45.23
N ALA E 90 58.87 -11.74 45.77
CA ALA E 90 60.12 -11.74 45.03
C ALA E 90 60.09 -12.69 43.82
N LEU E 91 59.50 -13.88 44.00
CA LEU E 91 59.29 -14.81 42.89
C LEU E 91 58.33 -14.23 41.85
N ILE E 92 57.19 -13.72 42.32
CA ILE E 92 56.18 -13.11 41.45
C ILE E 92 56.72 -11.89 40.71
N ASP E 93 57.46 -11.02 41.40
CA ASP E 93 58.14 -9.89 40.75
C ASP E 93 59.12 -10.38 39.70
N MET E 94 59.98 -11.34 40.08
CA MET E 94 60.98 -11.83 39.17
C MET E 94 60.34 -12.44 37.92
N TYR E 95 59.39 -13.38 38.12
CA TYR E 95 58.64 -13.99 37.01
C TYR E 95 57.98 -12.96 36.09
N THR E 96 57.24 -12.02 36.66
CA THR E 96 56.47 -11.07 35.87
C THR E 96 57.36 -10.09 35.10
N GLU E 97 58.56 -9.83 35.64
CA GLU E 97 59.48 -8.92 34.98
C GLU E 97 60.06 -9.59 33.76
N GLY E 98 60.32 -10.90 33.87
CA GLY E 98 60.74 -11.66 32.70
C GLY E 98 59.64 -11.64 31.64
N MET E 99 58.40 -11.87 32.06
CA MET E 99 57.26 -11.79 31.11
C MET E 99 57.14 -10.42 30.46
N ALA E 100 57.41 -9.38 31.24
CA ALA E 100 57.33 -8.00 30.75
C ALA E 100 58.37 -7.74 29.68
N ASP E 101 59.55 -8.35 29.80
CA ASP E 101 60.63 -8.18 28.80
C ASP E 101 60.27 -8.82 27.45
N LEU E 102 59.67 -10.01 27.48
CA LEU E 102 59.14 -10.63 26.25
C LEU E 102 57.92 -9.85 25.71
N ASN E 103 57.03 -9.42 26.61
CA ASN E 103 55.89 -8.58 26.24
C ASN E 103 56.32 -7.29 25.53
N GLU E 104 57.36 -6.64 26.04
CA GLU E 104 57.86 -5.39 25.48
C GLU E 104 58.35 -5.59 24.03
N MET E 105 59.00 -6.72 23.78
CA MET E 105 59.52 -7.04 22.45
C MET E 105 58.40 -7.15 21.42
N ILE E 106 57.30 -7.79 21.81
CA ILE E 106 56.13 -7.97 20.94
C ILE E 106 55.37 -6.65 20.79
N LEU E 107 55.11 -6.00 21.93
CA LEU E 107 54.40 -4.73 21.94
C LEU E 107 54.99 -3.70 20.96
N LEU E 108 56.32 -3.58 20.96
CA LEU E 108 57.02 -2.57 20.15
C LEU E 108 57.42 -3.05 18.75
N LEU E 109 56.88 -4.19 18.33
CA LEU E 109 57.17 -4.77 17.01
C LEU E 109 56.63 -3.98 15.81
N PRO E 110 55.39 -3.44 15.90
CA PRO E 110 54.87 -2.50 14.90
C PRO E 110 55.73 -1.25 14.68
N LEU E 111 56.59 -0.94 15.64
CA LEU E 111 57.48 0.22 15.55
C LEU E 111 58.78 -0.08 14.79
N CYS E 112 59.01 -1.35 14.46
CA CYS E 112 60.20 -1.74 13.73
C CYS E 112 60.09 -1.40 12.24
N ARG E 113 61.17 -0.89 11.67
CA ARG E 113 61.30 -0.73 10.22
C ARG E 113 61.40 -2.12 9.60
N PRO E 114 60.71 -2.36 8.47
CA PRO E 114 60.69 -3.70 7.89
C PRO E 114 62.06 -4.29 7.56
N GLU E 115 63.10 -3.44 7.53
CA GLU E 115 64.50 -3.88 7.34
C GLU E 115 65.03 -4.59 8.59
N GLU E 116 64.55 -4.16 9.76
CA GLU E 116 64.96 -4.76 11.03
C GLU E 116 63.89 -5.66 11.66
N LYS E 117 62.68 -5.61 11.10
CA LYS E 117 61.53 -6.35 11.63
C LYS E 117 61.74 -7.87 11.62
N ASP E 118 62.18 -8.41 10.48
CA ASP E 118 62.43 -9.86 10.34
C ASP E 118 63.46 -10.39 11.33
N ALA E 119 64.48 -9.58 11.64
CA ALA E 119 65.47 -9.91 12.66
C ALA E 119 64.81 -9.94 14.04
N LYS E 120 63.95 -8.94 14.31
CA LYS E 120 63.25 -8.87 15.58
C LYS E 120 62.29 -10.03 15.80
N ILE E 121 61.48 -10.35 14.78
CA ILE E 121 60.54 -11.46 14.87
C ILE E 121 61.29 -12.76 15.14
N ALA E 122 62.40 -12.96 14.41
CA ALA E 122 63.28 -14.10 14.65
C ALA E 122 63.85 -14.13 16.07
N LEU E 123 64.24 -12.96 16.60
CA LEU E 123 64.81 -12.90 17.94
C LEU E 123 63.77 -13.29 19.00
N ILE E 124 62.57 -12.72 18.87
CA ILE E 124 61.46 -13.00 19.78
C ILE E 124 61.17 -14.50 19.79
N LYS E 125 60.94 -15.07 18.61
CA LYS E 125 60.69 -16.50 18.45
C LYS E 125 61.76 -17.37 19.13
N GLU E 126 63.02 -16.99 18.93
CA GLU E 126 64.17 -17.68 19.50
C GLU E 126 64.21 -17.54 21.03
N LYS E 127 63.97 -16.32 21.53
CA LYS E 127 64.01 -16.03 22.96
C LYS E 127 62.86 -16.71 23.68
N THR E 128 61.68 -16.68 23.06
CA THR E 128 60.52 -17.44 23.55
C THR E 128 60.88 -18.90 23.85
N LYS E 129 61.37 -19.64 22.85
CA LYS E 129 61.64 -21.07 23.03
C LYS E 129 62.92 -21.40 23.79
N SER E 130 63.90 -20.50 23.79
CA SER E 130 65.17 -20.81 24.46
C SER E 130 65.36 -20.12 25.80
N ARG E 131 64.65 -19.02 26.01
CA ARG E 131 64.81 -18.22 27.23
C ARG E 131 63.57 -18.24 28.13
N TYR E 132 62.44 -17.80 27.57
CA TYR E 132 61.29 -17.50 28.41
C TYR E 132 60.39 -18.69 28.71
N PHE E 133 60.00 -19.45 27.69
CA PHE E 133 59.18 -20.64 27.91
C PHE E 133 59.89 -21.70 28.75
N PRO E 134 61.20 -21.96 28.48
CA PRO E 134 61.87 -22.89 29.37
C PRO E 134 61.91 -22.46 30.84
N ALA E 135 62.07 -21.17 31.11
CA ALA E 135 62.15 -20.68 32.48
C ALA E 135 60.86 -21.01 33.25
N PHE E 136 59.72 -20.76 32.61
CA PHE E 136 58.41 -20.99 33.27
C PHE E 136 57.98 -22.47 33.27
N GLU E 137 58.28 -23.20 32.20
CA GLU E 137 58.12 -24.66 32.21
C GLU E 137 58.84 -25.25 33.42
N LYS E 138 60.07 -24.79 33.64
CA LYS E 138 60.92 -25.29 34.72
C LYS E 138 60.40 -25.03 36.13
N VAL E 139 59.77 -23.87 36.37
CA VAL E 139 59.17 -23.66 37.70
C VAL E 139 57.98 -24.59 37.95
N LEU E 140 57.11 -24.76 36.95
CA LEU E 140 55.96 -25.66 37.07
C LEU E 140 56.42 -27.11 37.31
N GLN E 141 57.45 -27.53 36.58
CA GLN E 141 58.08 -28.85 36.75
C GLN E 141 58.68 -29.05 38.15
N SER E 142 59.38 -28.05 38.68
CA SER E 142 60.05 -28.24 39.97
C SER E 142 59.12 -28.38 41.21
N HIS E 143 57.99 -27.67 41.22
CA HIS E 143 57.06 -27.79 42.35
C HIS E 143 55.86 -28.73 42.11
N GLY E 144 55.57 -29.06 40.85
CA GLY E 144 54.50 -29.97 40.49
C GLY E 144 53.09 -29.44 40.71
N GLN E 145 52.97 -28.14 40.99
CA GLN E 145 51.69 -27.52 41.33
C GLN E 145 51.04 -26.80 40.14
N ASP E 146 49.77 -26.40 40.31
CA ASP E 146 48.99 -25.86 39.20
C ASP E 146 49.16 -24.36 39.03
N TYR E 147 49.85 -23.74 39.97
CA TYR E 147 50.06 -22.31 39.98
C TYR E 147 51.55 -22.02 40.00
N LEU E 148 51.97 -20.87 39.46
CA LEU E 148 53.40 -20.54 39.42
C LEU E 148 53.99 -20.36 40.82
N VAL E 149 53.29 -19.64 41.69
CA VAL E 149 53.83 -19.29 43.01
C VAL E 149 52.82 -19.54 44.13
N GLY E 150 53.31 -20.13 45.23
CA GLY E 150 52.56 -20.22 46.47
C GLY E 150 51.35 -21.12 46.41
N ASN E 151 51.30 -22.01 45.42
CA ASN E 151 50.16 -22.90 45.18
C ASN E 151 48.78 -22.22 45.22
N LYS E 152 48.71 -20.96 44.81
CA LYS E 152 47.45 -20.27 44.54
C LYS E 152 47.62 -19.23 43.45
N LEU E 153 46.49 -18.84 42.88
CA LEU E 153 46.46 -17.87 41.81
C LEU E 153 47.21 -16.60 42.21
N SER E 154 48.03 -16.10 41.30
CA SER E 154 48.63 -14.78 41.47
C SER E 154 48.67 -14.07 40.14
N ARG E 155 49.10 -12.82 40.20
CA ARG E 155 49.28 -12.06 38.99
C ARG E 155 50.29 -12.69 38.03
N ALA E 156 51.23 -13.48 38.55
CA ALA E 156 52.18 -14.22 37.72
C ALA E 156 51.48 -15.16 36.73
N ASP E 157 50.54 -15.97 37.23
CA ASP E 157 49.76 -16.88 36.38
C ASP E 157 48.96 -16.12 35.33
N ILE E 158 48.37 -15.01 35.74
CA ILE E 158 47.52 -14.19 34.88
C ILE E 158 48.37 -13.49 33.82
N SER E 159 49.52 -12.96 34.23
CA SER E 159 50.45 -12.31 33.30
C SER E 159 51.02 -13.31 32.31
N LEU E 160 51.26 -14.55 32.75
CA LEU E 160 51.82 -15.57 31.86
C LEU E 160 50.81 -16.02 30.81
N VAL E 161 49.57 -16.25 31.23
CA VAL E 161 48.56 -16.73 30.29
C VAL E 161 48.24 -15.66 29.24
N GLU E 162 48.13 -14.40 29.66
CA GLU E 162 48.05 -13.29 28.70
C GLU E 162 49.19 -13.37 27.67
N LEU E 163 50.43 -13.49 28.17
CA LEU E 163 51.58 -13.68 27.30
C LEU E 163 51.42 -14.85 26.32
N LEU E 164 51.02 -16.01 26.83
CA LEU E 164 50.83 -17.21 25.99
C LEU E 164 49.89 -16.98 24.82
N TYR E 165 48.85 -16.16 25.02
CA TYR E 165 47.92 -15.81 23.95
C TYR E 165 48.56 -14.93 22.86
N TYR E 166 49.45 -14.02 23.28
CA TYR E 166 50.19 -13.14 22.36
C TYR E 166 51.26 -13.86 21.58
N VAL E 167 51.85 -14.85 22.21
CA VAL E 167 52.83 -15.67 21.55
C VAL E 167 52.09 -16.47 20.49
N GLU E 168 50.95 -17.05 20.87
CA GLU E 168 50.07 -17.80 19.97
C GLU E 168 49.68 -16.97 18.73
N GLU E 169 49.42 -15.69 18.94
CA GLU E 169 49.10 -14.78 17.83
C GLU E 169 50.26 -14.62 16.87
N LEU E 170 51.48 -14.61 17.42
CA LEU E 170 52.71 -14.47 16.63
C LEU E 170 53.00 -15.75 15.85
N ASP E 171 53.09 -16.86 16.59
CA ASP E 171 53.36 -18.18 16.02
C ASP E 171 52.78 -19.23 16.98
N SER E 172 51.82 -20.00 16.49
CA SER E 172 51.08 -20.96 17.31
C SER E 172 51.89 -22.21 17.68
N SER E 173 53.07 -22.37 17.06
CA SER E 173 53.92 -23.54 17.31
C SER E 173 54.92 -23.34 18.46
N LEU E 174 55.06 -22.11 18.92
CA LEU E 174 56.11 -21.75 19.89
C LEU E 174 55.95 -22.44 21.26
N ILE E 175 54.71 -22.74 21.62
CA ILE E 175 54.40 -23.45 22.86
C ILE E 175 54.49 -24.98 22.74
N SER E 176 54.47 -25.49 21.51
CA SER E 176 54.35 -26.94 21.23
C SER E 176 55.19 -27.85 22.12
N ASN E 177 56.40 -27.45 22.47
CA ASN E 177 57.28 -28.29 23.28
C ASN E 177 57.17 -28.06 24.79
N PHE E 178 56.13 -27.32 25.20
CA PHE E 178 55.97 -26.95 26.59
C PHE E 178 54.57 -27.30 27.09
N PRO E 179 54.37 -28.59 27.47
CA PRO E 179 53.05 -29.09 27.85
C PRO E 179 52.54 -28.60 29.19
N LEU E 180 53.43 -28.22 30.11
CA LEU E 180 53.00 -27.67 31.39
C LEU E 180 52.44 -26.25 31.19
N LEU E 181 53.09 -25.45 30.34
CA LEU E 181 52.56 -24.14 29.94
C LEU E 181 51.22 -24.27 29.22
N LYS E 182 51.10 -25.26 28.33
CA LYS E 182 49.83 -25.55 27.67
C LYS E 182 48.72 -25.86 28.68
N ALA E 183 49.04 -26.72 29.66
CA ALA E 183 48.09 -27.10 30.70
C ALA E 183 47.67 -25.89 31.56
N LEU E 184 48.63 -25.06 31.93
CA LEU E 184 48.36 -23.81 32.68
C LEU E 184 47.42 -22.89 31.90
N LYS E 185 47.70 -22.71 30.62
CA LYS E 185 46.85 -21.93 29.73
C LYS E 185 45.38 -22.41 29.75
N THR E 186 45.16 -23.72 29.61
CA THR E 186 43.79 -24.26 29.64
C THR E 186 43.17 -24.02 31.01
N ARG E 187 43.87 -24.45 32.05
CA ARG E 187 43.42 -24.34 33.44
C ARG E 187 43.01 -22.92 33.79
N ILE E 188 43.89 -21.94 33.53
CA ILE E 188 43.62 -20.54 33.85
C ILE E 188 42.50 -19.96 32.97
N SER E 189 42.53 -20.29 31.68
CA SER E 189 41.49 -19.86 30.74
C SER E 189 40.08 -20.32 31.12
N ASN E 190 40.02 -21.33 31.98
CA ASN E 190 38.76 -21.90 32.42
C ASN E 190 38.30 -21.47 33.83
N LEU E 191 39.07 -20.57 34.45
CA LEU E 191 38.61 -19.93 35.69
C LEU E 191 37.45 -19.02 35.31
N PRO E 192 36.31 -19.15 36.01
CA PRO E 192 35.09 -18.41 35.66
C PRO E 192 35.30 -16.94 35.28
N THR E 193 36.16 -16.23 36.01
CA THR E 193 36.41 -14.82 35.74
C THR E 193 37.27 -14.61 34.49
N VAL E 194 38.24 -15.50 34.27
CA VAL E 194 39.08 -15.41 33.08
C VAL E 194 38.30 -15.86 31.84
N LYS E 195 37.56 -16.96 31.96
CA LYS E 195 36.69 -17.43 30.86
C LYS E 195 35.75 -16.32 30.38
N LYS E 196 35.22 -15.55 31.33
CA LYS E 196 34.32 -14.44 31.03
C LYS E 196 35.05 -13.35 30.26
N PHE E 197 36.30 -13.09 30.64
CA PHE E 197 37.11 -12.07 29.99
C PHE E 197 37.53 -12.49 28.59
N LEU E 198 37.68 -13.79 28.37
CA LEU E 198 38.08 -14.30 27.07
C LEU E 198 36.93 -14.35 26.06
N GLN E 199 35.71 -14.26 26.56
CA GLN E 199 34.51 -14.32 25.70
C GLN E 199 34.37 -13.09 24.80
N PRO E 200 33.76 -13.26 23.61
CA PRO E 200 33.58 -12.14 22.68
C PRO E 200 32.91 -10.94 23.33
N GLY E 201 33.29 -9.73 22.94
CA GLY E 201 32.63 -8.52 23.45
C GLY E 201 33.06 -8.06 24.84
N SER E 202 33.95 -8.81 25.48
CA SER E 202 34.57 -8.40 26.74
C SER E 202 35.53 -7.22 26.50
N PRO E 203 35.97 -6.52 27.59
CA PRO E 203 36.94 -5.42 27.43
C PRO E 203 38.33 -5.85 26.92
N ARG E 204 38.53 -7.12 26.63
CA ARG E 204 39.80 -7.58 26.05
C ARG E 204 39.96 -6.96 24.67
N LYS E 205 41.16 -6.46 24.39
CA LYS E 205 41.42 -5.70 23.16
C LYS E 205 42.01 -6.54 22.03
N PRO E 206 41.80 -6.11 20.76
CA PRO E 206 42.37 -6.77 19.58
C PRO E 206 43.87 -6.56 19.42
N PRO E 207 44.53 -7.41 18.61
CA PRO E 207 45.92 -7.09 18.27
C PRO E 207 45.95 -5.74 17.56
N ALA E 208 47.05 -5.01 17.69
CA ALA E 208 47.21 -3.76 16.95
C ALA E 208 47.39 -4.06 15.47
N ASP E 209 46.71 -3.28 14.64
CA ASP E 209 46.86 -3.37 13.18
C ASP E 209 47.49 -2.09 12.63
N ALA E 210 47.56 -2.01 11.30
CA ALA E 210 48.13 -0.85 10.62
C ALA E 210 47.37 0.42 10.96
N LYS E 211 46.05 0.39 10.79
CA LYS E 211 45.18 1.53 11.10
C LYS E 211 45.28 2.01 12.55
N ALA E 212 45.49 1.07 13.47
CA ALA E 212 45.59 1.38 14.90
C ALA E 212 46.85 2.17 15.25
N LEU E 213 47.97 1.76 14.67
CA LEU E 213 49.26 2.42 14.88
C LEU E 213 49.19 3.87 14.41
N GLU E 214 48.71 4.06 13.18
CA GLU E 214 48.55 5.37 12.56
C GLU E 214 47.69 6.33 13.40
N GLU E 215 46.58 5.81 13.92
CA GLU E 215 45.66 6.59 14.75
C GLU E 215 46.24 6.92 16.12
N ALA E 216 47.12 6.05 16.62
CA ALA E 216 47.81 6.28 17.89
C ALA E 216 48.91 7.33 17.74
N ARG E 217 49.51 7.40 16.56
CA ARG E 217 50.53 8.42 16.26
C ARG E 217 49.96 9.84 16.36
N LYS E 218 48.75 10.03 15.84
CA LYS E 218 48.04 11.32 15.86
C LYS E 218 47.76 11.82 17.28
N ILE E 219 47.38 10.89 18.15
CA ILE E 219 47.12 11.20 19.56
C ILE E 219 48.41 11.56 20.33
N PHE E 220 49.43 10.70 20.24
CA PHE E 220 50.61 10.79 21.10
C PHE E 220 51.82 11.56 20.55
N ARG E 221 51.93 11.61 19.21
CA ARG E 221 53.02 12.32 18.52
C ARG E 221 54.36 11.56 18.56
N PHE E 222 54.34 10.29 18.16
CA PHE E 222 55.55 9.46 18.10
C PHE E 222 55.77 8.85 16.72
N LYS F 4 75.39 -12.19 54.04
CA LYS F 4 75.77 -11.08 53.10
C LYS F 4 75.22 -11.32 51.70
N PRO F 5 74.43 -10.35 51.18
CA PRO F 5 74.00 -10.35 49.79
C PRO F 5 75.20 -10.32 48.84
N LYS F 6 75.15 -11.13 47.78
CA LYS F 6 76.21 -11.16 46.78
C LYS F 6 75.67 -10.69 45.43
N LEU F 7 76.17 -9.54 44.99
CA LEU F 7 75.71 -8.92 43.75
C LEU F 7 76.55 -9.41 42.59
N HIS F 8 75.88 -9.90 41.56
CA HIS F 8 76.57 -10.41 40.38
C HIS F 8 76.38 -9.47 39.21
N TYR F 9 77.45 -8.78 38.85
CA TYR F 9 77.40 -7.83 37.74
C TYR F 9 78.81 -7.60 37.19
N PHE F 10 78.91 -6.79 36.15
CA PHE F 10 80.21 -6.33 35.69
C PHE F 10 80.66 -5.18 36.59
N ASN F 11 81.95 -4.84 36.56
CA ASN F 11 82.43 -3.75 37.39
C ASN F 11 82.11 -2.38 36.78
N GLY F 12 80.86 -1.96 37.01
CA GLY F 12 80.30 -0.75 36.43
C GLY F 12 78.86 -0.52 36.88
N ARG F 13 78.35 0.67 36.60
CA ARG F 13 77.00 1.06 36.99
C ARG F 13 75.96 0.16 36.38
N GLY F 14 75.71 0.33 35.08
CA GLY F 14 74.65 -0.35 34.37
C GLY F 14 73.34 -0.31 35.14
N ARG F 15 72.68 -1.46 35.21
CA ARG F 15 71.39 -1.61 35.91
C ARG F 15 71.51 -2.00 37.38
N MET F 16 72.72 -2.37 37.80
CA MET F 16 72.95 -2.80 39.18
C MET F 16 73.08 -1.64 40.14
N GLU F 17 73.36 -0.44 39.63
CA GLU F 17 73.74 0.67 40.50
C GLU F 17 72.68 1.07 41.55
N PRO F 18 71.39 1.18 41.15
CA PRO F 18 70.34 1.43 42.15
C PRO F 18 70.25 0.42 43.28
N ILE F 19 70.66 -0.82 43.01
CA ILE F 19 70.65 -1.88 44.04
C ILE F 19 71.78 -1.61 45.05
N ARG F 20 72.97 -1.28 44.53
CA ARG F 20 74.09 -0.79 45.34
C ARG F 20 73.67 0.39 46.26
N TRP F 21 73.10 1.43 45.67
CA TRP F 21 72.54 2.55 46.43
C TRP F 21 71.62 2.11 47.57
N LEU F 22 70.60 1.31 47.28
CA LEU F 22 69.57 0.97 48.25
C LEU F 22 70.13 0.22 49.46
N LEU F 23 70.97 -0.79 49.18
CA LEU F 23 71.65 -1.55 50.22
C LEU F 23 72.61 -0.71 51.04
N ALA F 24 73.31 0.22 50.40
CA ALA F 24 74.20 1.12 51.11
C ALA F 24 73.41 2.05 52.02
N ALA F 25 72.33 2.63 51.49
CA ALA F 25 71.50 3.55 52.26
C ALA F 25 70.81 2.86 53.44
N ALA F 26 70.53 1.58 53.27
CA ALA F 26 69.93 0.73 54.30
C ALA F 26 70.92 0.21 55.33
N GLY F 27 72.21 0.46 55.12
CA GLY F 27 73.27 0.02 56.04
C GLY F 27 73.68 -1.43 55.89
N VAL F 28 73.37 -2.00 54.74
CA VAL F 28 73.58 -3.42 54.48
C VAL F 28 74.92 -3.69 53.79
N GLU F 29 75.75 -4.48 54.45
CA GLU F 29 77.04 -4.87 53.92
C GLU F 29 76.82 -5.89 52.83
N PHE F 30 77.48 -5.69 51.69
CA PHE F 30 77.36 -6.64 50.60
C PHE F 30 78.69 -6.94 49.95
N GLU F 31 78.73 -8.06 49.25
CA GLU F 31 79.85 -8.47 48.44
C GLU F 31 79.46 -8.37 46.99
N GLU F 32 80.45 -8.19 46.13
CA GLU F 32 80.22 -8.23 44.70
C GLU F 32 81.14 -9.25 44.06
N LYS F 33 80.61 -9.96 43.07
CA LYS F 33 81.42 -10.82 42.24
C LYS F 33 81.34 -10.30 40.82
N PHE F 34 82.46 -9.76 40.33
CA PHE F 34 82.49 -9.09 39.03
C PHE F 34 82.66 -10.01 37.83
N ILE F 35 81.71 -9.90 36.89
CA ILE F 35 81.78 -10.59 35.61
C ILE F 35 82.77 -9.84 34.71
N GLY F 36 83.87 -10.52 34.39
CA GLY F 36 84.97 -9.90 33.63
C GLY F 36 85.05 -10.29 32.16
N SER F 37 84.31 -11.33 31.77
CA SER F 37 84.41 -11.90 30.42
C SER F 37 83.14 -12.63 30.04
N ALA F 38 83.02 -12.99 28.76
CA ALA F 38 81.90 -13.80 28.29
C ALA F 38 81.83 -15.12 29.07
N GLU F 39 83.01 -15.68 29.33
CA GLU F 39 83.16 -16.96 30.04
C GLU F 39 82.62 -16.93 31.47
N ASP F 40 82.83 -15.80 32.16
CA ASP F 40 82.26 -15.57 33.49
C ASP F 40 80.72 -15.63 33.45
N LEU F 41 80.15 -14.91 32.49
CA LEU F 41 78.71 -14.90 32.30
C LEU F 41 78.19 -16.27 31.87
N GLY F 42 78.99 -16.97 31.07
CA GLY F 42 78.64 -18.30 30.59
C GLY F 42 78.54 -19.33 31.70
N LYS F 43 79.39 -19.18 32.72
CA LYS F 43 79.36 -20.06 33.89
C LYS F 43 78.08 -19.88 34.70
N LEU F 44 77.75 -18.63 35.03
CA LEU F 44 76.51 -18.32 35.74
C LEU F 44 75.27 -18.88 35.00
N ARG F 45 75.28 -18.79 33.68
CA ARG F 45 74.21 -19.36 32.84
C ARG F 45 74.16 -20.87 32.98
N ASN F 46 75.32 -21.51 32.88
CA ASN F 46 75.45 -22.97 32.93
C ASN F 46 75.28 -23.59 34.32
N ASP F 47 75.39 -22.76 35.36
CA ASP F 47 75.19 -23.16 36.76
C ASP F 47 73.72 -23.11 37.19
N GLY F 48 72.85 -22.67 36.28
CA GLY F 48 71.45 -22.43 36.62
C GLY F 48 71.22 -21.24 37.54
N SER F 49 72.22 -20.37 37.64
CA SER F 49 72.15 -19.22 38.55
C SER F 49 71.27 -18.08 38.03
N LEU F 50 71.00 -18.06 36.72
CA LEU F 50 70.27 -16.96 36.11
C LEU F 50 68.96 -17.38 35.44
N MET F 51 67.83 -17.04 36.05
CA MET F 51 66.53 -17.53 35.55
C MET F 51 66.28 -17.24 34.07
N PHE F 52 66.55 -16.00 33.66
CA PHE F 52 66.42 -15.62 32.26
C PHE F 52 67.80 -15.37 31.65
N GLN F 53 68.81 -16.11 32.12
CA GLN F 53 70.20 -16.06 31.64
C GLN F 53 70.84 -14.65 31.58
N GLN F 54 70.30 -13.73 32.39
CA GLN F 54 70.77 -12.34 32.44
C GLN F 54 71.16 -11.94 33.85
N VAL F 55 71.89 -10.84 33.95
CA VAL F 55 72.16 -10.14 35.22
C VAL F 55 71.53 -8.74 35.09
N PRO F 56 71.37 -7.98 36.19
CA PRO F 56 71.75 -8.18 37.58
C PRO F 56 71.26 -9.49 38.19
N MET F 57 72.08 -10.07 39.06
CA MET F 57 71.64 -11.16 39.92
C MET F 57 72.15 -10.88 41.31
N VAL F 58 71.31 -11.12 42.30
CA VAL F 58 71.68 -10.95 43.69
C VAL F 58 71.35 -12.22 44.46
N GLU F 59 72.38 -12.86 45.00
CA GLU F 59 72.18 -13.95 45.96
C GLU F 59 71.85 -13.35 47.32
N ILE F 60 70.62 -13.58 47.76
CA ILE F 60 70.14 -13.08 49.04
C ILE F 60 69.10 -14.03 49.62
N ASP F 61 69.24 -14.34 50.91
CA ASP F 61 68.27 -15.14 51.66
C ASP F 61 67.87 -16.44 50.96
N GLY F 62 68.86 -17.15 50.44
CA GLY F 62 68.65 -18.44 49.77
C GLY F 62 68.14 -18.37 48.35
N MET F 63 67.87 -17.14 47.88
CA MET F 63 67.36 -16.90 46.54
C MET F 63 68.46 -16.41 45.60
N LYS F 64 68.42 -16.90 44.36
CA LYS F 64 69.21 -16.31 43.28
C LYS F 64 68.31 -15.40 42.46
N LEU F 65 68.14 -14.19 42.98
CA LEU F 65 67.15 -13.23 42.48
C LEU F 65 67.67 -12.41 41.30
N VAL F 66 66.82 -12.34 40.29
CA VAL F 66 67.14 -11.78 38.99
C VAL F 66 66.04 -10.75 38.70
N GLN F 67 66.28 -9.84 37.75
CA GLN F 67 65.39 -8.72 37.42
C GLN F 67 65.47 -7.58 38.44
N THR F 68 65.99 -6.44 37.98
CA THR F 68 66.29 -5.27 38.80
C THR F 68 65.11 -4.88 39.70
N ARG F 69 63.92 -4.84 39.12
CA ARG F 69 62.75 -4.39 39.90
C ARG F 69 62.40 -5.34 41.05
N ALA F 70 62.58 -6.64 40.82
CA ALA F 70 62.32 -7.66 41.82
C ALA F 70 63.29 -7.55 42.98
N ILE F 71 64.55 -7.32 42.65
CA ILE F 71 65.63 -7.21 43.65
C ILE F 71 65.43 -5.97 44.52
N LEU F 72 65.22 -4.83 43.87
CA LEU F 72 64.91 -3.58 44.56
C LEU F 72 63.67 -3.68 45.48
N ASN F 73 62.56 -4.22 44.96
CA ASN F 73 61.34 -4.37 45.77
C ASN F 73 61.60 -5.17 47.03
N TYR F 74 62.30 -6.29 46.89
CA TYR F 74 62.56 -7.17 48.02
C TYR F 74 63.38 -6.48 49.12
N ILE F 75 64.45 -5.82 48.69
CA ILE F 75 65.36 -5.13 49.59
C ILE F 75 64.60 -4.02 50.30
N ALA F 76 63.78 -3.28 49.54
CA ALA F 76 63.01 -2.19 50.09
C ALA F 76 62.08 -2.73 51.19
N SER F 77 61.45 -3.88 50.92
CA SER F 77 60.54 -4.52 51.87
C SER F 77 61.28 -5.10 53.07
N LYS F 78 62.38 -5.82 52.82
CA LYS F 78 63.18 -6.40 53.90
C LYS F 78 63.73 -5.35 54.88
N TYR F 79 64.09 -4.18 54.37
CA TYR F 79 64.78 -3.17 55.15
C TYR F 79 63.95 -1.91 55.44
N ASN F 80 62.62 -2.07 55.39
CA ASN F 80 61.69 -1.02 55.80
C ASN F 80 61.75 0.27 55.01
N LEU F 81 62.01 0.18 53.71
CA LEU F 81 62.09 1.35 52.84
C LEU F 81 61.01 1.33 51.76
N TYR F 82 59.84 0.77 52.10
CA TYR F 82 58.73 0.63 51.17
C TYR F 82 57.39 1.15 51.72
N GLY F 83 57.44 2.16 52.57
CA GLY F 83 56.23 2.75 53.14
C GLY F 83 55.55 1.86 54.16
N LYS F 84 54.37 2.28 54.64
CA LYS F 84 53.70 1.56 55.73
C LYS F 84 52.51 0.70 55.31
N ASP F 85 52.06 0.91 54.07
CA ASP F 85 50.83 0.29 53.57
C ASP F 85 50.73 0.33 52.06
N ILE F 86 49.61 -0.17 51.54
CA ILE F 86 49.39 -0.36 50.09
C ILE F 86 49.35 0.96 49.32
N LYS F 87 48.72 2.00 49.88
CA LYS F 87 48.62 3.29 49.21
C LYS F 87 49.97 4.00 49.16
N GLU F 88 50.73 3.93 50.25
CA GLU F 88 52.10 4.44 50.23
C GLU F 88 52.98 3.68 49.23
N ARG F 89 52.82 2.36 49.13
CA ARG F 89 53.52 1.60 48.08
C ARG F 89 53.10 2.05 46.68
N ALA F 90 51.83 2.36 46.49
CA ALA F 90 51.32 2.91 45.21
C ALA F 90 52.00 4.23 44.84
N LEU F 91 52.22 5.09 45.84
CA LEU F 91 52.90 6.37 45.67
C LEU F 91 54.38 6.17 45.36
N ILE F 92 55.05 5.33 46.15
CA ILE F 92 56.46 4.96 45.93
C ILE F 92 56.72 4.30 44.55
N ASP F 93 55.84 3.37 44.17
CA ASP F 93 55.94 2.67 42.88
C ASP F 93 55.81 3.65 41.72
N MET F 94 54.80 4.51 41.80
CA MET F 94 54.54 5.51 40.76
C MET F 94 55.70 6.51 40.64
N TYR F 95 56.19 6.96 41.78
CA TYR F 95 57.33 7.88 41.82
C TYR F 95 58.58 7.27 41.22
N THR F 96 58.93 6.07 41.69
CA THR F 96 60.15 5.39 41.27
C THR F 96 60.13 4.92 39.83
N GLU F 97 58.95 4.56 39.34
CA GLU F 97 58.78 4.21 37.92
C GLU F 97 58.98 5.40 36.99
N GLY F 98 58.52 6.58 37.40
CA GLY F 98 58.87 7.82 36.69
C GLY F 98 60.38 8.08 36.67
N MET F 99 61.02 7.94 37.83
CA MET F 99 62.48 8.06 37.92
C MET F 99 63.22 7.07 37.03
N ALA F 100 62.72 5.83 36.97
CA ALA F 100 63.36 4.78 36.18
C ALA F 100 63.28 5.11 34.69
N ASP F 101 62.18 5.75 34.28
CA ASP F 101 62.03 6.25 32.91
C ASP F 101 63.07 7.34 32.56
N LEU F 102 63.33 8.27 33.47
CA LEU F 102 64.41 9.25 33.19
C LEU F 102 65.77 8.53 33.20
N ASN F 103 65.95 7.67 34.20
CA ASN F 103 67.15 6.87 34.33
C ASN F 103 67.51 6.07 33.09
N GLU F 104 66.51 5.45 32.47
CA GLU F 104 66.73 4.60 31.30
C GLU F 104 67.25 5.43 30.12
N MET F 105 66.67 6.62 29.91
CA MET F 105 67.12 7.55 28.86
C MET F 105 68.61 7.88 29.01
N ILE F 106 69.00 8.27 30.23
CA ILE F 106 70.39 8.57 30.54
C ILE F 106 71.26 7.31 30.43
N LEU F 107 70.75 6.20 30.97
CA LEU F 107 71.43 4.90 30.95
C LEU F 107 71.90 4.49 29.55
N LEU F 108 71.01 4.66 28.57
CA LEU F 108 71.28 4.14 27.24
C LEU F 108 71.88 5.17 26.27
N LEU F 109 72.16 6.37 26.79
CA LEU F 109 72.81 7.44 26.01
C LEU F 109 74.09 7.03 25.26
N PRO F 110 74.99 6.22 25.89
CA PRO F 110 76.17 5.71 25.18
C PRO F 110 75.94 4.82 23.95
N LEU F 111 74.71 4.33 23.77
CA LEU F 111 74.35 3.48 22.62
C LEU F 111 73.87 4.28 21.41
N CYS F 112 73.65 5.58 21.63
CA CYS F 112 73.32 6.52 20.56
C CYS F 112 74.48 6.61 19.57
N ARG F 113 74.14 6.52 18.28
CA ARG F 113 75.06 6.92 17.21
C ARG F 113 75.41 8.39 17.38
N PRO F 114 76.62 8.81 16.95
CA PRO F 114 77.06 10.20 17.16
C PRO F 114 76.06 11.25 16.68
N GLU F 115 75.41 11.01 15.55
CA GLU F 115 74.53 12.04 14.98
C GLU F 115 73.08 11.99 15.45
N GLU F 116 72.79 11.08 16.39
CA GLU F 116 71.51 11.05 17.08
C GLU F 116 71.64 11.47 18.56
N LYS F 117 72.88 11.55 19.02
CA LYS F 117 73.19 11.80 20.42
C LYS F 117 72.78 13.20 20.89
N ASP F 118 72.99 14.21 20.04
CA ASP F 118 72.68 15.59 20.42
C ASP F 118 71.19 15.79 20.70
N ALA F 119 70.35 15.29 19.80
CA ALA F 119 68.89 15.35 19.95
C ALA F 119 68.43 14.63 21.23
N LYS F 120 68.99 13.45 21.50
CA LYS F 120 68.69 12.71 22.73
C LYS F 120 69.08 13.46 24.00
N ILE F 121 70.25 14.10 23.99
CA ILE F 121 70.69 14.94 25.13
C ILE F 121 69.70 16.09 25.36
N ALA F 122 69.34 16.79 24.27
CA ALA F 122 68.37 17.88 24.33
C ALA F 122 67.01 17.37 24.82
N LEU F 123 66.64 16.18 24.37
CA LEU F 123 65.40 15.55 24.83
C LEU F 123 65.43 15.29 26.34
N ILE F 124 66.49 14.63 26.80
CA ILE F 124 66.74 14.38 28.25
C ILE F 124 66.68 15.68 29.06
N LYS F 125 67.35 16.71 28.55
CA LYS F 125 67.35 18.01 29.21
C LYS F 125 65.95 18.61 29.27
N GLU F 126 65.22 18.50 28.17
CA GLU F 126 63.87 19.06 28.10
C GLU F 126 62.92 18.36 29.07
N LYS F 127 62.91 17.03 29.01
CA LYS F 127 62.06 16.20 29.86
C LYS F 127 62.42 16.31 31.35
N THR F 128 63.71 16.44 31.66
CA THR F 128 64.11 16.72 33.05
C THR F 128 63.43 17.98 33.60
N LYS F 129 63.43 19.08 32.84
CA LYS F 129 62.91 20.35 33.33
C LYS F 129 61.40 20.53 33.22
N SER F 130 60.78 19.86 32.26
CA SER F 130 59.35 20.04 31.98
C SER F 130 58.49 18.93 32.58
N ARG F 131 59.07 17.74 32.70
CA ARG F 131 58.29 16.57 33.06
C ARG F 131 58.63 16.07 34.47
N TYR F 132 59.88 15.71 34.68
CA TYR F 132 60.26 14.95 35.86
C TYR F 132 60.57 15.77 37.10
N PHE F 133 61.33 16.85 36.95
CA PHE F 133 61.67 17.69 38.09
C PHE F 133 60.46 18.51 38.61
N PRO F 134 59.62 19.05 37.70
CA PRO F 134 58.42 19.70 38.27
C PRO F 134 57.55 18.73 39.07
N ALA F 135 57.45 17.47 38.61
CA ALA F 135 56.61 16.47 39.25
C ALA F 135 57.09 16.13 40.66
N PHE F 136 58.41 16.02 40.84
CA PHE F 136 58.94 15.72 42.16
C PHE F 136 59.00 16.93 43.07
N GLU F 137 59.31 18.10 42.49
CA GLU F 137 59.23 19.37 43.20
C GLU F 137 57.81 19.58 43.76
N LYS F 138 56.80 19.37 42.92
CA LYS F 138 55.38 19.46 43.31
C LYS F 138 55.01 18.59 44.53
N VAL F 139 55.44 17.32 44.51
CA VAL F 139 55.24 16.41 45.65
C VAL F 139 55.85 16.96 46.93
N LEU F 140 57.10 17.42 46.84
CA LEU F 140 57.78 17.97 48.00
C LEU F 140 57.13 19.27 48.45
N GLN F 141 56.55 20.01 47.51
CA GLN F 141 55.83 21.25 47.81
C GLN F 141 54.47 20.97 48.47
N SER F 142 53.77 19.97 47.97
CA SER F 142 52.43 19.61 48.43
C SER F 142 52.35 19.29 49.93
N HIS F 143 53.38 18.60 50.45
CA HIS F 143 53.38 18.20 51.86
C HIS F 143 54.44 18.88 52.74
N GLY F 144 55.35 19.62 52.12
CA GLY F 144 56.41 20.30 52.87
C GLY F 144 57.30 19.44 53.75
N GLN F 145 57.23 18.12 53.59
CA GLN F 145 57.99 17.21 54.44
C GLN F 145 59.36 16.84 53.87
N ASP F 146 60.19 16.22 54.70
CA ASP F 146 61.60 16.02 54.38
C ASP F 146 61.80 14.91 53.36
N TYR F 147 60.84 13.99 53.31
CA TYR F 147 60.88 12.82 52.45
C TYR F 147 59.67 12.82 51.54
N LEU F 148 59.76 12.12 50.41
CA LEU F 148 58.69 12.10 49.41
C LEU F 148 57.38 11.49 49.93
N VAL F 149 57.49 10.38 50.65
CA VAL F 149 56.32 9.58 51.07
C VAL F 149 56.37 9.23 52.57
N GLY F 150 55.24 9.44 53.24
CA GLY F 150 55.06 9.05 54.64
C GLY F 150 55.91 9.75 55.67
N ASN F 151 56.54 10.87 55.27
CA ASN F 151 57.51 11.57 56.11
C ASN F 151 58.58 10.64 56.69
N LYS F 152 59.00 9.66 55.90
CA LYS F 152 59.96 8.67 56.35
C LYS F 152 60.83 8.22 55.18
N LEU F 153 62.13 8.06 55.43
CA LEU F 153 63.06 7.59 54.41
C LEU F 153 62.49 6.37 53.69
N SER F 154 62.47 6.44 52.36
CA SER F 154 62.02 5.31 51.54
C SER F 154 62.92 5.16 50.33
N ARG F 155 62.72 4.09 49.58
CA ARG F 155 63.46 3.85 48.33
C ARG F 155 63.25 4.97 47.30
N ALA F 156 62.12 5.68 47.38
CA ALA F 156 61.83 6.80 46.48
C ALA F 156 62.83 7.94 46.64
N ASP F 157 63.15 8.29 47.88
CA ASP F 157 64.17 9.31 48.18
C ASP F 157 65.57 8.92 47.68
N ILE F 158 65.94 7.66 47.92
CA ILE F 158 67.24 7.10 47.53
C ILE F 158 67.35 7.06 45.99
N SER F 159 66.30 6.55 45.33
CA SER F 159 66.24 6.53 43.87
C SER F 159 66.39 7.93 43.29
N LEU F 160 65.67 8.91 43.86
CA LEU F 160 65.63 10.27 43.30
C LEU F 160 66.96 10.99 43.43
N VAL F 161 67.60 10.85 44.59
CA VAL F 161 68.89 11.49 44.85
C VAL F 161 69.97 10.96 43.91
N GLU F 162 70.04 9.64 43.75
CA GLU F 162 70.90 9.03 42.73
C GLU F 162 70.68 9.66 41.36
N LEU F 163 69.40 9.81 40.98
CA LEU F 163 69.05 10.48 39.72
C LEU F 163 69.49 11.94 39.66
N LEU F 164 69.35 12.67 40.77
CA LEU F 164 69.82 14.05 40.84
C LEU F 164 71.34 14.15 40.63
N TYR F 165 72.08 13.18 41.17
CA TYR F 165 73.52 13.10 40.96
C TYR F 165 73.85 12.77 39.50
N TYR F 166 73.05 11.92 38.87
CA TYR F 166 73.26 11.60 37.45
C TYR F 166 72.96 12.77 36.54
N VAL F 167 71.88 13.48 36.84
CA VAL F 167 71.47 14.65 36.09
C VAL F 167 72.56 15.73 36.20
N GLU F 168 73.08 15.92 37.40
CA GLU F 168 74.20 16.82 37.64
C GLU F 168 75.40 16.49 36.73
N GLU F 169 75.71 15.20 36.58
CA GLU F 169 76.85 14.76 35.75
C GLU F 169 76.67 15.22 34.31
N LEU F 170 75.43 15.22 33.85
CA LEU F 170 75.08 15.67 32.50
C LEU F 170 75.09 17.20 32.35
N ASP F 171 74.40 17.89 33.26
CA ASP F 171 74.26 19.32 33.20
C ASP F 171 73.83 19.80 34.58
N SER F 172 74.77 20.39 35.30
CA SER F 172 74.54 20.84 36.69
C SER F 172 73.50 21.95 36.82
N SER F 173 73.05 22.52 35.69
CA SER F 173 72.10 23.65 35.67
C SER F 173 70.61 23.24 35.63
N LEU F 174 70.35 21.94 35.41
CA LEU F 174 68.99 21.43 35.26
C LEU F 174 68.14 21.52 36.53
N ILE F 175 68.80 21.52 37.69
CA ILE F 175 68.14 21.58 39.00
C ILE F 175 67.95 23.01 39.53
N SER F 176 68.46 24.01 38.79
CA SER F 176 68.62 25.36 39.35
C SER F 176 67.31 26.01 39.80
N ASN F 177 66.24 25.73 39.08
CA ASN F 177 64.91 26.27 39.38
C ASN F 177 64.10 25.33 40.28
N PHE F 178 64.80 24.40 40.94
CA PHE F 178 64.14 23.42 41.79
C PHE F 178 64.83 23.38 43.15
N PRO F 179 64.50 24.35 44.03
CA PRO F 179 65.13 24.44 45.34
C PRO F 179 64.78 23.34 46.33
N LEU F 180 63.62 22.69 46.16
CA LEU F 180 63.21 21.63 47.08
C LEU F 180 63.92 20.32 46.74
N LEU F 181 64.20 20.13 45.45
CA LEU F 181 65.06 19.03 44.98
C LEU F 181 66.51 19.22 45.41
N LYS F 182 66.97 20.47 45.39
CA LYS F 182 68.30 20.80 45.89
C LYS F 182 68.41 20.46 47.36
N ALA F 183 67.39 20.83 48.15
CA ALA F 183 67.41 20.63 49.58
C ALA F 183 67.35 19.15 49.95
N LEU F 184 66.51 18.40 49.23
CA LEU F 184 66.38 16.94 49.42
C LEU F 184 67.73 16.27 49.19
N LYS F 185 68.43 16.72 48.15
CA LYS F 185 69.75 16.19 47.80
C LYS F 185 70.74 16.36 48.95
N THR F 186 70.78 17.57 49.53
CA THR F 186 71.65 17.88 50.65
C THR F 186 71.32 16.99 51.87
N ARG F 187 70.04 16.97 52.23
CA ARG F 187 69.52 16.20 53.35
C ARG F 187 69.86 14.70 53.27
N ILE F 188 69.45 14.06 52.17
CA ILE F 188 69.70 12.62 51.97
C ILE F 188 71.20 12.34 51.88
N SER F 189 71.91 13.24 51.19
CA SER F 189 73.37 13.16 51.09
C SER F 189 74.07 13.26 52.42
N ASN F 190 73.43 13.90 53.39
CA ASN F 190 74.00 14.06 54.73
C ASN F 190 73.73 12.89 55.67
N LEU F 191 72.80 12.01 55.28
CA LEU F 191 72.49 10.80 56.06
C LEU F 191 73.71 9.89 56.12
N PRO F 192 74.08 9.43 57.33
CA PRO F 192 75.31 8.66 57.58
C PRO F 192 75.62 7.55 56.58
N THR F 193 74.60 6.76 56.22
CA THR F 193 74.77 5.66 55.28
C THR F 193 74.95 6.15 53.85
N VAL F 194 74.21 7.19 53.46
CA VAL F 194 74.32 7.80 52.14
C VAL F 194 75.63 8.60 52.03
N LYS F 195 75.94 9.38 53.06
CA LYS F 195 77.21 10.10 53.19
C LYS F 195 78.44 9.22 52.95
N LYS F 196 78.43 8.03 53.54
CA LYS F 196 79.52 7.04 53.43
C LYS F 196 79.61 6.48 52.02
N PHE F 197 78.45 6.20 51.41
CA PHE F 197 78.38 5.68 50.04
C PHE F 197 78.87 6.71 49.01
N LEU F 198 78.68 7.98 49.33
CA LEU F 198 79.10 9.05 48.45
C LEU F 198 80.59 9.38 48.54
N GLN F 199 81.25 8.88 49.58
CA GLN F 199 82.68 9.11 49.78
C GLN F 199 83.51 8.13 48.96
N PRO F 200 84.79 8.46 48.69
CA PRO F 200 85.66 7.55 47.94
C PRO F 200 85.79 6.16 48.56
N GLY F 201 86.12 5.17 47.74
CA GLY F 201 86.33 3.81 48.21
C GLY F 201 85.10 2.94 48.48
N SER F 202 83.91 3.50 48.33
CA SER F 202 82.68 2.75 48.49
C SER F 202 82.38 1.99 47.21
N PRO F 203 81.42 1.04 47.24
CA PRO F 203 81.01 0.34 46.00
C PRO F 203 80.26 1.19 44.95
N ARG F 204 80.12 2.49 45.17
CA ARG F 204 79.53 3.38 44.18
C ARG F 204 80.42 3.35 42.94
N LYS F 205 79.80 3.38 41.76
CA LYS F 205 80.47 3.17 40.47
C LYS F 205 80.61 4.46 39.68
N PRO F 206 81.66 4.54 38.84
CA PRO F 206 81.89 5.74 38.05
C PRO F 206 80.95 5.80 36.83
N PRO F 207 80.80 7.00 36.23
CA PRO F 207 80.12 7.14 34.95
C PRO F 207 80.75 6.27 33.87
N ALA F 208 79.90 5.68 33.03
CA ALA F 208 80.35 4.85 31.92
C ALA F 208 81.13 5.69 30.89
N ASP F 209 82.35 5.26 30.58
CA ASP F 209 83.13 5.89 29.52
C ASP F 209 83.26 4.98 28.29
N ALA F 210 84.00 5.43 27.29
CA ALA F 210 84.13 4.69 26.04
C ALA F 210 84.69 3.28 26.23
N LYS F 211 85.69 3.15 27.10
CA LYS F 211 86.33 1.84 27.37
C LYS F 211 85.36 0.86 28.04
N ALA F 212 84.55 1.38 28.96
CA ALA F 212 83.56 0.56 29.65
C ALA F 212 82.52 -0.02 28.68
N LEU F 213 82.09 0.77 27.69
CA LEU F 213 81.18 0.27 26.64
C LEU F 213 81.85 -0.83 25.82
N GLU F 214 83.07 -0.56 25.39
CA GLU F 214 83.89 -1.50 24.63
C GLU F 214 84.05 -2.85 25.34
N GLU F 215 84.31 -2.79 26.64
CA GLU F 215 84.53 -4.00 27.42
C GLU F 215 83.24 -4.73 27.78
N ALA F 216 82.18 -3.98 28.08
CA ALA F 216 80.85 -4.56 28.33
C ALA F 216 80.25 -5.22 27.08
N ARG F 217 80.52 -4.66 25.91
CA ARG F 217 80.08 -5.26 24.64
C ARG F 217 80.68 -6.66 24.44
N LYS F 218 81.92 -6.83 24.89
CA LYS F 218 82.63 -8.11 24.78
C LYS F 218 82.01 -9.16 25.71
N ILE F 219 81.46 -8.69 26.83
CA ILE F 219 80.90 -9.57 27.85
C ILE F 219 79.47 -10.02 27.53
N PHE F 220 78.66 -9.13 26.94
CA PHE F 220 77.23 -9.40 26.71
C PHE F 220 76.82 -9.62 25.26
N ARG F 221 77.64 -9.14 24.33
CA ARG F 221 77.39 -9.28 22.88
C ARG F 221 76.15 -8.52 22.39
N PHE F 222 76.25 -7.19 22.41
CA PHE F 222 75.20 -6.34 21.85
C PHE F 222 75.80 -5.29 20.92
N LYS G 4 -64.98 -7.15 -58.75
CA LYS G 4 -65.95 -7.20 -57.59
C LYS G 4 -65.24 -7.39 -56.27
N PRO G 5 -65.48 -6.48 -55.30
CA PRO G 5 -64.92 -6.68 -53.97
C PRO G 5 -65.49 -7.94 -53.33
N LYS G 6 -64.63 -8.68 -52.63
CA LYS G 6 -65.09 -9.87 -51.91
C LYS G 6 -64.85 -9.74 -50.40
N LEU G 7 -65.92 -9.90 -49.64
CA LEU G 7 -65.89 -9.69 -48.21
C LEU G 7 -65.73 -11.02 -47.51
N HIS G 8 -64.67 -11.14 -46.72
CA HIS G 8 -64.44 -12.37 -45.93
C HIS G 8 -64.82 -12.20 -44.48
N TYR G 9 -65.98 -12.74 -44.11
CA TYR G 9 -66.47 -12.66 -42.73
C TYR G 9 -67.37 -13.84 -42.39
N PHE G 10 -67.75 -13.97 -41.13
CA PHE G 10 -68.80 -14.95 -40.79
C PHE G 10 -70.14 -14.40 -41.30
N ASN G 11 -71.17 -15.24 -41.35
CA ASN G 11 -72.45 -14.80 -41.87
C ASN G 11 -73.25 -14.05 -40.80
N GLY G 12 -72.87 -12.80 -40.58
CA GLY G 12 -73.44 -11.98 -39.51
C GLY G 12 -72.88 -10.58 -39.59
N ARG G 13 -73.47 -9.68 -38.79
CA ARG G 13 -73.11 -8.27 -38.82
C ARG G 13 -71.67 -8.10 -38.37
N GLY G 14 -71.44 -8.29 -37.07
CA GLY G 14 -70.10 -8.17 -36.48
C GLY G 14 -69.51 -6.84 -36.87
N ARG G 15 -68.25 -6.84 -37.29
CA ARG G 15 -67.53 -5.61 -37.68
C ARG G 15 -67.62 -5.33 -39.20
N MET G 16 -68.11 -6.31 -39.95
CA MET G 16 -68.20 -6.17 -41.40
C MET G 16 -69.36 -5.30 -41.84
N GLU G 17 -70.40 -5.26 -41.02
CA GLU G 17 -71.66 -4.67 -41.46
C GLU G 17 -71.54 -3.25 -42.04
N PRO G 18 -70.79 -2.34 -41.38
CA PRO G 18 -70.61 -0.99 -41.97
C PRO G 18 -69.95 -0.97 -43.36
N ILE G 19 -69.16 -1.99 -43.66
CA ILE G 19 -68.54 -2.09 -44.99
C ILE G 19 -69.59 -2.47 -46.04
N ARG G 20 -70.48 -3.41 -45.65
CA ARG G 20 -71.63 -3.80 -46.45
C ARG G 20 -72.52 -2.58 -46.74
N TRP G 21 -72.83 -1.81 -45.70
CA TRP G 21 -73.58 -0.56 -45.90
C TRP G 21 -72.93 0.34 -46.93
N LEU G 22 -71.66 0.67 -46.71
CA LEU G 22 -70.96 1.67 -47.53
C LEU G 22 -70.88 1.24 -49.00
N LEU G 23 -70.48 0.01 -49.25
CA LEU G 23 -70.47 -0.53 -50.62
C LEU G 23 -71.85 -0.48 -51.28
N ALA G 24 -72.85 -1.02 -50.59
CA ALA G 24 -74.24 -0.96 -51.07
C ALA G 24 -74.68 0.47 -51.37
N ALA G 25 -74.48 1.38 -50.41
CA ALA G 25 -74.84 2.78 -50.61
C ALA G 25 -74.12 3.42 -51.81
N ALA G 26 -72.88 3.01 -52.05
CA ALA G 26 -72.06 3.49 -53.19
C ALA G 26 -72.46 2.87 -54.54
N GLY G 27 -73.38 1.92 -54.51
CA GLY G 27 -73.88 1.28 -55.73
C GLY G 27 -72.89 0.25 -56.27
N VAL G 28 -72.14 -0.35 -55.36
CA VAL G 28 -71.07 -1.27 -55.70
C VAL G 28 -71.49 -2.71 -55.40
N GLU G 29 -71.59 -3.53 -56.44
CA GLU G 29 -71.87 -4.95 -56.23
C GLU G 29 -70.63 -5.67 -55.69
N PHE G 30 -70.87 -6.57 -54.73
CA PHE G 30 -69.81 -7.30 -54.04
C PHE G 30 -70.20 -8.75 -53.79
N GLU G 31 -69.20 -9.59 -53.60
CA GLU G 31 -69.42 -10.99 -53.20
C GLU G 31 -69.06 -11.15 -51.74
N GLU G 32 -69.59 -12.19 -51.12
CA GLU G 32 -69.21 -12.55 -49.76
C GLU G 32 -68.82 -14.01 -49.72
N LYS G 33 -67.75 -14.29 -48.99
CA LYS G 33 -67.35 -15.65 -48.72
C LYS G 33 -67.40 -15.86 -47.22
N PHE G 34 -68.37 -16.67 -46.79
CA PHE G 34 -68.70 -16.80 -45.39
C PHE G 34 -67.84 -17.83 -44.69
N ILE G 35 -67.26 -17.43 -43.57
CA ILE G 35 -66.55 -18.31 -42.67
C ILE G 35 -67.55 -19.06 -41.80
N GLY G 36 -67.56 -20.38 -41.91
CA GLY G 36 -68.54 -21.20 -41.21
C GLY G 36 -67.99 -22.06 -40.08
N SER G 37 -66.66 -22.19 -40.04
CA SER G 37 -65.99 -23.00 -39.03
C SER G 37 -64.64 -22.39 -38.70
N ALA G 38 -64.01 -22.88 -37.64
CA ALA G 38 -62.65 -22.47 -37.27
C ALA G 38 -61.63 -22.93 -38.31
N GLU G 39 -61.97 -24.00 -39.03
CA GLU G 39 -61.12 -24.53 -40.08
C GLU G 39 -61.13 -23.62 -41.31
N ASP G 40 -62.28 -22.97 -41.56
CA ASP G 40 -62.39 -21.93 -42.60
C ASP G 40 -61.46 -20.77 -42.29
N LEU G 41 -61.46 -20.32 -41.04
CA LEU G 41 -60.59 -19.24 -40.59
C LEU G 41 -59.12 -19.67 -40.67
N GLY G 42 -58.85 -20.92 -40.27
CA GLY G 42 -57.51 -21.49 -40.30
C GLY G 42 -56.88 -21.44 -41.67
N LYS G 43 -57.68 -21.77 -42.70
CA LYS G 43 -57.23 -21.71 -44.09
C LYS G 43 -56.89 -20.29 -44.56
N LEU G 44 -57.71 -19.31 -44.19
CA LEU G 44 -57.40 -17.91 -44.52
C LEU G 44 -56.09 -17.48 -43.88
N ARG G 45 -55.89 -17.88 -42.63
CA ARG G 45 -54.68 -17.57 -41.87
C ARG G 45 -53.47 -18.23 -42.51
N ASN G 46 -53.63 -19.49 -42.91
CA ASN G 46 -52.59 -20.28 -43.54
C ASN G 46 -52.12 -19.77 -44.90
N ASP G 47 -53.07 -19.26 -45.68
CA ASP G 47 -52.80 -18.78 -47.04
C ASP G 47 -52.13 -17.40 -47.09
N GLY G 48 -51.91 -16.79 -45.93
CA GLY G 48 -51.38 -15.43 -45.82
C GLY G 48 -52.39 -14.34 -46.16
N SER G 49 -53.67 -14.68 -46.12
CA SER G 49 -54.73 -13.76 -46.58
C SER G 49 -55.06 -12.67 -45.56
N LEU G 50 -54.61 -12.84 -44.33
CA LEU G 50 -54.98 -11.97 -43.20
C LEU G 50 -53.72 -11.45 -42.52
N MET G 51 -53.40 -10.19 -42.73
CA MET G 51 -52.13 -9.62 -42.24
C MET G 51 -51.91 -9.82 -40.75
N PHE G 52 -52.99 -9.66 -39.97
CA PHE G 52 -52.93 -9.78 -38.54
C PHE G 52 -53.73 -11.00 -38.09
N GLN G 53 -53.93 -11.96 -39.00
CA GLN G 53 -54.60 -13.23 -38.69
C GLN G 53 -56.08 -13.07 -38.32
N GLN G 54 -56.68 -11.92 -38.66
CA GLN G 54 -58.06 -11.59 -38.29
C GLN G 54 -58.91 -11.14 -39.47
N VAL G 55 -60.23 -11.26 -39.32
CA VAL G 55 -61.17 -10.66 -40.24
C VAL G 55 -61.84 -9.50 -39.48
N PRO G 56 -62.56 -8.59 -40.17
CA PRO G 56 -62.88 -8.44 -41.59
C PRO G 56 -61.67 -8.42 -42.55
N MET G 57 -61.83 -9.07 -43.69
CA MET G 57 -60.92 -8.88 -44.82
C MET G 57 -61.74 -8.63 -46.08
N VAL G 58 -61.27 -7.69 -46.90
CA VAL G 58 -61.92 -7.41 -48.18
C VAL G 58 -60.88 -7.48 -49.28
N GLU G 59 -61.14 -8.36 -50.26
CA GLU G 59 -60.32 -8.43 -51.46
C GLU G 59 -60.88 -7.43 -52.46
N ILE G 60 -60.12 -6.37 -52.71
CA ILE G 60 -60.54 -5.26 -53.57
C ILE G 60 -59.29 -4.67 -54.25
N ASP G 61 -59.33 -4.54 -55.57
CA ASP G 61 -58.26 -3.86 -56.33
C ASP G 61 -56.86 -4.43 -56.12
N GLY G 62 -56.78 -5.76 -56.03
CA GLY G 62 -55.51 -6.47 -55.86
C GLY G 62 -55.02 -6.61 -54.44
N MET G 63 -55.65 -5.86 -53.52
CA MET G 63 -55.27 -5.87 -52.12
C MET G 63 -56.12 -6.84 -51.32
N LYS G 64 -55.48 -7.49 -50.35
CA LYS G 64 -56.20 -8.20 -49.32
C LYS G 64 -56.22 -7.29 -48.10
N LEU G 65 -57.23 -6.43 -48.05
CA LEU G 65 -57.34 -5.39 -47.04
C LEU G 65 -58.04 -5.87 -45.78
N VAL G 66 -57.38 -5.57 -44.67
CA VAL G 66 -57.72 -6.00 -43.33
C VAL G 66 -57.79 -4.73 -42.45
N GLN G 67 -58.49 -4.81 -41.33
CA GLN G 67 -58.75 -3.66 -40.44
C GLN G 67 -59.93 -2.80 -40.94
N THR G 68 -61.05 -2.89 -40.24
CA THR G 68 -62.31 -2.24 -40.63
C THR G 68 -62.11 -0.80 -41.09
N ARG G 69 -61.36 -0.02 -40.31
CA ARG G 69 -61.14 1.38 -40.66
C ARG G 69 -60.37 1.60 -41.95
N ALA G 70 -59.36 0.76 -42.20
CA ALA G 70 -58.59 0.81 -43.47
C ALA G 70 -59.47 0.53 -44.68
N ILE G 71 -60.36 -0.46 -44.54
CA ILE G 71 -61.29 -0.84 -45.58
C ILE G 71 -62.34 0.24 -45.85
N LEU G 72 -62.90 0.82 -44.79
CA LEU G 72 -63.91 1.88 -44.97
C LEU G 72 -63.32 3.14 -45.60
N ASN G 73 -62.13 3.52 -45.13
CA ASN G 73 -61.41 4.69 -45.65
C ASN G 73 -61.13 4.57 -47.14
N TYR G 74 -60.71 3.38 -47.57
CA TYR G 74 -60.41 3.13 -48.98
C TYR G 74 -61.67 3.24 -49.84
N ILE G 75 -62.70 2.49 -49.45
CA ILE G 75 -63.98 2.53 -50.15
C ILE G 75 -64.51 3.95 -50.23
N ALA G 76 -64.47 4.67 -49.12
CA ALA G 76 -64.96 6.04 -49.07
C ALA G 76 -64.23 6.97 -50.04
N SER G 77 -62.90 6.90 -50.07
CA SER G 77 -62.09 7.65 -51.04
C SER G 77 -62.38 7.23 -52.49
N LYS G 78 -62.31 5.92 -52.75
CA LYS G 78 -62.53 5.37 -54.11
C LYS G 78 -63.85 5.81 -54.76
N TYR G 79 -64.93 5.81 -53.98
CA TYR G 79 -66.28 6.09 -54.48
C TYR G 79 -66.79 7.49 -54.10
N ASN G 80 -65.86 8.40 -53.80
CA ASN G 80 -66.17 9.82 -53.56
C ASN G 80 -67.18 10.10 -52.43
N LEU G 81 -66.98 9.42 -51.31
CA LEU G 81 -67.83 9.58 -50.13
C LEU G 81 -67.01 10.05 -48.93
N TYR G 82 -65.93 10.75 -49.22
CA TYR G 82 -64.98 11.19 -48.20
C TYR G 82 -64.69 12.71 -48.26
N GLY G 83 -65.70 13.50 -48.61
CA GLY G 83 -65.55 14.96 -48.67
C GLY G 83 -64.67 15.43 -49.81
N LYS G 84 -64.44 16.75 -49.87
CA LYS G 84 -63.71 17.35 -50.98
C LYS G 84 -62.28 17.78 -50.67
N ASP G 85 -61.95 17.88 -49.38
CA ASP G 85 -60.64 18.36 -48.96
C ASP G 85 -60.28 17.91 -47.56
N ILE G 86 -59.09 18.30 -47.13
CA ILE G 86 -58.52 17.90 -45.83
C ILE G 86 -59.36 18.30 -44.62
N LYS G 87 -59.93 19.49 -44.64
CA LYS G 87 -60.80 19.96 -43.54
C LYS G 87 -62.12 19.19 -43.47
N GLU G 88 -62.72 18.89 -44.62
CA GLU G 88 -63.92 18.05 -44.64
C GLU G 88 -63.63 16.64 -44.17
N ARG G 89 -62.44 16.10 -44.49
CA ARG G 89 -62.07 14.77 -43.98
C ARG G 89 -61.93 14.79 -42.46
N ALA G 90 -61.47 15.92 -41.91
CA ALA G 90 -61.37 16.10 -40.46
C ALA G 90 -62.74 16.02 -39.80
N LEU G 91 -63.71 16.71 -40.38
CA LEU G 91 -65.11 16.65 -39.93
C LEU G 91 -65.64 15.23 -40.05
N ILE G 92 -65.52 14.64 -41.23
CA ILE G 92 -66.00 13.27 -41.44
C ILE G 92 -65.39 12.28 -40.43
N ASP G 93 -64.06 12.29 -40.32
CA ASP G 93 -63.34 11.44 -39.36
C ASP G 93 -63.82 11.64 -37.91
N MET G 94 -63.90 12.90 -37.50
CA MET G 94 -64.39 13.23 -36.14
C MET G 94 -65.79 12.69 -35.89
N TYR G 95 -66.72 12.99 -36.79
CA TYR G 95 -68.08 12.42 -36.75
C TYR G 95 -68.11 10.87 -36.71
N THR G 96 -67.44 10.20 -37.65
CA THR G 96 -67.56 8.73 -37.76
C THR G 96 -66.94 8.02 -36.56
N GLU G 97 -65.87 8.60 -36.04
CA GLU G 97 -65.22 8.06 -34.84
C GLU G 97 -66.14 8.15 -33.61
N GLY G 98 -66.85 9.28 -33.46
CA GLY G 98 -67.89 9.40 -32.43
C GLY G 98 -68.93 8.31 -32.59
N MET G 99 -69.45 8.15 -33.81
CA MET G 99 -70.39 7.07 -34.12
C MET G 99 -69.84 5.69 -33.78
N ALA G 100 -68.60 5.43 -34.21
CA ALA G 100 -67.96 4.13 -34.00
C ALA G 100 -67.85 3.79 -32.50
N ASP G 101 -67.69 4.81 -31.66
CA ASP G 101 -67.69 4.61 -30.21
C ASP G 101 -69.03 4.13 -29.67
N LEU G 102 -70.13 4.72 -30.13
CA LEU G 102 -71.44 4.18 -29.78
C LEU G 102 -71.70 2.79 -30.36
N ASN G 103 -71.35 2.63 -31.63
CA ASN G 103 -71.47 1.33 -32.32
C ASN G 103 -70.80 0.21 -31.52
N GLU G 104 -69.60 0.48 -30.99
CA GLU G 104 -68.82 -0.53 -30.28
C GLU G 104 -69.53 -0.99 -29.01
N MET G 105 -70.16 -0.05 -28.30
CA MET G 105 -70.94 -0.36 -27.10
C MET G 105 -72.11 -1.28 -27.41
N ILE G 106 -72.87 -0.95 -28.45
CA ILE G 106 -73.98 -1.79 -28.89
C ILE G 106 -73.46 -3.13 -29.40
N LEU G 107 -72.39 -3.11 -30.20
CA LEU G 107 -71.74 -4.32 -30.74
C LEU G 107 -71.44 -5.39 -29.68
N LEU G 108 -70.85 -4.95 -28.58
CA LEU G 108 -70.29 -5.82 -27.57
C LEU G 108 -71.26 -6.22 -26.46
N LEU G 109 -72.49 -5.74 -26.55
CA LEU G 109 -73.55 -6.07 -25.61
C LEU G 109 -73.74 -7.59 -25.34
N PRO G 110 -73.75 -8.43 -26.40
CA PRO G 110 -73.85 -9.90 -26.18
C PRO G 110 -72.74 -10.54 -25.33
N LEU G 111 -71.66 -9.81 -25.07
CA LEU G 111 -70.56 -10.33 -24.24
C LEU G 111 -70.71 -9.96 -22.77
N CYS G 112 -71.64 -9.07 -22.48
CA CYS G 112 -71.94 -8.72 -21.10
C CYS G 112 -72.64 -9.92 -20.42
N ARG G 113 -72.20 -10.23 -19.21
CA ARG G 113 -72.83 -11.25 -18.36
C ARG G 113 -74.21 -10.70 -17.99
N PRO G 114 -75.19 -11.60 -17.73
CA PRO G 114 -76.57 -11.12 -17.52
C PRO G 114 -76.68 -10.14 -16.34
N GLU G 115 -75.81 -10.33 -15.36
CA GLU G 115 -75.67 -9.49 -14.17
C GLU G 115 -75.12 -8.07 -14.47
N GLU G 116 -74.45 -7.91 -15.60
CA GLU G 116 -73.91 -6.60 -15.99
C GLU G 116 -74.60 -5.94 -17.19
N LYS G 117 -75.47 -6.68 -17.87
CA LYS G 117 -76.09 -6.20 -19.10
C LYS G 117 -77.03 -5.01 -18.89
N ASP G 118 -77.79 -5.00 -17.80
CA ASP G 118 -78.78 -3.95 -17.54
C ASP G 118 -78.13 -2.57 -17.41
N ALA G 119 -77.07 -2.50 -16.63
CA ALA G 119 -76.28 -1.26 -16.49
C ALA G 119 -75.68 -0.83 -17.84
N LYS G 120 -75.19 -1.77 -18.63
CA LYS G 120 -74.61 -1.42 -19.93
C LYS G 120 -75.67 -0.82 -20.86
N ILE G 121 -76.87 -1.41 -20.85
CA ILE G 121 -78.00 -0.91 -21.63
C ILE G 121 -78.38 0.51 -21.21
N ALA G 122 -78.47 0.73 -19.90
CA ALA G 122 -78.77 2.04 -19.33
C ALA G 122 -77.73 3.08 -19.73
N LEU G 123 -76.46 2.68 -19.71
CA LEU G 123 -75.34 3.54 -20.09
C LEU G 123 -75.44 3.96 -21.56
N ILE G 124 -75.74 2.97 -22.41
CA ILE G 124 -75.90 3.19 -23.84
C ILE G 124 -77.03 4.20 -24.10
N LYS G 125 -78.20 3.94 -23.54
CA LYS G 125 -79.35 4.83 -23.65
C LYS G 125 -79.01 6.25 -23.19
N GLU G 126 -78.30 6.36 -22.06
CA GLU G 126 -77.88 7.64 -21.49
C GLU G 126 -76.90 8.38 -22.41
N LYS G 127 -75.88 7.66 -22.87
CA LYS G 127 -74.90 8.21 -23.81
C LYS G 127 -75.51 8.63 -25.15
N THR G 128 -76.45 7.83 -25.64
CA THR G 128 -77.18 8.20 -26.85
C THR G 128 -77.88 9.56 -26.72
N LYS G 129 -78.63 9.74 -25.64
CA LYS G 129 -79.45 10.94 -25.45
C LYS G 129 -78.64 12.15 -24.99
N SER G 130 -77.57 11.91 -24.24
CA SER G 130 -76.81 13.00 -23.61
C SER G 130 -75.55 13.40 -24.41
N ARG G 131 -74.95 12.41 -25.07
CA ARG G 131 -73.66 12.57 -25.74
C ARG G 131 -73.81 12.61 -27.26
N TYR G 132 -74.29 11.51 -27.83
CA TYR G 132 -74.15 11.27 -29.27
C TYR G 132 -75.22 11.91 -30.15
N PHE G 133 -76.48 11.70 -29.81
CA PHE G 133 -77.56 12.29 -30.61
C PHE G 133 -77.55 13.83 -30.60
N PRO G 134 -77.32 14.47 -29.44
CA PRO G 134 -77.29 15.94 -29.54
C PRO G 134 -76.10 16.45 -30.36
N ALA G 135 -74.96 15.75 -30.25
CA ALA G 135 -73.78 16.10 -31.04
C ALA G 135 -74.07 16.13 -32.53
N PHE G 136 -74.83 15.14 -33.03
CA PHE G 136 -75.15 15.10 -34.46
C PHE G 136 -76.34 15.98 -34.86
N GLU G 137 -77.30 16.11 -33.95
CA GLU G 137 -78.38 17.09 -34.09
C GLU G 137 -77.81 18.52 -34.21
N LYS G 138 -76.77 18.80 -33.43
CA LYS G 138 -76.06 20.09 -33.40
C LYS G 138 -75.48 20.46 -34.79
N VAL G 139 -74.72 19.56 -35.40
CA VAL G 139 -74.18 19.81 -36.74
C VAL G 139 -75.28 19.99 -37.81
N LEU G 140 -76.30 19.14 -37.76
CA LEU G 140 -77.42 19.28 -38.69
C LEU G 140 -78.14 20.62 -38.50
N GLN G 141 -78.22 21.07 -37.26
CA GLN G 141 -78.88 22.34 -36.94
C GLN G 141 -78.08 23.55 -37.42
N SER G 142 -76.75 23.49 -37.27
CA SER G 142 -75.89 24.64 -37.58
C SER G 142 -75.92 25.04 -39.05
N HIS G 143 -76.06 24.07 -39.95
CA HIS G 143 -76.08 24.38 -41.38
C HIS G 143 -77.42 24.16 -42.12
N GLY G 144 -78.35 23.44 -41.53
CA GLY G 144 -79.65 23.19 -42.16
C GLY G 144 -79.60 22.40 -43.46
N GLN G 145 -78.44 21.84 -43.79
CA GLN G 145 -78.28 21.07 -45.02
C GLN G 145 -78.72 19.61 -44.86
N ASP G 146 -78.97 18.94 -45.99
CA ASP G 146 -79.50 17.59 -46.00
C ASP G 146 -78.47 16.56 -45.56
N TYR G 147 -77.20 16.95 -45.59
CA TYR G 147 -76.10 16.05 -45.27
C TYR G 147 -75.19 16.63 -44.19
N LEU G 148 -74.51 15.75 -43.46
CA LEU G 148 -73.61 16.14 -42.38
C LEU G 148 -72.48 17.08 -42.79
N VAL G 149 -71.79 16.74 -43.89
CA VAL G 149 -70.61 17.46 -44.35
C VAL G 149 -70.69 17.82 -45.84
N GLY G 150 -70.43 19.09 -46.14
CA GLY G 150 -70.19 19.56 -47.52
C GLY G 150 -71.42 19.63 -48.41
N ASN G 151 -72.59 19.43 -47.82
CA ASN G 151 -73.85 19.38 -48.55
C ASN G 151 -73.87 18.30 -49.65
N LYS G 152 -73.26 17.16 -49.35
CA LYS G 152 -73.15 16.07 -50.30
C LYS G 152 -73.06 14.78 -49.50
N LEU G 153 -73.59 13.69 -50.06
CA LEU G 153 -73.52 12.41 -49.39
C LEU G 153 -72.08 11.99 -49.08
N SER G 154 -71.83 11.63 -47.82
CA SER G 154 -70.53 11.13 -47.42
C SER G 154 -70.71 9.87 -46.57
N ARG G 155 -69.60 9.20 -46.29
CA ARG G 155 -69.61 8.03 -45.39
C ARG G 155 -70.20 8.36 -44.03
N ALA G 156 -70.10 9.63 -43.60
CA ALA G 156 -70.63 10.05 -42.31
C ALA G 156 -72.14 9.92 -42.25
N ASP G 157 -72.84 10.23 -43.34
CA ASP G 157 -74.30 10.10 -43.34
C ASP G 157 -74.74 8.64 -43.31
N ILE G 158 -73.99 7.80 -44.02
CA ILE G 158 -74.28 6.36 -44.13
C ILE G 158 -73.99 5.65 -42.82
N SER G 159 -72.91 6.07 -42.16
CA SER G 159 -72.56 5.54 -40.84
C SER G 159 -73.62 5.92 -39.82
N LEU G 160 -74.04 7.18 -39.84
CA LEU G 160 -75.04 7.68 -38.89
C LEU G 160 -76.37 6.93 -39.04
N VAL G 161 -76.84 6.76 -40.27
CA VAL G 161 -78.15 6.16 -40.49
C VAL G 161 -78.17 4.67 -40.13
N GLU G 162 -77.11 3.94 -40.46
CA GLU G 162 -76.88 2.59 -39.90
C GLU G 162 -77.06 2.61 -38.37
N LEU G 163 -76.30 3.47 -37.70
CA LEU G 163 -76.39 3.63 -36.25
C LEU G 163 -77.81 3.97 -35.77
N LEU G 164 -78.50 4.88 -36.44
CA LEU G 164 -79.91 5.18 -36.12
C LEU G 164 -80.83 3.94 -36.17
N TYR G 165 -80.54 3.00 -37.07
CA TYR G 165 -81.30 1.76 -37.14
C TYR G 165 -80.99 0.82 -35.98
N TYR G 166 -79.72 0.74 -35.60
CA TYR G 166 -79.28 -0.11 -34.47
C TYR G 166 -79.79 0.37 -33.14
N VAL G 167 -79.81 1.70 -32.99
CA VAL G 167 -80.35 2.33 -31.80
C VAL G 167 -81.86 2.09 -31.75
N GLU G 168 -82.51 2.15 -32.91
CA GLU G 168 -83.94 1.86 -33.01
C GLU G 168 -84.27 0.43 -32.54
N GLU G 169 -83.41 -0.53 -32.92
CA GLU G 169 -83.56 -1.91 -32.48
C GLU G 169 -83.53 -2.06 -30.96
N LEU G 170 -82.67 -1.28 -30.32
CA LEU G 170 -82.57 -1.26 -28.87
C LEU G 170 -83.77 -0.58 -28.20
N ASP G 171 -84.08 0.65 -28.65
CA ASP G 171 -85.12 1.47 -28.05
C ASP G 171 -85.52 2.56 -29.05
N SER G 172 -86.71 2.41 -29.64
CA SER G 172 -87.21 3.32 -30.69
C SER G 172 -87.52 4.73 -30.21
N SER G 173 -87.56 4.92 -28.88
CA SER G 173 -87.83 6.22 -28.27
C SER G 173 -86.59 7.11 -28.12
N LEU G 174 -85.40 6.53 -28.24
CA LEU G 174 -84.15 7.27 -28.05
C LEU G 174 -83.99 8.44 -29.04
N ILE G 175 -84.57 8.29 -30.23
CA ILE G 175 -84.52 9.32 -31.27
C ILE G 175 -85.65 10.37 -31.15
N SER G 176 -86.57 10.17 -30.20
CA SER G 176 -87.80 11.00 -30.15
C SER G 176 -87.56 12.50 -30.08
N ASN G 177 -86.54 12.94 -29.33
CA ASN G 177 -86.26 14.39 -29.19
C ASN G 177 -85.31 14.98 -30.24
N PHE G 178 -85.03 14.22 -31.30
CA PHE G 178 -84.08 14.65 -32.33
C PHE G 178 -84.70 14.65 -33.72
N PRO G 179 -85.50 15.69 -34.03
CA PRO G 179 -86.22 15.77 -35.30
C PRO G 179 -85.31 15.75 -36.53
N LEU G 180 -84.15 16.42 -36.45
CA LEU G 180 -83.23 16.45 -37.59
C LEU G 180 -82.58 15.08 -37.84
N LEU G 181 -82.28 14.34 -36.78
CA LEU G 181 -81.86 12.93 -36.93
C LEU G 181 -82.96 12.07 -37.56
N LYS G 182 -84.21 12.26 -37.12
CA LYS G 182 -85.36 11.60 -37.76
C LYS G 182 -85.45 11.89 -39.27
N ALA G 183 -85.27 13.17 -39.63
CA ALA G 183 -85.40 13.63 -41.01
C ALA G 183 -84.32 13.05 -41.89
N LEU G 184 -83.12 12.91 -41.33
CA LEU G 184 -81.94 12.41 -42.06
C LEU G 184 -82.14 10.94 -42.36
N LYS G 185 -82.59 10.18 -41.36
CA LYS G 185 -82.91 8.75 -41.54
C LYS G 185 -83.86 8.53 -42.74
N THR G 186 -85.00 9.22 -42.76
CA THR G 186 -85.95 9.11 -43.86
C THR G 186 -85.25 9.40 -45.20
N ARG G 187 -84.57 10.54 -45.27
CA ARG G 187 -83.95 11.01 -46.51
C ARG G 187 -82.91 10.03 -47.06
N ILE G 188 -81.99 9.60 -46.20
CA ILE G 188 -80.95 8.65 -46.59
C ILE G 188 -81.55 7.30 -46.97
N SER G 189 -82.56 6.88 -46.21
CA SER G 189 -83.29 5.63 -46.47
C SER G 189 -84.05 5.65 -47.78
N ASN G 190 -84.41 6.83 -48.25
CA ASN G 190 -85.09 6.94 -49.54
C ASN G 190 -84.14 6.99 -50.74
N LEU G 191 -82.85 7.22 -50.49
CA LEU G 191 -81.86 7.21 -51.57
C LEU G 191 -81.90 5.82 -52.20
N PRO G 192 -81.98 5.75 -53.55
CA PRO G 192 -82.17 4.49 -54.28
C PRO G 192 -81.23 3.33 -53.90
N THR G 193 -79.96 3.60 -53.63
CA THR G 193 -79.01 2.55 -53.25
C THR G 193 -79.22 2.09 -51.81
N VAL G 194 -79.56 3.04 -50.94
CA VAL G 194 -79.82 2.73 -49.53
C VAL G 194 -81.20 2.07 -49.39
N LYS G 195 -82.16 2.55 -50.18
CA LYS G 195 -83.50 1.98 -50.22
C LYS G 195 -83.46 0.48 -50.53
N LYS G 196 -82.67 0.12 -51.53
CA LYS G 196 -82.47 -1.27 -51.96
C LYS G 196 -81.78 -2.14 -50.90
N PHE G 197 -80.81 -1.56 -50.19
CA PHE G 197 -80.06 -2.27 -49.16
C PHE G 197 -80.93 -2.61 -47.95
N LEU G 198 -81.89 -1.73 -47.67
CA LEU G 198 -82.82 -1.88 -46.56
C LEU G 198 -83.98 -2.81 -46.91
N GLN G 199 -84.20 -3.05 -48.20
CA GLN G 199 -85.27 -3.97 -48.62
C GLN G 199 -84.87 -5.43 -48.38
N PRO G 200 -85.86 -6.36 -48.30
CA PRO G 200 -85.48 -7.75 -48.01
C PRO G 200 -84.57 -8.39 -49.06
N GLY G 201 -83.81 -9.40 -48.65
CA GLY G 201 -82.95 -10.14 -49.58
C GLY G 201 -81.59 -9.54 -49.93
N SER G 202 -81.28 -8.38 -49.35
CA SER G 202 -80.01 -7.69 -49.60
C SER G 202 -78.93 -8.32 -48.71
N PRO G 203 -77.64 -7.97 -48.92
CA PRO G 203 -76.61 -8.45 -48.00
C PRO G 203 -76.68 -7.91 -46.55
N ARG G 204 -77.63 -7.02 -46.26
CA ARG G 204 -77.82 -6.50 -44.91
C ARG G 204 -78.04 -7.69 -43.96
N LYS G 205 -77.42 -7.64 -42.77
CA LYS G 205 -77.44 -8.77 -41.81
C LYS G 205 -78.36 -8.54 -40.60
N PRO G 206 -78.86 -9.64 -39.99
CA PRO G 206 -79.76 -9.54 -38.85
C PRO G 206 -79.03 -9.20 -37.55
N PRO G 207 -79.76 -8.72 -36.52
CA PRO G 207 -79.18 -8.57 -35.21
C PRO G 207 -78.69 -9.92 -34.69
N ALA G 208 -77.53 -9.92 -34.03
CA ALA G 208 -77.00 -11.11 -33.40
C ALA G 208 -77.92 -11.61 -32.28
N ASP G 209 -78.24 -12.89 -32.32
CA ASP G 209 -79.01 -13.55 -31.28
C ASP G 209 -78.12 -14.57 -30.58
N ALA G 210 -78.71 -15.35 -29.66
CA ALA G 210 -77.94 -16.32 -28.87
C ALA G 210 -77.25 -17.39 -29.72
N LYS G 211 -77.92 -17.86 -30.77
CA LYS G 211 -77.36 -18.93 -31.60
C LYS G 211 -76.20 -18.43 -32.45
N ALA G 212 -76.32 -17.18 -32.90
CA ALA G 212 -75.27 -16.53 -33.66
C ALA G 212 -74.00 -16.36 -32.81
N LEU G 213 -74.18 -15.97 -31.56
CA LEU G 213 -73.05 -15.82 -30.64
C LEU G 213 -72.40 -17.17 -30.38
N GLU G 214 -73.23 -18.18 -30.11
CA GLU G 214 -72.78 -19.54 -29.84
C GLU G 214 -71.92 -20.09 -30.99
N GLU G 215 -72.39 -19.90 -32.22
CA GLU G 215 -71.67 -20.38 -33.41
C GLU G 215 -70.42 -19.57 -33.74
N ALA G 216 -70.44 -18.27 -33.44
CA ALA G 216 -69.29 -17.39 -33.68
C ALA G 216 -68.17 -17.60 -32.67
N ARG G 217 -68.53 -18.05 -31.47
CA ARG G 217 -67.56 -18.38 -30.43
C ARG G 217 -66.81 -19.67 -30.77
N LYS G 218 -67.43 -20.53 -31.58
CA LYS G 218 -66.78 -21.74 -32.08
C LYS G 218 -65.74 -21.39 -33.16
N ILE G 219 -66.06 -20.37 -33.95
CA ILE G 219 -65.21 -19.95 -35.07
C ILE G 219 -63.96 -19.21 -34.61
N PHE G 220 -64.10 -18.34 -33.62
CA PHE G 220 -63.02 -17.48 -33.15
C PHE G 220 -62.47 -17.84 -31.78
N ARG G 221 -63.09 -18.84 -31.14
CA ARG G 221 -62.77 -19.27 -29.77
C ARG G 221 -62.41 -18.13 -28.80
N PHE G 222 -63.44 -17.39 -28.40
CA PHE G 222 -63.26 -16.26 -27.47
C PHE G 222 -64.22 -16.34 -26.27
N LYS H 4 -49.73 28.18 -33.07
CA LYS H 4 -49.31 26.79 -32.69
C LYS H 4 -50.53 25.92 -32.44
N PRO H 5 -50.45 24.61 -32.77
CA PRO H 5 -51.44 23.65 -32.29
C PRO H 5 -51.47 23.61 -30.75
N LYS H 6 -52.65 23.56 -30.17
CA LYS H 6 -52.79 23.48 -28.71
C LYS H 6 -53.40 22.15 -28.35
N LEU H 7 -52.66 21.31 -27.62
CA LEU H 7 -53.13 19.98 -27.27
C LEU H 7 -53.76 19.99 -25.89
N HIS H 8 -55.02 19.55 -25.83
CA HIS H 8 -55.77 19.51 -24.58
C HIS H 8 -55.91 18.08 -24.06
N TYR H 9 -55.20 17.79 -22.98
CA TYR H 9 -55.15 16.47 -22.36
C TYR H 9 -54.61 16.64 -20.94
N PHE H 10 -54.61 15.57 -20.17
CA PHE H 10 -53.94 15.58 -18.88
C PHE H 10 -52.43 15.42 -19.10
N ASN H 11 -51.64 15.77 -18.10
CA ASN H 11 -50.18 15.64 -18.21
C ASN H 11 -49.74 14.18 -18.15
N GLY H 12 -49.79 13.51 -19.29
CA GLY H 12 -49.49 12.07 -19.37
C GLY H 12 -49.67 11.51 -20.76
N ARG H 13 -49.23 10.26 -20.96
CA ARG H 13 -49.31 9.58 -22.25
C ARG H 13 -50.75 9.41 -22.74
N GLY H 14 -51.46 8.45 -22.15
CA GLY H 14 -52.84 8.15 -22.52
C GLY H 14 -53.02 8.06 -24.04
N ARG H 15 -54.07 8.70 -24.55
CA ARG H 15 -54.42 8.62 -25.98
C ARG H 15 -53.78 9.72 -26.83
N MET H 16 -53.22 10.74 -26.17
CA MET H 16 -52.64 11.89 -26.85
C MET H 16 -51.21 11.65 -27.33
N GLU H 17 -50.52 10.67 -26.77
CA GLU H 17 -49.09 10.49 -27.02
C GLU H 17 -48.75 10.33 -28.50
N PRO H 18 -49.52 9.47 -29.23
CA PRO H 18 -49.28 9.35 -30.67
C PRO H 18 -49.33 10.68 -31.42
N ILE H 19 -50.16 11.62 -30.96
CA ILE H 19 -50.29 12.93 -31.59
C ILE H 19 -49.06 13.81 -31.29
N ARG H 20 -48.55 13.72 -30.06
CA ARG H 20 -47.30 14.40 -29.70
C ARG H 20 -46.16 13.94 -30.60
N TRP H 21 -46.03 12.61 -30.75
CA TRP H 21 -45.04 11.98 -31.63
C TRP H 21 -45.11 12.45 -33.07
N LEU H 22 -46.32 12.57 -33.61
CA LEU H 22 -46.49 12.91 -35.03
C LEU H 22 -46.17 14.37 -35.31
N LEU H 23 -46.72 15.27 -34.50
CA LEU H 23 -46.37 16.69 -34.61
C LEU H 23 -44.86 16.88 -34.50
N ALA H 24 -44.27 16.31 -33.45
CA ALA H 24 -42.81 16.29 -33.30
C ALA H 24 -42.03 15.70 -34.50
N ALA H 25 -42.43 14.54 -35.01
CA ALA H 25 -41.73 13.94 -36.16
C ALA H 25 -41.83 14.83 -37.41
N ALA H 26 -42.95 15.54 -37.55
CA ALA H 26 -43.18 16.49 -38.64
C ALA H 26 -42.51 17.86 -38.48
N GLY H 27 -41.86 18.09 -37.33
CA GLY H 27 -41.09 19.31 -37.09
C GLY H 27 -41.93 20.46 -36.58
N VAL H 28 -43.10 20.12 -36.03
CA VAL H 28 -44.12 21.13 -35.69
C VAL H 28 -44.11 21.49 -34.21
N GLU H 29 -43.86 22.77 -33.93
CA GLU H 29 -43.91 23.28 -32.55
C GLU H 29 -45.35 23.34 -32.05
N PHE H 30 -45.60 22.77 -30.89
CA PHE H 30 -46.95 22.80 -30.36
C PHE H 30 -47.03 23.22 -28.88
N GLU H 31 -48.23 23.61 -28.47
CA GLU H 31 -48.52 23.99 -27.10
C GLU H 31 -49.34 22.91 -26.42
N GLU H 32 -49.20 22.78 -25.11
CA GLU H 32 -50.06 21.88 -24.36
C GLU H 32 -50.74 22.61 -23.22
N LYS H 33 -52.08 22.55 -23.17
CA LYS H 33 -52.82 23.00 -21.99
C LYS H 33 -53.23 21.77 -21.18
N PHE H 34 -52.59 21.61 -20.02
CA PHE H 34 -52.79 20.41 -19.22
C PHE H 34 -54.02 20.42 -18.32
N ILE H 35 -54.79 19.35 -18.42
CA ILE H 35 -55.99 19.13 -17.61
C ILE H 35 -55.58 18.49 -16.28
N GLY H 36 -55.70 19.25 -15.21
CA GLY H 36 -55.21 18.78 -13.91
C GLY H 36 -56.27 18.48 -12.87
N SER H 37 -57.54 18.65 -13.25
CA SER H 37 -58.67 18.50 -12.32
C SER H 37 -59.95 18.31 -13.10
N ALA H 38 -60.96 17.77 -12.41
CA ALA H 38 -62.32 17.67 -12.97
C ALA H 38 -62.85 19.05 -13.38
N GLU H 39 -62.43 20.09 -12.64
CA GLU H 39 -62.77 21.48 -12.93
C GLU H 39 -62.25 21.96 -14.31
N ASP H 40 -61.04 21.54 -14.66
CA ASP H 40 -60.43 21.86 -15.96
C ASP H 40 -61.21 21.20 -17.11
N LEU H 41 -61.60 19.95 -16.90
CA LEU H 41 -62.36 19.18 -17.88
C LEU H 41 -63.76 19.74 -18.05
N GLY H 42 -64.39 20.11 -16.94
CA GLY H 42 -65.71 20.73 -16.94
C GLY H 42 -65.78 22.00 -17.79
N LYS H 43 -64.76 22.85 -17.67
CA LYS H 43 -64.69 24.11 -18.42
C LYS H 43 -64.65 23.82 -19.92
N LEU H 44 -63.80 22.88 -20.32
CA LEU H 44 -63.73 22.46 -21.74
C LEU H 44 -65.08 21.90 -22.21
N ARG H 45 -65.74 21.11 -21.36
CA ARG H 45 -67.06 20.56 -21.70
C ARG H 45 -68.12 21.64 -21.85
N ASN H 46 -68.13 22.58 -20.90
CA ASN H 46 -69.12 23.68 -20.91
C ASN H 46 -68.86 24.78 -21.94
N ASP H 47 -67.62 24.88 -22.42
CA ASP H 47 -67.24 25.88 -23.43
C ASP H 47 -67.68 25.48 -24.84
N GLY H 48 -68.21 24.26 -24.99
CA GLY H 48 -68.55 23.72 -26.30
C GLY H 48 -67.33 23.30 -27.12
N SER H 49 -66.21 23.06 -26.43
CA SER H 49 -64.93 22.78 -27.07
C SER H 49 -64.70 21.31 -27.41
N LEU H 50 -65.58 20.43 -26.93
CA LEU H 50 -65.39 18.99 -27.06
C LEU H 50 -66.64 18.37 -27.66
N MET H 51 -66.55 17.91 -28.91
CA MET H 51 -67.76 17.48 -29.63
C MET H 51 -68.53 16.38 -28.90
N PHE H 52 -67.80 15.42 -28.34
CA PHE H 52 -68.39 14.29 -27.63
C PHE H 52 -67.97 14.33 -26.16
N GLN H 53 -67.71 15.58 -25.72
CA GLN H 53 -67.26 15.94 -24.37
C GLN H 53 -66.10 15.14 -23.81
N GLN H 54 -65.25 14.66 -24.71
CA GLN H 54 -64.08 13.89 -24.35
C GLN H 54 -62.83 14.58 -24.88
N VAL H 55 -61.70 14.28 -24.26
CA VAL H 55 -60.38 14.53 -24.86
C VAL H 55 -59.73 13.20 -25.28
N PRO H 56 -58.69 13.21 -26.14
CA PRO H 56 -57.96 14.34 -26.77
C PRO H 56 -58.80 15.37 -27.52
N MET H 57 -58.40 16.63 -27.40
CA MET H 57 -58.84 17.69 -28.27
C MET H 57 -57.62 18.51 -28.66
N VAL H 58 -57.57 18.90 -29.93
CA VAL H 58 -56.43 19.67 -30.45
C VAL H 58 -56.97 20.88 -31.20
N GLU H 59 -56.51 22.06 -30.79
CA GLU H 59 -56.80 23.30 -31.52
C GLU H 59 -55.76 23.47 -32.63
N ILE H 60 -56.21 23.44 -33.88
CA ILE H 60 -55.30 23.48 -35.03
C ILE H 60 -56.04 24.06 -36.24
N ASP H 61 -55.45 25.08 -36.85
CA ASP H 61 -56.01 25.70 -38.07
C ASP H 61 -57.50 26.02 -37.99
N GLY H 62 -57.88 26.68 -36.90
CA GLY H 62 -59.26 27.15 -36.69
C GLY H 62 -60.25 26.09 -36.24
N MET H 63 -59.75 24.89 -35.98
CA MET H 63 -60.61 23.77 -35.58
C MET H 63 -60.37 23.36 -34.14
N LYS H 64 -61.45 22.93 -33.50
CA LYS H 64 -61.35 22.23 -32.23
C LYS H 64 -61.59 20.77 -32.57
N LEU H 65 -60.51 20.07 -32.85
CA LEU H 65 -60.60 18.71 -33.37
C LEU H 65 -60.55 17.70 -32.24
N VAL H 66 -61.47 16.75 -32.30
CA VAL H 66 -61.69 15.74 -31.28
C VAL H 66 -61.58 14.37 -31.95
N GLN H 67 -61.28 13.32 -31.16
CA GLN H 67 -61.08 11.95 -31.66
C GLN H 67 -59.66 11.74 -32.21
N THR H 68 -58.87 10.97 -31.48
CA THR H 68 -57.46 10.69 -31.78
C THR H 68 -57.21 10.43 -33.28
N ARG H 69 -57.98 9.50 -33.86
CA ARG H 69 -57.84 9.15 -35.28
C ARG H 69 -58.09 10.31 -36.21
N ALA H 70 -59.10 11.13 -35.91
CA ALA H 70 -59.39 12.34 -36.70
C ALA H 70 -58.22 13.32 -36.70
N ILE H 71 -57.64 13.51 -35.51
CA ILE H 71 -56.52 14.43 -35.31
C ILE H 71 -55.27 13.91 -36.01
N LEU H 72 -55.00 12.62 -35.85
CA LEU H 72 -53.85 12.02 -36.46
C LEU H 72 -53.91 12.11 -37.99
N ASN H 73 -55.07 11.75 -38.57
CA ASN H 73 -55.28 11.76 -40.01
C ASN H 73 -55.09 13.17 -40.60
N TYR H 74 -55.63 14.17 -39.92
CA TYR H 74 -55.49 15.55 -40.36
C TYR H 74 -54.01 15.94 -40.40
N ILE H 75 -53.28 15.59 -39.35
CA ILE H 75 -51.86 15.92 -39.26
C ILE H 75 -51.03 15.21 -40.32
N ALA H 76 -51.28 13.93 -40.52
CA ALA H 76 -50.49 13.16 -41.50
C ALA H 76 -50.76 13.68 -42.93
N SER H 77 -52.02 13.94 -43.25
CA SER H 77 -52.36 14.54 -44.55
C SER H 77 -51.65 15.88 -44.75
N LYS H 78 -51.78 16.77 -43.76
CA LYS H 78 -51.19 18.11 -43.82
C LYS H 78 -49.67 18.10 -44.06
N TYR H 79 -48.97 17.20 -43.38
CA TYR H 79 -47.51 17.15 -43.44
C TYR H 79 -46.94 16.05 -44.36
N ASN H 80 -47.81 15.55 -45.25
CA ASN H 80 -47.46 14.56 -46.27
C ASN H 80 -46.84 13.30 -45.69
N LEU H 81 -47.39 12.87 -44.56
CA LEU H 81 -46.99 11.62 -43.93
C LEU H 81 -48.07 10.56 -44.12
N TYR H 82 -48.90 10.77 -45.14
CA TYR H 82 -50.02 9.88 -45.41
C TYR H 82 -49.94 9.23 -46.79
N GLY H 83 -48.74 9.00 -47.30
CA GLY H 83 -48.58 8.32 -48.60
C GLY H 83 -48.90 9.23 -49.78
N LYS H 84 -48.72 8.70 -50.99
CA LYS H 84 -48.85 9.52 -52.20
C LYS H 84 -50.20 9.35 -52.90
N ASP H 85 -50.91 8.26 -52.58
CA ASP H 85 -52.21 7.96 -53.22
C ASP H 85 -53.13 7.11 -52.33
N ILE H 86 -54.34 6.86 -52.81
CA ILE H 86 -55.35 6.05 -52.13
C ILE H 86 -54.86 4.64 -51.71
N LYS H 87 -54.13 3.95 -52.58
CA LYS H 87 -53.64 2.62 -52.22
C LYS H 87 -52.58 2.68 -51.13
N GLU H 88 -51.73 3.71 -51.13
CA GLU H 88 -50.71 3.84 -50.09
C GLU H 88 -51.32 4.16 -48.73
N ARG H 89 -52.30 5.06 -48.73
CA ARG H 89 -53.14 5.33 -47.55
C ARG H 89 -53.82 4.07 -47.02
N ALA H 90 -54.29 3.21 -47.92
CA ALA H 90 -54.87 1.94 -47.53
C ALA H 90 -53.89 1.07 -46.73
N LEU H 91 -52.62 0.97 -47.20
CA LEU H 91 -51.57 0.23 -46.47
C LEU H 91 -51.22 0.88 -45.12
N ILE H 92 -51.00 2.19 -45.13
CA ILE H 92 -50.75 2.96 -43.90
C ILE H 92 -51.90 2.78 -42.89
N ASP H 93 -53.14 2.92 -43.32
CA ASP H 93 -54.30 2.64 -42.46
C ASP H 93 -54.30 1.22 -41.89
N MET H 94 -54.06 0.22 -42.73
CA MET H 94 -54.09 -1.17 -42.27
C MET H 94 -52.95 -1.44 -41.27
N TYR H 95 -51.77 -0.94 -41.59
CA TYR H 95 -50.59 -1.07 -40.72
C TYR H 95 -50.81 -0.38 -39.37
N THR H 96 -51.21 0.90 -39.39
CA THR H 96 -51.40 1.69 -38.15
C THR H 96 -52.56 1.20 -37.27
N GLU H 97 -53.61 0.67 -37.90
CA GLU H 97 -54.70 0.06 -37.15
C GLU H 97 -54.25 -1.20 -36.42
N GLY H 98 -53.35 -1.97 -37.02
CA GLY H 98 -52.74 -3.12 -36.34
C GLY H 98 -51.96 -2.66 -35.13
N MET H 99 -51.14 -1.63 -35.30
CA MET H 99 -50.38 -1.03 -34.21
C MET H 99 -51.29 -0.47 -33.11
N ALA H 100 -52.45 0.06 -33.51
CA ALA H 100 -53.41 0.61 -32.56
C ALA H 100 -54.04 -0.52 -31.72
N ASP H 101 -54.27 -1.67 -32.32
CA ASP H 101 -54.78 -2.83 -31.58
C ASP H 101 -53.80 -3.30 -30.49
N LEU H 102 -52.50 -3.35 -30.82
CA LEU H 102 -51.52 -3.70 -29.80
C LEU H 102 -51.32 -2.59 -28.76
N ASN H 103 -51.20 -1.34 -29.22
CA ASN H 103 -51.11 -0.17 -28.32
C ASN H 103 -52.25 -0.11 -27.31
N GLU H 104 -53.45 -0.48 -27.76
CA GLU H 104 -54.66 -0.44 -26.94
C GLU H 104 -54.58 -1.45 -25.81
N MET H 105 -54.00 -2.61 -26.09
CA MET H 105 -53.82 -3.64 -25.07
C MET H 105 -52.85 -3.19 -23.97
N ILE H 106 -51.79 -2.49 -24.37
CA ILE H 106 -50.77 -1.99 -23.43
C ILE H 106 -51.32 -0.77 -22.67
N LEU H 107 -52.06 0.08 -23.37
CA LEU H 107 -52.66 1.28 -22.77
C LEU H 107 -53.68 0.96 -21.66
N LEU H 108 -54.46 -0.09 -21.86
CA LEU H 108 -55.51 -0.48 -20.88
C LEU H 108 -55.05 -1.49 -19.83
N LEU H 109 -53.74 -1.77 -19.80
CA LEU H 109 -53.15 -2.71 -18.82
C LEU H 109 -53.29 -2.28 -17.34
N PRO H 110 -53.16 -0.96 -17.04
CA PRO H 110 -53.43 -0.45 -15.68
C PRO H 110 -54.85 -0.71 -15.18
N LEU H 111 -55.82 -0.80 -16.09
CA LEU H 111 -57.22 -1.00 -15.72
C LEU H 111 -57.55 -2.46 -15.38
N CYS H 112 -56.64 -3.38 -15.71
CA CYS H 112 -56.84 -4.80 -15.41
C CYS H 112 -56.83 -5.08 -13.91
N ARG H 113 -57.73 -5.97 -13.48
CA ARG H 113 -57.77 -6.44 -12.09
C ARG H 113 -56.51 -7.26 -11.73
N PRO H 114 -56.15 -7.26 -10.44
CA PRO H 114 -55.10 -8.16 -9.94
C PRO H 114 -55.16 -9.55 -10.58
N GLU H 115 -56.35 -10.16 -10.56
CA GLU H 115 -56.54 -11.57 -10.94
C GLU H 115 -56.49 -11.86 -12.45
N GLU H 116 -56.47 -10.81 -13.27
CA GLU H 116 -56.46 -10.98 -14.74
C GLU H 116 -55.22 -10.37 -15.40
N LYS H 117 -54.56 -9.46 -14.69
CA LYS H 117 -53.40 -8.71 -15.20
C LYS H 117 -52.28 -9.60 -15.73
N ASP H 118 -51.95 -10.66 -14.99
CA ASP H 118 -50.88 -11.59 -15.34
C ASP H 118 -51.12 -12.35 -16.65
N ALA H 119 -52.37 -12.72 -16.92
CA ALA H 119 -52.72 -13.39 -18.17
C ALA H 119 -52.67 -12.41 -19.34
N LYS H 120 -53.07 -11.17 -19.06
CA LYS H 120 -53.07 -10.12 -20.07
C LYS H 120 -51.66 -9.81 -20.55
N ILE H 121 -50.75 -9.64 -19.59
CA ILE H 121 -49.34 -9.38 -19.87
C ILE H 121 -48.77 -10.45 -20.79
N ALA H 122 -49.07 -11.72 -20.49
CA ALA H 122 -48.65 -12.86 -21.30
C ALA H 122 -49.27 -12.86 -22.70
N LEU H 123 -50.52 -12.42 -22.82
CA LEU H 123 -51.19 -12.40 -24.11
C LEU H 123 -50.55 -11.35 -25.01
N ILE H 124 -50.31 -10.17 -24.45
CA ILE H 124 -49.61 -9.09 -25.15
C ILE H 124 -48.23 -9.55 -25.65
N LYS H 125 -47.46 -10.18 -24.78
CA LYS H 125 -46.14 -10.73 -25.11
C LYS H 125 -46.20 -11.74 -26.25
N GLU H 126 -47.21 -12.63 -26.22
CA GLU H 126 -47.38 -13.67 -27.22
C GLU H 126 -47.89 -13.12 -28.54
N LYS H 127 -48.85 -12.19 -28.47
CA LYS H 127 -49.41 -11.53 -29.66
C LYS H 127 -48.37 -10.64 -30.32
N THR H 128 -47.56 -9.97 -29.51
CA THR H 128 -46.45 -9.17 -30.03
C THR H 128 -45.58 -10.07 -30.92
N LYS H 129 -45.12 -11.19 -30.38
CA LYS H 129 -44.16 -12.08 -31.07
C LYS H 129 -44.73 -12.95 -32.17
N SER H 130 -45.99 -13.29 -32.11
CA SER H 130 -46.57 -14.21 -33.10
C SER H 130 -47.49 -13.52 -34.11
N ARG H 131 -47.97 -12.34 -33.73
CA ARG H 131 -48.97 -11.64 -34.53
C ARG H 131 -48.41 -10.33 -35.11
N TYR H 132 -47.94 -9.46 -34.24
CA TYR H 132 -47.67 -8.08 -34.65
C TYR H 132 -46.29 -7.89 -35.23
N PHE H 133 -45.25 -8.28 -34.49
CA PHE H 133 -43.90 -8.14 -35.01
C PHE H 133 -43.66 -8.94 -36.31
N PRO H 134 -44.17 -10.19 -36.40
CA PRO H 134 -44.07 -10.91 -37.68
C PRO H 134 -44.73 -10.18 -38.87
N ALA H 135 -45.86 -9.52 -38.64
CA ALA H 135 -46.56 -8.80 -39.69
C ALA H 135 -45.70 -7.69 -40.32
N PHE H 136 -45.11 -6.86 -39.47
CA PHE H 136 -44.30 -5.73 -39.96
C PHE H 136 -42.91 -6.12 -40.42
N GLU H 137 -42.37 -7.21 -39.87
CA GLU H 137 -41.07 -7.72 -40.31
C GLU H 137 -41.19 -8.16 -41.77
N LYS H 138 -42.30 -8.83 -42.07
CA LYS H 138 -42.60 -9.32 -43.42
C LYS H 138 -42.84 -8.21 -44.45
N VAL H 139 -43.45 -7.10 -44.03
CA VAL H 139 -43.56 -5.96 -44.95
C VAL H 139 -42.18 -5.35 -45.28
N LEU H 140 -41.33 -5.18 -44.28
CA LEU H 140 -39.97 -4.67 -44.49
C LEU H 140 -39.17 -5.64 -45.36
N GLN H 141 -39.31 -6.93 -45.09
CA GLN H 141 -38.65 -8.00 -45.85
C GLN H 141 -39.06 -8.03 -47.32
N SER H 142 -40.36 -7.97 -47.58
CA SER H 142 -40.86 -8.13 -48.94
C SER H 142 -40.52 -6.99 -49.90
N HIS H 143 -40.27 -5.78 -49.40
CA HIS H 143 -39.86 -4.70 -50.31
C HIS H 143 -38.38 -4.28 -50.23
N GLY H 144 -37.70 -4.69 -49.16
CA GLY H 144 -36.29 -4.36 -48.94
C GLY H 144 -36.00 -2.90 -48.62
N GLN H 145 -37.05 -2.13 -48.37
CA GLN H 145 -36.91 -0.67 -48.21
C GLN H 145 -36.85 -0.19 -46.75
N ASP H 146 -36.36 1.03 -46.57
CA ASP H 146 -36.14 1.61 -45.24
C ASP H 146 -37.39 2.20 -44.56
N TYR H 147 -38.47 2.32 -45.33
CA TYR H 147 -39.74 2.80 -44.80
C TYR H 147 -40.83 1.75 -45.01
N LEU H 148 -41.84 1.74 -44.15
CA LEU H 148 -42.93 0.75 -44.25
C LEU H 148 -43.67 0.81 -45.57
N VAL H 149 -44.01 2.03 -46.00
CA VAL H 149 -44.91 2.26 -47.13
C VAL H 149 -44.35 3.35 -48.06
N GLY H 150 -44.32 3.03 -49.35
CA GLY H 150 -44.05 3.99 -50.40
C GLY H 150 -42.62 4.55 -50.45
N ASN H 151 -41.68 3.89 -49.79
CA ASN H 151 -40.28 4.36 -49.73
C ASN H 151 -40.14 5.84 -49.29
N LYS H 152 -41.01 6.23 -48.37
CA LYS H 152 -41.10 7.61 -47.87
C LYS H 152 -41.58 7.51 -46.42
N LEU H 153 -40.99 8.32 -45.55
CA LEU H 153 -41.48 8.47 -44.18
C LEU H 153 -42.99 8.71 -44.16
N SER H 154 -43.68 7.95 -43.30
CA SER H 154 -45.13 8.10 -43.15
C SER H 154 -45.48 7.91 -41.70
N ARG H 155 -46.75 8.17 -41.37
CA ARG H 155 -47.16 7.97 -40.00
C ARG H 155 -47.05 6.51 -39.57
N ALA H 156 -47.00 5.58 -40.53
CA ALA H 156 -46.82 4.18 -40.21
C ALA H 156 -45.48 3.93 -39.49
N ASP H 157 -44.39 4.50 -40.03
CA ASP H 157 -43.06 4.35 -39.41
C ASP H 157 -43.02 4.99 -38.03
N ILE H 158 -43.65 6.15 -37.90
CA ILE H 158 -43.63 6.91 -36.64
C ILE H 158 -44.44 6.18 -35.57
N SER H 159 -45.62 5.67 -35.95
CA SER H 159 -46.45 4.86 -35.07
C SER H 159 -45.75 3.57 -34.67
N LEU H 160 -45.03 2.94 -35.60
CA LEU H 160 -44.39 1.67 -35.26
C LEU H 160 -43.25 1.84 -34.28
N VAL H 161 -42.36 2.80 -34.54
CA VAL H 161 -41.23 3.04 -33.65
C VAL H 161 -41.72 3.45 -32.24
N GLU H 162 -42.72 4.31 -32.15
CA GLU H 162 -43.37 4.58 -30.85
C GLU H 162 -43.76 3.27 -30.17
N LEU H 163 -44.40 2.36 -30.92
CA LEU H 163 -44.81 1.07 -30.37
C LEU H 163 -43.63 0.20 -29.93
N LEU H 164 -42.55 0.25 -30.68
CA LEU H 164 -41.35 -0.54 -30.39
C LEU H 164 -40.70 -0.11 -29.08
N TYR H 165 -40.81 1.19 -28.76
CA TYR H 165 -40.36 1.73 -27.49
C TYR H 165 -41.24 1.26 -26.31
N TYR H 166 -42.55 1.14 -26.52
CA TYR H 166 -43.49 0.68 -25.48
C TYR H 166 -43.36 -0.78 -25.19
N VAL H 167 -43.13 -1.55 -26.25
CA VAL H 167 -42.88 -2.97 -26.16
C VAL H 167 -41.57 -3.21 -25.41
N GLU H 168 -40.60 -2.33 -25.64
CA GLU H 168 -39.30 -2.38 -24.95
C GLU H 168 -39.46 -2.17 -23.43
N GLU H 169 -40.31 -1.23 -23.04
CA GLU H 169 -40.62 -0.96 -21.63
C GLU H 169 -41.25 -2.19 -20.98
N LEU H 170 -42.10 -2.88 -21.71
CA LEU H 170 -42.72 -4.12 -21.25
C LEU H 170 -41.71 -5.25 -21.07
N ASP H 171 -40.95 -5.53 -22.12
CA ASP H 171 -40.02 -6.64 -22.18
C ASP H 171 -39.11 -6.41 -23.39
N SER H 172 -37.82 -6.28 -23.16
CA SER H 172 -36.87 -5.85 -24.19
C SER H 172 -36.39 -7.00 -25.09
N SER H 173 -36.77 -8.22 -24.74
CA SER H 173 -36.40 -9.40 -25.53
C SER H 173 -37.41 -9.66 -26.66
N LEU H 174 -38.51 -8.92 -26.66
CA LEU H 174 -39.61 -9.20 -27.58
C LEU H 174 -39.28 -8.87 -29.02
N ILE H 175 -38.43 -7.86 -29.23
CA ILE H 175 -37.95 -7.51 -30.58
C ILE H 175 -36.72 -8.33 -31.03
N SER H 176 -36.15 -9.11 -30.12
CA SER H 176 -34.85 -9.76 -30.36
C SER H 176 -34.74 -10.59 -31.64
N ASN H 177 -35.84 -11.23 -32.06
CA ASN H 177 -35.87 -12.06 -33.27
C ASN H 177 -36.34 -11.31 -34.53
N PHE H 178 -36.39 -9.98 -34.44
CA PHE H 178 -36.89 -9.15 -35.53
C PHE H 178 -35.86 -8.07 -35.90
N PRO H 179 -34.82 -8.46 -36.68
CA PRO H 179 -33.72 -7.53 -36.98
C PRO H 179 -34.11 -6.34 -37.84
N LEU H 180 -35.07 -6.53 -38.74
CA LEU H 180 -35.50 -5.42 -39.60
C LEU H 180 -36.25 -4.37 -38.81
N LEU H 181 -36.94 -4.79 -37.75
CA LEU H 181 -37.64 -3.85 -36.86
C LEU H 181 -36.65 -3.10 -35.96
N LYS H 182 -35.61 -3.80 -35.51
CA LYS H 182 -34.51 -3.20 -34.75
C LYS H 182 -33.86 -2.08 -35.54
N ALA H 183 -33.70 -2.32 -36.84
CA ALA H 183 -33.04 -1.39 -37.75
C ALA H 183 -33.90 -0.18 -38.05
N LEU H 184 -35.19 -0.39 -38.31
CA LEU H 184 -36.15 0.71 -38.45
C LEU H 184 -36.12 1.62 -37.21
N LYS H 185 -36.16 0.98 -36.04
CA LYS H 185 -36.10 1.69 -34.76
C LYS H 185 -34.91 2.65 -34.67
N THR H 186 -33.72 2.18 -35.03
CA THR H 186 -32.49 2.99 -34.96
C THR H 186 -32.56 4.18 -35.93
N ARG H 187 -32.81 3.88 -37.20
CA ARG H 187 -32.89 4.87 -38.26
C ARG H 187 -33.89 5.98 -37.96
N ILE H 188 -35.11 5.60 -37.61
CA ILE H 188 -36.18 6.56 -37.36
C ILE H 188 -35.85 7.40 -36.12
N SER H 189 -35.39 6.72 -35.07
CA SER H 189 -34.92 7.38 -33.85
C SER H 189 -33.79 8.38 -34.09
N ASN H 190 -33.14 8.27 -35.25
CA ASN H 190 -32.02 9.15 -35.58
C ASN H 190 -32.39 10.28 -36.54
N LEU H 191 -33.58 10.19 -37.14
CA LEU H 191 -34.14 11.31 -37.87
C LEU H 191 -34.06 12.51 -36.94
N PRO H 192 -33.46 13.63 -37.40
CA PRO H 192 -33.25 14.82 -36.59
C PRO H 192 -34.46 15.33 -35.78
N THR H 193 -35.66 15.32 -36.36
CA THR H 193 -36.87 15.72 -35.61
C THR H 193 -37.20 14.74 -34.49
N VAL H 194 -37.10 13.44 -34.78
CA VAL H 194 -37.44 12.38 -33.82
C VAL H 194 -36.38 12.30 -32.73
N LYS H 195 -35.10 12.38 -33.11
CA LYS H 195 -34.01 12.37 -32.14
C LYS H 195 -34.21 13.48 -31.10
N LYS H 196 -34.59 14.66 -31.57
CA LYS H 196 -34.92 15.77 -30.68
C LYS H 196 -36.06 15.42 -29.73
N PHE H 197 -37.10 14.76 -30.26
CA PHE H 197 -38.25 14.35 -29.44
C PHE H 197 -37.88 13.30 -28.40
N LEU H 198 -36.91 12.46 -28.74
CA LEU H 198 -36.48 11.43 -27.82
C LEU H 198 -35.56 11.94 -26.71
N GLN H 199 -35.11 13.19 -26.83
CA GLN H 199 -34.23 13.78 -25.83
C GLN H 199 -34.94 14.08 -24.50
N PRO H 200 -34.19 14.00 -23.37
CA PRO H 200 -34.78 14.33 -22.08
C PRO H 200 -35.44 15.70 -22.12
N GLY H 201 -36.57 15.87 -21.42
CA GLY H 201 -37.19 17.18 -21.31
C GLY H 201 -38.06 17.61 -22.48
N SER H 202 -38.24 16.72 -23.45
CA SER H 202 -39.13 16.95 -24.59
C SER H 202 -40.59 16.75 -24.14
N PRO H 203 -41.59 17.08 -25.00
CA PRO H 203 -42.99 16.80 -24.68
C PRO H 203 -43.36 15.32 -24.56
N ARG H 204 -42.40 14.42 -24.81
CA ARG H 204 -42.61 12.98 -24.63
C ARG H 204 -42.90 12.66 -23.17
N LYS H 205 -43.97 11.89 -22.96
CA LYS H 205 -44.50 11.63 -21.64
C LYS H 205 -44.02 10.31 -21.04
N PRO H 206 -43.94 10.25 -19.69
CA PRO H 206 -43.47 9.03 -19.01
C PRO H 206 -44.47 7.89 -19.05
N PRO H 207 -43.99 6.65 -18.82
CA PRO H 207 -44.92 5.54 -18.64
C PRO H 207 -45.87 5.83 -17.49
N ALA H 208 -47.14 5.46 -17.65
CA ALA H 208 -48.14 5.59 -16.58
C ALA H 208 -47.76 4.75 -15.38
N ASP H 209 -47.81 5.34 -14.19
CA ASP H 209 -47.55 4.62 -12.95
C ASP H 209 -48.79 4.59 -12.06
N ALA H 210 -48.66 4.05 -10.85
CA ALA H 210 -49.79 3.94 -9.91
C ALA H 210 -50.34 5.30 -9.53
N LYS H 211 -49.44 6.24 -9.22
CA LYS H 211 -49.78 7.63 -8.90
C LYS H 211 -50.59 8.30 -10.02
N ALA H 212 -50.18 8.08 -11.27
CA ALA H 212 -50.80 8.72 -12.43
C ALA H 212 -52.24 8.24 -12.73
N LEU H 213 -52.44 6.93 -12.61
CA LEU H 213 -53.76 6.31 -12.79
C LEU H 213 -54.74 6.86 -11.76
N GLU H 214 -54.25 7.01 -10.53
CA GLU H 214 -55.02 7.53 -9.39
C GLU H 214 -55.55 8.94 -9.65
N GLU H 215 -54.68 9.82 -10.13
CA GLU H 215 -55.04 11.21 -10.38
C GLU H 215 -55.86 11.39 -11.67
N ALA H 216 -55.81 10.38 -12.54
CA ALA H 216 -56.64 10.32 -13.74
C ALA H 216 -58.10 10.01 -13.40
N ARG H 217 -58.31 9.14 -12.40
CA ARG H 217 -59.64 8.77 -11.94
C ARG H 217 -60.40 9.97 -11.36
N LYS H 218 -59.66 10.86 -10.70
CA LYS H 218 -60.22 12.07 -10.10
C LYS H 218 -60.75 13.05 -11.16
N ILE H 219 -59.99 13.22 -12.24
CA ILE H 219 -60.33 14.12 -13.33
C ILE H 219 -61.47 13.57 -14.20
N PHE H 220 -61.22 12.41 -14.80
CA PHE H 220 -62.12 11.83 -15.81
C PHE H 220 -63.28 11.05 -15.23
N ARG H 221 -63.17 10.71 -13.93
CA ARG H 221 -64.23 10.02 -13.17
C ARG H 221 -64.56 8.63 -13.72
N PHE H 222 -63.52 7.80 -13.88
CA PHE H 222 -63.70 6.41 -14.30
C PHE H 222 -63.27 5.42 -13.20
N LYS I 4 -49.94 -43.50 -93.92
CA LYS I 4 -50.83 -43.11 -92.77
C LYS I 4 -50.04 -43.11 -91.49
N PRO I 5 -50.34 -42.15 -90.57
CA PRO I 5 -49.85 -42.32 -89.21
C PRO I 5 -50.38 -43.62 -88.57
N LYS I 6 -49.50 -44.32 -87.85
CA LYS I 6 -49.83 -45.58 -87.18
C LYS I 6 -49.62 -45.46 -85.68
N LEU I 7 -50.70 -45.61 -84.92
CA LEU I 7 -50.65 -45.40 -83.46
C LEU I 7 -50.55 -46.73 -82.70
N HIS I 8 -49.50 -46.87 -81.90
CA HIS I 8 -49.25 -48.08 -81.10
C HIS I 8 -49.68 -47.86 -79.67
N TYR I 9 -50.71 -48.59 -79.25
CA TYR I 9 -51.20 -48.47 -77.89
C TYR I 9 -52.06 -49.67 -77.57
N PHE I 10 -52.42 -49.83 -76.30
CA PHE I 10 -53.47 -50.76 -75.97
C PHE I 10 -54.77 -50.20 -76.51
N ASN I 11 -55.80 -51.04 -76.58
CA ASN I 11 -57.11 -50.64 -77.04
C ASN I 11 -57.88 -49.97 -75.91
N GLY I 12 -57.77 -48.64 -75.83
CA GLY I 12 -58.27 -47.88 -74.71
C GLY I 12 -57.76 -46.46 -74.77
N ARG I 13 -58.36 -45.58 -73.96
CA ARG I 13 -58.06 -44.16 -73.97
C ARG I 13 -56.60 -43.90 -73.58
N GLY I 14 -56.30 -44.15 -72.31
CA GLY I 14 -54.97 -43.90 -71.76
C GLY I 14 -54.39 -42.59 -72.23
N ARG I 15 -53.10 -42.60 -72.48
CA ARG I 15 -52.40 -41.39 -72.95
C ARG I 15 -52.51 -41.14 -74.45
N MET I 16 -53.04 -42.11 -75.20
CA MET I 16 -53.15 -41.98 -76.66
C MET I 16 -54.35 -41.16 -77.15
N GLU I 17 -55.38 -41.05 -76.31
CA GLU I 17 -56.62 -40.43 -76.74
C GLU I 17 -56.53 -38.97 -77.28
N PRO I 18 -55.73 -38.07 -76.66
CA PRO I 18 -55.67 -36.75 -77.29
C PRO I 18 -55.04 -36.80 -78.70
N ILE I 19 -54.14 -37.76 -78.93
CA ILE I 19 -53.55 -37.96 -80.27
C ILE I 19 -54.63 -38.36 -81.31
N ARG I 20 -55.55 -39.24 -80.93
CA ARG I 20 -56.71 -39.60 -81.75
C ARG I 20 -57.64 -38.42 -82.04
N TRP I 21 -57.91 -37.63 -81.01
CA TRP I 21 -58.73 -36.42 -81.17
C TRP I 21 -58.12 -35.45 -82.18
N LEU I 22 -56.81 -35.23 -82.06
CA LEU I 22 -56.13 -34.22 -82.84
C LEU I 22 -56.07 -34.58 -84.31
N LEU I 23 -55.71 -35.83 -84.59
CA LEU I 23 -55.67 -36.34 -85.96
C LEU I 23 -57.05 -36.37 -86.60
N ALA I 24 -58.04 -36.81 -85.84
CA ALA I 24 -59.41 -36.84 -86.32
C ALA I 24 -59.86 -35.44 -86.70
N ALA I 25 -59.67 -34.49 -85.77
CA ALA I 25 -60.12 -33.11 -85.99
C ALA I 25 -59.41 -32.40 -87.15
N ALA I 26 -58.13 -32.73 -87.35
CA ALA I 26 -57.36 -32.25 -88.50
C ALA I 26 -57.93 -32.75 -89.83
N GLY I 27 -58.53 -33.94 -89.81
CA GLY I 27 -59.06 -34.59 -91.01
C GLY I 27 -58.12 -35.69 -91.48
N VAL I 28 -57.28 -36.17 -90.59
CA VAL I 28 -56.21 -37.13 -90.95
C VAL I 28 -56.58 -38.58 -90.69
N GLU I 29 -56.57 -39.38 -91.76
CA GLU I 29 -56.76 -40.82 -91.64
C GLU I 29 -55.57 -41.47 -90.93
N PHE I 30 -55.85 -42.38 -90.00
CA PHE I 30 -54.78 -43.10 -89.30
C PHE I 30 -55.11 -44.55 -89.03
N GLU I 31 -54.08 -45.34 -88.76
CA GLU I 31 -54.22 -46.75 -88.43
C GLU I 31 -53.89 -46.96 -86.95
N GLU I 32 -54.32 -48.09 -86.39
CA GLU I 32 -54.00 -48.47 -85.01
C GLU I 32 -53.50 -49.90 -84.93
N LYS I 33 -52.50 -50.14 -84.09
CA LYS I 33 -52.00 -51.49 -83.84
C LYS I 33 -52.09 -51.76 -82.35
N PHE I 34 -53.04 -52.60 -81.98
CA PHE I 34 -53.39 -52.74 -80.57
C PHE I 34 -52.53 -53.73 -79.79
N ILE I 35 -51.89 -53.22 -78.75
CA ILE I 35 -51.11 -54.03 -77.84
C ILE I 35 -52.09 -54.75 -76.92
N GLY I 36 -52.11 -56.08 -77.01
CA GLY I 36 -53.05 -56.91 -76.25
C GLY I 36 -52.43 -57.76 -75.14
N SER I 37 -51.10 -57.76 -75.06
CA SER I 37 -50.37 -58.54 -74.05
C SER I 37 -49.02 -57.92 -73.71
N ALA I 38 -48.45 -58.36 -72.59
CA ALA I 38 -47.09 -57.98 -72.19
C ALA I 38 -46.07 -58.44 -73.24
N GLU I 39 -46.46 -59.43 -74.04
CA GLU I 39 -45.63 -59.93 -75.12
C GLU I 39 -45.66 -59.03 -76.35
N ASP I 40 -46.81 -58.40 -76.62
CA ASP I 40 -46.93 -57.43 -77.71
C ASP I 40 -46.08 -56.19 -77.44
N LEU I 41 -46.03 -55.80 -76.16
CA LEU I 41 -45.20 -54.68 -75.71
C LEU I 41 -43.71 -55.03 -75.81
N GLY I 42 -43.34 -56.20 -75.27
CA GLY I 42 -41.99 -56.73 -75.34
C GLY I 42 -41.37 -56.74 -76.73
N LYS I 43 -42.15 -57.09 -77.74
CA LYS I 43 -41.67 -57.06 -79.12
C LYS I 43 -41.34 -55.63 -79.59
N LEU I 44 -42.19 -54.67 -79.21
CA LEU I 44 -41.96 -53.26 -79.53
C LEU I 44 -40.66 -52.76 -78.88
N ARG I 45 -40.42 -53.20 -77.64
CA ARG I 45 -39.21 -52.86 -76.90
C ARG I 45 -37.96 -53.53 -77.47
N ASN I 46 -38.12 -54.74 -78.00
CA ASN I 46 -36.99 -55.51 -78.52
C ASN I 46 -36.55 -55.08 -79.91
N ASP I 47 -37.52 -54.74 -80.76
CA ASP I 47 -37.22 -54.32 -82.13
C ASP I 47 -36.70 -52.88 -82.22
N GLY I 48 -36.49 -52.26 -81.04
CA GLY I 48 -35.92 -50.92 -80.92
C GLY I 48 -36.87 -49.78 -81.28
N SER I 49 -38.17 -50.04 -81.22
CA SER I 49 -39.17 -49.08 -81.71
C SER I 49 -39.55 -47.99 -80.71
N LEU I 50 -39.29 -48.20 -79.42
CA LEU I 50 -39.69 -47.25 -78.37
C LEU I 50 -38.49 -46.67 -77.64
N MET I 51 -38.19 -45.40 -77.90
CA MET I 51 -36.96 -44.78 -77.37
C MET I 51 -36.78 -44.99 -75.87
N PHE I 52 -37.82 -44.76 -75.09
CA PHE I 52 -37.78 -44.97 -73.64
C PHE I 52 -38.62 -46.17 -73.22
N GLN I 53 -38.69 -47.17 -74.11
CA GLN I 53 -39.41 -48.45 -73.89
C GLN I 53 -40.89 -48.30 -73.46
N GLN I 54 -41.49 -47.16 -73.82
CA GLN I 54 -42.88 -46.87 -73.51
C GLN I 54 -43.69 -46.52 -74.74
N VAL I 55 -45.00 -46.71 -74.61
CA VAL I 55 -45.97 -46.18 -75.56
C VAL I 55 -46.73 -45.11 -74.78
N PRO I 56 -47.45 -44.19 -75.45
CA PRO I 56 -47.70 -43.99 -76.88
C PRO I 56 -46.43 -43.98 -77.75
N MET I 57 -46.52 -44.67 -78.88
CA MET I 57 -45.59 -44.50 -79.97
C MET I 57 -46.41 -44.36 -81.23
N VAL I 58 -46.03 -43.40 -82.07
CA VAL I 58 -46.72 -43.15 -83.33
C VAL I 58 -45.70 -43.12 -84.46
N GLU I 59 -45.92 -43.99 -85.45
CA GLU I 59 -45.13 -44.01 -86.67
C GLU I 59 -45.68 -43.01 -87.67
N ILE I 60 -44.94 -41.92 -87.89
CA ILE I 60 -45.43 -40.84 -88.74
C ILE I 60 -44.26 -40.16 -89.48
N ASP I 61 -44.43 -40.00 -90.79
CA ASP I 61 -43.42 -39.32 -91.62
C ASP I 61 -41.99 -39.83 -91.38
N GLY I 62 -41.85 -41.15 -91.27
CA GLY I 62 -40.54 -41.79 -91.14
C GLY I 62 -39.91 -41.74 -89.77
N MET I 63 -40.68 -41.33 -88.77
CA MET I 63 -40.20 -41.30 -87.39
C MET I 63 -40.95 -42.32 -86.53
N LYS I 64 -40.31 -42.78 -85.46
CA LYS I 64 -40.99 -43.52 -84.41
C LYS I 64 -40.95 -42.59 -83.20
N LEU I 65 -42.00 -41.78 -83.08
CA LEU I 65 -42.11 -40.74 -82.07
C LEU I 65 -42.79 -41.26 -80.84
N VAL I 66 -42.13 -41.10 -79.70
CA VAL I 66 -42.71 -41.38 -78.39
C VAL I 66 -42.87 -40.07 -77.62
N GLN I 67 -43.50 -40.15 -76.44
CA GLN I 67 -43.83 -38.98 -75.61
C GLN I 67 -45.01 -38.24 -76.20
N THR I 68 -46.12 -38.29 -75.48
CA THR I 68 -47.38 -37.69 -75.91
C THR I 68 -47.22 -36.25 -76.42
N ARG I 69 -46.56 -35.39 -75.63
CA ARG I 69 -46.41 -33.98 -76.02
C ARG I 69 -45.63 -33.78 -77.31
N ALA I 70 -44.59 -34.58 -77.50
CA ALA I 70 -43.80 -34.57 -78.73
C ALA I 70 -44.67 -34.90 -79.94
N ILE I 71 -45.47 -35.96 -79.83
CA ILE I 71 -46.37 -36.40 -80.89
C ILE I 71 -47.41 -35.35 -81.21
N LEU I 72 -47.99 -34.75 -80.18
CA LEU I 72 -49.02 -33.76 -80.38
C LEU I 72 -48.47 -32.49 -81.03
N ASN I 73 -47.30 -32.03 -80.56
CA ASN I 73 -46.64 -30.84 -81.11
C ASN I 73 -46.40 -30.98 -82.60
N TYR I 74 -45.92 -32.14 -82.99
CA TYR I 74 -45.64 -32.42 -84.39
C TYR I 74 -46.89 -32.38 -85.24
N ILE I 75 -47.95 -33.03 -84.77
CA ILE I 75 -49.22 -33.07 -85.50
C ILE I 75 -49.83 -31.67 -85.57
N ALA I 76 -49.77 -30.91 -84.47
CA ALA I 76 -50.24 -29.52 -84.45
C ALA I 76 -49.52 -28.63 -85.45
N SER I 77 -48.19 -28.66 -85.48
CA SER I 77 -47.42 -27.88 -86.44
C SER I 77 -47.73 -28.32 -87.88
N LYS I 78 -47.70 -29.63 -88.13
CA LYS I 78 -47.88 -30.15 -89.49
C LYS I 78 -49.21 -29.73 -90.09
N TYR I 79 -50.26 -29.81 -89.29
CA TYR I 79 -51.62 -29.57 -89.81
C TYR I 79 -52.15 -28.19 -89.44
N ASN I 80 -51.24 -27.28 -89.11
CA ASN I 80 -51.55 -25.85 -88.89
C ASN I 80 -52.52 -25.60 -87.74
N LEU I 81 -52.31 -26.30 -86.63
CA LEU I 81 -53.14 -26.15 -85.45
C LEU I 81 -52.31 -25.69 -84.25
N TYR I 82 -51.26 -24.93 -84.55
CA TYR I 82 -50.34 -24.46 -83.54
C TYR I 82 -50.16 -22.93 -83.64
N GLY I 83 -51.16 -22.24 -84.20
CA GLY I 83 -51.08 -20.78 -84.31
C GLY I 83 -50.10 -20.34 -85.38
N LYS I 84 -49.77 -19.05 -85.39
CA LYS I 84 -48.95 -18.48 -86.46
C LYS I 84 -47.56 -17.97 -86.07
N ASP I 85 -47.29 -17.86 -84.78
CA ASP I 85 -46.00 -17.37 -84.34
C ASP I 85 -45.67 -17.85 -82.94
N ILE I 86 -44.47 -17.52 -82.49
CA ILE I 86 -43.99 -17.82 -81.15
C ILE I 86 -44.93 -17.34 -80.04
N LYS I 87 -45.51 -16.15 -80.16
CA LYS I 87 -46.38 -15.61 -79.10
C LYS I 87 -47.71 -16.37 -79.03
N GLU I 88 -48.22 -16.77 -80.19
CA GLU I 88 -49.39 -17.62 -80.23
C GLU I 88 -49.09 -19.02 -79.75
N ARG I 89 -47.88 -19.53 -80.01
CA ARG I 89 -47.51 -20.83 -79.46
C ARG I 89 -47.44 -20.77 -77.94
N ALA I 90 -46.93 -19.67 -77.38
CA ALA I 90 -46.86 -19.49 -75.92
C ALA I 90 -48.25 -19.60 -75.28
N LEU I 91 -49.23 -18.95 -75.90
CA LEU I 91 -50.62 -18.97 -75.44
C LEU I 91 -51.19 -20.38 -75.54
N ILE I 92 -51.02 -21.01 -76.69
CA ILE I 92 -51.48 -22.38 -76.88
C ILE I 92 -50.80 -23.34 -75.89
N ASP I 93 -49.49 -23.19 -75.71
CA ASP I 93 -48.73 -24.03 -74.78
C ASP I 93 -49.19 -23.85 -73.35
N MET I 94 -49.39 -22.60 -72.94
CA MET I 94 -49.87 -22.34 -71.59
C MET I 94 -51.28 -22.89 -71.39
N TYR I 95 -52.16 -22.66 -72.36
CA TYR I 95 -53.55 -23.14 -72.23
C TYR I 95 -53.60 -24.65 -72.12
N THR I 96 -52.94 -25.35 -73.06
CA THR I 96 -52.96 -26.82 -73.10
C THR I 96 -52.24 -27.54 -71.97
N GLU I 97 -51.18 -26.92 -71.44
CA GLU I 97 -50.51 -27.40 -70.24
C GLU I 97 -51.38 -27.37 -68.97
N GLY I 98 -52.19 -26.32 -68.80
CA GLY I 98 -53.22 -26.34 -67.76
C GLY I 98 -54.25 -27.45 -67.96
N MET I 99 -54.66 -27.66 -69.21
CA MET I 99 -55.61 -28.74 -69.55
C MET I 99 -55.06 -30.12 -69.21
N ALA I 100 -53.82 -30.39 -69.60
CA ALA I 100 -53.15 -31.66 -69.31
C ALA I 100 -53.07 -31.94 -67.80
N ASP I 101 -52.78 -30.91 -67.01
CA ASP I 101 -52.83 -30.97 -65.54
C ASP I 101 -54.19 -31.48 -65.03
N LEU I 102 -55.28 -30.88 -65.48
CA LEU I 102 -56.61 -31.38 -65.12
C LEU I 102 -56.85 -32.80 -65.68
N ASN I 103 -56.49 -33.02 -66.95
CA ASN I 103 -56.60 -34.35 -67.58
C ASN I 103 -55.92 -35.49 -66.80
N GLU I 104 -54.74 -35.20 -66.25
CA GLU I 104 -53.94 -36.19 -65.53
C GLU I 104 -54.65 -36.66 -64.25
N MET I 105 -55.30 -35.72 -63.58
CA MET I 105 -56.07 -36.02 -62.38
C MET I 105 -57.17 -37.03 -62.75
N ILE I 106 -57.93 -36.72 -63.80
CA ILE I 106 -59.03 -37.56 -64.28
C ILE I 106 -58.50 -38.92 -64.76
N LEU I 107 -57.38 -38.90 -65.49
CA LEU I 107 -56.77 -40.10 -66.06
C LEU I 107 -56.40 -41.16 -65.01
N LEU I 108 -55.87 -40.69 -63.88
CA LEU I 108 -55.32 -41.56 -62.85
C LEU I 108 -56.33 -42.01 -61.80
N LEU I 109 -57.55 -41.46 -61.88
CA LEU I 109 -58.64 -41.82 -60.96
C LEU I 109 -58.82 -43.35 -60.77
N PRO I 110 -58.83 -44.14 -61.86
CA PRO I 110 -58.91 -45.61 -61.66
C PRO I 110 -57.84 -46.23 -60.78
N LEU I 111 -56.73 -45.53 -60.53
CA LEU I 111 -55.66 -46.06 -59.69
C LEU I 111 -55.89 -45.85 -58.19
N CYS I 112 -56.78 -44.92 -57.85
CA CYS I 112 -57.17 -44.65 -56.46
C CYS I 112 -57.75 -45.90 -55.80
N ARG I 113 -57.30 -46.18 -54.57
CA ARG I 113 -57.94 -47.20 -53.73
C ARG I 113 -59.37 -46.73 -53.40
N PRO I 114 -60.31 -47.68 -53.17
CA PRO I 114 -61.67 -47.26 -52.84
C PRO I 114 -61.72 -46.26 -51.68
N GLU I 115 -60.77 -46.39 -50.75
CA GLU I 115 -60.61 -45.50 -49.59
C GLU I 115 -60.24 -44.04 -49.94
N GLU I 116 -59.61 -43.83 -51.09
CA GLU I 116 -59.10 -42.49 -51.44
C GLU I 116 -59.84 -41.79 -52.59
N LYS I 117 -60.64 -42.57 -53.31
CA LYS I 117 -61.32 -42.11 -54.54
C LYS I 117 -62.22 -40.89 -54.34
N ASP I 118 -63.05 -40.90 -53.29
CA ASP I 118 -64.01 -39.80 -53.07
C ASP I 118 -63.31 -38.45 -52.89
N ALA I 119 -62.22 -38.45 -52.13
CA ALA I 119 -61.43 -37.23 -51.89
C ALA I 119 -60.84 -36.67 -53.20
N LYS I 120 -60.36 -37.56 -54.06
CA LYS I 120 -59.82 -37.15 -55.35
C LYS I 120 -60.92 -36.62 -56.27
N ILE I 121 -62.10 -37.25 -56.24
CA ILE I 121 -63.21 -36.78 -57.05
C ILE I 121 -63.57 -35.34 -56.65
N ALA I 122 -63.73 -35.08 -55.34
CA ALA I 122 -64.07 -33.74 -54.84
C ALA I 122 -62.99 -32.71 -55.19
N LEU I 123 -61.74 -33.12 -55.15
CA LEU I 123 -60.62 -32.26 -55.55
C LEU I 123 -60.67 -31.93 -57.05
N ILE I 124 -60.93 -32.94 -57.88
CA ILE I 124 -61.16 -32.67 -59.31
C ILE I 124 -62.32 -31.69 -59.52
N LYS I 125 -63.45 -31.92 -58.86
CA LYS I 125 -64.63 -31.04 -58.94
C LYS I 125 -64.30 -29.61 -58.53
N GLU I 126 -63.66 -29.47 -57.35
CA GLU I 126 -63.26 -28.16 -56.82
C GLU I 126 -62.36 -27.37 -57.79
N LYS I 127 -61.30 -28.03 -58.27
CA LYS I 127 -60.34 -27.41 -59.16
C LYS I 127 -60.94 -27.10 -60.52
N THR I 128 -61.75 -28.01 -61.07
CA THR I 128 -62.47 -27.71 -62.31
C THR I 128 -63.20 -26.37 -62.18
N LYS I 129 -63.92 -26.19 -61.08
CA LYS I 129 -64.78 -25.02 -60.93
C LYS I 129 -64.08 -23.72 -60.46
N SER I 130 -63.04 -23.85 -59.64
CA SER I 130 -62.35 -22.67 -59.10
C SER I 130 -61.14 -22.24 -59.93
N ARG I 131 -60.55 -23.19 -60.64
CA ARG I 131 -59.23 -22.98 -61.24
C ARG I 131 -59.25 -23.04 -62.77
N TYR I 132 -59.73 -24.15 -63.31
CA TYR I 132 -59.59 -24.43 -64.74
C TYR I 132 -60.67 -23.82 -65.62
N PHE I 133 -61.93 -24.10 -65.30
CA PHE I 133 -63.03 -23.56 -66.06
C PHE I 133 -63.09 -22.02 -66.03
N PRO I 134 -62.88 -21.39 -64.84
CA PRO I 134 -62.75 -19.93 -64.83
C PRO I 134 -61.65 -19.38 -65.74
N ALA I 135 -60.48 -20.02 -65.74
CA ALA I 135 -59.34 -19.55 -66.55
C ALA I 135 -59.68 -19.52 -68.05
N PHE I 136 -60.35 -20.57 -68.51
CA PHE I 136 -60.69 -20.68 -69.91
C PHE I 136 -61.92 -19.85 -70.30
N GLU I 137 -62.92 -19.79 -69.42
CA GLU I 137 -64.04 -18.85 -69.59
C GLU I 137 -63.50 -17.42 -69.78
N LYS I 138 -62.54 -17.02 -68.93
CA LYS I 138 -61.92 -15.70 -69.00
C LYS I 138 -61.24 -15.40 -70.35
N VAL I 139 -60.46 -16.35 -70.90
CA VAL I 139 -59.83 -16.14 -72.21
C VAL I 139 -60.88 -15.93 -73.28
N LEU I 140 -61.95 -16.73 -73.24
CA LEU I 140 -63.00 -16.58 -74.21
C LEU I 140 -63.69 -15.23 -74.03
N GLN I 141 -63.87 -14.82 -72.76
CA GLN I 141 -64.50 -13.55 -72.42
C GLN I 141 -63.67 -12.35 -72.92
N SER I 142 -62.35 -12.49 -72.78
CA SER I 142 -61.37 -11.45 -73.10
C SER I 142 -61.38 -10.96 -74.55
N HIS I 143 -61.81 -11.83 -75.47
CA HIS I 143 -61.78 -11.48 -76.88
C HIS I 143 -63.10 -11.76 -77.62
N GLY I 144 -64.01 -12.49 -76.98
CA GLY I 144 -65.35 -12.76 -77.54
C GLY I 144 -65.36 -13.57 -78.83
N GLN I 145 -64.23 -14.21 -79.17
CA GLN I 145 -64.08 -14.93 -80.42
C GLN I 145 -64.45 -16.41 -80.30
N ASP I 146 -64.65 -17.05 -81.45
CA ASP I 146 -65.07 -18.45 -81.52
C ASP I 146 -64.00 -19.42 -81.05
N TYR I 147 -62.73 -19.01 -81.13
CA TYR I 147 -61.60 -19.88 -80.79
C TYR I 147 -60.69 -19.28 -79.71
N LEU I 148 -59.93 -20.14 -79.04
CA LEU I 148 -59.12 -19.70 -77.90
C LEU I 148 -57.98 -18.76 -78.30
N VAL I 149 -57.30 -19.09 -79.39
CA VAL I 149 -56.11 -18.34 -79.82
C VAL I 149 -56.20 -17.96 -81.29
N GLY I 150 -55.96 -16.68 -81.57
CA GLY I 150 -55.81 -16.16 -82.93
C GLY I 150 -57.02 -16.24 -83.83
N ASN I 151 -58.21 -16.31 -83.22
CA ASN I 151 -59.47 -16.58 -83.94
C ASN I 151 -59.31 -17.53 -85.12
N LYS I 152 -58.86 -18.75 -84.81
CA LYS I 152 -58.54 -19.78 -85.78
C LYS I 152 -58.47 -21.07 -84.97
N LEU I 153 -58.98 -22.17 -85.53
CA LEU I 153 -58.95 -23.45 -84.81
C LEU I 153 -57.51 -23.80 -84.50
N SER I 154 -57.29 -24.30 -83.28
CA SER I 154 -55.96 -24.75 -82.86
C SER I 154 -56.11 -25.99 -81.98
N ARG I 155 -54.98 -26.60 -81.64
CA ARG I 155 -54.97 -27.72 -80.73
C ARG I 155 -55.54 -27.38 -79.34
N ALA I 156 -55.53 -26.09 -78.95
CA ALA I 156 -56.08 -25.67 -77.66
C ALA I 156 -57.60 -25.90 -77.61
N ASP I 157 -58.29 -25.56 -78.69
CA ASP I 157 -59.74 -25.81 -78.78
C ASP I 157 -60.04 -27.31 -78.78
N ILE I 158 -59.27 -28.09 -79.54
CA ILE I 158 -59.47 -29.53 -79.61
C ILE I 158 -59.22 -30.22 -78.24
N SER I 159 -58.12 -29.86 -77.57
CA SER I 159 -57.82 -30.40 -76.24
C SER I 159 -58.87 -30.00 -75.21
N LEU I 160 -59.29 -28.73 -75.21
CA LEU I 160 -60.28 -28.24 -74.24
C LEU I 160 -61.62 -28.96 -74.39
N VAL I 161 -62.07 -29.16 -75.63
CA VAL I 161 -63.38 -29.79 -75.86
C VAL I 161 -63.38 -31.27 -75.46
N GLU I 162 -62.29 -31.97 -75.77
CA GLU I 162 -62.07 -33.32 -75.24
C GLU I 162 -62.20 -33.33 -73.71
N LEU I 163 -61.48 -32.42 -73.06
CA LEU I 163 -61.52 -32.24 -71.61
C LEU I 163 -62.96 -31.98 -71.13
N LEU I 164 -63.71 -31.13 -71.84
CA LEU I 164 -65.13 -30.88 -71.51
C LEU I 164 -66.02 -32.14 -71.56
N TYR I 165 -65.76 -33.04 -72.51
CA TYR I 165 -66.42 -34.34 -72.57
C TYR I 165 -66.07 -35.27 -71.41
N TYR I 166 -64.81 -35.27 -70.96
CA TYR I 166 -64.44 -36.06 -69.78
C TYR I 166 -65.03 -35.50 -68.50
N VAL I 167 -65.01 -34.18 -68.35
CA VAL I 167 -65.60 -33.54 -67.17
C VAL I 167 -67.12 -33.79 -67.14
N GLU I 168 -67.75 -33.78 -68.32
CA GLU I 168 -69.18 -34.14 -68.43
C GLU I 168 -69.46 -35.58 -67.99
N GLU I 169 -68.56 -36.50 -68.31
CA GLU I 169 -68.71 -37.91 -67.92
C GLU I 169 -68.63 -38.13 -66.41
N LEU I 170 -67.82 -37.32 -65.75
CA LEU I 170 -67.69 -37.35 -64.31
C LEU I 170 -68.90 -36.71 -63.64
N ASP I 171 -69.20 -35.48 -64.04
CA ASP I 171 -70.28 -34.70 -63.46
C ASP I 171 -70.66 -33.61 -64.46
N SER I 172 -71.89 -33.71 -64.97
CA SER I 172 -72.37 -32.83 -66.03
C SER I 172 -72.80 -31.43 -65.55
N SER I 173 -72.76 -31.21 -64.24
CA SER I 173 -73.14 -29.91 -63.68
C SER I 173 -71.97 -28.93 -63.59
N LEU I 174 -70.75 -29.44 -63.73
CA LEU I 174 -69.54 -28.66 -63.49
C LEU I 174 -69.40 -27.51 -64.48
N ILE I 175 -69.93 -27.70 -65.68
CA ILE I 175 -69.84 -26.67 -66.74
C ILE I 175 -70.99 -25.65 -66.65
N SER I 176 -72.04 -25.99 -65.89
CA SER I 176 -73.27 -25.18 -65.87
C SER I 176 -73.09 -23.66 -65.78
N ASN I 177 -72.14 -23.21 -64.97
CA ASN I 177 -71.87 -21.77 -64.80
C ASN I 177 -70.87 -21.18 -65.81
N PHE I 178 -70.53 -21.95 -66.83
CA PHE I 178 -69.58 -21.50 -67.85
C PHE I 178 -70.18 -21.56 -69.28
N PRO I 179 -71.07 -20.60 -69.61
CA PRO I 179 -71.73 -20.53 -70.91
C PRO I 179 -70.80 -20.41 -72.13
N LEU I 180 -69.66 -19.73 -72.00
CA LEU I 180 -68.74 -19.64 -73.12
C LEU I 180 -68.11 -20.99 -73.43
N LEU I 181 -67.74 -21.74 -72.39
CA LEU I 181 -67.28 -23.12 -72.56
C LEU I 181 -68.34 -23.99 -73.23
N LYS I 182 -69.59 -23.88 -72.76
CA LYS I 182 -70.72 -24.61 -73.38
C LYS I 182 -70.84 -24.32 -74.88
N ALA I 183 -70.71 -23.06 -75.26
CA ALA I 183 -70.82 -22.66 -76.66
C ALA I 183 -69.63 -23.16 -77.48
N LEU I 184 -68.46 -23.21 -76.84
CA LEU I 184 -67.28 -23.76 -77.49
C LEU I 184 -67.43 -25.25 -77.73
N LYS I 185 -67.88 -25.97 -76.71
CA LYS I 185 -68.13 -27.42 -76.87
C LYS I 185 -69.05 -27.67 -78.07
N THR I 186 -70.12 -26.89 -78.19
CA THR I 186 -71.11 -27.07 -79.25
C THR I 186 -70.52 -26.79 -80.64
N ARG I 187 -69.87 -25.63 -80.76
CA ARG I 187 -69.28 -25.17 -82.01
C ARG I 187 -68.27 -26.19 -82.56
N ILE I 188 -67.34 -26.60 -81.70
CA ILE I 188 -66.30 -27.55 -82.07
C ILE I 188 -66.89 -28.91 -82.41
N SER I 189 -67.86 -29.35 -81.61
CA SER I 189 -68.51 -30.67 -81.82
C SER I 189 -69.25 -30.71 -83.14
N ASN I 190 -69.62 -29.52 -83.62
CA ASN I 190 -70.36 -29.39 -84.88
C ASN I 190 -69.47 -29.25 -86.12
N LEU I 191 -68.14 -29.24 -85.92
CA LEU I 191 -67.19 -29.31 -87.04
C LEU I 191 -67.23 -30.71 -87.62
N PRO I 192 -67.45 -30.82 -88.96
CA PRO I 192 -67.59 -32.10 -89.64
C PRO I 192 -66.61 -33.19 -89.22
N THR I 193 -65.33 -32.84 -89.07
CA THR I 193 -64.30 -33.77 -88.60
C THR I 193 -64.53 -34.23 -87.16
N VAL I 194 -64.88 -33.30 -86.28
CA VAL I 194 -65.15 -33.62 -84.88
C VAL I 194 -66.51 -34.35 -84.73
N LYS I 195 -67.51 -33.86 -85.47
CA LYS I 195 -68.83 -34.51 -85.50
C LYS I 195 -68.73 -36.00 -85.83
N LYS I 196 -67.95 -36.32 -86.87
CA LYS I 196 -67.65 -37.68 -87.28
C LYS I 196 -66.97 -38.49 -86.19
N PHE I 197 -65.97 -37.88 -85.55
CA PHE I 197 -65.21 -38.53 -84.48
C PHE I 197 -66.11 -38.86 -83.28
N LEU I 198 -67.08 -38.00 -83.02
CA LEU I 198 -68.02 -38.24 -81.91
C LEU I 198 -69.09 -39.29 -82.23
N GLN I 199 -69.45 -39.41 -83.51
CA GLN I 199 -70.43 -40.44 -83.96
C GLN I 199 -69.87 -41.85 -83.76
N PRO I 200 -70.76 -42.86 -83.66
CA PRO I 200 -70.26 -44.19 -83.31
C PRO I 200 -69.38 -44.84 -84.39
N GLY I 201 -68.58 -45.82 -84.00
CA GLY I 201 -67.77 -46.56 -84.95
C GLY I 201 -66.40 -45.97 -85.27
N SER I 202 -66.12 -44.78 -84.74
CA SER I 202 -64.85 -44.07 -84.96
C SER I 202 -63.79 -44.61 -83.98
N PRO I 203 -62.51 -44.20 -84.16
CA PRO I 203 -61.46 -44.61 -83.22
C PRO I 203 -61.60 -44.03 -81.80
N ARG I 204 -62.58 -43.17 -81.55
CA ARG I 204 -62.78 -42.65 -80.21
C ARG I 204 -62.94 -43.84 -79.24
N LYS I 205 -62.38 -43.73 -78.05
CA LYS I 205 -62.36 -44.84 -77.12
C LYS I 205 -63.32 -44.58 -75.96
N PRO I 206 -63.84 -45.67 -75.34
CA PRO I 206 -64.74 -45.59 -74.20
C PRO I 206 -64.00 -45.20 -72.93
N PRO I 207 -64.75 -44.72 -71.91
CA PRO I 207 -64.15 -44.55 -70.60
C PRO I 207 -63.58 -45.86 -70.06
N ALA I 208 -62.45 -45.76 -69.39
CA ALA I 208 -61.86 -46.89 -68.69
C ALA I 208 -62.84 -47.41 -67.63
N ASP I 209 -63.07 -48.72 -67.64
CA ASP I 209 -63.78 -49.39 -66.57
C ASP I 209 -62.89 -50.41 -65.89
N ALA I 210 -63.45 -51.13 -64.92
CA ALA I 210 -62.68 -52.03 -64.07
C ALA I 210 -61.91 -53.08 -64.87
N LYS I 211 -62.58 -53.71 -65.83
CA LYS I 211 -61.97 -54.74 -66.70
C LYS I 211 -60.80 -54.19 -67.53
N ALA I 212 -60.96 -52.98 -68.04
CA ALA I 212 -59.91 -52.31 -68.82
C ALA I 212 -58.64 -52.10 -68.01
N LEU I 213 -58.81 -51.70 -66.75
CA LEU I 213 -57.70 -51.52 -65.82
C LEU I 213 -57.01 -52.85 -65.49
N GLU I 214 -57.83 -53.88 -65.25
CA GLU I 214 -57.36 -55.25 -65.02
C GLU I 214 -56.48 -55.74 -66.17
N GLU I 215 -56.94 -55.52 -67.40
CA GLU I 215 -56.18 -55.87 -68.60
C GLU I 215 -54.88 -55.09 -68.73
N ALA I 216 -54.96 -53.79 -68.45
CA ALA I 216 -53.83 -52.88 -68.59
C ALA I 216 -52.68 -53.22 -67.63
N ARG I 217 -53.04 -53.62 -66.42
CA ARG I 217 -52.08 -54.12 -65.43
C ARG I 217 -51.31 -55.33 -65.97
N LYS I 218 -52.05 -56.31 -66.51
CA LYS I 218 -51.44 -57.50 -67.13
C LYS I 218 -50.43 -57.17 -68.21
N ILE I 219 -50.77 -56.21 -69.08
CA ILE I 219 -49.90 -55.81 -70.19
C ILE I 219 -48.68 -55.01 -69.70
N PHE I 220 -48.95 -53.91 -69.00
CA PHE I 220 -47.92 -52.91 -68.68
C PHE I 220 -47.16 -53.16 -67.38
N ARG I 221 -47.72 -54.02 -66.52
CA ARG I 221 -47.10 -54.40 -65.25
C ARG I 221 -46.99 -53.25 -64.25
N PHE I 222 -48.14 -52.62 -63.99
CA PHE I 222 -48.25 -51.63 -62.91
C PHE I 222 -49.26 -52.10 -61.87
N LYS J 4 -35.42 -7.19 -69.34
CA LYS J 4 -34.96 -8.42 -68.63
C LYS J 4 -36.13 -9.28 -68.18
N PRO J 5 -36.07 -10.61 -68.47
CA PRO J 5 -37.05 -11.55 -67.93
C PRO J 5 -37.00 -11.57 -66.40
N LYS J 6 -38.18 -11.65 -65.78
CA LYS J 6 -38.26 -11.73 -64.33
C LYS J 6 -38.95 -13.02 -63.92
N LEU J 7 -38.23 -13.82 -63.16
CA LEU J 7 -38.64 -15.16 -62.79
C LEU J 7 -39.29 -15.14 -61.42
N HIS J 8 -40.56 -15.53 -61.36
CA HIS J 8 -41.29 -15.58 -60.09
C HIS J 8 -41.31 -17.01 -59.57
N TYR J 9 -40.65 -17.22 -58.43
CA TYR J 9 -40.57 -18.54 -57.82
C TYR J 9 -40.10 -18.39 -56.39
N PHE J 10 -40.13 -19.47 -55.63
CA PHE J 10 -39.50 -19.48 -54.32
C PHE J 10 -38.00 -19.59 -54.53
N ASN J 11 -37.22 -19.21 -53.52
CA ASN J 11 -35.77 -19.26 -53.63
C ASN J 11 -35.27 -20.70 -53.51
N GLY J 12 -35.16 -21.36 -54.65
CA GLY J 12 -34.87 -22.79 -54.71
C GLY J 12 -35.05 -23.30 -56.12
N ARG J 13 -34.61 -24.55 -56.36
CA ARG J 13 -34.68 -25.18 -57.68
C ARG J 13 -36.11 -25.35 -58.15
N GLY J 14 -36.78 -26.35 -57.57
CA GLY J 14 -38.14 -26.70 -57.96
C GLY J 14 -38.31 -26.81 -59.47
N ARG J 15 -39.44 -26.33 -59.96
CA ARG J 15 -39.75 -26.40 -61.38
C ARG J 15 -39.14 -25.25 -62.19
N MET J 16 -38.59 -24.25 -61.51
CA MET J 16 -38.02 -23.08 -62.18
C MET J 16 -36.60 -23.29 -62.73
N GLU J 17 -35.90 -24.27 -62.17
CA GLU J 17 -34.48 -24.47 -62.49
C GLU J 17 -34.17 -24.67 -63.99
N PRO J 18 -34.97 -25.50 -64.70
CA PRO J 18 -34.78 -25.63 -66.14
C PRO J 18 -34.84 -24.29 -66.89
N ILE J 19 -35.67 -23.37 -66.41
CA ILE J 19 -35.77 -22.03 -66.99
C ILE J 19 -34.52 -21.16 -66.72
N ARG J 20 -34.02 -21.17 -65.47
CA ARG J 20 -32.69 -20.59 -65.17
C ARG J 20 -31.57 -21.14 -66.06
N TRP J 21 -31.42 -22.47 -66.11
CA TRP J 21 -30.42 -23.09 -66.99
C TRP J 21 -30.53 -22.63 -68.44
N LEU J 22 -31.75 -22.62 -69.01
CA LEU J 22 -31.92 -22.29 -70.43
C LEU J 22 -31.62 -20.83 -70.75
N LEU J 23 -32.13 -19.91 -69.93
CA LEU J 23 -31.85 -18.49 -70.13
C LEU J 23 -30.36 -18.19 -69.99
N ALA J 24 -29.73 -18.75 -68.96
CA ALA J 24 -28.29 -18.61 -68.75
C ALA J 24 -27.49 -19.15 -69.93
N ALA J 25 -27.83 -20.37 -70.38
CA ALA J 25 -27.19 -20.95 -71.56
C ALA J 25 -27.35 -20.08 -72.81
N ALA J 26 -28.50 -19.43 -72.93
CA ALA J 26 -28.80 -18.55 -74.06
C ALA J 26 -28.10 -17.20 -73.93
N GLY J 27 -27.53 -16.93 -72.74
CA GLY J 27 -26.80 -15.71 -72.48
C GLY J 27 -27.71 -14.54 -72.12
N VAL J 28 -28.88 -14.85 -71.59
CA VAL J 28 -29.87 -13.83 -71.28
C VAL J 28 -29.80 -13.49 -69.80
N GLU J 29 -29.53 -12.21 -69.52
CA GLU J 29 -29.55 -11.69 -68.15
C GLU J 29 -31.00 -11.65 -67.67
N PHE J 30 -31.24 -12.20 -66.48
CA PHE J 30 -32.59 -12.20 -65.91
C PHE J 30 -32.62 -11.77 -64.45
N GLU J 31 -33.78 -11.28 -64.02
CA GLU J 31 -34.01 -10.94 -62.61
C GLU J 31 -34.80 -12.07 -61.97
N GLU J 32 -34.70 -12.20 -60.64
CA GLU J 32 -35.56 -13.14 -59.93
C GLU J 32 -36.30 -12.42 -58.81
N LYS J 33 -37.58 -12.73 -58.68
CA LYS J 33 -38.38 -12.19 -57.59
C LYS J 33 -38.79 -13.37 -56.74
N PHE J 34 -38.17 -13.48 -55.58
CA PHE J 34 -38.36 -14.66 -54.75
C PHE J 34 -39.61 -14.54 -53.90
N ILE J 35 -40.38 -15.63 -53.93
CA ILE J 35 -41.58 -15.78 -53.13
C ILE J 35 -41.11 -16.26 -51.78
N GLY J 36 -41.20 -15.36 -50.79
CA GLY J 36 -40.70 -15.63 -49.45
C GLY J 36 -41.79 -16.03 -48.48
N SER J 37 -43.04 -15.74 -48.82
CA SER J 37 -44.14 -15.99 -47.89
C SER J 37 -45.44 -16.35 -48.60
N ALA J 38 -46.37 -16.93 -47.83
CA ALA J 38 -47.72 -17.18 -48.31
C ALA J 38 -48.33 -15.87 -48.83
N GLU J 39 -48.05 -14.77 -48.11
CA GLU J 39 -48.51 -13.42 -48.49
C GLU J 39 -48.06 -13.02 -49.90
N ASP J 40 -46.77 -13.20 -50.20
CA ASP J 40 -46.20 -12.95 -51.52
C ASP J 40 -46.92 -13.73 -52.62
N LEU J 41 -47.09 -15.03 -52.40
CA LEU J 41 -47.78 -15.91 -53.34
C LEU J 41 -49.23 -15.48 -53.55
N GLY J 42 -49.91 -15.16 -52.44
CA GLY J 42 -51.29 -14.68 -52.50
C GLY J 42 -51.41 -13.41 -53.30
N LYS J 43 -50.40 -12.54 -53.19
CA LYS J 43 -50.36 -11.28 -53.92
C LYS J 43 -50.31 -11.51 -55.44
N LEU J 44 -49.56 -12.52 -55.86
CA LEU J 44 -49.45 -12.87 -57.28
C LEU J 44 -50.77 -13.41 -57.82
N ARG J 45 -51.47 -14.18 -57.01
CA ARG J 45 -52.81 -14.68 -57.36
C ARG J 45 -53.84 -13.55 -57.47
N ASN J 46 -53.71 -12.54 -56.60
CA ASN J 46 -54.66 -11.42 -56.57
C ASN J 46 -54.46 -10.36 -57.65
N ASP J 47 -53.31 -10.42 -58.33
CA ASP J 47 -53.01 -9.47 -59.40
C ASP J 47 -53.43 -9.97 -60.78
N GLY J 48 -53.84 -11.23 -60.86
CA GLY J 48 -54.16 -11.84 -62.15
C GLY J 48 -52.93 -12.27 -62.94
N SER J 49 -51.78 -12.35 -62.27
CA SER J 49 -50.49 -12.71 -62.87
C SER J 49 -50.34 -14.22 -63.14
N LEU J 50 -51.13 -15.04 -62.46
CA LEU J 50 -51.01 -16.50 -62.53
C LEU J 50 -52.28 -17.10 -63.12
N MET J 51 -52.21 -17.54 -64.38
CA MET J 51 -53.38 -18.05 -65.09
C MET J 51 -54.05 -19.24 -64.39
N PHE J 52 -53.24 -20.15 -63.85
CA PHE J 52 -53.72 -21.31 -63.14
C PHE J 52 -53.36 -21.28 -61.64
N GLN J 53 -53.19 -20.07 -61.11
CA GLN J 53 -52.98 -19.81 -59.68
C GLN J 53 -51.64 -20.36 -59.19
N GLN J 54 -50.77 -20.72 -60.13
CA GLN J 54 -49.52 -21.40 -59.83
C GLN J 54 -48.29 -20.68 -60.37
N VAL J 55 -47.15 -20.96 -59.75
CA VAL J 55 -45.83 -20.69 -60.31
C VAL J 55 -45.23 -22.02 -60.75
N PRO J 56 -44.15 -22.02 -61.57
CA PRO J 56 -43.39 -20.90 -62.17
C PRO J 56 -44.23 -19.91 -62.95
N MET J 57 -43.87 -18.64 -62.81
CA MET J 57 -44.32 -17.59 -63.71
C MET J 57 -43.12 -16.78 -64.13
N VAL J 58 -43.08 -16.42 -65.41
CA VAL J 58 -42.01 -15.59 -65.93
C VAL J 58 -42.59 -14.41 -66.69
N GLU J 59 -42.22 -13.20 -66.26
CA GLU J 59 -42.50 -11.99 -67.02
C GLU J 59 -41.43 -11.84 -68.09
N ILE J 60 -41.84 -11.99 -69.35
CA ILE J 60 -40.91 -11.98 -70.46
C ILE J 60 -41.60 -11.35 -71.67
N ASP J 61 -40.93 -10.36 -72.26
CA ASP J 61 -41.45 -9.65 -73.42
C ASP J 61 -42.90 -9.20 -73.24
N GLY J 62 -43.20 -8.66 -72.06
CA GLY J 62 -44.55 -8.17 -71.76
C GLY J 62 -45.61 -9.24 -71.50
N MET J 63 -45.20 -10.51 -71.53
CA MET J 63 -46.10 -11.63 -71.24
C MET J 63 -45.94 -12.08 -69.79
N LYS J 64 -47.03 -12.55 -69.19
CA LYS J 64 -46.97 -13.23 -67.91
C LYS J 64 -47.20 -14.72 -68.13
N LEU J 65 -46.11 -15.42 -68.45
CA LEU J 65 -46.18 -16.82 -68.83
C LEU J 65 -46.09 -17.72 -67.63
N VAL J 66 -47.09 -18.61 -67.49
CA VAL J 66 -47.03 -19.72 -66.54
C VAL J 66 -46.92 -21.03 -67.31
N GLN J 67 -46.74 -22.14 -66.58
CA GLN J 67 -46.52 -23.48 -67.14
C GLN J 67 -45.10 -23.66 -67.68
N THR J 68 -44.32 -24.45 -66.95
CA THR J 68 -42.88 -24.58 -67.20
C THR J 68 -42.60 -24.86 -68.69
N ARG J 69 -43.32 -25.83 -69.26
CA ARG J 69 -43.13 -26.20 -70.68
C ARG J 69 -43.39 -25.09 -71.69
N ALA J 70 -44.41 -24.26 -71.44
CA ALA J 70 -44.72 -23.08 -72.27
C ALA J 70 -43.60 -22.01 -72.23
N ILE J 71 -43.04 -21.81 -71.05
CA ILE J 71 -41.98 -20.82 -70.84
C ILE J 71 -40.71 -21.29 -71.55
N LEU J 72 -40.37 -22.56 -71.37
CA LEU J 72 -39.19 -23.16 -71.99
C LEU J 72 -39.27 -23.23 -73.52
N ASN J 73 -40.43 -23.66 -74.05
CA ASN J 73 -40.73 -23.57 -75.49
C ASN J 73 -40.55 -22.18 -76.06
N TYR J 74 -41.04 -21.18 -75.36
CA TYR J 74 -40.96 -19.79 -75.80
C TYR J 74 -39.49 -19.36 -75.90
N ILE J 75 -38.76 -19.59 -74.82
CA ILE J 75 -37.34 -19.25 -74.71
C ILE J 75 -36.51 -20.06 -75.73
N ALA J 76 -36.83 -21.34 -75.88
CA ALA J 76 -36.15 -22.20 -76.88
C ALA J 76 -36.34 -21.70 -78.33
N SER J 77 -37.58 -21.35 -78.68
CA SER J 77 -37.88 -20.79 -80.01
C SER J 77 -37.22 -19.43 -80.22
N LYS J 78 -37.30 -18.53 -79.23
CA LYS J 78 -36.76 -17.18 -79.39
C LYS J 78 -35.24 -17.19 -79.63
N TYR J 79 -34.54 -18.06 -78.92
CA TYR J 79 -33.07 -18.08 -79.01
C TYR J 79 -32.46 -19.16 -79.92
N ASN J 80 -33.29 -19.66 -80.84
CA ASN J 80 -32.89 -20.69 -81.82
C ASN J 80 -32.24 -21.92 -81.20
N LEU J 81 -32.80 -22.38 -80.09
CA LEU J 81 -32.34 -23.60 -79.41
C LEU J 81 -33.37 -24.72 -79.55
N TYR J 82 -34.22 -24.60 -80.56
CA TYR J 82 -35.35 -25.51 -80.75
C TYR J 82 -35.29 -26.20 -82.13
N GLY J 83 -34.08 -26.33 -82.67
CA GLY J 83 -33.90 -26.97 -83.96
C GLY J 83 -34.28 -26.10 -85.16
N LYS J 84 -34.08 -26.64 -86.35
CA LYS J 84 -34.22 -25.83 -87.57
C LYS J 84 -35.53 -26.05 -88.28
N ASP J 85 -36.23 -27.12 -87.89
CA ASP J 85 -37.52 -27.49 -88.50
C ASP J 85 -38.39 -28.37 -87.62
N ILE J 86 -39.58 -28.69 -88.14
CA ILE J 86 -40.61 -29.49 -87.46
C ILE J 86 -40.09 -30.85 -87.00
N LYS J 87 -39.31 -31.50 -87.85
CA LYS J 87 -38.77 -32.83 -87.55
C LYS J 87 -37.66 -32.77 -86.51
N GLU J 88 -36.88 -31.69 -86.51
CA GLU J 88 -35.89 -31.48 -85.47
C GLU J 88 -36.57 -31.14 -84.14
N ARG J 89 -37.67 -30.39 -84.19
CA ARG J 89 -38.40 -30.10 -82.97
C ARG J 89 -38.98 -31.38 -82.35
N ALA J 90 -39.43 -32.30 -83.22
CA ALA J 90 -40.02 -33.57 -82.78
C ALA J 90 -39.02 -34.43 -82.01
N LEU J 91 -37.81 -34.53 -82.53
CA LEU J 91 -36.72 -35.19 -81.79
C LEU J 91 -36.42 -34.45 -80.49
N ILE J 92 -36.24 -33.14 -80.57
CA ILE J 92 -35.98 -32.31 -79.39
C ILE J 92 -37.08 -32.45 -78.32
N ASP J 93 -38.35 -32.40 -78.77
CA ASP J 93 -39.51 -32.58 -77.89
C ASP J 93 -39.53 -33.95 -77.22
N MET J 94 -39.24 -34.99 -77.99
CA MET J 94 -39.22 -36.37 -77.49
C MET J 94 -38.08 -36.60 -76.49
N TYR J 95 -36.89 -36.10 -76.83
CA TYR J 95 -35.74 -36.16 -75.93
C TYR J 95 -36.05 -35.45 -74.62
N THR J 96 -36.50 -34.20 -74.69
CA THR J 96 -36.69 -33.41 -73.48
C THR J 96 -37.78 -34.00 -72.59
N GLU J 97 -38.79 -34.60 -73.20
CA GLU J 97 -39.88 -35.20 -72.45
C GLU J 97 -39.46 -36.38 -71.57
N GLY J 98 -38.61 -37.25 -72.13
CA GLY J 98 -38.04 -38.38 -71.38
C GLY J 98 -37.11 -37.92 -70.27
N MET J 99 -36.34 -36.87 -70.54
CA MET J 99 -35.60 -36.17 -69.50
C MET J 99 -36.51 -35.63 -68.40
N ALA J 100 -37.59 -34.95 -68.78
CA ALA J 100 -38.54 -34.35 -67.83
C ALA J 100 -39.15 -35.41 -66.93
N ASP J 101 -39.35 -36.61 -67.48
CA ASP J 101 -39.91 -37.74 -66.72
C ASP J 101 -38.98 -38.23 -65.62
N LEU J 102 -37.70 -38.37 -65.93
CA LEU J 102 -36.72 -38.76 -64.93
C LEU J 102 -36.46 -37.61 -63.94
N ASN J 103 -36.46 -36.38 -64.44
CA ASN J 103 -36.35 -35.19 -63.60
C ASN J 103 -37.50 -35.05 -62.59
N GLU J 104 -38.72 -35.35 -63.03
CA GLU J 104 -39.91 -35.27 -62.18
C GLU J 104 -39.80 -36.20 -60.98
N MET J 105 -39.25 -37.40 -61.21
CA MET J 105 -39.07 -38.39 -60.15
C MET J 105 -38.14 -37.89 -59.06
N ILE J 106 -37.07 -37.18 -59.48
CA ILE J 106 -36.08 -36.60 -58.58
C ILE J 106 -36.71 -35.43 -57.86
N LEU J 107 -37.51 -34.66 -58.59
CA LEU J 107 -38.12 -33.42 -58.11
C LEU J 107 -39.08 -33.63 -56.94
N LEU J 108 -39.82 -34.73 -56.99
CA LEU J 108 -40.86 -35.01 -56.00
C LEU J 108 -40.38 -35.92 -54.87
N LEU J 109 -39.09 -36.29 -54.91
CA LEU J 109 -38.46 -37.14 -53.91
C LEU J 109 -38.60 -36.63 -52.45
N PRO J 110 -38.44 -35.31 -52.21
CA PRO J 110 -38.69 -34.78 -50.86
C PRO J 110 -40.13 -35.00 -50.34
N LEU J 111 -41.08 -35.25 -51.25
CA LEU J 111 -42.47 -35.48 -50.88
C LEU J 111 -42.78 -36.95 -50.62
N CYS J 112 -41.74 -37.79 -50.64
CA CYS J 112 -41.90 -39.21 -50.33
C CYS J 112 -41.93 -39.44 -48.82
N ARG J 113 -42.87 -40.27 -48.37
CA ARG J 113 -42.90 -40.75 -46.99
C ARG J 113 -41.58 -41.47 -46.65
N PRO J 114 -41.16 -41.41 -45.36
CA PRO J 114 -39.91 -42.08 -44.94
C PRO J 114 -39.82 -43.55 -45.35
N GLU J 115 -40.94 -44.26 -45.36
CA GLU J 115 -40.96 -45.71 -45.61
C GLU J 115 -40.73 -46.04 -47.09
N GLU J 116 -41.33 -45.24 -47.97
CA GLU J 116 -41.29 -45.49 -49.42
C GLU J 116 -40.11 -44.81 -50.14
N LYS J 117 -39.43 -43.89 -49.46
CA LYS J 117 -38.35 -43.08 -50.08
C LYS J 117 -37.19 -43.90 -50.65
N ASP J 118 -36.78 -44.95 -49.95
CA ASP J 118 -35.69 -45.80 -50.42
C ASP J 118 -36.05 -46.54 -51.72
N ALA J 119 -37.29 -47.04 -51.80
CA ALA J 119 -37.77 -47.70 -53.02
C ALA J 119 -37.80 -46.74 -54.20
N LYS J 120 -37.99 -45.46 -53.89
CA LYS J 120 -38.02 -44.41 -54.91
C LYS J 120 -36.64 -44.08 -55.43
N ILE J 121 -35.67 -43.93 -54.51
CA ILE J 121 -34.28 -43.69 -54.86
C ILE J 121 -33.78 -44.81 -55.79
N ALA J 122 -34.00 -46.07 -55.38
CA ALA J 122 -33.62 -47.23 -56.20
C ALA J 122 -34.26 -47.25 -57.61
N LEU J 123 -35.53 -46.87 -57.69
CA LEU J 123 -36.26 -46.79 -58.95
C LEU J 123 -35.65 -45.74 -59.85
N ILE J 124 -35.34 -44.58 -59.28
CA ILE J 124 -34.64 -43.51 -59.99
C ILE J 124 -33.29 -44.00 -60.51
N LYS J 125 -32.50 -44.64 -59.64
CA LYS J 125 -31.15 -45.10 -59.98
C LYS J 125 -31.12 -46.15 -61.10
N GLU J 126 -32.09 -47.05 -61.09
CA GLU J 126 -32.14 -48.10 -62.10
C GLU J 126 -32.73 -47.61 -63.42
N LYS J 127 -33.74 -46.74 -63.37
CA LYS J 127 -34.25 -46.13 -64.61
C LYS J 127 -33.17 -45.28 -65.30
N THR J 128 -32.41 -44.52 -64.49
CA THR J 128 -31.23 -43.82 -65.00
C THR J 128 -30.32 -44.77 -65.81
N LYS J 129 -29.99 -45.92 -65.22
CA LYS J 129 -29.03 -46.85 -65.81
C LYS J 129 -29.53 -47.63 -67.02
N SER J 130 -30.80 -48.06 -67.00
CA SER J 130 -31.29 -48.94 -68.08
C SER J 130 -32.41 -48.37 -68.94
N ARG J 131 -32.93 -47.21 -68.57
CA ARG J 131 -33.96 -46.58 -69.36
C ARG J 131 -33.44 -45.31 -70.04
N TYR J 132 -32.94 -44.36 -69.25
CA TYR J 132 -32.67 -43.03 -69.77
C TYR J 132 -31.28 -42.81 -70.37
N PHE J 133 -30.24 -43.17 -69.63
CA PHE J 133 -28.85 -43.05 -70.11
C PHE J 133 -28.57 -43.90 -71.37
N PRO J 134 -29.06 -45.16 -71.41
CA PRO J 134 -28.84 -45.90 -72.66
C PRO J 134 -29.47 -45.28 -73.89
N ALA J 135 -30.66 -44.68 -73.75
CA ALA J 135 -31.34 -44.05 -74.90
C ALA J 135 -30.62 -42.79 -75.41
N PHE J 136 -30.06 -42.00 -74.50
CA PHE J 136 -29.31 -40.83 -74.90
C PHE J 136 -27.90 -41.13 -75.38
N GLU J 137 -27.30 -42.20 -74.86
CA GLU J 137 -25.99 -42.68 -75.33
C GLU J 137 -26.13 -43.25 -76.75
N LYS J 138 -27.25 -43.93 -77.00
CA LYS J 138 -27.59 -44.47 -78.33
C LYS J 138 -27.76 -43.38 -79.38
N VAL J 139 -28.40 -42.25 -79.00
CA VAL J 139 -28.56 -41.11 -79.93
C VAL J 139 -27.20 -40.53 -80.32
N LEU J 140 -26.34 -40.28 -79.35
CA LEU J 140 -24.99 -39.77 -79.61
C LEU J 140 -24.11 -40.76 -80.41
N GLN J 141 -24.26 -42.06 -80.15
CA GLN J 141 -23.58 -43.10 -80.94
C GLN J 141 -24.13 -43.19 -82.37
N SER J 142 -25.42 -42.88 -82.54
CA SER J 142 -26.06 -42.98 -83.86
C SER J 142 -25.41 -42.07 -84.89
N HIS J 143 -25.43 -40.76 -84.64
CA HIS J 143 -24.90 -39.80 -85.60
C HIS J 143 -23.43 -39.43 -85.39
N GLY J 144 -22.88 -39.76 -84.22
CA GLY J 144 -21.48 -39.48 -83.91
C GLY J 144 -21.11 -37.99 -83.83
N GLN J 145 -22.09 -37.14 -83.55
CA GLN J 145 -21.89 -35.69 -83.46
C GLN J 145 -21.91 -35.18 -82.01
N ASP J 146 -21.46 -33.95 -81.80
CA ASP J 146 -21.27 -33.38 -80.45
C ASP J 146 -22.56 -32.86 -79.80
N TYR J 147 -23.65 -32.86 -80.54
CA TYR J 147 -24.94 -32.39 -80.03
C TYR J 147 -26.02 -33.44 -80.29
N LEU J 148 -27.01 -33.53 -79.41
CA LEU J 148 -28.09 -34.48 -79.58
C LEU J 148 -28.82 -34.35 -80.91
N VAL J 149 -29.12 -33.12 -81.32
CA VAL J 149 -29.99 -32.88 -82.48
C VAL J 149 -29.38 -31.87 -83.46
N GLY J 150 -29.32 -32.28 -84.73
CA GLY J 150 -29.04 -31.39 -85.86
C GLY J 150 -27.67 -30.73 -85.88
N ASN J 151 -26.69 -31.41 -85.27
CA ASN J 151 -25.32 -30.90 -85.17
C ASN J 151 -25.21 -29.44 -84.71
N LYS J 152 -26.10 -29.03 -83.81
CA LYS J 152 -26.10 -27.67 -83.27
C LYS J 152 -26.71 -27.69 -81.87
N LEU J 153 -26.18 -26.83 -80.99
CA LEU J 153 -26.67 -26.68 -79.62
C LEU J 153 -28.17 -26.45 -79.61
N SER J 154 -28.88 -27.23 -78.80
CA SER J 154 -30.31 -27.04 -78.63
C SER J 154 -30.66 -27.10 -77.16
N ARG J 155 -31.93 -26.87 -76.86
CA ARG J 155 -32.43 -27.01 -75.50
C ARG J 155 -32.26 -28.42 -74.99
N ALA J 156 -32.24 -29.41 -75.88
CA ALA J 156 -32.12 -30.80 -75.48
C ALA J 156 -30.76 -31.09 -74.85
N ASP J 157 -29.71 -30.46 -75.37
CA ASP J 157 -28.37 -30.60 -74.78
C ASP J 157 -28.33 -29.95 -73.41
N ILE J 158 -28.97 -28.79 -73.29
CA ILE J 158 -28.99 -28.04 -72.05
C ILE J 158 -29.74 -28.83 -70.97
N SER J 159 -30.96 -29.26 -71.30
CA SER J 159 -31.76 -30.06 -70.39
C SER J 159 -31.00 -31.30 -69.91
N LEU J 160 -30.34 -32.01 -70.83
CA LEU J 160 -29.68 -33.29 -70.52
C LEU J 160 -28.48 -33.10 -69.58
N VAL J 161 -27.67 -32.10 -69.86
CA VAL J 161 -26.52 -31.80 -69.00
C VAL J 161 -26.98 -31.40 -67.59
N GLU J 162 -27.99 -30.54 -67.50
CA GLU J 162 -28.63 -30.25 -66.21
C GLU J 162 -29.01 -31.52 -65.46
N LEU J 163 -29.65 -32.46 -66.16
CA LEU J 163 -30.04 -33.74 -65.58
C LEU J 163 -28.82 -34.55 -65.15
N LEU J 164 -27.77 -34.54 -65.96
CA LEU J 164 -26.50 -35.19 -65.61
C LEU J 164 -25.89 -34.66 -64.30
N TYR J 165 -26.02 -33.36 -64.05
CA TYR J 165 -25.58 -32.80 -62.77
C TYR J 165 -26.46 -33.24 -61.60
N TYR J 166 -27.78 -33.35 -61.83
CA TYR J 166 -28.75 -33.86 -60.84
C TYR J 166 -28.53 -35.31 -60.45
N VAL J 167 -28.23 -36.13 -61.45
CA VAL J 167 -27.92 -37.54 -61.23
C VAL J 167 -26.57 -37.69 -60.51
N GLU J 168 -25.61 -36.83 -60.86
CA GLU J 168 -24.29 -36.81 -60.20
C GLU J 168 -24.41 -36.47 -58.71
N GLU J 169 -25.31 -35.55 -58.38
CA GLU J 169 -25.58 -35.20 -56.99
C GLU J 169 -26.14 -36.40 -56.21
N LEU J 170 -26.97 -37.20 -56.88
CA LEU J 170 -27.58 -38.38 -56.25
C LEU J 170 -26.60 -39.53 -56.17
N ASP J 171 -25.91 -39.81 -57.27
CA ASP J 171 -24.97 -40.94 -57.37
C ASP J 171 -24.03 -40.73 -58.56
N SER J 172 -22.74 -40.56 -58.26
CA SER J 172 -21.73 -40.23 -59.26
C SER J 172 -21.30 -41.44 -60.11
N SER J 173 -21.70 -42.64 -59.67
CA SER J 173 -21.36 -43.87 -60.39
C SER J 173 -22.27 -44.14 -61.58
N LEU J 174 -23.44 -43.51 -61.60
CA LEU J 174 -24.49 -43.83 -62.59
C LEU J 174 -24.12 -43.53 -64.05
N ILE J 175 -23.32 -42.48 -64.25
CA ILE J 175 -22.86 -42.10 -65.59
C ILE J 175 -21.64 -42.91 -66.03
N SER J 176 -21.04 -43.68 -65.12
CA SER J 176 -19.70 -44.27 -65.34
C SER J 176 -19.57 -45.19 -66.58
N ASN J 177 -20.67 -45.86 -66.93
CA ASN J 177 -20.71 -46.71 -68.13
C ASN J 177 -21.19 -45.99 -69.39
N PHE J 178 -21.26 -44.66 -69.34
CA PHE J 178 -21.75 -43.90 -70.49
C PHE J 178 -20.75 -42.81 -70.92
N PRO J 179 -19.67 -43.22 -71.64
CA PRO J 179 -18.58 -42.32 -72.07
C PRO J 179 -19.01 -41.12 -72.90
N LEU J 180 -19.93 -41.33 -73.83
CA LEU J 180 -20.42 -40.24 -74.68
C LEU J 180 -21.21 -39.20 -73.89
N LEU J 181 -21.99 -39.66 -72.92
CA LEU J 181 -22.67 -38.75 -71.99
C LEU J 181 -21.66 -37.98 -71.14
N LYS J 182 -20.62 -38.66 -70.69
CA LYS J 182 -19.56 -38.01 -69.91
C LYS J 182 -18.92 -36.90 -70.73
N ALA J 183 -18.65 -37.22 -71.99
CA ALA J 183 -17.99 -36.29 -72.90
C ALA J 183 -18.87 -35.09 -73.17
N LEU J 184 -20.17 -35.31 -73.34
CA LEU J 184 -21.15 -34.23 -73.56
C LEU J 184 -21.20 -33.25 -72.39
N LYS J 185 -21.21 -33.80 -71.17
CA LYS J 185 -21.21 -33.01 -69.94
C LYS J 185 -20.06 -32.01 -69.86
N THR J 186 -18.86 -32.48 -70.21
CA THR J 186 -17.66 -31.65 -70.20
C THR J 186 -17.71 -30.56 -71.27
N ARG J 187 -18.16 -30.95 -72.46
CA ARG J 187 -18.23 -30.07 -73.63
C ARG J 187 -19.20 -28.91 -73.38
N ILE J 188 -20.41 -29.27 -72.97
CA ILE J 188 -21.44 -28.29 -72.65
C ILE J 188 -21.08 -27.44 -71.41
N SER J 189 -20.54 -28.07 -70.36
CA SER J 189 -20.12 -27.31 -69.18
C SER J 189 -19.05 -26.25 -69.49
N ASN J 190 -18.28 -26.45 -70.55
CA ASN J 190 -17.23 -25.48 -70.93
C ASN J 190 -17.59 -24.42 -71.97
N LEU J 191 -18.86 -24.41 -72.41
CA LEU J 191 -19.39 -23.32 -73.22
C LEU J 191 -19.46 -22.08 -72.33
N PRO J 192 -18.92 -20.94 -72.82
CA PRO J 192 -18.82 -19.71 -72.02
C PRO J 192 -20.08 -19.33 -71.21
N THR J 193 -21.26 -19.43 -71.81
CA THR J 193 -22.50 -19.07 -71.12
C THR J 193 -22.85 -20.07 -70.01
N VAL J 194 -22.59 -21.36 -70.26
CA VAL J 194 -22.90 -22.40 -69.27
C VAL J 194 -21.85 -22.40 -68.15
N LYS J 195 -20.58 -22.23 -68.53
CA LYS J 195 -19.48 -22.18 -67.55
C LYS J 195 -19.73 -21.06 -66.54
N LYS J 196 -20.15 -19.91 -67.05
CA LYS J 196 -20.54 -18.79 -66.19
C LYS J 196 -21.66 -19.18 -65.21
N PHE J 197 -22.65 -19.95 -65.70
CA PHE J 197 -23.81 -20.34 -64.88
C PHE J 197 -23.44 -21.38 -63.82
N LEU J 198 -22.43 -22.18 -64.11
CA LEU J 198 -21.95 -23.22 -63.19
C LEU J 198 -21.01 -22.71 -62.09
N GLN J 199 -20.49 -21.49 -62.27
CA GLN J 199 -19.59 -20.85 -61.32
C GLN J 199 -20.33 -20.70 -59.97
N PRO J 200 -19.61 -20.81 -58.84
CA PRO J 200 -20.27 -20.52 -57.56
C PRO J 200 -20.82 -19.09 -57.50
N GLY J 201 -21.89 -18.89 -56.74
CA GLY J 201 -22.52 -17.56 -56.65
C GLY J 201 -23.48 -17.21 -57.79
N SER J 202 -23.59 -18.09 -58.78
CA SER J 202 -24.51 -17.88 -59.91
C SER J 202 -25.98 -18.04 -59.46
N PRO J 203 -26.96 -17.65 -60.31
CA PRO J 203 -28.37 -17.97 -60.01
C PRO J 203 -28.73 -19.47 -59.90
N ARG J 204 -27.79 -20.35 -60.24
CA ARG J 204 -28.01 -21.80 -60.09
C ARG J 204 -28.31 -22.13 -58.63
N LYS J 205 -29.35 -22.92 -58.39
CA LYS J 205 -29.85 -23.13 -57.03
C LYS J 205 -29.39 -24.46 -56.40
N PRO J 206 -29.36 -24.53 -55.06
CA PRO J 206 -28.94 -25.77 -54.43
C PRO J 206 -30.04 -26.82 -54.47
N PRO J 207 -29.66 -28.10 -54.32
CA PRO J 207 -30.66 -29.13 -54.13
C PRO J 207 -31.42 -28.83 -52.83
N ALA J 208 -32.72 -29.17 -52.82
CA ALA J 208 -33.53 -28.92 -51.65
C ALA J 208 -33.07 -29.81 -50.48
N ASP J 209 -33.02 -29.24 -49.28
CA ASP J 209 -32.78 -30.05 -48.08
C ASP J 209 -34.05 -30.12 -47.21
N ALA J 210 -33.93 -30.69 -46.02
CA ALA J 210 -35.06 -30.76 -45.08
C ALA J 210 -35.55 -29.37 -44.64
N LYS J 211 -34.63 -28.44 -44.39
CA LYS J 211 -35.00 -27.09 -43.95
C LYS J 211 -35.77 -26.29 -45.01
N ALA J 212 -35.32 -26.38 -46.27
CA ALA J 212 -35.96 -25.66 -47.38
C ALA J 212 -37.33 -26.23 -47.72
N LEU J 213 -37.52 -27.52 -47.44
CA LEU J 213 -38.82 -28.18 -47.58
C LEU J 213 -39.80 -27.68 -46.50
N GLU J 214 -39.28 -27.45 -45.30
CA GLU J 214 -40.05 -26.88 -44.20
C GLU J 214 -40.47 -25.44 -44.53
N GLU J 215 -39.54 -24.66 -45.06
CA GLU J 215 -39.81 -23.28 -45.47
C GLU J 215 -40.85 -23.21 -46.58
N ALA J 216 -40.71 -24.09 -47.57
CA ALA J 216 -41.61 -24.13 -48.74
C ALA J 216 -43.04 -24.56 -48.42
N ARG J 217 -43.21 -25.32 -47.34
CA ARG J 217 -44.54 -25.75 -46.88
C ARG J 217 -45.30 -24.56 -46.27
N LYS J 218 -44.60 -23.76 -45.47
CA LYS J 218 -45.15 -22.52 -44.90
C LYS J 218 -45.61 -21.53 -45.98
N ILE J 219 -45.11 -21.71 -47.19
CA ILE J 219 -45.45 -20.83 -48.32
C ILE J 219 -46.55 -21.40 -49.20
N PHE J 220 -46.40 -22.66 -49.62
CA PHE J 220 -47.26 -23.27 -50.64
C PHE J 220 -48.35 -24.20 -50.10
N ARG J 221 -48.09 -24.80 -48.92
CA ARG J 221 -48.99 -25.79 -48.28
C ARG J 221 -49.29 -27.03 -49.14
N PHE J 222 -48.37 -28.00 -49.10
CA PHE J 222 -48.56 -29.26 -49.85
C PHE J 222 -48.42 -30.51 -48.97
N LYS K 4 -38.24 17.49 0.88
CA LYS K 4 -37.79 17.63 -0.54
C LYS K 4 -36.71 18.69 -0.71
N PRO K 5 -35.50 18.29 -1.15
CA PRO K 5 -34.47 19.26 -1.53
C PRO K 5 -34.98 20.15 -2.66
N LYS K 6 -34.63 21.43 -2.63
CA LYS K 6 -35.02 22.35 -3.70
C LYS K 6 -33.76 22.73 -4.47
N LEU K 7 -33.80 22.55 -5.80
CA LEU K 7 -32.66 22.88 -6.66
C LEU K 7 -32.85 24.15 -7.46
N HIS K 8 -31.96 25.12 -7.23
CA HIS K 8 -31.98 26.39 -7.93
C HIS K 8 -30.96 26.44 -9.06
N TYR K 9 -31.48 26.40 -10.29
CA TYR K 9 -30.66 26.44 -11.48
C TYR K 9 -31.52 26.81 -12.68
N PHE K 10 -30.89 27.16 -13.80
CA PHE K 10 -31.64 27.30 -15.05
C PHE K 10 -32.12 25.93 -15.52
N ASN K 11 -33.10 25.91 -16.42
CA ASN K 11 -33.65 24.67 -16.96
C ASN K 11 -32.72 24.07 -18.01
N GLY K 12 -31.69 23.36 -17.54
CA GLY K 12 -30.73 22.72 -18.41
C GLY K 12 -29.71 22.02 -17.56
N ARG K 13 -28.84 21.27 -18.23
CA ARG K 13 -27.89 20.41 -17.53
C ARG K 13 -26.87 21.15 -16.67
N GLY K 14 -26.10 22.05 -17.30
CA GLY K 14 -24.98 22.75 -16.68
C GLY K 14 -24.23 21.97 -15.63
N ARG K 15 -23.95 22.63 -14.51
CA ARG K 15 -23.27 22.01 -13.37
C ARG K 15 -24.22 21.27 -12.41
N MET K 16 -25.53 21.48 -12.58
CA MET K 16 -26.53 20.87 -11.72
C MET K 16 -26.83 19.40 -12.04
N GLU K 17 -26.66 19.00 -13.30
CA GLU K 17 -27.10 17.68 -13.73
C GLU K 17 -26.61 16.48 -12.89
N PRO K 18 -25.33 16.46 -12.47
CA PRO K 18 -24.88 15.38 -11.56
C PRO K 18 -25.68 15.27 -10.25
N ILE K 19 -26.16 16.41 -9.75
CA ILE K 19 -26.96 16.47 -8.52
C ILE K 19 -28.38 15.92 -8.75
N ARG K 20 -28.88 16.07 -9.98
CA ARG K 20 -30.16 15.49 -10.37
C ARG K 20 -30.00 13.96 -10.49
N TRP K 21 -28.91 13.51 -11.13
CA TRP K 21 -28.63 12.08 -11.26
C TRP K 21 -28.51 11.34 -9.93
N LEU K 22 -27.77 11.95 -9.00
CA LEU K 22 -27.48 11.33 -7.71
C LEU K 22 -28.72 11.26 -6.83
N LEU K 23 -29.48 12.35 -6.78
CA LEU K 23 -30.74 12.35 -6.05
C LEU K 23 -31.69 11.30 -6.62
N ALA K 24 -31.87 11.31 -7.93
CA ALA K 24 -32.76 10.39 -8.60
C ALA K 24 -32.37 8.93 -8.35
N ALA K 25 -31.08 8.62 -8.46
CA ALA K 25 -30.62 7.24 -8.26
C ALA K 25 -30.81 6.80 -6.80
N ALA K 26 -30.75 7.76 -5.88
CA ALA K 26 -30.98 7.51 -4.46
C ALA K 26 -32.48 7.35 -4.16
N GLY K 27 -33.32 7.61 -5.15
CA GLY K 27 -34.77 7.50 -4.98
C GLY K 27 -35.33 8.66 -4.17
N VAL K 28 -34.72 9.83 -4.35
CA VAL K 28 -35.06 11.00 -3.56
C VAL K 28 -35.84 11.98 -4.42
N GLU K 29 -37.04 12.31 -3.94
CA GLU K 29 -37.90 13.28 -4.58
C GLU K 29 -37.37 14.68 -4.32
N PHE K 30 -37.29 15.49 -5.38
CA PHE K 30 -36.83 16.87 -5.25
C PHE K 30 -37.66 17.83 -6.10
N GLU K 31 -37.61 19.09 -5.72
CA GLU K 31 -38.25 20.16 -6.47
C GLU K 31 -37.20 21.00 -7.19
N GLU K 32 -37.62 21.75 -8.19
CA GLU K 32 -36.71 22.62 -8.92
C GLU K 32 -37.33 24.00 -9.07
N LYS K 33 -36.53 25.03 -8.82
CA LYS K 33 -36.95 26.40 -9.07
C LYS K 33 -36.09 27.00 -10.16
N PHE K 34 -36.66 27.10 -11.36
CA PHE K 34 -35.89 27.49 -12.53
C PHE K 34 -35.66 28.97 -12.67
N ILE K 35 -34.39 29.33 -12.69
CA ILE K 35 -33.93 30.67 -13.01
C ILE K 35 -34.11 30.88 -14.52
N GLY K 36 -34.96 31.84 -14.87
CA GLY K 36 -35.31 32.10 -16.27
C GLY K 36 -34.76 33.41 -16.81
N SER K 37 -34.29 34.27 -15.90
CA SER K 37 -33.80 35.59 -16.25
C SER K 37 -32.66 35.99 -15.33
N ALA K 38 -31.98 37.08 -15.67
CA ALA K 38 -30.96 37.69 -14.81
C ALA K 38 -31.63 38.23 -13.54
N GLU K 39 -32.89 38.62 -13.67
CA GLU K 39 -33.68 39.11 -12.55
C GLU K 39 -33.94 38.01 -11.51
N ASP K 40 -34.19 36.78 -11.97
CA ASP K 40 -34.42 35.64 -11.08
C ASP K 40 -33.19 35.33 -10.23
N LEU K 41 -32.04 35.23 -10.88
CA LEU K 41 -30.76 35.04 -10.20
C LEU K 41 -30.43 36.30 -9.40
N GLY K 42 -30.85 37.45 -9.93
CA GLY K 42 -30.67 38.74 -9.30
C GLY K 42 -31.31 38.84 -7.92
N LYS K 43 -32.48 38.24 -7.76
CA LYS K 43 -33.17 38.20 -6.48
C LYS K 43 -32.43 37.32 -5.49
N LEU K 44 -32.04 36.13 -5.94
CA LEU K 44 -31.28 35.17 -5.13
C LEU K 44 -29.99 35.79 -4.57
N ARG K 45 -29.31 36.58 -5.39
CA ARG K 45 -28.09 37.30 -5.01
C ARG K 45 -28.36 38.37 -3.95
N ASN K 46 -29.51 39.04 -4.09
CA ASN K 46 -29.95 40.08 -3.15
C ASN K 46 -30.42 39.53 -1.82
N ASP K 47 -30.97 38.31 -1.84
CA ASP K 47 -31.61 37.72 -0.67
C ASP K 47 -30.64 37.07 0.30
N GLY K 48 -29.38 36.93 -0.10
CA GLY K 48 -28.37 36.25 0.73
C GLY K 48 -28.45 34.74 0.64
N SER K 49 -29.15 34.24 -0.37
CA SER K 49 -29.35 32.81 -0.62
C SER K 49 -28.11 32.11 -1.19
N LEU K 50 -27.20 32.90 -1.74
CA LEU K 50 -26.03 32.36 -2.42
C LEU K 50 -24.75 32.86 -1.77
N MET K 51 -24.03 31.98 -1.09
CA MET K 51 -22.82 32.38 -0.37
C MET K 51 -21.81 33.13 -1.25
N PHE K 52 -21.63 32.63 -2.47
CA PHE K 52 -20.68 33.20 -3.43
C PHE K 52 -21.37 33.83 -4.65
N GLN K 53 -22.66 34.14 -4.49
CA GLN K 53 -23.45 34.86 -5.51
C GLN K 53 -23.77 34.01 -6.75
N GLN K 54 -23.48 32.71 -6.67
CA GLN K 54 -23.60 31.81 -7.82
C GLN K 54 -24.47 30.60 -7.53
N VAL K 55 -24.98 29.97 -8.59
CA VAL K 55 -25.63 28.66 -8.51
C VAL K 55 -24.71 27.63 -9.21
N PRO K 56 -24.93 26.31 -9.02
CA PRO K 56 -25.98 25.57 -8.28
C PRO K 56 -26.11 25.95 -6.80
N MET K 57 -27.34 25.89 -6.32
CA MET K 57 -27.64 26.00 -4.90
C MET K 57 -28.81 25.08 -4.64
N VAL K 58 -28.70 24.30 -3.57
CA VAL K 58 -29.72 23.37 -3.18
C VAL K 58 -30.11 23.67 -1.73
N GLU K 59 -31.40 23.93 -1.50
CA GLU K 59 -31.93 24.07 -0.14
C GLU K 59 -32.24 22.69 0.36
N ILE K 60 -31.38 22.17 1.22
CA ILE K 60 -31.57 20.85 1.79
C ILE K 60 -31.28 20.89 3.30
N ASP K 61 -32.10 20.19 4.08
CA ASP K 61 -31.88 20.04 5.53
C ASP K 61 -31.49 21.35 6.24
N GLY K 62 -32.21 22.42 5.95
CA GLY K 62 -31.98 23.71 6.60
C GLY K 62 -30.82 24.51 6.04
N MET K 63 -30.02 23.90 5.17
CA MET K 63 -28.92 24.60 4.52
C MET K 63 -29.30 25.17 3.17
N LYS K 64 -28.70 26.32 2.83
CA LYS K 64 -28.64 26.79 1.44
C LYS K 64 -27.24 26.46 0.93
N LEU K 65 -27.11 25.24 0.42
CA LEU K 65 -25.81 24.72 -0.01
C LEU K 65 -25.45 25.17 -1.42
N VAL K 66 -24.25 25.72 -1.55
CA VAL K 66 -23.69 26.08 -2.86
C VAL K 66 -22.42 25.26 -3.13
N GLN K 67 -21.89 25.33 -4.35
CA GLN K 67 -20.70 24.58 -4.79
C GLN K 67 -21.03 23.13 -5.10
N THR K 68 -21.04 22.80 -6.39
CA THR K 68 -21.46 21.48 -6.84
C THR K 68 -20.88 20.37 -5.96
N ARG K 69 -19.57 20.38 -5.76
CA ARG K 69 -18.89 19.36 -4.95
C ARG K 69 -19.36 19.31 -3.49
N ALA K 70 -19.65 20.46 -2.88
CA ALA K 70 -20.20 20.47 -1.53
C ALA K 70 -21.55 19.73 -1.51
N ILE K 71 -22.39 20.01 -2.50
CA ILE K 71 -23.74 19.46 -2.57
C ILE K 71 -23.72 17.95 -2.80
N LEU K 72 -22.88 17.51 -3.74
CA LEU K 72 -22.74 16.10 -4.06
C LEU K 72 -22.18 15.28 -2.91
N ASN K 73 -21.22 15.85 -2.18
CA ASN K 73 -20.59 15.16 -1.04
C ASN K 73 -21.57 14.91 0.07
N TYR K 74 -22.42 15.90 0.32
CA TYR K 74 -23.47 15.84 1.33
C TYR K 74 -24.49 14.76 0.99
N ILE K 75 -25.03 14.86 -0.23
CA ILE K 75 -26.01 13.91 -0.72
C ILE K 75 -25.43 12.50 -0.72
N ALA K 76 -24.17 12.34 -1.10
CA ALA K 76 -23.54 11.02 -1.09
C ALA K 76 -23.44 10.43 0.32
N SER K 77 -23.06 11.27 1.28
CA SER K 77 -23.00 10.85 2.69
C SER K 77 -24.38 10.52 3.23
N LYS K 78 -25.32 11.44 3.04
CA LYS K 78 -26.66 11.34 3.62
C LYS K 78 -27.37 10.06 3.19
N TYR K 79 -27.27 9.72 1.90
CA TYR K 79 -28.02 8.58 1.35
C TYR K 79 -27.16 7.34 1.11
N ASN K 80 -26.02 7.27 1.80
CA ASN K 80 -25.20 6.05 1.85
C ASN K 80 -24.50 5.61 0.55
N LEU K 81 -24.09 6.58 -0.26
CA LEU K 81 -23.46 6.30 -1.55
C LEU K 81 -21.99 6.76 -1.59
N TYR K 82 -21.34 6.74 -0.43
CA TYR K 82 -19.99 7.31 -0.29
C TYR K 82 -19.08 6.32 0.43
N GLY K 83 -19.22 5.03 0.12
CA GLY K 83 -18.39 3.97 0.72
C GLY K 83 -18.66 3.76 2.21
N LYS K 84 -17.80 2.96 2.85
CA LYS K 84 -17.96 2.67 4.28
C LYS K 84 -16.88 3.26 5.19
N ASP K 85 -15.75 3.65 4.61
CA ASP K 85 -14.61 4.18 5.40
C ASP K 85 -13.75 5.20 4.66
N ILE K 86 -12.69 5.67 5.31
CA ILE K 86 -11.76 6.64 4.75
C ILE K 86 -11.07 6.17 3.45
N LYS K 87 -10.69 4.89 3.41
CA LYS K 87 -9.94 4.33 2.28
C LYS K 87 -10.86 4.19 1.07
N GLU K 88 -12.11 3.82 1.31
CA GLU K 88 -13.10 3.77 0.25
C GLU K 88 -13.44 5.16 -0.26
N ARG K 89 -13.56 6.13 0.65
CA ARG K 89 -13.80 7.52 0.27
C ARG K 89 -12.68 8.12 -0.59
N ALA K 90 -11.44 7.71 -0.30
CA ALA K 90 -10.26 8.07 -1.10
C ALA K 90 -10.39 7.57 -2.55
N LEU K 91 -10.77 6.30 -2.70
CA LEU K 91 -10.98 5.69 -4.02
C LEU K 91 -12.08 6.38 -4.78
N ILE K 92 -13.23 6.58 -4.11
CA ILE K 92 -14.38 7.26 -4.70
C ILE K 92 -14.05 8.71 -5.13
N ASP K 93 -13.37 9.45 -4.26
CA ASP K 93 -13.02 10.86 -4.54
C ASP K 93 -12.12 10.95 -5.77
N MET K 94 -11.05 10.17 -5.77
CA MET K 94 -10.14 10.05 -6.89
C MET K 94 -10.86 9.65 -8.19
N TYR K 95 -11.74 8.64 -8.13
CA TYR K 95 -12.53 8.26 -9.32
C TYR K 95 -13.44 9.41 -9.80
N THR K 96 -14.26 9.97 -8.92
CA THR K 96 -15.18 11.04 -9.32
C THR K 96 -14.46 12.32 -9.78
N GLU K 97 -13.27 12.56 -9.24
CA GLU K 97 -12.50 13.74 -9.63
C GLU K 97 -11.95 13.63 -11.06
N GLY K 98 -11.53 12.43 -11.44
CA GLY K 98 -11.13 12.13 -12.82
C GLY K 98 -12.30 12.28 -13.78
N MET K 99 -13.45 11.75 -13.40
CA MET K 99 -14.69 11.88 -14.17
C MET K 99 -15.12 13.33 -14.36
N ALA K 100 -15.01 14.14 -13.30
CA ALA K 100 -15.34 15.57 -13.37
C ALA K 100 -14.38 16.31 -14.29
N ASP K 101 -13.12 15.86 -14.38
CA ASP K 101 -12.18 16.45 -15.35
C ASP K 101 -12.63 16.21 -16.80
N LEU K 102 -13.05 15.00 -17.11
CA LEU K 102 -13.63 14.70 -18.42
C LEU K 102 -14.93 15.46 -18.62
N ASN K 103 -15.81 15.39 -17.61
CA ASN K 103 -17.08 16.15 -17.63
C ASN K 103 -16.88 17.62 -18.02
N GLU K 104 -15.88 18.26 -17.43
CA GLU K 104 -15.65 19.70 -17.62
C GLU K 104 -15.32 20.04 -19.08
N MET K 105 -14.52 19.18 -19.71
CA MET K 105 -14.19 19.33 -21.13
C MET K 105 -15.44 19.32 -22.00
N ILE K 106 -16.30 18.33 -21.79
CA ILE K 106 -17.58 18.20 -22.50
C ILE K 106 -18.53 19.36 -22.19
N LEU K 107 -18.61 19.75 -20.91
CA LEU K 107 -19.50 20.82 -20.47
C LEU K 107 -19.29 22.15 -21.21
N LEU K 108 -18.03 22.49 -21.44
CA LEU K 108 -17.62 23.81 -21.94
C LEU K 108 -17.38 23.83 -23.45
N LEU K 109 -17.53 22.66 -24.08
CA LEU K 109 -17.48 22.55 -25.54
C LEU K 109 -18.31 23.61 -26.30
N PRO K 110 -19.57 23.92 -25.87
CA PRO K 110 -20.33 24.96 -26.56
C PRO K 110 -19.67 26.33 -26.58
N LEU K 111 -18.69 26.55 -25.70
CA LEU K 111 -18.02 27.83 -25.61
C LEU K 111 -16.85 27.96 -26.58
N CYS K 112 -16.39 26.83 -27.12
CA CYS K 112 -15.32 26.84 -28.10
C CYS K 112 -15.78 27.54 -29.40
N ARG K 113 -14.96 28.48 -29.88
CA ARG K 113 -15.19 29.19 -31.14
C ARG K 113 -15.13 28.17 -32.30
N PRO K 114 -15.83 28.44 -33.43
CA PRO K 114 -15.86 27.46 -34.54
C PRO K 114 -14.49 26.91 -34.96
N GLU K 115 -13.47 27.77 -34.92
CA GLU K 115 -12.09 27.44 -35.33
C GLU K 115 -11.36 26.51 -34.36
N GLU K 116 -11.79 26.49 -33.11
CA GLU K 116 -11.12 25.67 -32.08
C GLU K 116 -11.86 24.39 -31.70
N LYS K 117 -13.10 24.26 -32.17
CA LYS K 117 -13.99 23.20 -31.73
C LYS K 117 -13.56 21.78 -32.17
N ASP K 118 -13.08 21.67 -33.41
CA ASP K 118 -12.66 20.36 -33.94
C ASP K 118 -11.48 19.79 -33.16
N ALA K 119 -10.58 20.67 -32.74
CA ALA K 119 -9.44 20.30 -31.91
C ALA K 119 -9.90 19.86 -30.52
N LYS K 120 -10.83 20.62 -29.93
CA LYS K 120 -11.38 20.28 -28.61
C LYS K 120 -12.09 18.92 -28.63
N ILE K 121 -12.95 18.71 -29.62
CA ILE K 121 -13.65 17.43 -29.79
C ILE K 121 -12.64 16.28 -29.90
N ALA K 122 -11.63 16.50 -30.75
CA ALA K 122 -10.58 15.53 -30.98
C ALA K 122 -9.85 15.20 -29.68
N LEU K 123 -9.55 16.24 -28.90
CA LEU K 123 -8.88 16.05 -27.60
C LEU K 123 -9.73 15.24 -26.61
N ILE K 124 -11.03 15.55 -26.56
CA ILE K 124 -11.97 14.79 -25.73
C ILE K 124 -11.95 13.31 -26.10
N LYS K 125 -11.99 13.02 -27.41
CA LYS K 125 -12.02 11.63 -27.89
C LYS K 125 -10.74 10.90 -27.51
N GLU K 126 -9.62 11.57 -27.72
CA GLU K 126 -8.30 11.02 -27.40
C GLU K 126 -8.13 10.78 -25.89
N LYS K 127 -8.46 11.78 -25.07
CA LYS K 127 -8.40 11.59 -23.62
C LYS K 127 -9.35 10.50 -23.10
N THR K 128 -10.54 10.40 -23.68
CA THR K 128 -11.52 9.38 -23.27
C THR K 128 -10.92 7.99 -23.47
N LYS K 129 -10.31 7.78 -24.63
CA LYS K 129 -9.80 6.47 -25.03
C LYS K 129 -8.48 6.13 -24.38
N SER K 130 -7.66 7.13 -24.08
CA SER K 130 -6.30 6.87 -23.61
C SER K 130 -6.08 7.11 -22.12
N ARG K 131 -6.97 7.89 -21.50
CA ARG K 131 -6.82 8.36 -20.13
C ARG K 131 -7.94 7.84 -19.24
N TYR K 132 -9.18 8.17 -19.58
CA TYR K 132 -10.28 7.96 -18.65
C TYR K 132 -10.88 6.57 -18.71
N PHE K 133 -11.33 6.15 -19.89
CA PHE K 133 -11.95 4.85 -20.02
C PHE K 133 -10.99 3.73 -19.61
N PRO K 134 -9.71 3.82 -20.04
CA PRO K 134 -8.71 2.85 -19.53
C PRO K 134 -8.64 2.76 -18.01
N ALA K 135 -8.61 3.92 -17.34
CA ALA K 135 -8.53 3.92 -15.88
C ALA K 135 -9.66 3.14 -15.21
N PHE K 136 -10.90 3.43 -15.62
CA PHE K 136 -12.07 2.83 -15.01
C PHE K 136 -12.31 1.39 -15.45
N GLU K 137 -11.90 1.04 -16.66
CA GLU K 137 -11.92 -0.37 -17.06
C GLU K 137 -10.95 -1.16 -16.21
N LYS K 138 -9.78 -0.58 -15.96
CA LYS K 138 -8.72 -1.19 -15.17
C LYS K 138 -9.12 -1.49 -13.71
N VAL K 139 -9.80 -0.57 -13.05
CA VAL K 139 -10.36 -0.87 -11.70
C VAL K 139 -11.34 -2.05 -11.76
N LEU K 140 -12.29 -1.99 -12.68
CA LEU K 140 -13.25 -3.09 -12.86
C LEU K 140 -12.55 -4.42 -13.14
N GLN K 141 -11.56 -4.37 -14.04
CA GLN K 141 -10.70 -5.51 -14.33
C GLN K 141 -9.97 -6.04 -13.08
N SER K 142 -9.44 -5.13 -12.26
CA SER K 142 -8.63 -5.49 -11.10
C SER K 142 -9.34 -6.40 -10.09
N HIS K 143 -10.56 -6.04 -9.71
CA HIS K 143 -11.31 -6.77 -8.68
C HIS K 143 -12.42 -7.71 -9.21
N GLY K 144 -12.90 -7.45 -10.43
CA GLY K 144 -13.90 -8.32 -11.05
C GLY K 144 -15.31 -8.20 -10.51
N GLN K 145 -15.58 -7.12 -9.78
CA GLN K 145 -16.89 -6.88 -9.14
C GLN K 145 -17.76 -5.92 -9.97
N ASP K 146 -19.06 -5.89 -9.68
CA ASP K 146 -20.05 -5.17 -10.52
C ASP K 146 -20.09 -3.67 -10.30
N TYR K 147 -19.36 -3.19 -9.29
CA TYR K 147 -19.34 -1.78 -8.94
C TYR K 147 -17.90 -1.33 -8.74
N LEU K 148 -17.66 -0.03 -8.87
CA LEU K 148 -16.30 0.50 -8.80
C LEU K 148 -15.65 0.33 -7.43
N VAL K 149 -16.41 0.57 -6.37
CA VAL K 149 -15.87 0.58 -5.00
C VAL K 149 -16.74 -0.20 -4.02
N GLY K 150 -16.11 -1.13 -3.30
CA GLY K 150 -16.71 -1.82 -2.16
C GLY K 150 -17.75 -2.86 -2.48
N ASN K 151 -17.84 -3.25 -3.75
CA ASN K 151 -18.86 -4.19 -4.25
C ASN K 151 -20.28 -3.72 -3.96
N LYS K 152 -20.48 -2.41 -4.05
CA LYS K 152 -21.73 -1.77 -3.65
C LYS K 152 -21.88 -0.49 -4.47
N LEU K 153 -23.10 -0.24 -4.94
CA LEU K 153 -23.43 1.02 -5.62
C LEU K 153 -22.93 2.23 -4.82
N SER K 154 -22.20 3.11 -5.50
CA SER K 154 -21.72 4.38 -4.90
C SER K 154 -21.91 5.53 -5.88
N ARG K 155 -21.80 6.76 -5.39
CA ARG K 155 -21.83 7.94 -6.26
C ARG K 155 -20.88 7.82 -7.47
N ALA K 156 -19.81 7.04 -7.33
CA ALA K 156 -18.83 6.83 -8.41
C ALA K 156 -19.43 6.08 -9.62
N ASP K 157 -20.22 5.03 -9.37
CA ASP K 157 -20.93 4.30 -10.43
C ASP K 157 -21.95 5.19 -11.12
N ILE K 158 -22.65 5.99 -10.33
CA ILE K 158 -23.67 6.91 -10.83
C ILE K 158 -23.01 8.02 -11.65
N SER K 159 -21.90 8.56 -11.15
CA SER K 159 -21.13 9.53 -11.91
C SER K 159 -20.58 8.98 -13.22
N LEU K 160 -20.05 7.75 -13.19
CA LEU K 160 -19.46 7.18 -14.38
C LEU K 160 -20.50 6.97 -15.47
N VAL K 161 -21.68 6.50 -15.09
CA VAL K 161 -22.72 6.13 -16.08
C VAL K 161 -23.32 7.35 -16.78
N GLU K 162 -23.53 8.42 -16.02
CA GLU K 162 -23.92 9.72 -16.58
C GLU K 162 -22.90 10.21 -17.62
N LEU K 163 -21.62 10.08 -17.28
CA LEU K 163 -20.54 10.39 -18.18
C LEU K 163 -20.53 9.49 -19.40
N LEU K 164 -20.77 8.18 -19.20
CA LEU K 164 -20.83 7.23 -20.32
C LEU K 164 -21.96 7.55 -21.31
N TYR K 165 -23.06 8.07 -20.81
CA TYR K 165 -24.12 8.61 -21.68
C TYR K 165 -23.73 9.89 -22.42
N TYR K 166 -22.94 10.77 -21.79
CA TYR K 166 -22.50 12.00 -22.46
C TYR K 166 -21.52 11.70 -23.57
N VAL K 167 -20.65 10.73 -23.31
CA VAL K 167 -19.67 10.26 -24.27
C VAL K 167 -20.40 9.67 -25.47
N GLU K 168 -21.37 8.80 -25.21
CA GLU K 168 -22.15 8.20 -26.28
C GLU K 168 -22.79 9.27 -27.18
N GLU K 169 -23.31 10.33 -26.58
CA GLU K 169 -23.89 11.45 -27.32
C GLU K 169 -22.90 12.07 -28.29
N LEU K 170 -21.62 12.10 -27.90
CA LEU K 170 -20.57 12.64 -28.75
C LEU K 170 -20.18 11.67 -29.86
N ASP K 171 -19.86 10.43 -29.47
CA ASP K 171 -19.35 9.41 -30.37
C ASP K 171 -19.60 8.06 -29.73
N SER K 172 -20.51 7.28 -30.33
CA SER K 172 -20.96 6.02 -29.74
C SER K 172 -19.90 4.92 -29.75
N SER K 173 -18.86 5.11 -30.58
CA SER K 173 -17.80 4.10 -30.69
C SER K 173 -16.71 4.21 -29.61
N LEU K 174 -16.70 5.29 -28.84
CA LEU K 174 -15.62 5.53 -27.87
C LEU K 174 -15.51 4.44 -26.79
N ILE K 175 -16.65 3.84 -26.43
CA ILE K 175 -16.71 2.78 -25.41
C ILE K 175 -16.49 1.34 -25.97
N SER K 176 -16.42 1.22 -27.29
CA SER K 176 -16.35 -0.09 -27.98
C SER K 176 -15.29 -1.07 -27.46
N ASN K 177 -14.13 -0.55 -27.07
CA ASN K 177 -13.03 -1.39 -26.60
C ASN K 177 -12.94 -1.48 -25.07
N PHE K 178 -14.09 -1.26 -24.43
CA PHE K 178 -14.22 -1.28 -22.97
C PHE K 178 -15.48 -2.03 -22.57
N PRO K 179 -15.42 -3.38 -22.68
CA PRO K 179 -16.55 -4.26 -22.37
C PRO K 179 -17.11 -4.11 -20.95
N LEU K 180 -16.24 -3.97 -19.95
CA LEU K 180 -16.72 -3.85 -18.57
C LEU K 180 -17.43 -2.52 -18.31
N LEU K 181 -17.06 -1.47 -19.05
CA LEU K 181 -17.75 -0.18 -18.95
C LEU K 181 -19.14 -0.24 -19.60
N LYS K 182 -19.25 -0.89 -20.77
CA LYS K 182 -20.56 -1.19 -21.37
C LYS K 182 -21.46 -1.98 -20.40
N ALA K 183 -20.89 -3.03 -19.80
CA ALA K 183 -21.61 -3.90 -18.89
C ALA K 183 -22.10 -3.14 -17.65
N LEU K 184 -21.30 -2.18 -17.20
CA LEU K 184 -21.65 -1.34 -16.06
C LEU K 184 -22.81 -0.38 -16.36
N LYS K 185 -22.77 0.23 -17.56
CA LYS K 185 -23.80 1.17 -18.00
C LYS K 185 -25.19 0.53 -18.00
N THR K 186 -25.25 -0.68 -18.55
CA THR K 186 -26.49 -1.44 -18.67
C THR K 186 -27.00 -1.79 -17.27
N ARG K 187 -26.10 -2.36 -16.47
CA ARG K 187 -26.38 -2.78 -15.11
C ARG K 187 -26.95 -1.64 -14.23
N ILE K 188 -26.29 -0.49 -14.25
CA ILE K 188 -26.74 0.72 -13.52
C ILE K 188 -28.07 1.23 -14.10
N SER K 189 -28.15 1.28 -15.43
CA SER K 189 -29.35 1.73 -16.13
C SER K 189 -30.60 0.90 -15.81
N ASN K 190 -30.39 -0.40 -15.57
CA ASN K 190 -31.51 -1.30 -15.22
C ASN K 190 -32.05 -1.09 -13.80
N LEU K 191 -31.26 -0.46 -12.92
CA LEU K 191 -31.73 -0.19 -11.57
C LEU K 191 -32.99 0.68 -11.67
N PRO K 192 -34.06 0.28 -10.96
CA PRO K 192 -35.37 0.94 -11.13
C PRO K 192 -35.35 2.47 -10.99
N THR K 193 -34.53 2.99 -10.08
CA THR K 193 -34.42 4.43 -9.86
C THR K 193 -33.68 5.12 -11.01
N VAL K 194 -32.65 4.47 -11.52
CA VAL K 194 -31.90 4.95 -12.68
C VAL K 194 -32.70 4.75 -13.97
N LYS K 195 -33.34 3.59 -14.11
CA LYS K 195 -34.21 3.29 -15.25
C LYS K 195 -35.32 4.34 -15.41
N LYS K 196 -35.88 4.76 -14.28
CA LYS K 196 -36.92 5.78 -14.23
C LYS K 196 -36.42 7.16 -14.65
N PHE K 197 -35.26 7.55 -14.13
CA PHE K 197 -34.63 8.83 -14.45
C PHE K 197 -34.35 8.90 -15.95
N LEU K 198 -34.08 7.75 -16.55
CA LEU K 198 -33.73 7.68 -17.97
C LEU K 198 -34.95 7.66 -18.89
N GLN K 199 -36.14 7.60 -18.30
CA GLN K 199 -37.39 7.56 -19.07
C GLN K 199 -37.83 8.98 -19.35
N PRO K 200 -38.74 9.18 -20.31
CA PRO K 200 -39.31 10.49 -20.60
C PRO K 200 -39.96 11.13 -19.39
N GLY K 201 -40.01 12.45 -19.39
CA GLY K 201 -40.73 13.20 -18.36
C GLY K 201 -40.03 13.32 -17.02
N SER K 202 -38.81 12.79 -16.91
CA SER K 202 -38.05 12.90 -15.67
C SER K 202 -37.37 14.26 -15.60
N PRO K 203 -36.77 14.61 -14.44
CA PRO K 203 -36.00 15.87 -14.40
C PRO K 203 -34.64 15.84 -15.16
N ARG K 204 -34.30 14.71 -15.77
CA ARG K 204 -33.12 14.61 -16.64
C ARG K 204 -33.22 15.68 -17.73
N LYS K 205 -32.14 16.41 -17.96
CA LYS K 205 -32.16 17.54 -18.89
C LYS K 205 -31.42 17.24 -20.21
N PRO K 206 -31.86 17.89 -21.31
CA PRO K 206 -31.34 17.61 -22.64
C PRO K 206 -29.93 18.19 -22.84
N PRO K 207 -29.19 17.70 -23.86
CA PRO K 207 -27.94 18.34 -24.22
C PRO K 207 -28.18 19.79 -24.58
N ALA K 208 -27.23 20.66 -24.23
CA ALA K 208 -27.30 22.06 -24.60
C ALA K 208 -27.20 22.22 -26.12
N ASP K 209 -28.08 23.04 -26.67
CA ASP K 209 -28.03 23.42 -28.08
C ASP K 209 -27.82 24.95 -28.19
N ALA K 210 -27.92 25.49 -29.40
CA ALA K 210 -27.64 26.90 -29.66
C ALA K 210 -28.47 27.88 -28.83
N LYS K 211 -29.79 27.66 -28.77
CA LYS K 211 -30.69 28.57 -28.05
C LYS K 211 -30.55 28.50 -26.52
N ALA K 212 -30.09 27.37 -26.01
CA ALA K 212 -29.82 27.21 -24.59
C ALA K 212 -28.60 28.03 -24.17
N LEU K 213 -27.57 28.05 -25.02
CA LEU K 213 -26.38 28.88 -24.82
C LEU K 213 -26.73 30.36 -24.95
N GLU K 214 -27.63 30.65 -25.89
CA GLU K 214 -28.22 31.99 -26.09
C GLU K 214 -28.94 32.48 -24.83
N GLU K 215 -29.78 31.63 -24.25
CA GLU K 215 -30.56 31.96 -23.06
C GLU K 215 -29.73 32.05 -21.78
N ALA K 216 -28.68 31.23 -21.69
CA ALA K 216 -27.78 31.25 -20.53
C ALA K 216 -26.94 32.52 -20.42
N ARG K 217 -26.47 33.02 -21.57
CA ARG K 217 -25.73 34.28 -21.61
C ARG K 217 -26.55 35.47 -21.12
N LYS K 218 -27.86 35.43 -21.35
CA LYS K 218 -28.77 36.47 -20.86
C LYS K 218 -28.84 36.49 -19.33
N ILE K 219 -28.77 35.31 -18.72
CA ILE K 219 -28.93 35.13 -17.27
C ILE K 219 -27.63 35.39 -16.50
N PHE K 220 -26.53 34.79 -16.97
CA PHE K 220 -25.25 34.84 -16.26
C PHE K 220 -24.28 35.89 -16.80
N ARG K 221 -24.27 36.05 -18.13
CA ARG K 221 -23.50 37.11 -18.82
C ARG K 221 -22.01 36.80 -19.01
N PHE K 222 -21.71 35.50 -19.15
CA PHE K 222 -20.37 35.04 -19.46
C PHE K 222 -19.98 35.34 -20.91
N LYS L 4 6.32 8.58 6.75
CA LYS L 4 6.41 9.85 5.97
C LYS L 4 5.73 9.73 4.61
N PRO L 5 4.66 10.50 4.41
CA PRO L 5 4.10 10.68 3.07
C PRO L 5 5.12 11.27 2.08
N LYS L 6 4.98 10.93 0.81
CA LYS L 6 5.87 11.41 -0.25
C LYS L 6 5.07 12.11 -1.33
N LEU L 7 5.35 13.39 -1.52
CA LEU L 7 4.61 14.23 -2.45
C LEU L 7 5.38 14.35 -3.76
N HIS L 8 4.77 13.85 -4.83
CA HIS L 8 5.37 13.87 -6.17
C HIS L 8 4.84 15.06 -6.95
N TYR L 9 5.73 15.99 -7.26
CA TYR L 9 5.37 17.20 -8.00
C TYR L 9 6.63 17.87 -8.52
N PHE L 10 6.46 18.93 -9.29
CA PHE L 10 7.64 19.75 -9.61
C PHE L 10 7.93 20.66 -8.40
N ASN L 11 9.13 21.24 -8.35
CA ASN L 11 9.52 22.08 -7.22
C ASN L 11 8.93 23.50 -7.33
N GLY L 12 7.67 23.60 -6.90
CA GLY L 12 6.91 24.85 -6.97
C GLY L 12 5.51 24.66 -6.40
N ARG L 13 4.77 25.75 -6.27
CA ARG L 13 3.42 25.69 -5.71
C ARG L 13 2.47 24.83 -6.53
N GLY L 14 2.17 25.30 -7.74
CA GLY L 14 1.12 24.73 -8.58
C GLY L 14 -0.09 24.27 -7.79
N ARG L 15 -0.55 23.06 -8.07
CA ARG L 15 -1.72 22.49 -7.39
C ARG L 15 -1.36 21.77 -6.10
N MET L 16 -0.08 21.46 -5.90
CA MET L 16 0.36 20.70 -4.72
C MET L 16 0.38 21.51 -3.42
N GLU L 17 0.46 22.82 -3.52
CA GLU L 17 0.76 23.66 -2.37
C GLU L 17 -0.23 23.55 -1.16
N PRO L 18 -1.56 23.48 -1.42
CA PRO L 18 -2.51 23.30 -0.33
C PRO L 18 -2.34 22.02 0.47
N ILE L 19 -1.75 20.99 -0.14
CA ILE L 19 -1.51 19.72 0.52
C ILE L 19 -0.27 19.81 1.43
N ARG L 20 0.75 20.53 0.96
CA ARG L 20 1.89 20.91 1.82
C ARG L 20 1.43 21.69 3.05
N TRP L 21 0.62 22.73 2.85
CA TRP L 21 0.02 23.46 3.97
C TRP L 21 -0.72 22.53 4.94
N LEU L 22 -1.59 21.65 4.45
CA LEU L 22 -2.44 20.83 5.33
C LEU L 22 -1.65 19.84 6.16
N LEU L 23 -0.75 19.10 5.50
CA LEU L 23 0.07 18.15 6.21
C LEU L 23 0.90 18.85 7.27
N ALA L 24 1.48 20.00 6.94
CA ALA L 24 2.28 20.75 7.92
C ALA L 24 1.41 21.25 9.05
N ALA L 25 0.20 21.72 8.74
CA ALA L 25 -0.70 22.22 9.78
C ALA L 25 -1.12 21.08 10.72
N ALA L 26 -1.19 19.86 10.18
CA ALA L 26 -1.52 18.65 10.95
C ALA L 26 -0.34 18.12 11.75
N GLY L 27 0.85 18.68 11.53
CA GLY L 27 2.05 18.31 12.26
C GLY L 27 2.75 17.09 11.69
N VAL L 28 2.43 16.81 10.42
CA VAL L 28 2.93 15.63 9.73
C VAL L 28 4.19 15.99 8.97
N GLU L 29 5.29 15.32 9.32
CA GLU L 29 6.52 15.38 8.55
C GLU L 29 6.32 14.66 7.23
N PHE L 30 6.73 15.30 6.15
CA PHE L 30 6.67 14.67 4.83
C PHE L 30 7.93 14.80 3.98
N GLU L 31 7.99 13.95 2.95
CA GLU L 31 9.07 13.96 1.97
C GLU L 31 8.53 14.48 0.64
N GLU L 32 9.41 15.04 -0.17
CA GLU L 32 9.07 15.40 -1.53
C GLU L 32 10.05 14.79 -2.52
N LYS L 33 9.51 14.37 -3.66
CA LYS L 33 10.32 13.92 -4.78
C LYS L 33 10.00 14.82 -5.96
N PHE L 34 10.98 15.64 -6.37
CA PHE L 34 10.75 16.66 -7.36
C PHE L 34 10.93 16.17 -8.81
N ILE L 35 9.87 16.38 -9.60
CA ILE L 35 9.86 16.18 -11.03
C ILE L 35 10.60 17.36 -11.65
N GLY L 36 11.79 17.10 -12.21
CA GLY L 36 12.61 18.16 -12.80
C GLY L 36 12.64 18.18 -14.32
N SER L 37 11.95 17.22 -14.94
CA SER L 37 12.02 17.06 -16.40
C SER L 37 10.88 16.18 -16.90
N ALA L 38 10.65 16.23 -18.21
CA ALA L 38 9.64 15.40 -18.88
C ALA L 38 9.84 13.91 -18.62
N GLU L 39 11.11 13.48 -18.58
CA GLU L 39 11.48 12.09 -18.33
C GLU L 39 11.14 11.61 -16.93
N ASP L 40 11.24 12.51 -15.95
CA ASP L 40 10.75 12.23 -14.60
C ASP L 40 9.25 11.95 -14.62
N LEU L 41 8.47 12.88 -15.18
CA LEU L 41 7.02 12.67 -15.33
C LEU L 41 6.76 11.36 -16.08
N GLY L 42 7.48 11.17 -17.18
CA GLY L 42 7.46 9.93 -17.97
C GLY L 42 7.59 8.65 -17.16
N LYS L 43 8.58 8.62 -16.26
CA LYS L 43 8.78 7.45 -15.40
C LYS L 43 7.59 7.18 -14.49
N LEU L 44 7.05 8.22 -13.85
CA LEU L 44 5.86 8.09 -13.00
C LEU L 44 4.67 7.49 -13.76
N ARG L 45 4.41 8.01 -14.96
CA ARG L 45 3.30 7.58 -15.81
C ARG L 45 3.46 6.11 -16.22
N ASN L 46 4.68 5.75 -16.64
CA ASN L 46 4.96 4.39 -17.11
C ASN L 46 5.06 3.34 -16.01
N ASP L 47 5.47 3.76 -14.81
CA ASP L 47 5.55 2.86 -13.65
C ASP L 47 4.17 2.48 -13.13
N GLY L 48 3.13 3.18 -13.60
CA GLY L 48 1.75 2.87 -13.26
C GLY L 48 1.26 3.62 -12.04
N SER L 49 2.00 4.66 -11.65
CA SER L 49 1.79 5.35 -10.37
C SER L 49 0.71 6.43 -10.42
N LEU L 50 0.34 6.83 -11.63
CA LEU L 50 -0.62 7.91 -11.81
C LEU L 50 -1.90 7.41 -12.46
N MET L 51 -2.96 7.29 -11.66
CA MET L 51 -4.25 6.81 -12.16
C MET L 51 -4.71 7.53 -13.44
N PHE L 52 -4.60 8.86 -13.45
CA PHE L 52 -5.01 9.66 -14.61
C PHE L 52 -3.83 10.34 -15.32
N GLN L 53 -2.65 9.72 -15.21
CA GLN L 53 -1.44 10.15 -15.90
C GLN L 53 -0.96 11.54 -15.45
N GLN L 54 -1.41 11.95 -14.26
CA GLN L 54 -1.20 13.30 -13.76
C GLN L 54 -0.67 13.31 -12.34
N VAL L 55 0.08 14.36 -12.01
CA VAL L 55 0.34 14.75 -10.62
C VAL L 55 -0.52 16.00 -10.31
N PRO L 56 -0.70 16.37 -9.01
CA PRO L 56 -0.15 15.82 -7.78
C PRO L 56 -0.41 14.34 -7.61
N MET L 57 0.60 13.64 -7.09
CA MET L 57 0.46 12.30 -6.55
C MET L 57 1.12 12.30 -5.17
N VAL L 58 0.51 11.58 -4.23
CA VAL L 58 0.99 11.49 -2.85
C VAL L 58 0.98 10.04 -2.39
N GLU L 59 2.15 9.54 -1.98
CA GLU L 59 2.25 8.24 -1.33
C GLU L 59 2.01 8.44 0.16
N ILE L 60 0.86 7.99 0.62
CA ILE L 60 0.47 8.10 2.02
C ILE L 60 -0.16 6.78 2.47
N ASP L 61 0.30 6.27 3.61
CA ASP L 61 -0.23 5.03 4.19
C ASP L 61 -0.29 3.92 3.16
N GLY L 62 0.81 3.78 2.41
CA GLY L 62 0.98 2.73 1.41
C GLY L 62 0.29 2.98 0.08
N MET L 63 -0.67 3.91 0.07
CA MET L 63 -1.46 4.20 -1.12
C MET L 63 -0.79 5.28 -2.00
N LYS L 64 -1.08 5.23 -3.29
CA LYS L 64 -0.60 6.25 -4.21
C LYS L 64 -1.77 7.08 -4.72
N LEU L 65 -2.14 8.12 -3.96
CA LEU L 65 -3.32 8.91 -4.29
C LEU L 65 -3.03 10.00 -5.31
N VAL L 66 -3.95 10.20 -6.25
CA VAL L 66 -3.94 11.35 -7.15
C VAL L 66 -5.20 12.17 -6.93
N GLN L 67 -5.28 13.30 -7.64
CA GLN L 67 -6.36 14.29 -7.55
C GLN L 67 -6.30 15.09 -6.26
N THR L 68 -5.98 16.38 -6.39
CA THR L 68 -5.78 17.28 -5.24
C THR L 68 -6.90 17.16 -4.19
N ARG L 69 -8.15 17.22 -4.66
CA ARG L 69 -9.30 17.17 -3.75
C ARG L 69 -9.37 15.86 -2.99
N ALA L 70 -9.06 14.75 -3.66
CA ALA L 70 -9.07 13.43 -3.02
C ALA L 70 -7.97 13.32 -1.95
N ILE L 71 -6.81 13.91 -2.25
CA ILE L 71 -5.67 13.85 -1.32
C ILE L 71 -5.98 14.68 -0.08
N LEU L 72 -6.47 15.89 -0.31
CA LEU L 72 -6.84 16.80 0.76
C LEU L 72 -7.91 16.18 1.65
N ASN L 73 -9.00 15.69 1.05
CA ASN L 73 -10.10 15.04 1.77
C ASN L 73 -9.61 13.92 2.70
N TYR L 74 -8.74 13.05 2.17
CA TYR L 74 -8.12 11.97 2.96
C TYR L 74 -7.34 12.47 4.17
N ILE L 75 -6.48 13.46 3.95
CA ILE L 75 -5.67 14.03 5.04
C ILE L 75 -6.54 14.75 6.05
N ALA L 76 -7.56 15.46 5.58
CA ALA L 76 -8.46 16.17 6.48
C ALA L 76 -9.25 15.18 7.38
N SER L 77 -9.84 14.17 6.76
CA SER L 77 -10.47 13.08 7.53
C SER L 77 -9.50 12.47 8.54
N LYS L 78 -8.34 12.01 8.08
CA LYS L 78 -7.38 11.32 8.95
C LYS L 78 -6.98 12.11 10.18
N TYR L 79 -6.73 13.41 10.00
CA TYR L 79 -6.23 14.27 11.07
C TYR L 79 -7.32 15.13 11.75
N ASN L 80 -8.58 14.70 11.59
CA ASN L 80 -9.72 15.35 12.24
C ASN L 80 -9.82 16.85 11.93
N LEU L 81 -9.53 17.19 10.69
CA LEU L 81 -9.65 18.57 10.21
C LEU L 81 -10.78 18.70 9.23
N TYR L 82 -11.72 17.76 9.31
CA TYR L 82 -12.87 17.76 8.41
C TYR L 82 -14.18 17.86 9.21
N GLY L 83 -14.17 18.58 10.34
CA GLY L 83 -15.39 18.73 11.13
C GLY L 83 -15.82 17.45 11.83
N LYS L 84 -16.96 17.46 12.48
CA LYS L 84 -17.34 16.34 13.37
C LYS L 84 -18.48 15.51 12.83
N ASP L 85 -19.12 16.01 11.78
CA ASP L 85 -20.29 15.35 11.17
C ASP L 85 -20.56 15.82 9.75
N ILE L 86 -21.61 15.24 9.15
CA ILE L 86 -22.05 15.52 7.78
C ILE L 86 -22.27 17.02 7.48
N LYS L 87 -22.99 17.72 8.36
CA LYS L 87 -23.31 19.13 8.12
C LYS L 87 -22.08 20.04 8.23
N GLU L 88 -21.17 19.71 9.16
CA GLU L 88 -19.93 20.49 9.28
C GLU L 88 -19.06 20.31 8.04
N ARG L 89 -19.00 19.07 7.55
CA ARG L 89 -18.29 18.74 6.30
C ARG L 89 -18.85 19.50 5.11
N ALA L 90 -20.18 19.70 5.10
CA ALA L 90 -20.85 20.43 4.04
C ALA L 90 -20.47 21.91 4.03
N LEU L 91 -20.31 22.47 5.23
CA LEU L 91 -19.80 23.84 5.38
C LEU L 91 -18.34 23.96 4.96
N ILE L 92 -17.50 23.07 5.47
CA ILE L 92 -16.10 23.00 5.09
C ILE L 92 -15.99 22.85 3.56
N ASP L 93 -16.66 21.85 3.00
CA ASP L 93 -16.71 21.65 1.54
C ASP L 93 -17.08 22.90 0.77
N MET L 94 -18.18 23.56 1.14
CA MET L 94 -18.64 24.78 0.49
C MET L 94 -17.64 25.94 0.62
N TYR L 95 -17.11 26.12 1.82
CA TYR L 95 -16.10 27.15 2.08
C TYR L 95 -14.85 26.93 1.25
N THR L 96 -14.29 25.71 1.32
CA THR L 96 -13.03 25.42 0.63
C THR L 96 -13.16 25.47 -0.88
N GLU L 97 -14.32 25.09 -1.41
CA GLU L 97 -14.57 25.16 -2.86
C GLU L 97 -14.58 26.60 -3.38
N GLY L 98 -15.15 27.53 -2.62
CA GLY L 98 -15.15 28.93 -3.02
C GLY L 98 -13.74 29.49 -2.98
N MET L 99 -13.01 29.16 -1.92
CA MET L 99 -11.59 29.49 -1.86
C MET L 99 -10.85 28.99 -3.07
N ALA L 100 -11.14 27.74 -3.47
CA ALA L 100 -10.47 27.09 -4.60
C ALA L 100 -10.77 27.82 -5.90
N ASP L 101 -12.00 28.29 -6.05
CA ASP L 101 -12.35 29.11 -7.23
C ASP L 101 -11.47 30.35 -7.37
N LEU L 102 -11.33 31.13 -6.29
CA LEU L 102 -10.40 32.27 -6.29
C LEU L 102 -8.93 31.84 -6.46
N ASN L 103 -8.52 30.81 -5.72
CA ASN L 103 -7.17 30.22 -5.88
C ASN L 103 -6.87 29.87 -7.33
N GLU L 104 -7.87 29.36 -8.05
CA GLU L 104 -7.70 28.96 -9.44
C GLU L 104 -7.39 30.16 -10.33
N MET L 105 -8.10 31.27 -10.09
CA MET L 105 -7.88 32.50 -10.84
C MET L 105 -6.45 33.02 -10.71
N ILE L 106 -5.97 33.09 -9.47
CA ILE L 106 -4.60 33.48 -9.15
C ILE L 106 -3.59 32.51 -9.77
N LEU L 107 -3.88 31.21 -9.64
CA LEU L 107 -2.98 30.14 -10.09
C LEU L 107 -2.71 30.13 -11.59
N LEU L 108 -3.73 30.44 -12.38
CA LEU L 108 -3.63 30.36 -13.85
C LEU L 108 -3.31 31.70 -14.51
N LEU L 109 -3.15 32.74 -13.69
CA LEU L 109 -2.80 34.09 -14.16
C LEU L 109 -1.57 34.13 -15.07
N PRO L 110 -0.50 33.36 -14.73
CA PRO L 110 0.67 33.31 -15.62
C PRO L 110 0.39 32.82 -17.05
N LEU L 111 -0.71 32.10 -17.24
CA LEU L 111 -1.09 31.57 -18.54
C LEU L 111 -1.88 32.56 -19.41
N CYS L 112 -2.27 33.68 -18.80
CA CYS L 112 -3.05 34.70 -19.51
C CYS L 112 -2.20 35.36 -20.58
N ARG L 113 -2.74 35.39 -21.81
CA ARG L 113 -2.14 36.13 -22.92
C ARG L 113 -1.90 37.60 -22.52
N PRO L 114 -0.79 38.20 -23.01
CA PRO L 114 -0.37 39.55 -22.62
C PRO L 114 -1.49 40.58 -22.52
N GLU L 115 -2.44 40.52 -23.46
CA GLU L 115 -3.51 41.53 -23.58
C GLU L 115 -4.80 41.23 -22.82
N GLU L 116 -4.88 40.05 -22.21
CA GLU L 116 -6.06 39.67 -21.42
C GLU L 116 -5.74 39.65 -19.92
N LYS L 117 -4.47 39.85 -19.59
CA LYS L 117 -3.98 39.73 -18.22
C LYS L 117 -4.43 40.88 -17.30
N ASP L 118 -4.32 42.11 -17.77
CA ASP L 118 -4.72 43.30 -17.00
C ASP L 118 -6.18 43.24 -16.56
N ALA L 119 -7.05 42.80 -17.46
CA ALA L 119 -8.47 42.59 -17.15
C ALA L 119 -8.67 41.51 -16.07
N LYS L 120 -7.86 40.45 -16.12
CA LYS L 120 -7.97 39.34 -15.17
C LYS L 120 -7.57 39.77 -13.76
N ILE L 121 -6.55 40.63 -13.68
CA ILE L 121 -6.11 41.16 -12.40
C ILE L 121 -7.19 42.08 -11.82
N ALA L 122 -7.73 42.95 -12.65
CA ALA L 122 -8.88 43.78 -12.25
C ALA L 122 -10.04 42.92 -11.71
N LEU L 123 -10.40 41.87 -12.45
CA LEU L 123 -11.48 40.97 -12.04
C LEU L 123 -11.18 40.24 -10.73
N ILE L 124 -9.96 39.71 -10.58
CA ILE L 124 -9.57 39.05 -9.33
C ILE L 124 -9.73 40.00 -8.13
N LYS L 125 -9.17 41.20 -8.25
CA LYS L 125 -9.30 42.23 -7.20
C LYS L 125 -10.77 42.56 -6.88
N GLU L 126 -11.59 42.72 -7.91
CA GLU L 126 -13.00 43.07 -7.75
C GLU L 126 -13.73 41.95 -7.01
N LYS L 127 -13.57 40.71 -7.50
CA LYS L 127 -14.16 39.51 -6.90
C LYS L 127 -13.70 39.24 -5.46
N THR L 128 -12.42 39.47 -5.19
CA THR L 128 -11.90 39.34 -3.83
C THR L 128 -12.68 40.22 -2.84
N LYS L 129 -12.97 41.46 -3.21
CA LYS L 129 -13.55 42.42 -2.27
C LYS L 129 -15.06 42.37 -2.23
N SER L 130 -15.68 41.94 -3.33
CA SER L 130 -17.14 41.95 -3.44
C SER L 130 -17.78 40.57 -3.32
N ARG L 131 -16.99 39.52 -3.52
CA ARG L 131 -17.50 38.15 -3.51
C ARG L 131 -16.89 37.27 -2.41
N TYR L 132 -15.57 37.18 -2.39
CA TYR L 132 -14.91 36.16 -1.57
C TYR L 132 -14.63 36.58 -0.14
N PHE L 133 -13.99 37.72 0.04
CA PHE L 133 -13.69 38.23 1.38
C PHE L 133 -14.94 38.56 2.20
N PRO L 134 -15.96 39.22 1.59
CA PRO L 134 -17.20 39.42 2.33
C PRO L 134 -17.83 38.12 2.81
N ALA L 135 -17.80 37.08 1.97
CA ALA L 135 -18.37 35.77 2.31
C ALA L 135 -17.77 35.21 3.59
N PHE L 136 -16.44 35.23 3.68
CA PHE L 136 -15.73 34.62 4.80
C PHE L 136 -15.70 35.51 6.04
N GLU L 137 -15.59 36.82 5.82
CA GLU L 137 -15.77 37.80 6.88
C GLU L 137 -17.14 37.56 7.52
N LYS L 138 -18.14 37.30 6.67
CA LYS L 138 -19.51 37.06 7.12
C LYS L 138 -19.63 35.82 7.99
N VAL L 139 -19.04 34.70 7.58
CA VAL L 139 -19.09 33.48 8.40
C VAL L 139 -18.44 33.68 9.77
N LEU L 140 -17.32 34.41 9.80
CA LEU L 140 -16.67 34.74 11.05
C LEU L 140 -17.60 35.58 11.94
N GLN L 141 -18.33 36.51 11.33
CA GLN L 141 -19.39 37.28 12.01
C GLN L 141 -20.59 36.46 12.49
N SER L 142 -20.94 35.42 11.74
CA SER L 142 -22.12 34.61 12.03
C SER L 142 -22.03 33.91 13.38
N HIS L 143 -20.80 33.58 13.83
CA HIS L 143 -20.64 32.83 15.08
C HIS L 143 -19.72 33.47 16.13
N GLY L 144 -18.98 34.51 15.72
CA GLY L 144 -18.03 35.21 16.56
C GLY L 144 -16.85 34.40 17.10
N GLN L 145 -16.53 33.29 16.45
CA GLN L 145 -15.49 32.37 16.95
C GLN L 145 -14.19 32.47 16.15
N ASP L 146 -13.11 31.88 16.72
CA ASP L 146 -11.76 31.96 16.14
C ASP L 146 -11.51 31.06 14.94
N TYR L 147 -12.45 30.15 14.67
CA TYR L 147 -12.34 29.19 13.56
C TYR L 147 -13.54 29.33 12.66
N LEU L 148 -13.42 28.91 11.39
CA LEU L 148 -14.52 29.03 10.44
C LEU L 148 -15.74 28.14 10.76
N VAL L 149 -15.48 26.87 11.09
CA VAL L 149 -16.50 25.84 11.31
C VAL L 149 -16.25 25.05 12.60
N GLY L 150 -17.32 24.89 13.39
CA GLY L 150 -17.34 23.96 14.51
C GLY L 150 -16.50 24.33 15.70
N ASN L 151 -16.05 25.59 15.74
CA ASN L 151 -15.23 26.14 16.82
C ASN L 151 -13.94 25.32 17.06
N LYS L 152 -13.37 24.80 15.98
CA LYS L 152 -12.26 23.88 15.99
C LYS L 152 -11.47 24.05 14.68
N LEU L 153 -10.16 23.89 14.75
CA LEU L 153 -9.33 23.97 13.54
C LEU L 153 -9.84 22.96 12.49
N SER L 154 -9.95 23.42 11.25
CA SER L 154 -10.38 22.58 10.14
C SER L 154 -9.58 22.95 8.90
N ARG L 155 -9.69 22.12 7.87
CA ARG L 155 -9.03 22.42 6.62
C ARG L 155 -9.47 23.76 6.04
N ALA L 156 -10.69 24.21 6.38
CA ALA L 156 -11.18 25.51 5.89
C ALA L 156 -10.36 26.71 6.38
N ASP L 157 -9.99 26.72 7.66
CA ASP L 157 -9.04 27.71 8.19
C ASP L 157 -7.68 27.69 7.49
N ILE L 158 -7.13 26.49 7.29
CA ILE L 158 -5.80 26.33 6.71
C ILE L 158 -5.81 26.75 5.25
N SER L 159 -6.88 26.42 4.52
CA SER L 159 -7.08 26.87 3.14
C SER L 159 -7.24 28.38 3.01
N LEU L 160 -8.02 29.00 3.91
CA LEU L 160 -8.29 30.43 3.82
C LEU L 160 -7.05 31.27 4.12
N VAL L 161 -6.28 30.84 5.11
CA VAL L 161 -5.07 31.55 5.46
C VAL L 161 -4.03 31.43 4.34
N GLU L 162 -3.94 30.25 3.71
CA GLU L 162 -3.16 30.16 2.49
C GLU L 162 -3.61 31.19 1.45
N LEU L 163 -4.92 31.29 1.24
CA LEU L 163 -5.46 32.21 0.25
C LEU L 163 -5.13 33.64 0.62
N LEU L 164 -5.22 33.95 1.90
CA LEU L 164 -4.96 35.32 2.36
C LEU L 164 -3.53 35.77 2.08
N TYR L 165 -2.59 34.83 2.24
CA TYR L 165 -1.20 35.09 1.91
C TYR L 165 -0.98 35.37 0.42
N TYR L 166 -1.68 34.64 -0.45
CA TYR L 166 -1.54 34.81 -1.91
C TYR L 166 -2.14 36.12 -2.40
N VAL L 167 -3.29 36.46 -1.83
CA VAL L 167 -3.99 37.68 -2.17
C VAL L 167 -3.17 38.89 -1.74
N GLU L 168 -2.51 38.77 -0.59
CA GLU L 168 -1.56 39.78 -0.10
C GLU L 168 -0.36 39.93 -1.03
N GLU L 169 0.02 38.84 -1.70
CA GLU L 169 1.10 38.87 -2.69
C GLU L 169 0.69 39.64 -3.94
N LEU L 170 -0.60 39.65 -4.25
CA LEU L 170 -1.11 40.39 -5.40
C LEU L 170 -1.37 41.87 -5.06
N ASP L 171 -1.90 42.13 -3.87
CA ASP L 171 -2.32 43.46 -3.45
C ASP L 171 -2.66 43.45 -1.97
N SER L 172 -1.78 44.06 -1.16
CA SER L 172 -1.89 44.07 0.29
C SER L 172 -3.09 44.87 0.83
N SER L 173 -3.67 45.71 -0.02
CA SER L 173 -4.81 46.55 0.37
C SER L 173 -6.15 45.81 0.36
N LEU L 174 -6.22 44.68 -0.35
CA LEU L 174 -7.51 44.00 -0.57
C LEU L 174 -8.20 43.52 0.69
N ILE L 175 -7.41 43.19 1.70
CA ILE L 175 -7.94 42.70 2.99
C ILE L 175 -8.30 43.86 3.96
N SER L 176 -7.97 45.10 3.59
CA SER L 176 -8.06 46.22 4.55
C SER L 176 -9.41 46.42 5.20
N ASN L 177 -10.49 46.22 4.45
CA ASN L 177 -11.84 46.37 5.00
C ASN L 177 -12.40 45.08 5.61
N PHE L 178 -11.53 44.13 5.92
CA PHE L 178 -11.94 42.86 6.51
C PHE L 178 -11.09 42.52 7.75
N PRO L 179 -11.37 43.22 8.88
CA PRO L 179 -10.65 43.02 10.15
C PRO L 179 -10.66 41.57 10.67
N LEU L 180 -11.80 40.88 10.58
CA LEU L 180 -11.92 39.52 11.10
C LEU L 180 -11.03 38.53 10.34
N LEU L 181 -10.93 38.74 9.03
CA LEU L 181 -9.98 37.97 8.20
C LEU L 181 -8.52 38.25 8.57
N LYS L 182 -8.19 39.52 8.81
CA LYS L 182 -6.89 39.91 9.31
C LYS L 182 -6.57 39.23 10.64
N ALA L 183 -7.58 39.15 11.51
CA ALA L 183 -7.42 38.58 12.85
C ALA L 183 -7.23 37.07 12.78
N LEU L 184 -8.01 36.42 11.91
CA LEU L 184 -7.83 35.00 11.61
C LEU L 184 -6.42 34.74 11.06
N LYS L 185 -6.00 35.51 10.06
CA LYS L 185 -4.65 35.38 9.50
C LYS L 185 -3.56 35.37 10.58
N THR L 186 -3.63 36.29 11.54
CA THR L 186 -2.60 36.33 12.58
C THR L 186 -2.65 35.12 13.52
N ARG L 187 -3.86 34.75 13.92
CA ARG L 187 -4.10 33.65 14.84
C ARG L 187 -3.59 32.32 14.29
N ILE L 188 -4.08 31.93 13.10
CA ILE L 188 -3.67 30.69 12.43
C ILE L 188 -2.15 30.67 12.18
N SER L 189 -1.60 31.80 11.73
CA SER L 189 -0.16 31.95 11.48
C SER L 189 0.72 31.70 12.71
N ASN L 190 0.15 31.88 13.90
CA ASN L 190 0.83 31.65 15.17
C ASN L 190 0.59 30.31 15.85
N LEU L 191 -0.29 29.47 15.27
CA LEU L 191 -0.37 28.08 15.68
C LEU L 191 1.00 27.45 15.45
N PRO L 192 1.55 26.77 16.47
CA PRO L 192 2.91 26.20 16.39
C PRO L 192 3.26 25.46 15.09
N THR L 193 2.35 24.61 14.61
CA THR L 193 2.54 23.89 13.33
C THR L 193 2.65 24.83 12.12
N VAL L 194 1.77 25.83 12.04
CA VAL L 194 1.73 26.73 10.90
C VAL L 194 2.87 27.74 10.98
N LYS L 195 3.15 28.22 12.18
CA LYS L 195 4.27 29.15 12.37
C LYS L 195 5.55 28.52 11.87
N LYS L 196 5.71 27.23 12.16
CA LYS L 196 6.88 26.48 11.69
C LYS L 196 6.92 26.39 10.15
N PHE L 197 5.77 26.12 9.54
CA PHE L 197 5.66 26.02 8.07
C PHE L 197 5.91 27.35 7.39
N LEU L 198 5.52 28.44 8.07
CA LEU L 198 5.73 29.77 7.54
C LEU L 198 7.16 30.24 7.70
N GLN L 199 7.94 29.51 8.48
CA GLN L 199 9.33 29.89 8.74
C GLN L 199 10.22 29.65 7.52
N PRO L 200 11.29 30.47 7.35
CA PRO L 200 12.22 30.27 6.23
C PRO L 200 12.73 28.84 6.19
N GLY L 201 13.05 28.35 5.00
CA GLY L 201 13.57 26.99 4.79
C GLY L 201 12.57 25.83 4.84
N SER L 202 11.28 26.12 5.01
CA SER L 202 10.27 25.07 5.08
C SER L 202 9.88 24.60 3.66
N PRO L 203 9.11 23.49 3.54
CA PRO L 203 8.59 23.03 2.24
C PRO L 203 7.63 24.01 1.53
N ARG L 204 7.22 25.06 2.22
CA ARG L 204 6.43 26.10 1.59
C ARG L 204 7.19 26.63 0.38
N LYS L 205 6.46 26.86 -0.72
CA LYS L 205 7.05 27.17 -2.00
C LYS L 205 6.90 28.64 -2.39
N PRO L 206 7.84 29.16 -3.21
CA PRO L 206 7.76 30.53 -3.69
C PRO L 206 6.66 30.77 -4.73
N PRO L 207 6.28 32.06 -4.91
CA PRO L 207 5.40 32.39 -6.01
C PRO L 207 6.11 32.05 -7.32
N ALA L 208 5.35 31.56 -8.29
CA ALA L 208 5.91 31.24 -9.59
C ALA L 208 6.36 32.53 -10.27
N ASP L 209 7.56 32.51 -10.86
CA ASP L 209 8.04 33.62 -11.68
C ASP L 209 8.11 33.18 -13.15
N ALA L 210 8.55 34.08 -14.03
CA ALA L 210 8.67 33.75 -15.45
C ALA L 210 9.48 32.48 -15.67
N LYS L 211 10.62 32.38 -14.98
CA LYS L 211 11.53 31.22 -15.09
C LYS L 211 10.84 29.88 -14.80
N ALA L 212 10.12 29.80 -13.67
CA ALA L 212 9.43 28.57 -13.26
C ALA L 212 8.37 28.12 -14.26
N LEU L 213 7.70 29.09 -14.89
CA LEU L 213 6.71 28.84 -15.93
C LEU L 213 7.37 28.19 -17.13
N GLU L 214 8.54 28.69 -17.51
CA GLU L 214 9.34 28.11 -18.58
C GLU L 214 9.77 26.68 -18.26
N GLU L 215 10.18 26.46 -17.01
CA GLU L 215 10.62 25.14 -16.55
C GLU L 215 9.44 24.16 -16.54
N ALA L 216 8.26 24.65 -16.13
CA ALA L 216 7.06 23.83 -16.06
C ALA L 216 6.47 23.47 -17.44
N ARG L 217 6.59 24.39 -18.39
CA ARG L 217 6.20 24.17 -19.79
C ARG L 217 6.99 23.01 -20.41
N LYS L 218 8.28 22.93 -20.12
CA LYS L 218 9.15 21.86 -20.62
C LYS L 218 8.79 20.50 -20.01
N ILE L 219 8.42 20.51 -18.74
CA ILE L 219 8.09 19.27 -18.02
C ILE L 219 6.69 18.74 -18.38
N PHE L 220 5.69 19.60 -18.28
CA PHE L 220 4.28 19.20 -18.45
C PHE L 220 3.73 19.39 -19.86
N ARG L 221 4.55 19.98 -20.74
CA ARG L 221 4.18 20.21 -22.15
C ARG L 221 2.77 20.79 -22.33
N PHE L 222 2.56 21.98 -21.77
CA PHE L 222 1.29 22.69 -21.90
C PHE L 222 1.50 24.02 -22.63
N LYS M 4 -23.92 -16.71 -34.43
CA LYS M 4 -23.25 -17.08 -35.72
C LYS M 4 -22.00 -16.23 -35.92
N PRO M 5 -20.88 -16.83 -36.39
CA PRO M 5 -19.80 -15.97 -36.85
C PRO M 5 -20.27 -15.08 -38.02
N LYS M 6 -19.89 -13.79 -37.99
CA LYS M 6 -20.14 -12.89 -39.12
C LYS M 6 -18.87 -12.48 -39.83
N LEU M 7 -18.83 -12.72 -41.15
CA LEU M 7 -17.66 -12.42 -41.95
C LEU M 7 -17.85 -11.10 -42.68
N HIS M 8 -16.87 -10.19 -42.55
CA HIS M 8 -16.89 -8.88 -43.21
C HIS M 8 -15.91 -8.84 -44.38
N TYR M 9 -16.45 -8.72 -45.59
CA TYR M 9 -15.64 -8.71 -46.79
C TYR M 9 -16.42 -8.20 -47.99
N PHE M 10 -15.73 -7.93 -49.08
CA PHE M 10 -16.45 -7.74 -50.34
C PHE M 10 -17.03 -9.10 -50.80
N ASN M 11 -18.01 -9.04 -51.68
CA ASN M 11 -18.63 -10.24 -52.22
C ASN M 11 -17.70 -10.84 -53.28
N GLY M 12 -16.73 -11.64 -52.82
CA GLY M 12 -15.71 -12.24 -53.68
C GLY M 12 -14.72 -13.06 -52.87
N ARG M 13 -13.91 -13.88 -53.56
CA ARG M 13 -12.95 -14.76 -52.89
C ARG M 13 -11.94 -14.01 -52.03
N GLY M 14 -11.06 -13.26 -52.70
CA GLY M 14 -9.94 -12.59 -52.06
C GLY M 14 -9.30 -13.45 -50.99
N ARG M 15 -9.06 -12.83 -49.83
CA ARG M 15 -8.43 -13.47 -48.67
C ARG M 15 -9.41 -14.18 -47.76
N MET M 16 -10.71 -13.91 -47.95
CA MET M 16 -11.73 -14.47 -47.06
C MET M 16 -12.03 -15.94 -47.40
N GLU M 17 -11.77 -16.33 -48.64
CA GLU M 17 -12.30 -17.61 -49.11
C GLU M 17 -11.94 -18.81 -48.25
N PRO M 18 -10.66 -18.96 -47.84
CA PRO M 18 -10.28 -20.11 -46.98
C PRO M 18 -11.01 -20.17 -45.65
N ILE M 19 -11.46 -19.02 -45.16
CA ILE M 19 -12.25 -18.93 -43.92
C ILE M 19 -13.66 -19.50 -44.15
N ARG M 20 -14.23 -19.22 -45.32
CA ARG M 20 -15.53 -19.76 -45.72
C ARG M 20 -15.44 -21.27 -45.83
N TRP M 21 -14.42 -21.75 -46.56
CA TRP M 21 -14.14 -23.17 -46.71
C TRP M 21 -14.05 -23.91 -45.37
N LEU M 22 -13.30 -23.33 -44.43
CA LEU M 22 -13.06 -24.02 -43.15
C LEU M 22 -14.30 -24.06 -42.24
N LEU M 23 -15.01 -22.94 -42.12
CA LEU M 23 -16.27 -22.93 -41.39
C LEU M 23 -17.26 -23.92 -41.99
N ALA M 24 -17.47 -23.84 -43.31
CA ALA M 24 -18.37 -24.75 -44.02
C ALA M 24 -18.06 -26.23 -43.78
N ALA M 25 -16.79 -26.60 -43.92
CA ALA M 25 -16.32 -27.97 -43.68
C ALA M 25 -16.53 -28.44 -42.24
N ALA M 26 -16.37 -27.52 -41.29
CA ALA M 26 -16.59 -27.81 -39.87
C ALA M 26 -18.08 -27.92 -39.52
N GLY M 27 -18.95 -27.55 -40.45
CA GLY M 27 -20.39 -27.62 -40.22
C GLY M 27 -20.91 -26.42 -39.44
N VAL M 28 -20.20 -25.31 -39.57
CA VAL M 28 -20.54 -24.09 -38.85
C VAL M 28 -21.35 -23.17 -39.74
N GLU M 29 -22.54 -22.80 -39.26
CA GLU M 29 -23.36 -21.82 -39.95
C GLU M 29 -22.81 -20.44 -39.65
N PHE M 30 -22.69 -19.63 -40.69
CA PHE M 30 -22.18 -18.28 -40.56
C PHE M 30 -22.95 -17.30 -41.42
N GLU M 31 -22.75 -16.02 -41.13
CA GLU M 31 -23.34 -14.92 -41.88
C GLU M 31 -22.24 -14.11 -42.54
N GLU M 32 -22.59 -13.46 -43.65
CA GLU M 32 -21.69 -12.54 -44.32
C GLU M 32 -22.32 -11.16 -44.40
N LYS M 33 -21.53 -10.13 -44.13
CA LYS M 33 -21.91 -8.75 -44.40
C LYS M 33 -21.01 -8.19 -45.47
N PHE M 34 -21.56 -8.02 -46.66
CA PHE M 34 -20.77 -7.62 -47.82
C PHE M 34 -20.51 -6.13 -47.90
N ILE M 35 -19.23 -5.80 -48.01
CA ILE M 35 -18.79 -4.44 -48.29
C ILE M 35 -18.98 -4.19 -49.77
N GLY M 36 -19.90 -3.28 -50.09
CA GLY M 36 -20.24 -2.96 -51.48
C GLY M 36 -19.72 -1.64 -52.00
N SER M 37 -19.25 -0.77 -51.10
CA SER M 37 -18.70 0.53 -51.48
C SER M 37 -17.61 1.00 -50.50
N ALA M 38 -16.96 2.12 -50.82
CA ALA M 38 -15.96 2.71 -49.94
C ALA M 38 -16.57 3.33 -48.67
N GLU M 39 -17.82 3.82 -48.76
CA GLU M 39 -18.55 4.26 -47.56
C GLU M 39 -18.83 3.08 -46.61
N ASP M 40 -19.10 1.91 -47.18
CA ASP M 40 -19.22 0.67 -46.42
C ASP M 40 -17.93 0.31 -45.66
N LEU M 41 -16.79 0.51 -46.31
CA LEU M 41 -15.50 0.26 -45.67
C LEU M 41 -15.19 1.32 -44.61
N GLY M 42 -15.48 2.57 -44.91
CA GLY M 42 -15.30 3.69 -43.98
C GLY M 42 -16.00 3.45 -42.65
N LYS M 43 -17.22 2.92 -42.72
CA LYS M 43 -18.06 2.69 -41.55
C LYS M 43 -17.45 1.69 -40.55
N LEU M 44 -16.79 0.66 -41.07
CA LEU M 44 -16.09 -0.32 -40.23
C LEU M 44 -14.83 0.24 -39.60
N ARG M 45 -14.09 1.06 -40.36
CA ARG M 45 -12.93 1.78 -39.83
C ARG M 45 -13.29 2.73 -38.69
N ASN M 46 -14.37 3.49 -38.88
CA ASN M 46 -14.81 4.48 -37.90
C ASN M 46 -15.51 3.84 -36.69
N ASP M 47 -16.01 2.62 -36.88
CA ASP M 47 -16.53 1.75 -35.82
C ASP M 47 -15.46 1.38 -34.79
N GLY M 48 -14.20 1.44 -35.21
CA GLY M 48 -13.09 0.83 -34.46
C GLY M 48 -13.07 -0.67 -34.65
N SER M 49 -13.73 -1.15 -35.71
CA SER M 49 -13.98 -2.58 -35.94
C SER M 49 -12.79 -3.32 -36.53
N LEU M 50 -11.88 -2.57 -37.15
CA LEU M 50 -10.76 -3.17 -37.86
C LEU M 50 -9.47 -2.69 -37.23
N MET M 51 -8.76 -3.59 -36.55
CA MET M 51 -7.52 -3.22 -35.87
C MET M 51 -6.51 -2.50 -36.75
N PHE M 52 -6.27 -3.03 -37.94
CA PHE M 52 -5.33 -2.43 -38.87
C PHE M 52 -6.09 -1.83 -40.06
N GLN M 53 -7.34 -1.39 -39.79
CA GLN M 53 -8.27 -0.85 -40.81
C GLN M 53 -8.39 -1.64 -42.11
N GLN M 54 -8.24 -2.97 -42.01
CA GLN M 54 -8.34 -3.85 -43.17
C GLN M 54 -9.32 -4.98 -42.84
N VAL M 55 -9.98 -5.47 -43.87
CA VAL M 55 -10.64 -6.78 -43.84
C VAL M 55 -9.70 -7.80 -44.53
N PRO M 56 -9.93 -9.12 -44.37
CA PRO M 56 -10.98 -9.85 -43.63
C PRO M 56 -11.10 -9.39 -42.18
N MET M 57 -12.34 -9.23 -41.74
CA MET M 57 -12.67 -9.21 -40.33
C MET M 57 -13.77 -10.22 -40.08
N VAL M 58 -13.66 -10.94 -38.97
CA VAL M 58 -14.69 -11.88 -38.55
C VAL M 58 -15.10 -11.61 -37.11
N GLU M 59 -16.41 -11.39 -36.91
CA GLU M 59 -16.98 -11.35 -35.56
C GLU M 59 -17.31 -12.78 -35.10
N ILE M 60 -16.56 -13.23 -34.11
CA ILE M 60 -16.75 -14.56 -33.57
C ILE M 60 -16.44 -14.50 -32.08
N ASP M 61 -17.33 -15.07 -31.27
CA ASP M 61 -17.15 -15.19 -29.82
C ASP M 61 -16.73 -13.88 -29.14
N GLY M 62 -17.39 -12.79 -29.50
CA GLY M 62 -17.14 -11.52 -28.85
C GLY M 62 -15.92 -10.79 -29.36
N MET M 63 -15.12 -11.48 -30.18
CA MET M 63 -13.93 -10.86 -30.77
C MET M 63 -14.26 -10.28 -32.14
N LYS M 64 -13.57 -9.19 -32.47
CA LYS M 64 -13.54 -8.71 -33.85
C LYS M 64 -12.17 -9.03 -34.43
N LEU M 65 -12.05 -10.26 -34.91
CA LEU M 65 -10.80 -10.81 -35.42
C LEU M 65 -10.46 -10.34 -36.82
N VAL M 66 -9.28 -9.73 -36.96
CA VAL M 66 -8.72 -9.46 -38.28
C VAL M 66 -7.43 -10.28 -38.47
N GLN M 67 -6.94 -10.27 -39.72
CA GLN M 67 -5.80 -11.10 -40.13
C GLN M 67 -6.20 -12.54 -40.40
N THR M 68 -6.14 -12.90 -41.68
CA THR M 68 -6.59 -14.20 -42.17
C THR M 68 -6.04 -15.38 -41.37
N ARG M 69 -4.73 -15.37 -41.10
CA ARG M 69 -4.09 -16.48 -40.40
C ARG M 69 -4.58 -16.59 -38.95
N ALA M 70 -4.77 -15.44 -38.31
CA ALA M 70 -5.38 -15.37 -36.98
C ALA M 70 -6.80 -15.94 -36.95
N ILE M 71 -7.61 -15.56 -37.94
CA ILE M 71 -9.00 -16.05 -38.02
C ILE M 71 -9.01 -17.58 -38.20
N LEU M 72 -8.26 -18.06 -39.18
CA LEU M 72 -8.15 -19.51 -39.49
C LEU M 72 -7.65 -20.34 -38.32
N ASN M 73 -6.57 -19.87 -37.68
CA ASN M 73 -6.02 -20.53 -36.49
C ASN M 73 -7.07 -20.72 -35.41
N TYR M 74 -7.84 -19.66 -35.13
CA TYR M 74 -8.88 -19.71 -34.11
C TYR M 74 -9.97 -20.74 -34.44
N ILE M 75 -10.48 -20.66 -35.66
CA ILE M 75 -11.53 -21.54 -36.13
C ILE M 75 -11.05 -22.98 -36.07
N ALA M 76 -9.80 -23.22 -36.47
CA ALA M 76 -9.27 -24.57 -36.47
C ALA M 76 -9.13 -25.15 -35.05
N SER M 77 -8.56 -24.39 -34.10
CA SER M 77 -8.53 -24.82 -32.69
C SER M 77 -9.95 -25.08 -32.15
N LYS M 78 -10.85 -24.13 -32.38
CA LYS M 78 -12.18 -24.16 -31.78
C LYS M 78 -12.92 -25.44 -32.22
N TYR M 79 -12.89 -25.70 -33.53
CA TYR M 79 -13.63 -26.81 -34.10
C TYR M 79 -12.81 -28.07 -34.30
N ASN M 80 -11.71 -28.17 -33.54
CA ASN M 80 -10.89 -29.39 -33.46
C ASN M 80 -10.34 -29.88 -34.78
N LEU M 81 -9.89 -28.94 -35.62
CA LEU M 81 -9.26 -29.26 -36.88
C LEU M 81 -7.79 -28.81 -36.91
N TYR M 82 -7.17 -28.84 -35.74
CA TYR M 82 -5.80 -28.36 -35.58
C TYR M 82 -4.89 -29.45 -34.98
N GLY M 83 -5.29 -30.71 -35.17
CA GLY M 83 -4.55 -31.83 -34.60
C GLY M 83 -4.64 -31.89 -33.08
N LYS M 84 -3.77 -32.69 -32.48
CA LYS M 84 -3.92 -33.09 -31.08
C LYS M 84 -2.81 -32.63 -30.15
N ASP M 85 -1.72 -32.12 -30.70
CA ASP M 85 -0.55 -31.75 -29.89
C ASP M 85 0.34 -30.75 -30.61
N ILE M 86 1.33 -30.24 -29.90
CA ILE M 86 2.25 -29.25 -30.42
C ILE M 86 2.98 -29.69 -31.71
N LYS M 87 3.35 -30.97 -31.79
CA LYS M 87 4.05 -31.52 -32.96
C LYS M 87 3.13 -31.59 -34.17
N GLU M 88 1.90 -32.08 -33.99
CA GLU M 88 0.93 -32.11 -35.08
C GLU M 88 0.61 -30.71 -35.61
N ARG M 89 0.46 -29.73 -34.72
CA ARG M 89 0.32 -28.33 -35.15
C ARG M 89 1.51 -27.82 -35.98
N ALA M 90 2.71 -28.31 -35.68
CA ALA M 90 3.92 -27.93 -36.42
C ALA M 90 3.88 -28.48 -37.84
N LEU M 91 3.46 -29.73 -37.98
CA LEU M 91 3.23 -30.32 -39.31
C LEU M 91 2.13 -29.58 -40.03
N ILE M 92 0.95 -29.47 -39.40
CA ILE M 92 -0.15 -28.73 -39.99
C ILE M 92 0.29 -27.32 -40.43
N ASP M 93 0.97 -26.59 -39.53
CA ASP M 93 1.46 -25.24 -39.82
C ASP M 93 2.39 -25.20 -41.03
N MET M 94 3.42 -26.04 -41.02
CA MET M 94 4.35 -26.14 -42.15
C MET M 94 3.62 -26.44 -43.46
N TYR M 95 2.70 -27.41 -43.44
CA TYR M 95 1.93 -27.77 -44.64
C TYR M 95 1.11 -26.61 -45.19
N THR M 96 0.30 -26.01 -44.31
CA THR M 96 -0.61 -24.93 -44.72
C THR M 96 0.14 -23.67 -45.17
N GLU M 97 1.29 -23.40 -44.57
CA GLU M 97 2.09 -22.25 -44.98
C GLU M 97 2.61 -22.38 -46.41
N GLY M 98 3.09 -23.57 -46.75
CA GLY M 98 3.47 -23.89 -48.13
C GLY M 98 2.31 -23.76 -49.11
N MET M 99 1.12 -24.21 -48.69
CA MET M 99 -0.11 -24.04 -49.47
C MET M 99 -0.43 -22.57 -49.67
N ALA M 100 -0.29 -21.79 -48.60
CA ALA M 100 -0.52 -20.36 -48.68
C ALA M 100 0.45 -19.66 -49.66
N ASP M 101 1.69 -20.13 -49.75
CA ASP M 101 2.66 -19.58 -50.72
C ASP M 101 2.20 -19.78 -52.17
N LEU M 102 1.73 -21.00 -52.49
CA LEU M 102 1.19 -21.27 -53.83
C LEU M 102 -0.10 -20.48 -54.03
N ASN M 103 -0.96 -20.50 -53.02
CA ASN M 103 -2.23 -19.77 -53.05
C ASN M 103 -2.05 -18.28 -53.34
N GLU M 104 -1.06 -17.65 -52.71
CA GLU M 104 -0.76 -16.23 -52.93
C GLU M 104 -0.38 -15.93 -54.38
N MET M 105 0.36 -16.85 -55.01
CA MET M 105 0.78 -16.69 -56.41
C MET M 105 -0.43 -16.60 -57.31
N ILE M 106 -1.36 -17.54 -57.12
CA ILE M 106 -2.63 -17.60 -57.85
C ILE M 106 -3.55 -16.40 -57.51
N LEU M 107 -3.59 -16.01 -56.24
CA LEU M 107 -4.40 -14.89 -55.76
C LEU M 107 -4.11 -13.56 -56.48
N LEU M 108 -2.82 -13.27 -56.69
CA LEU M 108 -2.40 -11.99 -57.29
C LEU M 108 -2.33 -12.02 -58.81
N LEU M 109 -2.63 -13.19 -59.40
CA LEU M 109 -2.59 -13.36 -60.85
C LEU M 109 -3.42 -12.33 -61.66
N PRO M 110 -4.65 -11.98 -61.20
CA PRO M 110 -5.39 -10.89 -61.85
C PRO M 110 -4.75 -9.49 -61.79
N LEU M 111 -3.76 -9.29 -60.92
CA LEU M 111 -3.07 -8.00 -60.85
C LEU M 111 -1.99 -7.87 -61.93
N CYS M 112 -1.72 -8.96 -62.64
CA CYS M 112 -0.72 -8.96 -63.69
C CYS M 112 -1.18 -8.15 -64.88
N ARG M 113 -0.27 -7.33 -65.41
CA ARG M 113 -0.45 -6.67 -66.70
C ARG M 113 -0.46 -7.75 -67.77
N PRO M 114 -1.20 -7.53 -68.88
CA PRO M 114 -1.37 -8.58 -69.89
C PRO M 114 -0.06 -9.19 -70.40
N GLU M 115 1.01 -8.38 -70.44
CA GLU M 115 2.29 -8.84 -70.99
C GLU M 115 3.23 -9.48 -69.96
N GLU M 116 2.84 -9.46 -68.68
CA GLU M 116 3.58 -10.18 -67.65
C GLU M 116 2.88 -11.47 -67.21
N LYS M 117 1.59 -11.58 -67.53
CA LYS M 117 0.75 -12.67 -67.06
C LYS M 117 1.19 -14.08 -67.50
N ASP M 118 1.60 -14.23 -68.75
CA ASP M 118 1.98 -15.55 -69.28
C ASP M 118 3.13 -16.17 -68.52
N ALA M 119 4.17 -15.37 -68.28
CA ALA M 119 5.34 -15.81 -67.51
C ALA M 119 4.94 -16.23 -66.10
N LYS M 120 4.04 -15.47 -65.46
CA LYS M 120 3.60 -15.82 -64.11
C LYS M 120 2.81 -17.12 -64.04
N ILE M 121 1.95 -17.35 -65.03
CA ILE M 121 1.19 -18.60 -65.17
C ILE M 121 2.17 -19.79 -65.29
N ALA M 122 3.15 -19.63 -66.17
CA ALA M 122 4.19 -20.65 -66.38
C ALA M 122 4.99 -20.92 -65.12
N LEU M 123 5.35 -19.85 -64.42
CA LEU M 123 6.06 -19.95 -63.13
C LEU M 123 5.22 -20.67 -62.08
N ILE M 124 3.92 -20.36 -62.04
CA ILE M 124 2.99 -21.04 -61.13
C ILE M 124 2.86 -22.52 -61.48
N LYS M 125 2.67 -22.84 -62.76
CA LYS M 125 2.58 -24.24 -63.24
C LYS M 125 3.82 -25.05 -62.85
N GLU M 126 4.96 -24.44 -63.08
CA GLU M 126 6.28 -25.02 -62.80
C GLU M 126 6.43 -25.34 -61.31
N LYS M 127 6.15 -24.36 -60.46
CA LYS M 127 6.24 -24.53 -59.00
C LYS M 127 5.24 -25.56 -58.45
N THR M 128 4.00 -25.52 -58.94
CA THR M 128 3.01 -26.55 -58.61
C THR M 128 3.58 -27.95 -58.83
N LYS M 129 4.21 -28.17 -60.00
CA LYS M 129 4.68 -29.49 -60.37
C LYS M 129 6.03 -29.87 -59.79
N SER M 130 6.90 -28.90 -59.54
CA SER M 130 8.25 -29.24 -59.08
C SER M 130 8.42 -29.13 -57.57
N ARG M 131 7.58 -28.32 -56.94
CA ARG M 131 7.77 -27.92 -55.56
C ARG M 131 6.64 -28.34 -54.65
N TYR M 132 5.42 -27.97 -55.02
CA TYR M 132 4.27 -28.09 -54.11
C TYR M 132 3.56 -29.45 -54.13
N PHE M 133 3.17 -29.92 -55.31
CA PHE M 133 2.43 -31.16 -55.41
C PHE M 133 3.30 -32.38 -55.02
N PRO M 134 4.57 -32.44 -55.49
CA PRO M 134 5.48 -33.46 -54.94
C PRO M 134 5.60 -33.47 -53.41
N ALA M 135 5.73 -32.30 -52.79
CA ALA M 135 5.81 -32.19 -51.32
C ALA M 135 4.61 -32.83 -50.62
N PHE M 136 3.41 -32.54 -51.11
CA PHE M 136 2.20 -33.07 -50.51
C PHE M 136 1.94 -34.52 -50.84
N GLU M 137 2.22 -34.91 -52.07
CA GLU M 137 2.15 -36.32 -52.47
C GLU M 137 3.07 -37.18 -51.59
N LYS M 138 4.28 -36.68 -51.31
CA LYS M 138 5.25 -37.32 -50.42
C LYS M 138 4.72 -37.59 -49.01
N VAL M 139 4.01 -36.63 -48.42
CA VAL M 139 3.51 -36.81 -47.05
C VAL M 139 2.50 -37.97 -47.02
N LEU M 140 1.60 -37.95 -48.01
CA LEU M 140 0.59 -38.98 -48.18
C LEU M 140 1.22 -40.33 -48.48
N GLN M 141 2.25 -40.31 -49.33
CA GLN M 141 3.04 -41.51 -49.64
C GLN M 141 3.74 -42.08 -48.40
N SER M 142 4.32 -41.20 -47.59
CA SER M 142 5.13 -41.62 -46.44
C SER M 142 4.35 -42.42 -45.40
N HIS M 143 3.13 -42.01 -45.08
CA HIS M 143 2.35 -42.71 -44.06
C HIS M 143 1.17 -43.54 -44.56
N GLY M 144 0.86 -43.41 -45.84
CA GLY M 144 -0.20 -44.20 -46.48
C GLY M 144 -1.62 -43.97 -45.99
N GLN M 145 -1.83 -42.90 -45.22
CA GLN M 145 -3.13 -42.63 -44.64
C GLN M 145 -3.99 -41.66 -45.46
N ASP M 146 -5.28 -41.61 -45.11
CA ASP M 146 -6.28 -40.84 -45.86
C ASP M 146 -6.22 -39.33 -45.64
N TYR M 147 -5.56 -38.92 -44.56
CA TYR M 147 -5.42 -37.49 -44.23
C TYR M 147 -3.95 -37.13 -44.07
N LEU M 148 -3.64 -35.84 -44.19
CA LEU M 148 -2.24 -35.39 -44.13
C LEU M 148 -1.57 -35.58 -42.76
N VAL M 149 -2.31 -35.38 -41.68
CA VAL M 149 -1.76 -35.35 -40.31
C VAL M 149 -2.70 -36.07 -39.34
N GLY M 150 -2.11 -36.87 -38.45
CA GLY M 150 -2.84 -37.54 -37.37
C GLY M 150 -3.83 -38.62 -37.77
N ASN M 151 -3.90 -38.95 -39.07
CA ASN M 151 -4.91 -39.88 -39.58
C ASN M 151 -6.33 -39.38 -39.30
N LYS M 152 -6.49 -38.06 -39.35
CA LYS M 152 -7.73 -37.40 -38.97
C LYS M 152 -7.88 -36.12 -39.80
N LEU M 153 -9.11 -35.77 -40.17
CA LEU M 153 -9.37 -34.53 -40.93
C LEU M 153 -8.82 -33.33 -40.17
N SER M 154 -8.10 -32.47 -40.88
CA SER M 154 -7.56 -31.25 -40.28
C SER M 154 -7.71 -30.13 -41.27
N ARG M 155 -7.52 -28.90 -40.77
CA ARG M 155 -7.44 -27.74 -41.65
C ARG M 155 -6.48 -27.94 -42.84
N ALA M 156 -5.38 -28.68 -42.62
CA ALA M 156 -4.43 -28.93 -43.71
C ALA M 156 -5.10 -29.61 -44.92
N ASP M 157 -5.90 -30.64 -44.69
CA ASP M 157 -6.65 -31.31 -45.78
C ASP M 157 -7.62 -30.34 -46.50
N ILE M 158 -8.35 -29.54 -45.72
CA ILE M 158 -9.32 -28.60 -46.28
C ILE M 158 -8.64 -27.49 -47.09
N SER M 159 -7.55 -26.92 -46.56
CA SER M 159 -6.75 -25.95 -47.29
C SER M 159 -6.20 -26.53 -48.59
N LEU M 160 -5.74 -27.78 -48.55
CA LEU M 160 -5.13 -28.38 -49.72
C LEU M 160 -6.19 -28.58 -50.81
N VAL M 161 -7.36 -29.06 -50.42
CA VAL M 161 -8.40 -29.38 -51.39
C VAL M 161 -8.93 -28.10 -52.05
N GLU M 162 -9.13 -27.04 -51.26
CA GLU M 162 -9.40 -25.73 -51.84
C GLU M 162 -8.36 -25.42 -52.90
N LEU M 163 -7.09 -25.59 -52.56
CA LEU M 163 -5.99 -25.28 -53.46
C LEU M 163 -6.04 -26.12 -54.74
N LEU M 164 -6.32 -27.41 -54.61
CA LEU M 164 -6.46 -28.32 -55.77
C LEU M 164 -7.56 -27.88 -56.75
N TYR M 165 -8.69 -27.41 -56.21
CA TYR M 165 -9.73 -26.78 -57.04
C TYR M 165 -9.23 -25.52 -57.77
N TYR M 166 -8.44 -24.67 -57.10
CA TYR M 166 -7.87 -23.50 -57.79
C TYR M 166 -6.88 -23.85 -58.88
N VAL M 167 -6.04 -24.86 -58.60
CA VAL M 167 -5.05 -25.34 -59.55
C VAL M 167 -5.75 -25.99 -60.77
N GLU M 168 -6.87 -26.68 -60.51
CA GLU M 168 -7.71 -27.25 -61.56
C GLU M 168 -8.32 -26.14 -62.44
N GLU M 169 -8.68 -25.02 -61.83
CA GLU M 169 -9.28 -23.89 -62.54
C GLU M 169 -8.31 -23.26 -63.54
N LEU M 170 -7.04 -23.26 -63.16
CA LEU M 170 -5.96 -22.74 -63.97
C LEU M 170 -5.56 -23.73 -65.05
N ASP M 171 -5.35 -24.99 -64.63
CA ASP M 171 -4.86 -26.06 -65.50
C ASP M 171 -5.16 -27.41 -64.86
N SER M 172 -6.03 -28.18 -65.50
CA SER M 172 -6.50 -29.45 -64.92
C SER M 172 -5.54 -30.63 -65.12
N SER M 173 -4.45 -30.39 -65.85
CA SER M 173 -3.45 -31.42 -66.09
C SER M 173 -2.38 -31.42 -64.99
N LEU M 174 -2.32 -30.34 -64.21
CA LEU M 174 -1.25 -30.14 -63.23
C LEU M 174 -1.18 -31.24 -62.14
N ILE M 175 -2.35 -31.75 -61.76
CA ILE M 175 -2.46 -32.77 -60.72
C ILE M 175 -2.32 -34.20 -61.28
N SER M 176 -2.28 -34.32 -62.61
CA SER M 176 -2.40 -35.64 -63.26
C SER M 176 -1.33 -36.69 -62.87
N ASN M 177 -0.19 -36.25 -62.36
CA ASN M 177 0.90 -37.17 -61.99
C ASN M 177 1.02 -37.40 -60.48
N PHE M 178 -0.02 -36.98 -59.76
CA PHE M 178 -0.08 -37.06 -58.30
C PHE M 178 -1.39 -37.75 -57.90
N PRO M 179 -1.39 -39.11 -57.90
CA PRO M 179 -2.59 -39.92 -57.64
C PRO M 179 -3.12 -39.81 -56.21
N LEU M 180 -2.23 -39.73 -55.22
CA LEU M 180 -2.64 -39.59 -53.82
C LEU M 180 -3.35 -38.24 -53.56
N LEU M 181 -2.90 -37.19 -54.24
CA LEU M 181 -3.60 -35.90 -54.23
C LEU M 181 -4.96 -35.99 -54.92
N LYS M 182 -5.02 -36.73 -56.03
CA LYS M 182 -6.30 -36.93 -56.73
C LYS M 182 -7.28 -37.63 -55.81
N ALA M 183 -6.81 -38.67 -55.13
CA ALA M 183 -7.65 -39.47 -54.24
C ALA M 183 -8.10 -38.65 -53.02
N LEU M 184 -7.22 -37.81 -52.51
CA LEU M 184 -7.57 -36.92 -51.40
C LEU M 184 -8.66 -35.93 -51.78
N LYS M 185 -8.56 -35.36 -52.98
CA LYS M 185 -9.58 -34.43 -53.48
C LYS M 185 -10.96 -35.09 -53.49
N THR M 186 -11.02 -36.31 -53.99
CA THR M 186 -12.29 -37.05 -54.06
C THR M 186 -12.86 -37.34 -52.67
N ARG M 187 -12.00 -37.80 -51.77
CA ARG M 187 -12.36 -38.13 -50.39
C ARG M 187 -12.91 -36.93 -49.61
N ILE M 188 -12.19 -35.81 -49.63
CA ILE M 188 -12.57 -34.59 -48.88
C ILE M 188 -13.83 -33.98 -49.50
N SER M 189 -13.88 -33.99 -50.82
CA SER M 189 -15.04 -33.52 -51.58
C SER M 189 -16.34 -34.28 -51.31
N ASN M 190 -16.23 -35.56 -50.94
CA ASN M 190 -17.40 -36.40 -50.65
C ASN M 190 -17.92 -36.25 -49.24
N LEU M 191 -17.16 -35.58 -48.36
CA LEU M 191 -17.61 -35.34 -47.00
C LEU M 191 -18.87 -34.46 -47.10
N PRO M 192 -19.96 -34.85 -46.41
CA PRO M 192 -21.23 -34.14 -46.57
C PRO M 192 -21.15 -32.61 -46.45
N THR M 193 -20.43 -32.10 -45.43
CA THR M 193 -20.25 -30.65 -45.26
C THR M 193 -19.57 -30.04 -46.50
N VAL M 194 -18.51 -30.70 -46.98
CA VAL M 194 -17.75 -30.22 -48.13
C VAL M 194 -18.56 -30.39 -49.42
N LYS M 195 -19.23 -31.52 -49.56
CA LYS M 195 -20.09 -31.81 -50.72
C LYS M 195 -21.12 -30.68 -50.93
N LYS M 196 -21.78 -30.30 -49.84
CA LYS M 196 -22.73 -29.19 -49.81
C LYS M 196 -22.08 -27.83 -50.17
N PHE M 197 -20.88 -27.57 -49.65
CA PHE M 197 -20.19 -26.30 -49.92
C PHE M 197 -19.86 -26.19 -51.40
N LEU M 198 -19.58 -27.33 -52.03
CA LEU M 198 -19.21 -27.37 -53.45
C LEU M 198 -20.41 -27.23 -54.37
N GLN M 199 -21.59 -27.60 -53.88
CA GLN M 199 -22.82 -27.53 -54.68
C GLN M 199 -23.24 -26.08 -54.83
N PRO M 200 -24.07 -25.77 -55.85
CA PRO M 200 -24.51 -24.39 -56.08
C PRO M 200 -25.27 -23.81 -54.90
N GLY M 201 -25.25 -22.49 -54.80
CA GLY M 201 -26.03 -21.79 -53.79
C GLY M 201 -25.39 -21.64 -52.42
N SER M 202 -24.18 -22.18 -52.26
CA SER M 202 -23.45 -22.06 -51.00
C SER M 202 -22.67 -20.74 -50.95
N PRO M 203 -22.10 -20.38 -49.78
CA PRO M 203 -21.27 -19.17 -49.68
C PRO M 203 -19.96 -19.24 -50.47
N ARG M 204 -19.70 -20.35 -51.14
CA ARG M 204 -18.52 -20.48 -52.01
C ARG M 204 -18.57 -19.40 -53.10
N LYS M 205 -17.41 -18.81 -53.36
CA LYS M 205 -17.31 -17.65 -54.24
C LYS M 205 -16.70 -18.05 -55.57
N PRO M 206 -17.04 -17.29 -56.65
CA PRO M 206 -16.48 -17.58 -57.96
C PRO M 206 -15.05 -17.02 -58.14
N PRO M 207 -14.30 -17.48 -59.18
CA PRO M 207 -13.06 -16.87 -59.57
C PRO M 207 -13.28 -15.40 -59.89
N ALA M 208 -12.30 -14.56 -59.56
CA ALA M 208 -12.40 -13.13 -59.82
C ALA M 208 -12.25 -12.86 -61.31
N ASP M 209 -13.28 -12.27 -61.91
CA ASP M 209 -13.23 -11.88 -63.32
C ASP M 209 -12.84 -10.41 -63.43
N ALA M 210 -12.68 -9.93 -64.66
CA ALA M 210 -12.25 -8.55 -64.92
C ALA M 210 -13.14 -7.50 -64.22
N LYS M 211 -14.47 -7.69 -64.29
CA LYS M 211 -15.41 -6.77 -63.65
C LYS M 211 -15.29 -6.71 -62.12
N ALA M 212 -15.15 -7.88 -61.49
CA ALA M 212 -15.00 -7.97 -60.04
C ALA M 212 -13.75 -7.24 -59.52
N LEU M 213 -12.69 -7.26 -60.33
CA LEU M 213 -11.45 -6.53 -60.02
C LEU M 213 -11.67 -5.02 -60.10
N GLU M 214 -12.34 -4.59 -61.17
CA GLU M 214 -12.76 -3.20 -61.37
C GLU M 214 -13.56 -2.66 -60.17
N GLU M 215 -14.42 -3.51 -59.62
CA GLU M 215 -15.23 -3.17 -58.43
C GLU M 215 -14.40 -3.04 -57.16
N ALA M 216 -13.45 -3.97 -56.97
CA ALA M 216 -12.59 -4.01 -55.78
C ALA M 216 -11.61 -2.83 -55.68
N ARG M 217 -11.19 -2.31 -56.83
CA ARG M 217 -10.31 -1.14 -56.88
C ARG M 217 -11.00 0.13 -56.38
N LYS M 218 -12.30 0.25 -56.67
CA LYS M 218 -13.09 1.40 -56.23
C LYS M 218 -13.27 1.43 -54.72
N ILE M 219 -13.44 0.25 -54.12
CA ILE M 219 -13.63 0.12 -52.68
C ILE M 219 -12.33 0.33 -51.88
N PHE M 220 -11.28 -0.38 -52.29
CA PHE M 220 -10.05 -0.48 -51.48
C PHE M 220 -8.96 0.55 -51.81
N ARG M 221 -9.15 1.28 -52.90
CA ARG M 221 -8.16 2.23 -53.41
C ARG M 221 -6.80 1.58 -53.60
N PHE M 222 -6.80 0.36 -54.15
CA PHE M 222 -5.56 -0.29 -54.55
C PHE M 222 -5.41 -0.24 -56.07
N LYS N 4 20.76 -28.59 -28.84
CA LYS N 4 20.53 -27.21 -29.35
C LYS N 4 19.72 -27.22 -30.65
N PRO N 5 18.76 -26.29 -30.78
CA PRO N 5 18.14 -26.03 -32.08
C PRO N 5 19.17 -25.49 -33.08
N LYS N 6 19.12 -25.99 -34.30
CA LYS N 6 20.05 -25.58 -35.33
C LYS N 6 19.31 -24.81 -36.43
N LEU N 7 19.75 -23.59 -36.67
CA LEU N 7 19.11 -22.68 -37.60
C LEU N 7 19.89 -22.63 -38.91
N HIS N 8 19.21 -23.00 -39.99
CA HIS N 8 19.80 -22.99 -41.32
C HIS N 8 19.34 -21.77 -42.10
N TYR N 9 20.29 -20.89 -42.39
CA TYR N 9 19.99 -19.67 -43.11
C TYR N 9 21.29 -19.06 -43.61
N PHE N 10 21.19 -17.96 -44.34
CA PHE N 10 22.38 -17.23 -44.72
C PHE N 10 22.75 -16.30 -43.55
N ASN N 11 24.01 -15.86 -43.51
CA ASN N 11 24.48 -14.99 -42.43
C ASN N 11 23.89 -13.59 -42.55
N GLY N 12 22.65 -13.45 -42.08
CA GLY N 12 21.90 -12.20 -42.16
C GLY N 12 20.49 -12.34 -41.62
N ARG N 13 19.80 -11.21 -41.52
CA ARG N 13 18.45 -11.11 -40.98
C ARG N 13 17.44 -11.91 -41.79
N GLY N 14 17.08 -11.37 -42.96
CA GLY N 14 16.04 -11.93 -43.82
C GLY N 14 14.82 -12.29 -43.02
N ARG N 15 14.31 -13.51 -43.27
CA ARG N 15 13.15 -14.04 -42.55
C ARG N 15 13.52 -14.85 -41.31
N MET N 16 14.80 -15.07 -41.09
CA MET N 16 15.24 -15.84 -39.93
C MET N 16 15.36 -15.00 -38.66
N GLU N 17 15.51 -13.70 -38.81
CA GLU N 17 15.77 -12.86 -37.64
C GLU N 17 14.76 -13.01 -36.46
N PRO N 18 13.43 -13.07 -36.75
CA PRO N 18 12.46 -13.23 -35.66
C PRO N 18 12.61 -14.51 -34.84
N ILE N 19 13.09 -15.57 -35.49
CA ILE N 19 13.31 -16.85 -34.84
C ILE N 19 14.51 -16.77 -33.87
N ARG N 20 15.56 -16.07 -34.29
CA ARG N 20 16.69 -15.71 -33.42
C ARG N 20 16.23 -14.91 -32.18
N TRP N 21 15.50 -13.82 -32.40
CA TRP N 21 14.91 -13.05 -31.30
C TRP N 21 14.11 -13.92 -30.33
N LEU N 22 13.21 -14.74 -30.85
CA LEU N 22 12.30 -15.55 -30.02
C LEU N 22 13.03 -16.60 -29.19
N LEU N 23 13.96 -17.31 -29.82
CA LEU N 23 14.77 -18.28 -29.09
C LEU N 23 15.63 -17.61 -28.01
N ALA N 24 16.32 -16.54 -28.38
CA ALA N 24 17.10 -15.79 -27.41
C ALA N 24 16.23 -15.26 -26.25
N ALA N 25 15.10 -14.62 -26.57
CA ALA N 25 14.16 -14.14 -25.53
C ALA N 25 13.67 -15.23 -24.57
N ALA N 26 13.42 -16.43 -25.11
CA ALA N 26 13.05 -17.58 -24.28
C ALA N 26 14.23 -18.22 -23.54
N GLY N 27 15.44 -17.71 -23.78
CA GLY N 27 16.65 -18.19 -23.10
C GLY N 27 17.22 -19.49 -23.67
N VAL N 28 17.03 -19.70 -24.97
CA VAL N 28 17.40 -20.96 -25.59
C VAL N 28 18.65 -20.81 -26.41
N GLU N 29 19.71 -21.51 -25.99
CA GLU N 29 20.97 -21.54 -26.71
C GLU N 29 20.76 -22.26 -28.02
N PHE N 30 21.23 -21.67 -29.12
CA PHE N 30 21.06 -22.30 -30.42
C PHE N 30 22.29 -22.21 -31.30
N GLU N 31 22.39 -23.10 -32.27
CA GLU N 31 23.45 -23.07 -33.28
C GLU N 31 22.92 -22.53 -34.59
N GLU N 32 23.80 -21.95 -35.39
CA GLU N 32 23.48 -21.54 -36.74
C GLU N 32 24.46 -22.18 -37.71
N LYS N 33 23.94 -22.80 -38.76
CA LYS N 33 24.76 -23.28 -39.87
C LYS N 33 24.51 -22.41 -41.07
N PHE N 34 25.46 -21.50 -41.34
CA PHE N 34 25.26 -20.47 -42.35
C PHE N 34 25.39 -21.01 -43.76
N ILE N 35 24.43 -20.64 -44.60
CA ILE N 35 24.47 -20.94 -46.03
C ILE N 35 25.30 -19.86 -46.71
N GLY N 36 26.46 -20.27 -47.22
CA GLY N 36 27.44 -19.34 -47.82
C GLY N 36 27.48 -19.34 -49.34
N SER N 37 26.78 -20.29 -49.96
CA SER N 37 26.81 -20.48 -51.40
C SER N 37 25.51 -21.11 -51.91
N ALA N 38 25.37 -21.13 -53.23
CA ALA N 38 24.30 -21.89 -53.89
C ALA N 38 24.51 -23.38 -53.63
N GLU N 39 25.77 -23.80 -53.57
CA GLU N 39 26.17 -25.17 -53.21
C GLU N 39 25.67 -25.60 -51.83
N ASP N 40 25.75 -24.69 -50.87
CA ASP N 40 25.33 -24.96 -49.48
C ASP N 40 23.83 -25.24 -49.38
N LEU N 41 23.05 -24.45 -50.12
CA LEU N 41 21.60 -24.59 -50.17
C LEU N 41 21.19 -25.83 -50.99
N GLY N 42 22.01 -26.18 -51.98
CA GLY N 42 21.81 -27.39 -52.76
C GLY N 42 21.94 -28.66 -51.94
N LYS N 43 22.90 -28.68 -51.01
CA LYS N 43 23.10 -29.82 -50.12
C LYS N 43 21.88 -30.08 -49.23
N LEU N 44 21.31 -28.99 -48.70
CA LEU N 44 20.08 -29.06 -47.90
C LEU N 44 18.88 -29.55 -48.72
N ARG N 45 18.81 -29.14 -49.99
CA ARG N 45 17.74 -29.57 -50.89
C ARG N 45 17.89 -31.06 -51.19
N ASN N 46 19.12 -31.46 -51.49
CA ASN N 46 19.45 -32.85 -51.83
C ASN N 46 19.30 -33.84 -50.67
N ASP N 47 19.63 -33.39 -49.46
CA ASP N 47 19.48 -34.18 -48.23
C ASP N 47 18.02 -34.54 -47.96
N GLY N 48 17.11 -33.80 -48.59
CA GLY N 48 15.68 -33.92 -48.33
C GLY N 48 15.26 -33.17 -47.07
N SER N 49 16.03 -32.13 -46.71
CA SER N 49 15.88 -31.42 -45.44
C SER N 49 14.87 -30.28 -45.48
N LEU N 50 14.45 -29.92 -46.70
CA LEU N 50 13.67 -28.72 -46.94
C LEU N 50 12.39 -29.11 -47.66
N MET N 51 11.29 -29.13 -46.92
CA MET N 51 10.02 -29.57 -47.49
C MET N 51 9.64 -28.85 -48.78
N PHE N 52 9.86 -27.54 -48.83
CA PHE N 52 9.50 -26.74 -50.01
C PHE N 52 10.74 -26.14 -50.67
N GLN N 53 11.86 -26.86 -50.52
CA GLN N 53 13.20 -26.47 -50.99
C GLN N 53 13.67 -25.05 -50.65
N GLN N 54 13.08 -24.51 -49.58
CA GLN N 54 13.44 -23.18 -49.10
C GLN N 54 13.95 -23.20 -47.66
N VAL N 55 14.69 -22.16 -47.29
CA VAL N 55 14.91 -21.83 -45.88
C VAL N 55 14.09 -20.56 -45.58
N PRO N 56 13.92 -20.18 -44.29
CA PRO N 56 14.42 -20.73 -43.02
C PRO N 56 14.11 -22.20 -42.81
N MET N 57 15.10 -22.92 -42.28
CA MET N 57 14.89 -24.26 -41.71
C MET N 57 15.55 -24.37 -40.35
N VAL N 58 14.81 -24.93 -39.40
CA VAL N 58 15.29 -25.13 -38.04
C VAL N 58 15.17 -26.61 -37.63
N GLU N 59 16.30 -27.17 -37.21
CA GLU N 59 16.31 -28.50 -36.63
C GLU N 59 16.08 -28.39 -35.14
N ILE N 60 14.88 -28.78 -34.72
CA ILE N 60 14.46 -28.70 -33.33
C ILE N 60 13.63 -29.92 -32.94
N ASP N 61 13.97 -30.53 -31.81
CA ASP N 61 13.20 -31.64 -31.24
C ASP N 61 12.88 -32.75 -32.24
N GLY N 62 13.91 -33.17 -32.97
CA GLY N 62 13.80 -34.23 -33.98
C GLY N 62 13.05 -33.84 -35.24
N MET N 63 12.75 -32.55 -35.39
CA MET N 63 12.05 -32.07 -36.57
C MET N 63 12.96 -31.25 -37.45
N LYS N 64 12.71 -31.32 -38.75
CA LYS N 64 13.27 -30.36 -39.68
C LYS N 64 12.13 -29.47 -40.12
N LEU N 65 11.90 -28.42 -39.33
CA LEU N 65 10.81 -27.50 -39.55
C LEU N 65 11.19 -26.38 -40.50
N VAL N 66 10.35 -26.19 -41.49
CA VAL N 66 10.47 -25.09 -42.43
C VAL N 66 9.19 -24.23 -42.28
N GLN N 67 9.23 -23.04 -42.90
CA GLN N 67 8.14 -22.06 -42.87
C GLN N 67 8.19 -21.26 -41.56
N THR N 68 8.58 -20.00 -41.70
CA THR N 68 8.88 -19.13 -40.57
C THR N 68 7.80 -19.20 -39.50
N ARG N 69 6.53 -19.03 -39.91
CA ARG N 69 5.40 -19.07 -38.96
C ARG N 69 5.24 -20.44 -38.28
N ALA N 70 5.48 -21.53 -39.00
CA ALA N 70 5.43 -22.85 -38.37
C ALA N 70 6.49 -22.99 -37.27
N ILE N 71 7.69 -22.48 -37.56
CA ILE N 71 8.82 -22.53 -36.64
C ILE N 71 8.54 -21.67 -35.43
N LEU N 72 8.09 -20.44 -35.69
CA LEU N 72 7.74 -19.49 -34.62
C LEU N 72 6.65 -19.98 -33.69
N ASN N 73 5.52 -20.44 -34.27
CA ASN N 73 4.40 -20.99 -33.50
C ASN N 73 4.85 -22.14 -32.60
N TYR N 74 5.67 -23.04 -33.16
CA TYR N 74 6.19 -24.17 -32.39
C TYR N 74 7.03 -23.71 -31.19
N ILE N 75 7.96 -22.79 -31.43
CA ILE N 75 8.80 -22.26 -30.35
C ILE N 75 7.95 -21.55 -29.29
N ALA N 76 7.05 -20.68 -29.75
CA ALA N 76 6.14 -19.98 -28.83
C ALA N 76 5.30 -20.92 -27.94
N SER N 77 4.72 -21.97 -28.53
CA SER N 77 3.96 -22.95 -27.74
C SER N 77 4.84 -23.67 -26.73
N LYS N 78 6.00 -24.10 -27.17
CA LYS N 78 6.92 -24.87 -26.34
C LYS N 78 7.39 -24.09 -25.12
N TYR N 79 7.67 -22.80 -25.31
CA TYR N 79 8.19 -21.97 -24.21
C TYR N 79 7.14 -21.10 -23.53
N ASN N 80 5.88 -21.44 -23.77
CA ASN N 80 4.74 -20.78 -23.14
C ASN N 80 4.74 -19.28 -23.41
N LEU N 81 5.03 -18.94 -24.66
CA LEU N 81 5.00 -17.54 -25.09
C LEU N 81 3.86 -17.31 -26.07
N TYR N 82 2.85 -18.17 -26.01
CA TYR N 82 1.72 -18.14 -26.94
C TYR N 82 0.37 -18.03 -26.23
N GLY N 83 0.36 -17.40 -25.07
CA GLY N 83 -0.88 -17.18 -24.32
C GLY N 83 -1.34 -18.43 -23.58
N LYS N 84 -2.37 -18.27 -22.74
CA LYS N 84 -2.91 -19.36 -21.89
C LYS N 84 -4.11 -20.11 -22.49
N ASP N 85 -4.70 -19.56 -23.54
CA ASP N 85 -5.87 -20.17 -24.16
C ASP N 85 -6.06 -19.77 -25.62
N ILE N 86 -7.14 -20.28 -26.21
CA ILE N 86 -7.50 -20.06 -27.61
C ILE N 86 -7.70 -18.57 -27.92
N LYS N 87 -8.35 -17.83 -27.03
CA LYS N 87 -8.64 -16.43 -27.29
C LYS N 87 -7.40 -15.55 -27.23
N GLU N 88 -6.51 -15.84 -26.28
CA GLU N 88 -5.22 -15.16 -26.19
C GLU N 88 -4.32 -15.47 -27.39
N ARG N 89 -4.36 -16.72 -27.85
CA ARG N 89 -3.69 -17.08 -29.10
C ARG N 89 -4.19 -16.22 -30.27
N ALA N 90 -5.50 -15.98 -30.32
CA ALA N 90 -6.11 -15.20 -31.40
C ALA N 90 -5.63 -13.75 -31.38
N LEU N 91 -5.56 -13.17 -30.18
CA LEU N 91 -4.98 -11.84 -29.99
C LEU N 91 -3.51 -11.76 -30.42
N ILE N 92 -2.71 -12.71 -29.95
CA ILE N 92 -1.30 -12.79 -30.30
C ILE N 92 -1.16 -12.98 -31.82
N ASP N 93 -1.94 -13.88 -32.41
CA ASP N 93 -1.91 -14.12 -33.86
C ASP N 93 -2.25 -12.82 -34.63
N MET N 94 -3.34 -12.16 -34.25
CA MET N 94 -3.77 -10.91 -34.89
C MET N 94 -2.71 -9.82 -34.84
N TYR N 95 -2.14 -9.60 -33.66
CA TYR N 95 -1.12 -8.57 -33.47
C TYR N 95 0.12 -8.91 -34.26
N THR N 96 0.58 -10.16 -34.19
CA THR N 96 1.85 -10.52 -34.85
C THR N 96 1.73 -10.47 -36.37
N GLU N 97 0.55 -10.82 -36.88
CA GLU N 97 0.29 -10.74 -38.32
C GLU N 97 0.32 -9.29 -38.83
N GLY N 98 -0.23 -8.36 -38.07
CA GLY N 98 -0.03 -6.94 -38.37
C GLY N 98 1.44 -6.54 -38.32
N MET N 99 2.15 -6.98 -37.29
CA MET N 99 3.59 -6.71 -37.21
C MET N 99 4.34 -7.27 -38.41
N ALA N 100 3.91 -8.46 -38.86
CA ALA N 100 4.56 -9.11 -39.99
C ALA N 100 4.30 -8.37 -41.30
N ASP N 101 3.14 -7.73 -41.43
CA ASP N 101 2.82 -6.94 -42.65
C ASP N 101 3.71 -5.70 -42.81
N LEU N 102 3.95 -4.98 -41.71
CA LEU N 102 4.89 -3.87 -41.69
C LEU N 102 6.33 -4.35 -41.88
N ASN N 103 6.73 -5.40 -41.16
CA ASN N 103 8.05 -6.02 -41.32
C ASN N 103 8.33 -6.36 -42.78
N GLU N 104 7.31 -6.87 -43.46
CA GLU N 104 7.42 -7.33 -44.85
C GLU N 104 7.69 -6.15 -45.79
N MET N 105 7.10 -5.00 -45.47
CA MET N 105 7.31 -3.79 -46.25
C MET N 105 8.76 -3.32 -46.16
N ILE N 106 9.31 -3.32 -44.94
CA ILE N 106 10.69 -2.91 -44.67
C ILE N 106 11.69 -3.94 -45.18
N LEU N 107 11.41 -5.22 -44.95
CA LEU N 107 12.25 -6.32 -45.37
C LEU N 107 12.56 -6.26 -46.87
N LEU N 108 11.55 -5.98 -47.68
CA LEU N 108 11.67 -6.05 -49.14
C LEU N 108 12.05 -4.72 -49.81
N LEU N 109 12.27 -3.68 -48.98
CA LEU N 109 12.71 -2.36 -49.47
C LEU N 109 13.98 -2.38 -50.37
N PRO N 110 15.01 -3.20 -50.02
CA PRO N 110 16.15 -3.38 -50.94
C PRO N 110 15.84 -4.02 -52.30
N LEU N 111 14.62 -4.55 -52.46
CA LEU N 111 14.19 -5.15 -53.74
C LEU N 111 13.43 -4.19 -54.64
N CYS N 112 12.98 -3.07 -54.08
CA CYS N 112 12.29 -2.05 -54.87
C CYS N 112 13.24 -1.44 -55.92
N ARG N 113 12.67 -1.05 -57.05
CA ARG N 113 13.43 -0.36 -58.10
C ARG N 113 13.68 1.09 -57.69
N PRO N 114 14.89 1.61 -57.93
CA PRO N 114 15.30 2.95 -57.50
C PRO N 114 14.22 4.05 -57.64
N GLU N 115 13.37 3.91 -58.65
CA GLU N 115 12.34 4.91 -58.98
C GLU N 115 11.09 4.79 -58.11
N GLU N 116 10.81 3.58 -57.62
CA GLU N 116 9.66 3.32 -56.76
C GLU N 116 10.02 3.36 -55.27
N LYS N 117 11.32 3.43 -54.98
CA LYS N 117 11.85 3.32 -53.62
C LYS N 117 11.48 4.48 -52.66
N ASP N 118 11.45 5.71 -53.18
CA ASP N 118 11.11 6.89 -52.35
C ASP N 118 9.62 6.94 -52.00
N ALA N 119 8.79 6.39 -52.89
CA ALA N 119 7.36 6.28 -52.65
C ALA N 119 7.07 5.21 -51.60
N LYS N 120 7.86 4.13 -51.64
CA LYS N 120 7.69 3.02 -50.70
C LYS N 120 8.11 3.39 -49.28
N ILE N 121 9.23 4.12 -49.17
CA ILE N 121 9.71 4.63 -47.88
C ILE N 121 8.66 5.53 -47.20
N ALA N 122 8.10 6.47 -47.96
CA ALA N 122 7.09 7.38 -47.42
C ALA N 122 5.81 6.66 -47.03
N LEU N 123 5.45 5.60 -47.78
CA LEU N 123 4.28 4.78 -47.48
C LEU N 123 4.45 3.99 -46.17
N ILE N 124 5.67 3.49 -45.95
CA ILE N 124 6.02 2.79 -44.72
C ILE N 124 5.90 3.75 -43.54
N LYS N 125 6.52 4.92 -43.67
CA LYS N 125 6.46 5.96 -42.64
C LYS N 125 5.04 6.43 -42.34
N GLU N 126 4.23 6.60 -43.37
CA GLU N 126 2.85 7.01 -43.23
C GLU N 126 1.97 5.93 -42.59
N LYS N 127 2.16 4.67 -43.01
CA LYS N 127 1.49 3.54 -42.38
C LYS N 127 1.96 3.29 -40.94
N THR N 128 3.25 3.37 -40.69
CA THR N 128 3.77 3.26 -39.32
C THR N 128 3.01 4.20 -38.38
N LYS N 129 2.84 5.44 -38.81
CA LYS N 129 2.29 6.48 -37.94
C LYS N 129 0.78 6.48 -37.89
N SER N 130 0.13 6.09 -38.99
CA SER N 130 -1.33 6.19 -39.07
C SER N 130 -2.03 4.86 -38.87
N ARG N 131 -1.30 3.76 -39.01
CA ARG N 131 -1.94 2.45 -38.99
C ARG N 131 -1.38 1.48 -37.95
N TYR N 132 -0.07 1.28 -37.96
CA TYR N 132 0.51 0.25 -37.11
C TYR N 132 0.84 0.75 -35.70
N PHE N 133 1.59 1.83 -35.58
CA PHE N 133 1.89 2.36 -34.24
C PHE N 133 0.63 2.75 -33.42
N PRO N 134 -0.39 3.39 -34.04
CA PRO N 134 -1.62 3.61 -33.28
C PRO N 134 -2.33 2.34 -32.84
N ALA N 135 -2.30 1.33 -33.71
CA ALA N 135 -2.93 0.06 -33.41
C ALA N 135 -2.36 -0.59 -32.15
N PHE N 136 -1.04 -0.68 -32.05
CA PHE N 136 -0.43 -1.32 -30.89
C PHE N 136 -0.49 -0.45 -29.64
N GLU N 137 -0.35 0.87 -29.82
CA GLU N 137 -0.52 1.81 -28.70
C GLU N 137 -1.89 1.66 -28.06
N LYS N 138 -2.91 1.47 -28.92
CA LYS N 138 -4.29 1.27 -28.49
C LYS N 138 -4.45 0.06 -27.57
N VAL N 139 -3.83 -1.06 -27.90
CA VAL N 139 -3.95 -2.22 -27.03
C VAL N 139 -3.28 -1.96 -25.67
N LEU N 140 -2.12 -1.31 -25.66
CA LEU N 140 -1.44 -1.01 -24.39
C LEU N 140 -2.24 -0.03 -23.54
N GLN N 141 -2.86 0.95 -24.18
CA GLN N 141 -3.67 1.88 -23.41
C GLN N 141 -5.03 1.26 -23.02
N SER N 142 -5.49 0.26 -23.77
CA SER N 142 -6.76 -0.40 -23.44
C SER N 142 -6.71 -1.05 -22.05
N HIS N 143 -5.64 -1.81 -21.77
CA HIS N 143 -5.52 -2.54 -20.50
C HIS N 143 -4.59 -1.94 -19.43
N GLY N 144 -3.77 -0.96 -19.83
CA GLY N 144 -2.77 -0.39 -18.94
C GLY N 144 -1.74 -1.37 -18.34
N GLN N 145 -1.55 -2.51 -18.99
CA GLN N 145 -0.59 -3.50 -18.52
C GLN N 145 0.71 -3.44 -19.32
N ASP N 146 1.76 -4.07 -18.78
CA ASP N 146 3.11 -3.96 -19.37
C ASP N 146 3.37 -4.89 -20.55
N TYR N 147 2.41 -5.77 -20.84
CA TYR N 147 2.55 -6.68 -21.96
C TYR N 147 1.33 -6.58 -22.84
N LEU N 148 1.51 -6.86 -24.13
CA LEU N 148 0.38 -6.85 -25.06
C LEU N 148 -0.81 -7.75 -24.68
N VAL N 149 -0.55 -9.03 -24.38
CA VAL N 149 -1.61 -10.02 -24.10
C VAL N 149 -1.35 -10.79 -22.80
N GLY N 150 -2.41 -11.04 -22.05
CA GLY N 150 -2.35 -11.95 -20.89
C GLY N 150 -1.61 -11.45 -19.65
N ASN N 151 -1.12 -10.21 -19.68
CA ASN N 151 -0.27 -9.67 -18.62
C ASN N 151 0.94 -10.54 -18.31
N LYS N 152 1.47 -11.17 -19.33
CA LYS N 152 2.75 -11.87 -19.22
C LYS N 152 3.40 -11.86 -20.60
N LEU N 153 4.73 -11.98 -20.60
CA LEU N 153 5.53 -11.94 -21.80
C LEU N 153 5.00 -12.95 -22.83
N SER N 154 4.86 -12.51 -24.07
CA SER N 154 4.50 -13.43 -25.15
C SER N 154 5.35 -13.15 -26.39
N ARG N 155 5.14 -13.95 -27.42
CA ARG N 155 5.82 -13.70 -28.68
C ARG N 155 5.44 -12.35 -29.27
N ALA N 156 4.22 -11.88 -29.00
CA ALA N 156 3.78 -10.57 -29.50
C ALA N 156 4.62 -9.37 -29.02
N ASP N 157 4.97 -9.33 -27.73
CA ASP N 157 5.90 -8.33 -27.18
C ASP N 157 7.27 -8.38 -27.86
N ILE N 158 7.80 -9.60 -27.97
CA ILE N 158 9.10 -9.89 -28.59
C ILE N 158 9.16 -9.48 -30.06
N SER N 159 8.15 -9.88 -30.83
CA SER N 159 8.00 -9.47 -32.23
C SER N 159 7.90 -7.93 -32.33
N LEU N 160 7.04 -7.34 -31.50
CA LEU N 160 6.86 -5.88 -31.55
C LEU N 160 8.13 -5.10 -31.27
N VAL N 161 8.89 -5.48 -30.24
CA VAL N 161 10.12 -4.74 -29.90
C VAL N 161 11.15 -4.84 -31.03
N GLU N 162 11.30 -6.02 -31.61
CA GLU N 162 12.17 -6.20 -32.78
C GLU N 162 11.79 -5.21 -33.89
N LEU N 163 10.48 -5.11 -34.15
CA LEU N 163 9.94 -4.21 -35.16
C LEU N 163 10.19 -2.75 -34.81
N LEU N 164 10.08 -2.41 -33.52
CA LEU N 164 10.45 -1.06 -33.07
C LEU N 164 11.89 -0.68 -33.38
N TYR N 165 12.83 -1.60 -33.14
CA TYR N 165 14.24 -1.41 -33.46
C TYR N 165 14.44 -1.23 -34.98
N TYR N 166 13.67 -1.99 -35.76
CA TYR N 166 13.77 -1.89 -37.22
C TYR N 166 13.27 -0.56 -37.73
N VAL N 167 12.09 -0.16 -37.28
CA VAL N 167 11.50 1.13 -37.63
C VAL N 167 12.41 2.30 -37.20
N GLU N 168 13.09 2.12 -36.07
CA GLU N 168 14.06 3.12 -35.59
C GLU N 168 15.22 3.31 -36.57
N GLU N 169 15.65 2.22 -37.20
CA GLU N 169 16.71 2.27 -38.22
C GLU N 169 16.25 3.04 -39.47
N LEU N 170 14.95 2.99 -39.75
CA LEU N 170 14.34 3.71 -40.86
C LEU N 170 14.23 5.21 -40.55
N ASP N 171 13.52 5.51 -39.45
CA ASP N 171 13.26 6.87 -39.00
C ASP N 171 12.93 6.86 -37.50
N SER N 172 13.88 7.32 -36.69
CA SER N 172 13.79 7.30 -35.21
C SER N 172 12.74 8.23 -34.61
N SER N 173 12.16 9.09 -35.46
CA SER N 173 11.12 10.01 -35.01
C SER N 173 9.70 9.43 -35.14
N LEU N 174 9.58 8.28 -35.80
CA LEU N 174 8.26 7.67 -36.06
C LEU N 174 7.55 7.20 -34.79
N ILE N 175 8.34 6.81 -33.79
CA ILE N 175 7.81 6.36 -32.50
C ILE N 175 7.46 7.55 -31.58
N SER N 176 7.96 8.74 -31.90
CA SER N 176 7.91 9.90 -31.00
C SER N 176 6.57 10.18 -30.29
N ASN N 177 5.46 10.08 -31.02
CA ASN N 177 4.14 10.32 -30.46
C ASN N 177 3.50 9.07 -29.82
N PHE N 178 4.32 8.07 -29.52
CA PHE N 178 3.81 6.81 -28.98
C PHE N 178 4.51 6.43 -27.67
N PRO N 179 4.08 7.06 -26.55
CA PRO N 179 4.80 6.91 -25.29
C PRO N 179 4.82 5.48 -24.73
N LEU N 180 3.73 4.74 -24.96
CA LEU N 180 3.63 3.40 -24.40
C LEU N 180 4.48 2.40 -25.20
N LEU N 181 4.65 2.67 -26.50
CA LEU N 181 5.54 1.85 -27.33
C LEU N 181 6.98 2.13 -26.96
N LYS N 182 7.30 3.40 -26.72
CA LYS N 182 8.61 3.79 -26.17
C LYS N 182 8.91 3.03 -24.88
N ALA N 183 7.95 2.98 -23.96
CA ALA N 183 8.14 2.32 -22.66
C ALA N 183 8.28 0.82 -22.80
N LEU N 184 7.46 0.22 -23.65
CA LEU N 184 7.53 -1.24 -23.89
C LEU N 184 8.94 -1.61 -24.39
N LYS N 185 9.47 -0.81 -25.31
CA LYS N 185 10.79 -1.02 -25.87
C LYS N 185 11.86 -1.11 -24.78
N THR N 186 11.83 -0.17 -23.84
CA THR N 186 12.83 -0.11 -22.80
C THR N 186 12.76 -1.32 -21.88
N ARG N 187 11.56 -1.65 -21.43
CA ARG N 187 11.28 -2.75 -20.53
C ARG N 187 11.72 -4.10 -21.09
N ILE N 188 11.25 -4.40 -22.29
CA ILE N 188 11.58 -5.66 -22.95
C ILE N 188 13.08 -5.73 -23.20
N SER N 189 13.64 -4.63 -23.72
CA SER N 189 15.07 -4.49 -23.97
C SER N 189 15.92 -4.78 -22.75
N ASN N 190 15.34 -4.60 -21.55
CA ASN N 190 16.05 -4.76 -20.28
C ASN N 190 15.80 -6.07 -19.52
N LEU N 191 14.90 -6.91 -20.06
CA LEU N 191 14.77 -8.29 -19.59
C LEU N 191 16.08 -9.02 -19.84
N PRO N 192 16.62 -9.69 -18.82
CA PRO N 192 17.91 -10.39 -18.90
C PRO N 192 18.18 -11.12 -20.22
N THR N 193 17.25 -11.93 -20.70
CA THR N 193 17.46 -12.68 -21.95
C THR N 193 17.53 -11.79 -23.19
N VAL N 194 16.77 -10.70 -23.20
CA VAL N 194 16.71 -9.80 -24.36
C VAL N 194 17.87 -8.80 -24.30
N LYS N 195 18.22 -8.37 -23.09
CA LYS N 195 19.43 -7.57 -22.88
C LYS N 195 20.65 -8.31 -23.44
N LYS N 196 20.78 -9.59 -23.09
CA LYS N 196 21.88 -10.44 -23.57
C LYS N 196 21.95 -10.50 -25.10
N PHE N 197 20.78 -10.59 -25.73
CA PHE N 197 20.65 -10.68 -27.19
C PHE N 197 21.00 -9.36 -27.89
N LEU N 198 20.78 -8.25 -27.19
CA LEU N 198 20.97 -6.89 -27.74
C LEU N 198 22.43 -6.44 -27.65
N GLN N 199 23.18 -7.11 -26.79
CA GLN N 199 24.60 -6.84 -26.56
C GLN N 199 25.37 -7.06 -27.86
N PRO N 200 26.48 -6.31 -28.08
CA PRO N 200 27.34 -6.58 -29.25
C PRO N 200 27.92 -7.98 -29.21
N GLY N 201 28.12 -8.59 -30.38
CA GLY N 201 28.71 -9.92 -30.43
C GLY N 201 27.70 -11.05 -30.27
N SER N 202 26.43 -10.68 -30.14
CA SER N 202 25.35 -11.66 -30.02
C SER N 202 24.96 -12.16 -31.41
N PRO N 203 24.15 -13.24 -31.47
CA PRO N 203 23.62 -13.74 -32.75
C PRO N 203 22.77 -12.75 -33.55
N ARG N 204 22.43 -11.60 -32.95
CA ARG N 204 21.62 -10.57 -33.62
C ARG N 204 22.33 -10.02 -34.86
N LYS N 205 21.58 -9.89 -35.95
CA LYS N 205 22.18 -9.63 -37.26
C LYS N 205 22.08 -8.17 -37.70
N PRO N 206 23.07 -7.69 -38.48
CA PRO N 206 23.07 -6.31 -38.97
C PRO N 206 21.97 -6.09 -39.99
N PRO N 207 21.55 -4.82 -40.19
CA PRO N 207 20.63 -4.48 -41.28
C PRO N 207 21.29 -4.81 -42.61
N ALA N 208 20.50 -5.14 -43.63
CA ALA N 208 21.06 -5.48 -44.94
C ALA N 208 21.59 -4.23 -45.63
N ASP N 209 22.81 -4.32 -46.18
CA ASP N 209 23.41 -3.22 -46.92
C ASP N 209 23.49 -3.51 -48.43
N ALA N 210 24.48 -2.91 -49.10
CA ALA N 210 24.71 -3.10 -50.52
C ALA N 210 25.27 -4.49 -50.82
N LYS N 211 26.36 -4.84 -50.13
CA LYS N 211 27.07 -6.11 -50.34
C LYS N 211 26.21 -7.35 -50.05
N ALA N 212 25.39 -7.28 -49.01
CA ALA N 212 24.55 -8.40 -48.58
C ALA N 212 23.51 -8.80 -49.61
N LEU N 213 22.92 -7.83 -50.30
CA LEU N 213 21.92 -8.08 -51.34
C LEU N 213 22.55 -8.78 -52.55
N GLU N 214 23.83 -8.50 -52.80
CA GLU N 214 24.56 -9.08 -53.93
C GLU N 214 24.86 -10.55 -53.70
N GLU N 215 25.29 -10.88 -52.47
CA GLU N 215 25.58 -12.26 -52.10
C GLU N 215 24.32 -13.07 -51.80
N ALA N 216 23.23 -12.39 -51.45
CA ALA N 216 21.92 -13.04 -51.33
C ALA N 216 21.40 -13.48 -52.70
N ARG N 217 21.66 -12.66 -53.72
CA ARG N 217 21.27 -12.96 -55.10
C ARG N 217 22.05 -14.14 -55.71
N LYS N 218 23.30 -14.31 -55.29
CA LYS N 218 24.11 -15.47 -55.73
C LYS N 218 23.56 -16.79 -55.14
N ILE N 219 23.26 -16.75 -53.84
CA ILE N 219 22.80 -17.94 -53.13
C ILE N 219 21.36 -18.36 -53.49
N PHE N 220 20.42 -17.43 -53.34
CA PHE N 220 18.99 -17.72 -53.52
C PHE N 220 18.50 -17.59 -54.98
N ARG N 221 19.33 -16.98 -55.82
CA ARG N 221 19.11 -16.86 -57.28
C ARG N 221 17.94 -15.97 -57.73
N PHE N 222 17.54 -15.03 -56.87
CA PHE N 222 16.53 -14.03 -57.25
C PHE N 222 17.18 -12.82 -57.92
N LYS O 4 13.11 36.99 39.42
CA LYS O 4 13.21 35.85 40.38
C LYS O 4 11.84 35.27 40.72
N PRO O 5 11.71 33.93 40.67
CA PRO O 5 10.50 33.30 41.22
C PRO O 5 10.31 33.64 42.70
N LYS O 6 9.10 34.03 43.08
CA LYS O 6 8.77 34.25 44.50
C LYS O 6 7.85 33.17 45.04
N LEU O 7 8.32 32.47 46.07
CA LEU O 7 7.56 31.39 46.70
C LEU O 7 6.77 31.88 47.93
N HIS O 8 5.45 31.65 47.91
CA HIS O 8 4.55 31.99 49.02
C HIS O 8 4.16 30.77 49.85
N TYR O 9 4.61 30.76 51.10
CA TYR O 9 4.40 29.66 52.01
C TYR O 9 4.80 30.13 53.40
N PHE O 10 4.49 29.33 54.41
CA PHE O 10 5.02 29.59 55.74
C PHE O 10 6.50 29.16 55.81
N ASN O 11 7.16 29.54 56.90
CA ASN O 11 8.57 29.24 57.05
C ASN O 11 8.72 27.82 57.59
N GLY O 12 8.78 26.85 56.67
CA GLY O 12 8.80 25.44 57.00
C GLY O 12 8.69 24.59 55.76
N ARG O 13 8.99 23.30 55.90
CA ARG O 13 8.99 22.37 54.77
C ARG O 13 7.62 22.30 54.11
N GLY O 14 6.68 21.60 54.75
CA GLY O 14 5.35 21.36 54.19
C GLY O 14 5.43 20.79 52.78
N ARG O 15 4.55 21.29 51.91
CA ARG O 15 4.45 20.85 50.52
C ARG O 15 5.36 21.64 49.57
N MET O 16 5.92 22.76 50.06
CA MET O 16 6.76 23.63 49.25
C MET O 16 8.19 23.12 49.13
N GLU O 17 8.63 22.29 50.07
CA GLU O 17 10.05 21.91 50.15
C GLU O 17 10.63 21.31 48.85
N PRO O 18 9.91 20.38 48.16
CA PRO O 18 10.39 19.87 46.86
C PRO O 18 10.57 20.97 45.79
N ILE O 19 9.79 22.03 45.88
CA ILE O 19 9.93 23.16 44.95
C ILE O 19 11.24 23.90 45.22
N ARG O 20 11.60 24.02 46.50
CA ARG O 20 12.86 24.63 46.95
C ARG O 20 14.07 23.82 46.47
N TRP O 21 13.99 22.51 46.66
CA TRP O 21 15.01 21.57 46.19
C TRP O 21 15.26 21.64 44.68
N LEU O 22 14.19 21.56 43.90
CA LEU O 22 14.27 21.57 42.44
C LEU O 22 14.85 22.88 41.92
N LEU O 23 14.38 24.00 42.45
CA LEU O 23 14.91 25.31 42.03
C LEU O 23 16.40 25.42 42.37
N ALA O 24 16.75 25.14 43.62
CA ALA O 24 18.16 25.20 44.04
C ALA O 24 19.04 24.26 43.19
N ALA O 25 18.61 23.02 42.98
CA ALA O 25 19.34 22.08 42.14
C ALA O 25 19.51 22.60 40.71
N ALA O 26 18.46 23.25 40.19
CA ALA O 26 18.48 23.90 38.85
C ALA O 26 19.41 25.12 38.74
N GLY O 27 19.90 25.62 39.87
CA GLY O 27 20.80 26.79 39.87
C GLY O 27 20.02 28.08 39.71
N VAL O 28 18.76 28.04 40.15
CA VAL O 28 17.84 29.17 40.00
C VAL O 28 17.70 29.94 41.30
N GLU O 29 18.02 31.22 41.28
CA GLU O 29 17.82 32.08 42.44
C GLU O 29 16.34 32.44 42.62
N PHE O 30 15.87 32.32 43.84
CA PHE O 30 14.47 32.60 44.17
C PHE O 30 14.32 33.40 45.46
N GLU O 31 13.13 34.00 45.63
CA GLU O 31 12.79 34.71 46.84
C GLU O 31 11.65 34.00 47.55
N GLU O 32 11.59 34.17 48.87
CA GLU O 32 10.49 33.64 49.65
C GLU O 32 9.77 34.76 50.39
N LYS O 33 8.46 34.78 50.30
CA LYS O 33 7.66 35.64 51.18
C LYS O 33 6.86 34.77 52.14
N PHE O 34 7.27 34.80 53.40
CA PHE O 34 6.70 33.93 54.42
C PHE O 34 5.39 34.44 55.02
N ILE O 35 4.36 33.60 54.89
CA ILE O 35 3.11 33.79 55.61
C ILE O 35 3.41 33.52 57.07
N GLY O 36 3.24 34.55 57.91
CA GLY O 36 3.56 34.45 59.32
C GLY O 36 2.34 34.25 60.19
N SER O 37 1.19 34.71 59.70
CA SER O 37 -0.03 34.70 60.49
C SER O 37 -1.25 34.31 59.69
N ALA O 38 -2.33 33.99 60.39
CA ALA O 38 -3.63 33.75 59.77
C ALA O 38 -4.09 34.93 58.90
N GLU O 39 -3.46 36.08 59.13
CA GLU O 39 -3.76 37.33 58.42
C GLU O 39 -2.96 37.55 57.13
N ASP O 40 -1.72 37.05 57.09
CA ASP O 40 -0.89 37.13 55.88
C ASP O 40 -1.51 36.31 54.73
N LEU O 41 -2.13 35.19 55.08
CA LEU O 41 -2.80 34.34 54.11
C LEU O 41 -4.05 35.00 53.53
N GLY O 42 -4.77 35.74 54.36
CA GLY O 42 -5.94 36.52 53.92
C GLY O 42 -5.66 37.42 52.74
N LYS O 43 -4.56 38.17 52.80
CA LYS O 43 -4.22 39.17 51.78
C LYS O 43 -3.86 38.56 50.41
N LEU O 44 -3.32 37.35 50.42
CA LEU O 44 -3.12 36.58 49.20
C LEU O 44 -4.48 36.18 48.59
N ARG O 45 -5.38 35.68 49.44
CA ARG O 45 -6.74 35.32 49.04
C ARG O 45 -7.55 36.47 48.45
N ASN O 46 -7.56 37.60 49.14
CA ASN O 46 -8.40 38.74 48.79
C ASN O 46 -7.90 39.49 47.55
N ASP O 47 -6.60 39.39 47.30
CA ASP O 47 -5.99 40.04 46.14
C ASP O 47 -6.05 39.13 44.91
N GLY O 48 -6.62 37.94 45.10
CA GLY O 48 -6.86 36.98 44.01
C GLY O 48 -5.63 36.23 43.50
N SER O 49 -4.65 36.06 44.37
CA SER O 49 -3.37 35.46 43.97
C SER O 49 -3.38 33.93 44.06
N LEU O 50 -4.44 33.38 44.65
CA LEU O 50 -4.52 31.93 44.92
C LEU O 50 -5.76 31.30 44.31
N MET O 51 -5.59 30.67 43.15
CA MET O 51 -6.71 30.07 42.43
C MET O 51 -7.66 29.29 43.32
N PHE O 52 -7.10 28.42 44.18
CA PHE O 52 -7.93 27.59 45.05
C PHE O 52 -7.82 27.99 46.53
N GLN O 53 -7.46 29.25 46.76
CA GLN O 53 -7.37 29.84 48.12
C GLN O 53 -6.26 29.26 48.99
N GLN O 54 -5.40 28.44 48.37
CA GLN O 54 -4.34 27.70 49.08
C GLN O 54 -2.95 28.07 48.61
N VAL O 55 -1.97 27.79 49.46
CA VAL O 55 -0.56 27.74 49.06
C VAL O 55 -0.10 26.27 49.11
N PRO O 56 1.06 25.91 48.51
CA PRO O 56 2.07 26.66 47.76
C PRO O 56 1.53 27.57 46.64
N MET O 57 2.12 28.75 46.55
CA MET O 57 1.98 29.59 45.36
C MET O 57 3.36 30.06 44.94
N VAL O 58 3.63 30.01 43.65
CA VAL O 58 4.86 30.52 43.10
C VAL O 58 4.54 31.49 41.98
N GLU O 59 5.01 32.72 42.17
CA GLU O 59 4.97 33.74 41.13
C GLU O 59 6.19 33.57 40.23
N ILE O 60 5.95 33.12 39.00
CA ILE O 60 7.02 32.81 38.06
C ILE O 60 6.53 33.08 36.64
N ASP O 61 7.38 33.75 35.85
CA ASP O 61 7.09 34.07 34.44
C ASP O 61 5.67 34.61 34.23
N GLY O 62 5.29 35.59 35.04
CA GLY O 62 4.00 36.23 34.88
C GLY O 62 2.79 35.45 35.35
N MET O 63 3.02 34.23 35.83
CA MET O 63 1.94 33.41 36.39
C MET O 63 1.96 33.45 37.91
N LYS O 64 0.80 33.20 38.49
CA LYS O 64 0.66 32.97 39.90
C LYS O 64 0.24 31.51 40.00
N LEU O 65 1.23 30.61 40.02
CA LEU O 65 1.00 29.17 39.96
C LEU O 65 0.78 28.58 41.34
N VAL O 66 -0.34 27.87 41.48
CA VAL O 66 -0.62 27.06 42.67
C VAL O 66 -0.63 25.58 42.28
N GLN O 67 -0.82 24.72 43.27
CA GLN O 67 -0.76 23.26 43.13
C GLN O 67 0.68 22.78 42.94
N THR O 68 1.19 22.14 43.98
CA THR O 68 2.58 21.70 44.04
C THR O 68 3.03 21.00 42.74
N ARG O 69 2.25 20.03 42.27
CA ARG O 69 2.59 19.29 41.05
C ARG O 69 2.66 20.14 39.77
N ALA O 70 1.74 21.09 39.64
CA ALA O 70 1.78 22.09 38.55
C ALA O 70 3.04 22.93 38.58
N ILE O 71 3.41 23.37 39.78
CA ILE O 71 4.61 24.17 39.97
C ILE O 71 5.87 23.39 39.61
N LEU O 72 5.97 22.15 40.07
CA LEU O 72 7.14 21.32 39.87
C LEU O 72 7.30 20.96 38.41
N ASN O 73 6.17 20.65 37.76
CA ASN O 73 6.15 20.33 36.34
C ASN O 73 6.63 21.49 35.49
N TYR O 74 6.21 22.70 35.85
CA TYR O 74 6.62 23.88 35.09
C TYR O 74 8.13 24.10 35.25
N ILE O 75 8.61 24.04 36.48
CA ILE O 75 10.03 24.23 36.76
C ILE O 75 10.87 23.16 36.06
N ALA O 76 10.47 21.90 36.17
CA ALA O 76 11.19 20.80 35.56
C ALA O 76 11.36 20.97 34.03
N SER O 77 10.28 21.30 33.33
CA SER O 77 10.34 21.54 31.88
C SER O 77 11.22 22.74 31.52
N LYS O 78 11.01 23.86 32.23
CA LYS O 78 11.70 25.12 31.92
C LYS O 78 13.22 24.98 32.04
N TYR O 79 13.67 24.22 33.04
CA TYR O 79 15.09 24.08 33.32
C TYR O 79 15.65 22.72 32.89
N ASN O 80 14.94 22.09 31.96
CA ASN O 80 15.36 20.87 31.27
C ASN O 80 15.64 19.71 32.20
N LEU O 81 14.75 19.52 33.16
CA LEU O 81 14.87 18.43 34.13
C LEU O 81 13.69 17.46 34.04
N TYR O 82 13.12 17.36 32.85
CA TYR O 82 11.95 16.54 32.60
C TYR O 82 12.17 15.56 31.44
N GLY O 83 13.43 15.19 31.20
CA GLY O 83 13.77 14.23 30.15
C GLY O 83 13.61 14.81 28.75
N LYS O 84 13.73 13.94 27.74
CA LYS O 84 13.79 14.43 26.37
C LYS O 84 12.55 14.15 25.50
N ASP O 85 11.68 13.28 25.98
CA ASP O 85 10.48 12.94 25.20
C ASP O 85 9.32 12.42 26.05
N ILE O 86 8.20 12.13 25.38
CA ILE O 86 7.00 11.66 26.04
C ILE O 86 7.22 10.37 26.88
N LYS O 87 7.98 9.42 26.35
CA LYS O 87 8.23 8.19 27.10
C LYS O 87 9.12 8.37 28.34
N GLU O 88 10.10 9.28 28.25
CA GLU O 88 10.95 9.59 29.41
C GLU O 88 10.17 10.33 30.50
N ARG O 89 9.25 11.21 30.08
CA ARG O 89 8.34 11.87 31.02
C ARG O 89 7.44 10.83 31.70
N ALA O 90 6.94 9.85 30.95
CA ALA O 90 6.14 8.74 31.52
C ALA O 90 6.88 8.03 32.65
N LEU O 91 8.16 7.74 32.44
CA LEU O 91 9.02 7.16 33.48
C LEU O 91 9.21 8.13 34.63
N ILE O 92 9.59 9.37 34.31
CA ILE O 92 9.80 10.35 35.37
C ILE O 92 8.52 10.53 36.22
N ASP O 93 7.38 10.66 35.54
CA ASP O 93 6.10 10.82 36.23
C ASP O 93 5.81 9.60 37.12
N MET O 94 6.03 8.40 36.60
CA MET O 94 5.80 7.19 37.38
C MET O 94 6.69 7.14 38.63
N TYR O 95 7.98 7.41 38.45
CA TYR O 95 8.90 7.35 39.57
C TYR O 95 8.53 8.40 40.62
N THR O 96 8.35 9.65 40.19
CA THR O 96 8.09 10.75 41.14
C THR O 96 6.76 10.58 41.89
N GLU O 97 5.77 10.02 41.22
CA GLU O 97 4.48 9.75 41.89
C GLU O 97 4.57 8.71 43.01
N GLY O 98 5.35 7.66 42.78
CA GLY O 98 5.65 6.68 43.82
C GLY O 98 6.39 7.32 44.98
N MET O 99 7.35 8.19 44.66
CA MET O 99 8.10 8.94 45.68
C MET O 99 7.16 9.83 46.49
N ALA O 100 6.31 10.55 45.77
CA ALA O 100 5.27 11.39 46.41
C ALA O 100 4.36 10.63 47.37
N ASP O 101 4.03 9.38 47.02
CA ASP O 101 3.24 8.52 47.89
C ASP O 101 3.94 8.23 49.23
N LEU O 102 5.24 7.92 49.17
CA LEU O 102 6.03 7.73 50.40
C LEU O 102 6.18 9.06 51.13
N ASN O 103 6.53 10.11 50.39
CA ASN O 103 6.65 11.46 50.93
C ASN O 103 5.40 11.87 51.72
N GLU O 104 4.22 11.63 51.16
CA GLU O 104 2.98 12.00 51.80
C GLU O 104 2.80 11.29 53.14
N MET O 105 3.21 10.02 53.23
CA MET O 105 3.18 9.29 54.51
C MET O 105 4.04 10.00 55.56
N ILE O 106 5.25 10.40 55.19
CA ILE O 106 6.19 11.06 56.09
C ILE O 106 5.71 12.47 56.48
N LEU O 107 5.19 13.20 55.50
CA LEU O 107 4.64 14.56 55.70
C LEU O 107 3.52 14.67 56.77
N LEU O 108 2.69 13.64 56.85
CA LEU O 108 1.51 13.65 57.72
C LEU O 108 1.78 13.05 59.11
N LEU O 109 2.95 12.44 59.26
CA LEU O 109 3.36 11.81 60.52
C LEU O 109 3.15 12.70 61.77
N PRO O 110 3.47 14.01 61.69
CA PRO O 110 3.21 14.93 62.80
C PRO O 110 1.75 15.08 63.20
N LEU O 111 0.82 14.78 62.30
CA LEU O 111 -0.61 14.85 62.60
C LEU O 111 -1.09 13.66 63.41
N CYS O 112 -0.23 12.65 63.55
CA CYS O 112 -0.60 11.42 64.25
C CYS O 112 -0.75 11.68 65.75
N ARG O 113 -1.84 11.17 66.31
CA ARG O 113 -2.00 11.07 67.76
C ARG O 113 -0.90 10.19 68.35
N PRO O 114 -0.44 10.50 69.57
CA PRO O 114 0.67 9.73 70.15
C PRO O 114 0.40 8.23 70.17
N GLU O 115 -0.87 7.86 70.32
CA GLU O 115 -1.35 6.49 70.43
C GLU O 115 -1.37 5.75 69.07
N GLU O 116 -1.33 6.51 67.99
CA GLU O 116 -1.37 5.93 66.65
C GLU O 116 -0.02 6.04 65.92
N LYS O 117 0.95 6.74 66.52
CA LYS O 117 2.20 7.12 65.81
C LYS O 117 3.16 5.97 65.54
N ASP O 118 3.34 5.06 66.51
CA ASP O 118 4.28 3.95 66.36
C ASP O 118 3.93 3.01 65.19
N ALA O 119 2.64 2.75 65.02
CA ALA O 119 2.16 1.87 63.96
C ALA O 119 2.41 2.47 62.59
N LYS O 120 2.14 3.78 62.47
CA LYS O 120 2.36 4.47 61.22
C LYS O 120 3.83 4.52 60.85
N ILE O 121 4.69 4.83 61.83
CA ILE O 121 6.14 4.75 61.67
C ILE O 121 6.52 3.35 61.16
N ALA O 122 6.09 2.32 61.88
CA ALA O 122 6.37 0.94 61.50
C ALA O 122 5.91 0.65 60.07
N LEU O 123 4.70 1.11 59.71
CA LEU O 123 4.17 0.95 58.35
C LEU O 123 5.02 1.69 57.31
N ILE O 124 5.38 2.94 57.60
CA ILE O 124 6.30 3.69 56.74
C ILE O 124 7.62 2.92 56.51
N LYS O 125 8.21 2.42 57.60
CA LYS O 125 9.43 1.61 57.52
C LYS O 125 9.29 0.35 56.68
N GLU O 126 8.21 -0.37 56.92
CA GLU O 126 7.87 -1.58 56.18
C GLU O 126 7.69 -1.28 54.69
N LYS O 127 6.97 -0.22 54.36
CA LYS O 127 6.75 0.16 52.94
C LYS O 127 8.02 0.70 52.27
N THR O 128 8.84 1.43 53.01
CA THR O 128 10.14 1.86 52.50
C THR O 128 10.99 0.64 52.07
N LYS O 129 11.07 -0.35 52.95
CA LYS O 129 11.94 -1.50 52.71
C LYS O 129 11.39 -2.54 51.74
N SER O 130 10.08 -2.64 51.65
CA SER O 130 9.48 -3.73 50.86
C SER O 130 8.93 -3.26 49.53
N ARG O 131 8.64 -1.96 49.44
CA ARG O 131 7.94 -1.44 48.27
C ARG O 131 8.75 -0.39 47.52
N TYR O 132 9.13 0.69 48.21
CA TYR O 132 9.68 1.83 47.52
C TYR O 132 11.17 1.72 47.20
N PHE O 133 11.98 1.42 48.21
CA PHE O 133 13.42 1.33 48.00
C PHE O 133 13.82 0.22 47.01
N PRO O 134 13.18 -0.98 47.10
CA PRO O 134 13.37 -2.03 46.07
C PRO O 134 13.02 -1.57 44.66
N ALA O 135 11.92 -0.83 44.50
CA ALA O 135 11.52 -0.32 43.19
C ALA O 135 12.58 0.58 42.54
N PHE O 136 13.12 1.53 43.30
CA PHE O 136 14.12 2.45 42.79
C PHE O 136 15.50 1.83 42.67
N GLU O 137 15.83 0.95 43.61
CA GLU O 137 17.06 0.15 43.52
C GLU O 137 17.08 -0.65 42.19
N LYS O 138 15.93 -1.19 41.81
CA LYS O 138 15.78 -2.01 40.60
C LYS O 138 15.94 -1.23 39.29
N VAL O 139 15.45 0.01 39.23
CA VAL O 139 15.61 0.81 38.01
C VAL O 139 17.10 1.09 37.77
N LEU O 140 17.80 1.43 38.85
CA LEU O 140 19.23 1.72 38.81
C LEU O 140 20.03 0.47 38.46
N GLN O 141 19.60 -0.66 39.02
CA GLN O 141 20.21 -1.96 38.75
C GLN O 141 20.02 -2.37 37.29
N SER O 142 18.85 -2.10 36.72
CA SER O 142 18.50 -2.53 35.36
C SER O 142 19.29 -1.85 34.25
N HIS O 143 19.64 -0.58 34.43
CA HIS O 143 20.46 0.11 33.42
C HIS O 143 21.89 0.43 33.85
N GLY O 144 22.19 0.34 35.14
CA GLY O 144 23.53 0.64 35.64
C GLY O 144 24.03 2.07 35.45
N GLN O 145 23.14 2.96 35.05
CA GLN O 145 23.51 4.37 34.85
C GLN O 145 23.46 5.13 36.17
N ASP O 146 24.08 6.31 36.20
CA ASP O 146 24.19 7.12 37.42
C ASP O 146 22.92 7.89 37.75
N TYR O 147 21.98 7.93 36.81
CA TYR O 147 20.72 8.68 36.95
C TYR O 147 19.53 7.79 36.63
N LEU O 148 18.39 8.08 37.25
CA LEU O 148 17.19 7.24 37.11
C LEU O 148 16.68 7.13 35.66
N VAL O 149 16.76 8.22 34.90
CA VAL O 149 16.14 8.28 33.58
C VAL O 149 17.03 9.02 32.60
N GLY O 150 17.26 8.39 31.45
CA GLY O 150 17.95 8.98 30.30
C GLY O 150 19.43 9.23 30.52
N ASN O 151 20.01 8.60 31.54
CA ASN O 151 21.40 8.81 31.90
C ASN O 151 21.73 10.30 32.05
N LYS O 152 20.78 11.07 32.60
CA LYS O 152 20.96 12.52 32.75
C LYS O 152 20.15 12.99 33.95
N LEU O 153 20.67 14.00 34.65
CA LEU O 153 19.97 14.56 35.81
C LEU O 153 18.55 14.95 35.45
N SER O 154 17.58 14.46 36.22
CA SER O 154 16.18 14.85 36.04
C SER O 154 15.59 15.18 37.40
N ARG O 155 14.38 15.71 37.41
CA ARG O 155 13.66 15.92 38.66
C ARG O 155 13.53 14.62 39.46
N ALA O 156 13.50 13.48 38.77
CA ALA O 156 13.36 12.18 39.45
C ALA O 156 14.49 11.96 40.44
N ASP O 157 15.72 12.23 40.01
CA ASP O 157 16.91 12.12 40.90
C ASP O 157 16.83 13.07 42.10
N ILE O 158 16.43 14.30 41.84
CA ILE O 158 16.32 15.35 42.88
C ILE O 158 15.23 15.03 43.91
N SER O 159 14.08 14.57 43.43
CA SER O 159 13.00 14.14 44.31
C SER O 159 13.43 12.96 45.19
N LEU O 160 14.07 11.97 44.58
CA LEU O 160 14.49 10.76 45.31
C LEU O 160 15.51 11.11 46.40
N VAL O 161 16.47 11.95 46.06
CA VAL O 161 17.50 12.28 47.03
C VAL O 161 16.92 13.02 48.24
N GLU O 162 16.09 14.03 48.01
CA GLU O 162 15.31 14.65 49.08
C GLU O 162 14.64 13.56 49.95
N LEU O 163 13.94 12.65 49.30
CA LEU O 163 13.26 11.55 50.00
C LEU O 163 14.22 10.68 50.80
N LEU O 164 15.37 10.36 50.22
CA LEU O 164 16.43 9.61 50.94
C LEU O 164 16.87 10.34 52.21
N TYR O 165 17.06 11.66 52.12
CA TYR O 165 17.41 12.46 53.31
C TYR O 165 16.31 12.42 54.39
N TYR O 166 15.03 12.46 53.99
CA TYR O 166 13.92 12.43 54.96
C TYR O 166 13.78 11.09 55.63
N VAL O 167 13.93 10.03 54.85
CA VAL O 167 13.86 8.66 55.34
C VAL O 167 15.00 8.44 56.35
N GLU O 168 16.15 9.07 56.10
CA GLU O 168 17.31 8.97 56.98
C GLU O 168 17.04 9.64 58.32
N GLU O 169 16.29 10.75 58.28
CA GLU O 169 15.88 11.46 59.48
C GLU O 169 14.99 10.61 60.35
N LEU O 170 14.22 9.73 59.72
CA LEU O 170 13.35 8.81 60.43
C LEU O 170 14.11 7.63 61.00
N ASP O 171 14.96 7.02 60.16
CA ASP O 171 15.66 5.78 60.48
C ASP O 171 16.77 5.60 59.46
N SER O 172 18.01 5.75 59.89
CA SER O 172 19.18 5.70 58.99
C SER O 172 19.53 4.30 58.49
N SER O 173 18.90 3.29 59.07
CA SER O 173 19.14 1.89 58.70
C SER O 173 18.30 1.41 57.51
N LEU O 174 17.24 2.16 57.16
CA LEU O 174 16.32 1.74 56.11
C LEU O 174 16.99 1.57 54.73
N ILE O 175 17.97 2.43 54.43
CA ILE O 175 18.70 2.39 53.15
C ILE O 175 19.79 1.29 53.10
N SER O 176 20.03 0.60 54.22
CA SER O 176 21.19 -0.29 54.36
C SER O 176 21.32 -1.38 53.30
N ASN O 177 20.19 -1.96 52.89
CA ASN O 177 20.20 -3.04 51.88
C ASN O 177 20.16 -2.57 50.44
N PHE O 178 20.30 -1.26 50.22
CA PHE O 178 20.16 -0.67 48.89
C PHE O 178 21.37 0.18 48.51
N PRO O 179 22.49 -0.47 48.16
CA PRO O 179 23.76 0.21 47.87
C PRO O 179 23.72 1.19 46.69
N LEU O 180 22.86 0.93 45.70
CA LEU O 180 22.76 1.83 44.55
C LEU O 180 22.02 3.12 44.90
N LEU O 181 21.09 3.05 45.85
CA LEU O 181 20.46 4.25 46.42
C LEU O 181 21.46 5.08 47.23
N LYS O 182 22.31 4.39 48.01
CA LYS O 182 23.35 5.10 48.76
C LYS O 182 24.24 5.88 47.80
N ALA O 183 24.62 5.22 46.70
CA ALA O 183 25.52 5.80 45.71
C ALA O 183 24.93 7.03 45.03
N LEU O 184 23.64 6.94 44.69
CA LEU O 184 22.92 8.05 44.09
C LEU O 184 22.87 9.26 45.04
N LYS O 185 22.58 8.99 46.31
CA LYS O 185 22.56 10.03 47.34
C LYS O 185 23.87 10.81 47.36
N THR O 186 24.98 10.08 47.48
CA THR O 186 26.32 10.68 47.48
C THR O 186 26.55 11.56 46.24
N ARG O 187 26.37 10.97 45.05
CA ARG O 187 26.55 11.62 43.74
C ARG O 187 25.77 12.93 43.60
N ILE O 188 24.46 12.85 43.79
CA ILE O 188 23.56 14.01 43.69
C ILE O 188 23.93 15.09 44.70
N SER O 189 24.23 14.67 45.94
CA SER O 189 24.65 15.56 47.01
C SER O 189 25.95 16.31 46.74
N ASN O 190 26.82 15.74 45.92
CA ASN O 190 28.09 16.36 45.56
C ASN O 190 27.98 17.40 44.44
N LEU O 191 26.87 17.38 43.70
CA LEU O 191 26.64 18.34 42.61
C LEU O 191 26.70 19.74 43.21
N PRO O 192 27.47 20.67 42.60
CA PRO O 192 27.68 21.98 43.22
C PRO O 192 26.40 22.66 43.72
N THR O 193 25.38 22.77 42.88
CA THR O 193 24.10 23.37 43.29
C THR O 193 23.47 22.64 44.51
N VAL O 194 23.45 21.31 44.47
CA VAL O 194 22.92 20.49 45.58
C VAL O 194 23.80 20.56 46.85
N LYS O 195 25.12 20.50 46.66
CA LYS O 195 26.08 20.66 47.77
C LYS O 195 25.82 21.95 48.58
N LYS O 196 25.56 23.03 47.86
CA LYS O 196 25.26 24.33 48.44
C LYS O 196 23.90 24.35 49.13
N PHE O 197 22.89 23.70 48.52
CA PHE O 197 21.54 23.69 49.10
C PHE O 197 21.53 22.97 50.45
N LEU O 198 22.36 21.94 50.57
CA LEU O 198 22.49 21.13 51.79
C LEU O 198 23.36 21.77 52.87
N GLN O 199 24.26 22.65 52.48
CA GLN O 199 25.12 23.34 53.46
C GLN O 199 24.27 24.32 54.25
N PRO O 200 24.77 24.75 55.42
CA PRO O 200 24.04 25.65 56.31
C PRO O 200 23.66 26.95 55.62
N GLY O 201 22.57 27.56 56.05
CA GLY O 201 22.21 28.89 55.59
C GLY O 201 21.42 28.95 54.30
N SER O 202 21.23 27.81 53.63
CA SER O 202 20.38 27.77 52.43
C SER O 202 18.87 27.89 52.77
N PRO O 203 18.00 28.01 51.74
CA PRO O 203 16.56 27.99 51.96
C PRO O 203 15.99 26.63 52.35
N ARG O 204 16.86 25.62 52.46
CA ARG O 204 16.47 24.27 52.88
C ARG O 204 15.95 24.35 54.31
N LYS O 205 14.76 23.78 54.51
CA LYS O 205 14.02 23.92 55.78
C LYS O 205 14.27 22.74 56.72
N PRO O 206 14.12 22.97 58.04
CA PRO O 206 14.26 21.90 59.01
C PRO O 206 13.05 20.96 59.07
N PRO O 207 13.25 19.73 59.59
CA PRO O 207 12.13 18.87 59.98
C PRO O 207 11.17 19.61 60.89
N ALA O 208 9.87 19.36 60.72
CA ALA O 208 8.85 20.02 61.53
C ALA O 208 8.80 19.47 62.95
N ASP O 209 8.72 20.38 63.92
CA ASP O 209 8.57 19.98 65.33
C ASP O 209 7.26 20.51 65.91
N ALA O 210 6.96 20.09 67.14
CA ALA O 210 5.70 20.42 67.82
C ALA O 210 5.35 21.90 67.71
N LYS O 211 6.31 22.76 68.04
CA LYS O 211 6.17 24.22 67.92
C LYS O 211 5.76 24.67 66.50
N ALA O 212 6.44 24.15 65.49
CA ALA O 212 6.13 24.49 64.10
C ALA O 212 4.72 24.05 63.72
N LEU O 213 4.35 22.84 64.12
CA LEU O 213 3.00 22.32 63.91
C LEU O 213 1.95 23.17 64.65
N GLU O 214 2.26 23.52 65.90
CA GLU O 214 1.40 24.33 66.77
C GLU O 214 1.11 25.70 66.18
N GLU O 215 2.08 26.23 65.44
CA GLU O 215 1.98 27.55 64.82
C GLU O 215 1.35 27.51 63.43
N ALA O 216 1.58 26.43 62.70
CA ALA O 216 0.98 26.24 61.38
C ALA O 216 -0.54 26.06 61.48
N ARG O 217 -1.00 25.56 62.62
CA ARG O 217 -2.43 25.38 62.89
C ARG O 217 -3.12 26.72 63.20
N LYS O 218 -2.34 27.71 63.61
CA LYS O 218 -2.85 29.06 63.82
C LYS O 218 -3.09 29.76 62.49
N ILE O 219 -2.17 29.55 61.55
CA ILE O 219 -2.21 30.19 60.23
C ILE O 219 -3.30 29.60 59.34
N PHE O 220 -3.33 28.28 59.22
CA PHE O 220 -4.21 27.61 58.27
C PHE O 220 -5.53 27.14 58.88
N ARG O 221 -5.49 26.76 60.15
CA ARG O 221 -6.63 26.16 60.85
C ARG O 221 -7.09 24.84 60.24
N PHE O 222 -6.36 23.77 60.59
CA PHE O 222 -6.73 22.41 60.20
C PHE O 222 -6.87 21.55 61.45
N LYS P 4 -4.52 -2.19 21.24
CA LYS P 4 -5.36 -1.39 22.17
C LYS P 4 -4.69 -1.29 23.55
N PRO P 5 -4.74 -0.11 24.21
CA PRO P 5 -4.41 -0.04 25.63
C PRO P 5 -5.21 -1.05 26.46
N LYS P 6 -4.56 -1.68 27.42
CA LYS P 6 -5.25 -2.60 28.33
C LYS P 6 -5.19 -2.06 29.74
N LEU P 7 -6.38 -1.85 30.31
CA LEU P 7 -6.52 -1.25 31.62
C LEU P 7 -6.67 -2.33 32.67
N HIS P 8 -5.73 -2.36 33.60
CA HIS P 8 -5.78 -3.30 34.71
C HIS P 8 -6.35 -2.63 35.97
N TYR P 9 -7.50 -3.11 36.41
CA TYR P 9 -8.17 -2.58 37.60
C TYR P 9 -9.33 -3.51 37.95
N PHE P 10 -10.01 -3.24 39.06
CA PHE P 10 -11.24 -3.96 39.37
C PHE P 10 -12.37 -3.35 38.56
N ASN P 11 -13.46 -4.10 38.41
CA ASN P 11 -14.62 -3.60 37.67
C ASN P 11 -15.30 -2.53 38.49
N GLY P 12 -14.76 -1.31 38.41
CA GLY P 12 -15.22 -0.20 39.22
C GLY P 12 -14.46 1.08 38.91
N ARG P 13 -15.08 2.21 39.24
CA ARG P 13 -14.53 3.55 39.01
C ARG P 13 -13.17 3.71 39.67
N GLY P 14 -13.18 3.87 41.00
CA GLY P 14 -11.96 4.12 41.77
C GLY P 14 -11.06 5.13 41.09
N ARG P 15 -9.77 4.82 41.04
CA ARG P 15 -8.77 5.70 40.41
C ARG P 15 -8.57 5.50 38.92
N MET P 16 -9.26 4.51 38.32
CA MET P 16 -9.11 4.23 36.90
C MET P 16 -10.08 5.02 36.03
N GLU P 17 -11.16 5.52 36.63
CA GLU P 17 -12.24 6.12 35.85
C GLU P 17 -11.74 7.31 35.01
N PRO P 18 -10.85 8.19 35.58
CA PRO P 18 -10.38 9.31 34.75
C PRO P 18 -9.64 8.85 33.50
N ILE P 19 -8.91 7.74 33.60
CA ILE P 19 -8.21 7.17 32.45
C ILE P 19 -9.19 6.67 31.38
N ARG P 20 -10.24 5.98 31.83
CA ARG P 20 -11.36 5.60 30.95
C ARG P 20 -11.96 6.81 30.22
N TRP P 21 -12.29 7.86 30.96
CA TRP P 21 -12.83 9.08 30.36
C TRP P 21 -11.90 9.68 29.30
N LEU P 22 -10.62 9.78 29.61
CA LEU P 22 -9.66 10.44 28.72
C LEU P 22 -9.41 9.66 27.45
N LEU P 23 -9.25 8.34 27.58
CA LEU P 23 -9.07 7.49 26.40
C LEU P 23 -10.31 7.54 25.51
N ALA P 24 -11.49 7.49 26.12
CA ALA P 24 -12.76 7.60 25.39
C ALA P 24 -12.89 8.92 24.62
N ALA P 25 -12.71 10.04 25.31
CA ALA P 25 -12.79 11.36 24.67
C ALA P 25 -11.80 11.53 23.52
N ALA P 26 -10.61 10.96 23.67
CA ALA P 26 -9.59 10.95 22.63
C ALA P 26 -9.90 10.01 21.46
N GLY P 27 -10.96 9.20 21.62
CA GLY P 27 -11.40 8.23 20.59
C GLY P 27 -10.56 6.98 20.47
N VAL P 28 -9.95 6.56 21.58
CA VAL P 28 -9.08 5.38 21.63
C VAL P 28 -9.86 4.18 22.16
N GLU P 29 -9.92 3.11 21.37
CA GLU P 29 -10.49 1.83 21.81
C GLU P 29 -9.55 1.16 22.82
N PHE P 30 -10.10 0.72 23.94
CA PHE P 30 -9.27 0.03 24.93
C PHE P 30 -9.91 -1.25 25.43
N GLU P 31 -9.08 -2.13 25.98
CA GLU P 31 -9.55 -3.35 26.63
C GLU P 31 -9.38 -3.21 28.13
N GLU P 32 -10.15 -3.96 28.90
CA GLU P 32 -10.03 -3.96 30.34
C GLU P 32 -9.85 -5.41 30.83
N LYS P 33 -8.99 -5.59 31.83
CA LYS P 33 -8.83 -6.88 32.50
C LYS P 33 -9.13 -6.72 33.98
N PHE P 34 -10.30 -7.21 34.39
CA PHE P 34 -10.80 -6.91 35.73
C PHE P 34 -10.17 -7.78 36.81
N ILE P 35 -9.72 -7.09 37.86
CA ILE P 35 -9.23 -7.74 39.06
C ILE P 35 -10.45 -8.10 39.94
N GLY P 36 -10.76 -9.39 40.00
CA GLY P 36 -11.92 -9.87 40.75
C GLY P 36 -11.56 -10.47 42.10
N SER P 37 -10.29 -10.85 42.25
CA SER P 37 -9.80 -11.51 43.46
C SER P 37 -8.45 -10.95 43.90
N ALA P 38 -8.11 -11.19 45.16
CA ALA P 38 -6.76 -10.96 45.67
C ALA P 38 -5.70 -11.74 44.87
N GLU P 39 -6.10 -12.90 44.32
CA GLU P 39 -5.23 -13.74 43.47
C GLU P 39 -4.96 -13.13 42.11
N ASP P 40 -5.97 -12.44 41.56
CA ASP P 40 -5.82 -11.73 40.28
C ASP P 40 -4.75 -10.66 40.43
N LEU P 41 -4.79 -9.97 41.56
CA LEU P 41 -3.84 -8.92 41.89
C LEU P 41 -2.45 -9.54 42.14
N GLY P 42 -2.42 -10.61 42.94
CA GLY P 42 -1.20 -11.34 43.22
C GLY P 42 -0.40 -11.70 41.98
N LYS P 43 -1.10 -12.12 40.92
CA LYS P 43 -0.46 -12.54 39.67
C LYS P 43 0.22 -11.38 38.96
N LEU P 44 -0.45 -10.22 39.00
CA LEU P 44 0.13 -8.97 38.49
C LEU P 44 1.39 -8.58 39.27
N ARG P 45 1.36 -8.71 40.59
CA ARG P 45 2.53 -8.45 41.43
C ARG P 45 3.65 -9.43 41.13
N ASN P 46 3.28 -10.70 40.99
CA ASN P 46 4.23 -11.78 40.76
C ASN P 46 4.90 -11.76 39.39
N ASP P 47 4.16 -11.34 38.36
CA ASP P 47 4.74 -11.10 37.03
C ASP P 47 5.67 -9.88 37.00
N GLY P 48 5.68 -9.09 38.07
CA GLY P 48 6.48 -7.85 38.12
C GLY P 48 5.93 -6.78 37.20
N SER P 49 4.60 -6.75 37.08
CA SER P 49 3.91 -5.86 36.16
C SER P 49 3.56 -4.53 36.81
N LEU P 50 3.84 -4.44 38.10
CA LEU P 50 3.38 -3.35 38.96
C LEU P 50 4.58 -2.78 39.71
N MET P 51 5.02 -1.60 39.30
CA MET P 51 6.24 -1.05 39.86
C MET P 51 6.18 -0.86 41.38
N PHE P 52 5.02 -0.40 41.89
CA PHE P 52 4.85 -0.15 43.31
C PHE P 52 3.80 -1.11 43.87
N GLN P 53 3.69 -2.26 43.20
CA GLN P 53 2.70 -3.32 43.47
C GLN P 53 1.25 -2.85 43.67
N GLN P 54 0.91 -1.78 42.99
CA GLN P 54 -0.43 -1.23 43.02
C GLN P 54 -0.97 -1.11 41.62
N VAL P 55 -2.30 -1.12 41.51
CA VAL P 55 -2.99 -0.62 40.33
C VAL P 55 -3.62 0.75 40.67
N PRO P 56 -4.04 1.53 39.66
CA PRO P 56 -4.12 1.34 38.21
C PRO P 56 -2.81 0.98 37.54
N MET P 57 -2.89 0.04 36.59
CA MET P 57 -1.83 -0.16 35.62
C MET P 57 -2.45 -0.21 34.24
N VAL P 58 -1.79 0.46 33.29
CA VAL P 58 -2.16 0.45 31.87
C VAL P 58 -0.98 -0.02 31.01
N GLU P 59 -1.22 -1.06 30.21
CA GLU P 59 -0.28 -1.50 29.20
C GLU P 59 -0.55 -0.71 27.93
N ILE P 60 0.34 0.23 27.63
CA ILE P 60 0.18 1.11 26.48
C ILE P 60 1.52 1.31 25.79
N ASP P 61 1.53 1.18 24.47
CA ASP P 61 2.73 1.41 23.67
C ASP P 61 3.96 0.75 24.30
N GLY P 62 3.80 -0.50 24.73
CA GLY P 62 4.89 -1.32 25.27
C GLY P 62 5.35 -0.98 26.68
N MET P 63 4.62 -0.11 27.34
CA MET P 63 4.90 0.22 28.73
C MET P 63 3.87 -0.42 29.64
N LYS P 64 4.31 -0.79 30.82
CA LYS P 64 3.41 -1.13 31.90
C LYS P 64 3.42 0.07 32.83
N LEU P 65 2.57 1.04 32.53
CA LEU P 65 2.55 2.28 33.28
C LEU P 65 1.69 2.17 34.51
N VAL P 66 2.25 2.55 35.65
CA VAL P 66 1.50 2.69 36.87
C VAL P 66 1.48 4.17 37.30
N GLN P 67 0.68 4.46 38.31
CA GLN P 67 0.43 5.82 38.81
C GLN P 67 -0.47 6.62 37.89
N THR P 68 -1.66 6.90 38.40
CA THR P 68 -2.73 7.52 37.65
C THR P 68 -2.29 8.77 36.88
N ARG P 69 -1.60 9.70 37.56
CA ARG P 69 -1.12 10.93 36.91
C ARG P 69 -0.09 10.69 35.79
N ALA P 70 0.80 9.71 35.97
CA ALA P 70 1.72 9.34 34.90
C ALA P 70 0.96 8.86 33.65
N ILE P 71 0.01 7.96 33.86
CA ILE P 71 -0.80 7.39 32.78
C ILE P 71 -1.58 8.52 32.10
N LEU P 72 -2.20 9.36 32.91
CA LEU P 72 -2.97 10.48 32.41
C LEU P 72 -2.13 11.48 31.62
N ASN P 73 -0.99 11.89 32.16
CA ASN P 73 -0.11 12.86 31.46
C ASN P 73 0.35 12.30 30.12
N TYR P 74 0.67 11.00 30.12
CA TYR P 74 1.11 10.33 28.89
C TYR P 74 0.04 10.33 27.80
N ILE P 75 -1.19 9.97 28.17
CA ILE P 75 -2.31 9.92 27.24
C ILE P 75 -2.62 11.33 26.71
N ALA P 76 -2.70 12.31 27.60
CA ALA P 76 -2.90 13.72 27.20
C ALA P 76 -1.85 14.27 26.21
N SER P 77 -0.57 13.98 26.46
CA SER P 77 0.52 14.39 25.56
C SER P 77 0.37 13.72 24.18
N LYS P 78 0.21 12.40 24.20
CA LYS P 78 0.10 11.61 22.97
C LYS P 78 -1.03 12.11 22.08
N TYR P 79 -2.19 12.42 22.68
CA TYR P 79 -3.37 12.82 21.90
C TYR P 79 -3.61 14.31 21.82
N ASN P 80 -2.58 15.09 22.11
CA ASN P 80 -2.60 16.56 22.00
C ASN P 80 -3.71 17.20 22.84
N LEU P 81 -3.91 16.68 24.06
CA LEU P 81 -4.90 17.22 24.99
C LEU P 81 -4.20 17.86 26.20
N TYR P 82 -2.95 18.22 26.02
CA TYR P 82 -2.14 18.82 27.09
C TYR P 82 -1.61 20.18 26.71
N GLY P 83 -2.39 20.95 25.94
CA GLY P 83 -1.96 22.29 25.52
C GLY P 83 -0.86 22.33 24.48
N LYS P 84 -0.52 23.54 24.04
CA LYS P 84 0.44 23.77 22.95
C LYS P 84 1.86 24.08 23.44
N ASP P 85 1.99 24.44 24.72
CA ASP P 85 3.27 24.88 25.28
C ASP P 85 3.33 24.73 26.79
N ILE P 86 4.49 25.10 27.35
CA ILE P 86 4.80 24.98 28.78
C ILE P 86 3.79 25.72 29.67
N LYS P 87 3.47 26.96 29.27
CA LYS P 87 2.52 27.79 30.01
C LYS P 87 1.09 27.24 30.00
N GLU P 88 0.64 26.71 28.87
CA GLU P 88 -0.66 26.06 28.81
C GLU P 88 -0.69 24.77 29.64
N ARG P 89 0.41 24.02 29.64
CA ARG P 89 0.54 22.83 30.49
C ARG P 89 0.45 23.21 31.97
N ALA P 90 1.07 24.32 32.34
CA ALA P 90 0.98 24.82 33.72
C ALA P 90 -0.46 25.16 34.15
N LEU P 91 -1.22 25.80 33.26
CA LEU P 91 -2.66 26.04 33.51
C LEU P 91 -3.45 24.76 33.63
N ILE P 92 -3.25 23.84 32.68
CA ILE P 92 -3.91 22.54 32.68
C ILE P 92 -3.55 21.77 33.96
N ASP P 93 -2.26 21.72 34.28
CA ASP P 93 -1.78 21.12 35.53
C ASP P 93 -2.45 21.73 36.77
N MET P 94 -2.47 23.06 36.87
CA MET P 94 -3.06 23.70 38.04
C MET P 94 -4.57 23.43 38.14
N TYR P 95 -5.29 23.62 37.04
CA TYR P 95 -6.73 23.30 37.01
C TYR P 95 -6.95 21.81 37.39
N THR P 96 -6.23 20.89 36.75
CA THR P 96 -6.55 19.46 37.00
C THR P 96 -6.24 18.99 38.42
N GLU P 97 -5.23 19.58 39.05
CA GLU P 97 -4.90 19.26 40.44
C GLU P 97 -5.99 19.76 41.38
N GLY P 98 -6.50 20.96 41.13
CA GLY P 98 -7.68 21.46 41.85
C GLY P 98 -8.84 20.47 41.74
N MET P 99 -9.18 20.08 40.52
CA MET P 99 -10.22 19.07 40.26
C MET P 99 -9.97 17.74 41.00
N ALA P 100 -8.70 17.30 40.98
CA ALA P 100 -8.32 16.06 41.62
C ALA P 100 -8.47 16.15 43.14
N ASP P 101 -8.23 17.34 43.71
CA ASP P 101 -8.41 17.53 45.15
C ASP P 101 -9.87 17.32 45.57
N LEU P 102 -10.80 17.90 44.82
CA LEU P 102 -12.23 17.67 45.06
C LEU P 102 -12.66 16.23 44.78
N ASN P 103 -12.24 15.68 43.63
CA ASN P 103 -12.49 14.28 43.29
C ASN P 103 -12.10 13.31 44.43
N GLU P 104 -10.97 13.60 45.08
CA GLU P 104 -10.40 12.74 46.12
C GLU P 104 -11.27 12.70 47.37
N MET P 105 -11.82 13.85 47.73
CA MET P 105 -12.75 13.99 48.85
C MET P 105 -13.99 13.16 48.62
N ILE P 106 -14.54 13.24 47.41
CA ILE P 106 -15.74 12.47 47.03
C ILE P 106 -15.42 10.98 46.94
N LEU P 107 -14.29 10.66 46.30
CA LEU P 107 -13.82 9.29 46.11
C LEU P 107 -13.72 8.50 47.42
N LEU P 108 -13.12 9.10 48.45
CA LEU P 108 -12.87 8.40 49.72
C LEU P 108 -13.99 8.58 50.74
N LEU P 109 -15.11 9.16 50.31
CA LEU P 109 -16.27 9.35 51.17
C LEU P 109 -16.84 8.05 51.79
N PRO P 110 -16.95 6.96 50.99
CA PRO P 110 -17.41 5.69 51.54
C PRO P 110 -16.51 5.10 52.65
N LEU P 111 -15.28 5.60 52.78
CA LEU P 111 -14.37 5.18 53.85
C LEU P 111 -14.68 5.85 55.19
N CYS P 112 -15.25 7.04 55.15
CA CYS P 112 -15.61 7.79 56.36
C CYS P 112 -16.69 7.02 57.15
N ARG P 113 -16.47 6.86 58.45
CA ARG P 113 -17.45 6.22 59.34
C ARG P 113 -18.56 7.21 59.68
N PRO P 114 -19.81 6.71 59.86
CA PRO P 114 -21.00 7.56 60.01
C PRO P 114 -20.88 8.76 60.96
N GLU P 115 -19.94 8.69 61.91
CA GLU P 115 -19.72 9.77 62.88
C GLU P 115 -19.02 10.97 62.25
N GLU P 116 -18.24 10.72 61.20
CA GLU P 116 -17.51 11.77 60.48
C GLU P 116 -18.05 12.04 59.08
N LYS P 117 -19.06 11.26 58.66
CA LYS P 117 -19.56 11.28 57.28
C LYS P 117 -20.36 12.54 56.92
N ASP P 118 -21.34 12.88 57.75
CA ASP P 118 -22.20 14.05 57.50
C ASP P 118 -21.43 15.37 57.50
N ALA P 119 -20.38 15.45 58.31
CA ALA P 119 -19.47 16.59 58.32
C ALA P 119 -18.64 16.67 57.03
N LYS P 120 -18.30 15.50 56.48
CA LYS P 120 -17.46 15.42 55.29
C LYS P 120 -18.26 15.78 54.03
N ILE P 121 -19.41 15.15 53.88
CA ILE P 121 -20.37 15.50 52.82
C ILE P 121 -20.61 17.01 52.80
N ALA P 122 -20.82 17.60 53.98
CA ALA P 122 -21.04 19.03 54.14
C ALA P 122 -19.87 19.89 53.66
N LEU P 123 -18.65 19.46 54.00
CA LEU P 123 -17.43 20.19 53.65
C LEU P 123 -17.24 20.17 52.13
N ILE P 124 -17.57 19.03 51.52
CA ILE P 124 -17.53 18.88 50.07
C ILE P 124 -18.46 19.89 49.40
N LYS P 125 -19.72 19.91 49.83
CA LYS P 125 -20.70 20.84 49.27
C LYS P 125 -20.32 22.31 49.45
N GLU P 126 -19.78 22.65 50.62
CA GLU P 126 -19.33 24.02 50.90
C GLU P 126 -18.16 24.43 50.01
N LYS P 127 -17.19 23.52 49.87
CA LYS P 127 -15.99 23.78 49.09
C LYS P 127 -16.23 23.77 47.58
N THR P 128 -17.15 22.92 47.14
CA THR P 128 -17.62 22.94 45.76
C THR P 128 -18.14 24.31 45.37
N LYS P 129 -19.02 24.88 46.20
CA LYS P 129 -19.65 26.18 45.92
C LYS P 129 -18.72 27.37 46.19
N SER P 130 -17.82 27.22 47.16
CA SER P 130 -17.03 28.36 47.60
C SER P 130 -15.61 28.41 47.03
N ARG P 131 -15.07 27.25 46.66
CA ARG P 131 -13.66 27.16 46.30
C ARG P 131 -13.46 26.68 44.86
N TYR P 132 -14.13 25.61 44.49
CA TYR P 132 -13.85 24.94 43.22
C TYR P 132 -14.68 25.45 42.07
N PHE P 133 -15.99 25.41 42.21
CA PHE P 133 -16.86 25.89 41.13
C PHE P 133 -16.62 27.36 40.75
N PRO P 134 -16.41 28.26 41.75
CA PRO P 134 -16.05 29.62 41.33
C PRO P 134 -14.69 29.74 40.62
N ALA P 135 -13.73 28.91 41.02
CA ALA P 135 -12.41 28.95 40.39
C ALA P 135 -12.53 28.66 38.90
N PHE P 136 -13.21 27.57 38.55
CA PHE P 136 -13.37 27.21 37.14
C PHE P 136 -14.33 28.14 36.39
N GLU P 137 -15.36 28.62 37.08
CA GLU P 137 -16.24 29.64 36.50
C GLU P 137 -15.45 30.91 36.16
N LYS P 138 -14.53 31.29 37.04
CA LYS P 138 -13.68 32.45 36.79
C LYS P 138 -12.79 32.33 35.56
N VAL P 139 -12.17 31.17 35.33
CA VAL P 139 -11.33 31.03 34.14
C VAL P 139 -12.17 31.13 32.86
N LEU P 140 -13.37 30.57 32.87
CA LEU P 140 -14.27 30.64 31.71
C LEU P 140 -14.76 32.07 31.42
N GLN P 141 -15.07 32.83 32.46
CA GLN P 141 -15.43 34.25 32.27
C GLN P 141 -14.22 35.12 31.91
N SER P 142 -13.01 34.68 32.27
CA SER P 142 -11.79 35.42 31.95
C SER P 142 -11.55 35.59 30.44
N HIS P 143 -11.85 34.55 29.67
CA HIS P 143 -11.60 34.60 28.22
C HIS P 143 -12.83 34.47 27.35
N GLY P 144 -13.96 34.08 27.94
CA GLY P 144 -15.21 33.91 27.20
C GLY P 144 -15.22 32.85 26.11
N GLN P 145 -14.33 31.86 26.22
CA GLN P 145 -14.17 30.79 25.23
C GLN P 145 -14.79 29.48 25.74
N ASP P 146 -15.04 28.54 24.83
CA ASP P 146 -15.74 27.28 25.13
C ASP P 146 -14.89 26.25 25.87
N TYR P 147 -13.57 26.46 25.88
CA TYR P 147 -12.62 25.53 26.50
C TYR P 147 -11.84 26.23 27.61
N LEU P 148 -11.38 25.45 28.60
CA LEU P 148 -10.64 26.02 29.72
C LEU P 148 -9.33 26.69 29.34
N VAL P 149 -8.55 26.02 28.49
CA VAL P 149 -7.19 26.44 28.16
C VAL P 149 -6.97 26.46 26.66
N GLY P 150 -6.47 27.59 26.16
CA GLY P 150 -6.01 27.70 24.77
C GLY P 150 -7.05 27.49 23.70
N ASN P 151 -8.32 27.73 24.03
CA ASN P 151 -9.42 27.62 23.07
C ASN P 151 -9.43 26.34 22.26
N LYS P 152 -9.09 25.24 22.94
CA LYS P 152 -8.96 23.94 22.30
C LYS P 152 -9.21 22.91 23.40
N LEU P 153 -9.90 21.83 23.06
CA LEU P 153 -10.15 20.73 24.01
C LEU P 153 -8.86 20.20 24.67
N SER P 154 -8.87 20.09 25.99
CA SER P 154 -7.76 19.52 26.74
C SER P 154 -8.25 18.57 27.82
N ARG P 155 -7.34 17.85 28.44
CA ARG P 155 -7.69 17.01 29.59
C ARG P 155 -8.42 17.79 30.69
N ALA P 156 -8.20 19.11 30.75
CA ALA P 156 -8.82 19.92 31.80
C ALA P 156 -10.33 19.98 31.63
N ASP P 157 -10.79 20.20 30.40
CA ASP P 157 -12.22 20.13 30.05
C ASP P 157 -12.83 18.76 30.35
N ILE P 158 -12.10 17.71 29.98
CA ILE P 158 -12.54 16.32 30.14
C ILE P 158 -12.60 15.91 31.63
N SER P 159 -11.54 16.20 32.39
CA SER P 159 -11.55 15.96 33.85
C SER P 159 -12.65 16.78 34.52
N LEU P 160 -12.84 18.01 34.07
CA LEU P 160 -13.84 18.87 34.73
C LEU P 160 -15.26 18.37 34.53
N VAL P 161 -15.60 17.96 33.32
CA VAL P 161 -16.94 17.44 33.03
C VAL P 161 -17.20 16.14 33.78
N GLU P 162 -16.19 15.27 33.86
CA GLU P 162 -16.30 14.08 34.71
C GLU P 162 -16.67 14.47 36.14
N LEU P 163 -15.95 15.44 36.68
CA LEU P 163 -16.20 15.93 38.04
C LEU P 163 -17.60 16.53 38.18
N LEU P 164 -18.00 17.34 37.20
CA LEU P 164 -19.37 17.89 37.17
C LEU P 164 -20.46 16.81 37.33
N TYR P 165 -20.30 15.68 36.63
CA TYR P 165 -21.19 14.53 36.76
C TYR P 165 -21.16 13.93 38.17
N TYR P 166 -19.98 13.90 38.79
CA TYR P 166 -19.85 13.35 40.15
C TYR P 166 -20.43 14.22 41.24
N VAL P 167 -20.31 15.53 41.05
CA VAL P 167 -20.87 16.51 41.96
C VAL P 167 -22.40 16.47 41.86
N GLU P 168 -22.89 16.21 40.65
CA GLU P 168 -24.33 16.09 40.40
C GLU P 168 -24.90 14.85 41.12
N GLU P 169 -24.12 13.78 41.16
CA GLU P 169 -24.49 12.57 41.90
C GLU P 169 -24.64 12.87 43.40
N LEU P 170 -23.75 13.71 43.94
CA LEU P 170 -23.81 14.10 45.36
C LEU P 170 -24.97 15.07 45.63
N ASP P 171 -25.12 16.04 44.74
CA ASP P 171 -26.10 17.10 44.88
C ASP P 171 -26.16 17.88 43.56
N SER P 172 -27.27 17.74 42.85
CA SER P 172 -27.45 18.36 41.54
C SER P 172 -27.75 19.86 41.60
N SER P 173 -27.85 20.41 42.81
CA SER P 173 -28.08 21.84 43.01
C SER P 173 -26.80 22.66 43.05
N LEU P 174 -25.67 21.99 43.30
CA LEU P 174 -24.38 22.67 43.51
C LEU P 174 -23.89 23.48 42.31
N ILE P 175 -24.23 23.00 41.11
CA ILE P 175 -23.84 23.66 39.86
C ILE P 175 -24.77 24.84 39.47
N SER P 176 -25.89 24.99 40.17
CA SER P 176 -26.98 25.90 39.74
C SER P 176 -26.64 27.39 39.58
N ASN P 177 -25.73 27.91 40.41
CA ASN P 177 -25.24 29.30 40.29
C ASN P 177 -24.04 29.44 39.35
N PHE P 178 -23.79 28.43 38.54
CA PHE P 178 -22.59 28.41 37.71
C PHE P 178 -22.95 28.10 36.26
N PRO P 179 -23.42 29.15 35.52
CA PRO P 179 -23.96 28.99 34.17
C PRO P 179 -22.93 28.52 33.15
N LEU P 180 -21.69 29.00 33.28
CA LEU P 180 -20.64 28.70 32.31
C LEU P 180 -20.19 27.25 32.47
N LEU P 181 -20.24 26.75 33.71
CA LEU P 181 -19.92 25.35 33.99
C LEU P 181 -21.02 24.43 33.50
N LYS P 182 -22.27 24.88 33.65
CA LYS P 182 -23.41 24.16 33.11
C LYS P 182 -23.27 24.07 31.59
N ALA P 183 -22.92 25.20 30.97
CA ALA P 183 -22.76 25.30 29.52
C ALA P 183 -21.66 24.37 29.01
N LEU P 184 -20.53 24.35 29.73
CA LEU P 184 -19.41 23.46 29.39
C LEU P 184 -19.80 21.98 29.45
N LYS P 185 -20.45 21.57 30.53
CA LYS P 185 -20.95 20.19 30.69
C LYS P 185 -21.78 19.72 29.51
N THR P 186 -22.75 20.52 29.08
CA THR P 186 -23.58 20.17 27.93
C THR P 186 -22.76 20.05 26.64
N ARG P 187 -21.96 21.06 26.33
CA ARG P 187 -21.16 21.06 25.11
C ARG P 187 -20.23 19.84 25.03
N ILE P 188 -19.52 19.57 26.12
CA ILE P 188 -18.54 18.48 26.11
C ILE P 188 -19.27 17.14 26.01
N SER P 189 -20.38 17.01 26.75
CA SER P 189 -21.18 15.79 26.73
C SER P 189 -21.72 15.45 25.35
N ASN P 190 -21.71 16.43 24.44
CA ASN P 190 -22.21 16.24 23.07
C ASN P 190 -21.13 16.12 21.99
N LEU P 191 -19.86 16.15 22.41
CA LEU P 191 -18.79 15.80 21.51
C LEU P 191 -18.94 14.32 21.17
N PRO P 192 -18.90 13.97 19.87
CA PRO P 192 -19.13 12.60 19.44
C PRO P 192 -18.46 11.55 20.33
N THR P 193 -17.14 11.60 20.52
CA THR P 193 -16.46 10.57 21.34
C THR P 193 -16.97 10.52 22.79
N VAL P 194 -17.30 11.66 23.35
CA VAL P 194 -17.74 11.73 24.74
C VAL P 194 -19.19 11.27 24.88
N LYS P 195 -20.03 11.67 23.93
CA LYS P 195 -21.40 11.17 23.85
C LYS P 195 -21.45 9.62 23.75
N LYS P 196 -20.54 9.04 22.99
CA LYS P 196 -20.45 7.57 22.89
C LYS P 196 -20.10 6.94 24.24
N PHE P 197 -19.20 7.58 24.98
CA PHE P 197 -18.83 7.14 26.34
C PHE P 197 -19.99 7.22 27.35
N LEU P 198 -20.83 8.25 27.21
CA LEU P 198 -21.92 8.50 28.14
C LEU P 198 -23.15 7.61 27.86
N GLN P 199 -23.18 7.00 26.68
CA GLN P 199 -24.20 6.03 26.28
C GLN P 199 -24.26 4.83 27.24
N PRO P 200 -25.47 4.29 27.51
CA PRO P 200 -25.60 3.04 28.29
C PRO P 200 -24.73 1.90 27.76
N GLY P 201 -24.18 1.09 28.66
CA GLY P 201 -23.38 -0.06 28.25
C GLY P 201 -21.97 0.26 27.79
N SER P 202 -21.57 1.51 27.95
CA SER P 202 -20.20 1.94 27.66
C SER P 202 -19.29 1.49 28.82
N PRO P 203 -17.96 1.58 28.64
CA PRO P 203 -16.98 1.28 29.69
C PRO P 203 -17.10 2.18 30.92
N ARG P 204 -17.96 3.18 30.85
CA ARG P 204 -18.21 4.07 31.97
C ARG P 204 -18.78 3.28 33.16
N LYS P 205 -18.19 3.50 34.33
CA LYS P 205 -18.46 2.66 35.50
C LYS P 205 -19.52 3.25 36.44
N PRO P 206 -20.28 2.38 37.15
CA PRO P 206 -21.28 2.89 38.09
C PRO P 206 -20.65 3.49 39.33
N PRO P 207 -21.38 4.37 40.05
CA PRO P 207 -20.89 4.86 41.34
C PRO P 207 -20.67 3.69 42.31
N ALA P 208 -19.80 3.90 43.29
CA ALA P 208 -19.60 2.88 44.33
C ALA P 208 -20.82 2.78 45.24
N ASP P 209 -21.20 1.55 45.58
CA ASP P 209 -22.28 1.29 46.54
C ASP P 209 -21.79 0.49 47.76
N ALA P 210 -22.71 -0.21 48.43
CA ALA P 210 -22.36 -1.04 49.59
C ALA P 210 -21.57 -2.29 49.19
N LYS P 211 -22.13 -3.08 48.27
CA LYS P 211 -21.52 -4.32 47.79
C LYS P 211 -20.12 -4.18 47.17
N ALA P 212 -19.91 -3.12 46.38
CA ALA P 212 -18.65 -2.92 45.65
C ALA P 212 -17.46 -2.64 46.56
N LEU P 213 -17.71 -1.94 47.67
CA LEU P 213 -16.67 -1.65 48.66
C LEU P 213 -16.29 -2.91 49.45
N GLU P 214 -17.27 -3.81 49.64
CA GLU P 214 -17.04 -5.07 50.33
C GLU P 214 -16.04 -5.94 49.55
N GLU P 215 -16.26 -6.06 48.24
CA GLU P 215 -15.37 -6.85 47.39
C GLU P 215 -14.03 -6.18 47.12
N ALA P 216 -14.02 -4.85 47.07
CA ALA P 216 -12.79 -4.07 46.96
C ALA P 216 -11.91 -4.19 48.21
N ARG P 217 -12.55 -4.38 49.37
CA ARG P 217 -11.83 -4.67 50.62
C ARG P 217 -11.21 -6.07 50.60
N LYS P 218 -11.97 -7.04 50.09
CA LYS P 218 -11.48 -8.42 49.95
C LYS P 218 -10.28 -8.51 48.99
N ILE P 219 -10.36 -7.80 47.87
CA ILE P 219 -9.29 -7.79 46.87
C ILE P 219 -8.05 -7.01 47.35
N PHE P 220 -8.20 -5.69 47.47
CA PHE P 220 -7.07 -4.80 47.75
C PHE P 220 -6.48 -4.92 49.14
N ARG P 221 -7.25 -5.52 50.06
CA ARG P 221 -6.83 -5.70 51.45
C ARG P 221 -6.59 -4.33 52.13
N PHE P 222 -7.67 -3.61 52.37
CA PHE P 222 -7.60 -2.35 53.14
C PHE P 222 -8.72 -2.28 54.20
#